data_1NKU
#
_entry.id   1NKU
#
loop_
_entity.id
_entity.type
_entity.pdbx_description
1 polymer '3-Methyladenine Dna Glycosylase I (TAG)'
2 non-polymer 'ZINC ION'
#
_entity_poly.entity_id   1
_entity_poly.type   'polypeptide(L)'
_entity_poly.pdbx_seq_one_letter_code
;MERCGWVSQDPLYIAYHDNEWGVPETDSKKLFEMICLEGQQAGLSWITVLKKRENYRACFHQFDPVKVAAMQEEDVERLV
QDAGIIRHRGKIQAIIGNARAYLQMEQNGEPFADFVWSFVNHQPQMTQATTLSEIPTSTPASDALSKALKKRGFKFVGTT
ICYSFMQACGLVNDHVVGCCCYPGNKP
;
_entity_poly.pdbx_strand_id   A
#
loop_
_chem_comp.id
_chem_comp.type
_chem_comp.name
_chem_comp.formula
ZN non-polymer 'ZINC ION' 'Zn 2'
#
# COMPACT_ATOMS: atom_id res chain seq x y z
N MET A 1 -11.25 -6.23 26.00
CA MET A 1 -11.92 -5.05 25.40
C MET A 1 -12.31 -5.37 23.95
N GLU A 2 -12.92 -4.44 23.27
CA GLU A 2 -13.33 -4.70 21.86
C GLU A 2 -12.11 -4.58 20.94
N ARG A 3 -12.10 -5.29 19.84
CA ARG A 3 -10.92 -5.20 18.92
C ARG A 3 -11.40 -5.25 17.47
N CYS A 4 -10.55 -4.88 16.55
CA CYS A 4 -10.94 -4.89 15.11
C CYS A 4 -11.29 -6.33 14.68
N GLY A 5 -12.36 -6.49 13.95
CA GLY A 5 -12.75 -7.86 13.50
C GLY A 5 -12.15 -8.14 12.12
N TRP A 6 -11.40 -7.21 11.58
CA TRP A 6 -10.78 -7.43 10.24
C TRP A 6 -9.97 -8.72 10.27
N VAL A 7 -9.32 -9.00 11.37
CA VAL A 7 -8.48 -10.23 11.46
C VAL A 7 -9.27 -11.37 12.08
N SER A 8 -9.27 -12.51 11.44
CA SER A 8 -9.99 -13.69 11.98
C SER A 8 -9.03 -14.54 12.81
N GLN A 9 -7.76 -14.48 12.50
CA GLN A 9 -6.76 -15.28 13.26
C GLN A 9 -5.35 -14.80 12.90
N ASP A 10 -4.43 -15.70 12.73
CA ASP A 10 -3.04 -15.27 12.37
C ASP A 10 -2.59 -14.10 13.25
N PRO A 11 -2.01 -14.38 14.38
CA PRO A 11 -1.53 -13.32 15.33
C PRO A 11 -0.60 -12.32 14.64
N LEU A 12 0.05 -12.72 13.57
CA LEU A 12 0.98 -11.78 12.87
C LEU A 12 0.20 -10.60 12.32
N TYR A 13 -0.97 -10.84 11.78
CA TYR A 13 -1.77 -9.72 11.20
C TYR A 13 -2.14 -8.73 12.30
N ILE A 14 -2.64 -9.21 13.41
CA ILE A 14 -3.02 -8.28 14.51
C ILE A 14 -1.81 -7.45 14.93
N ALA A 15 -0.66 -8.05 15.02
CA ALA A 15 0.54 -7.26 15.39
C ALA A 15 0.72 -6.16 14.36
N TYR A 16 0.49 -6.47 13.11
CA TYR A 16 0.61 -5.44 12.04
C TYR A 16 -0.49 -4.40 12.24
N HIS A 17 -1.67 -4.83 12.62
CA HIS A 17 -2.78 -3.85 12.83
C HIS A 17 -2.36 -2.82 13.88
N ASP A 18 -1.86 -3.26 15.00
CA ASP A 18 -1.43 -2.31 16.07
C ASP A 18 -0.23 -1.48 15.60
N ASN A 19 0.70 -2.08 14.91
CA ASN A 19 1.90 -1.32 14.46
C ASN A 19 1.49 -0.10 13.64
N GLU A 20 0.60 -0.26 12.71
CA GLU A 20 0.14 0.89 11.88
C GLU A 20 -1.24 0.57 11.30
N TRP A 21 -1.34 0.44 10.01
CA TRP A 21 -2.66 0.12 9.41
C TRP A 21 -3.73 1.06 9.95
N GLY A 22 -4.10 2.06 9.19
CA GLY A 22 -5.13 3.02 9.67
C GLY A 22 -4.45 4.30 10.16
N VAL A 23 -3.15 4.34 10.13
CA VAL A 23 -2.42 5.56 10.58
C VAL A 23 -1.93 6.33 9.35
N PRO A 24 -2.43 7.53 9.12
CA PRO A 24 -2.01 8.34 7.94
C PRO A 24 -0.48 8.40 7.79
N GLU A 25 0.01 8.07 6.63
CA GLU A 25 1.49 8.09 6.41
C GLU A 25 1.82 9.18 5.37
N THR A 26 2.83 9.96 5.64
CA THR A 26 3.22 11.03 4.67
C THR A 26 4.57 10.70 4.07
N ASP A 27 5.14 9.58 4.42
CA ASP A 27 6.46 9.21 3.87
C ASP A 27 6.30 8.65 2.45
N SER A 28 7.02 9.19 1.51
CA SER A 28 6.91 8.70 0.11
C SER A 28 7.38 7.25 0.02
N LYS A 29 8.41 6.90 0.73
CA LYS A 29 8.92 5.49 0.67
C LYS A 29 7.86 4.52 1.21
N LYS A 30 7.22 4.87 2.29
CA LYS A 30 6.18 3.94 2.86
C LYS A 30 5.04 3.77 1.85
N LEU A 31 4.59 4.84 1.26
CA LEU A 31 3.47 4.71 0.28
C LEU A 31 3.94 3.93 -0.94
N PHE A 32 5.10 4.21 -1.43
CA PHE A 32 5.61 3.48 -2.62
C PHE A 32 5.75 1.99 -2.29
N GLU A 33 6.26 1.68 -1.13
CA GLU A 33 6.41 0.25 -0.75
C GLU A 33 5.04 -0.41 -0.60
N MET A 34 4.07 0.33 -0.18
CA MET A 34 2.70 -0.25 0.01
C MET A 34 2.04 -0.54 -1.34
N ILE A 35 1.99 0.42 -2.22
CA ILE A 35 1.32 0.20 -3.53
C ILE A 35 2.02 -0.90 -4.34
N CYS A 36 3.32 -0.99 -4.23
CA CYS A 36 4.05 -2.04 -5.02
C CYS A 36 3.79 -3.42 -4.41
N LEU A 37 3.95 -3.56 -3.13
CA LEU A 37 3.73 -4.89 -2.48
C LEU A 37 2.24 -5.23 -2.45
N GLU A 38 1.39 -4.25 -2.30
CA GLU A 38 -0.07 -4.54 -2.25
C GLU A 38 -0.48 -5.35 -3.48
N GLY A 39 0.14 -5.09 -4.61
CA GLY A 39 -0.22 -5.85 -5.84
C GLY A 39 -0.09 -7.35 -5.58
N GLN A 40 0.82 -7.74 -4.73
CA GLN A 40 1.01 -9.19 -4.44
C GLN A 40 -0.29 -9.80 -3.87
N GLN A 41 -1.01 -9.07 -3.09
CA GLN A 41 -2.26 -9.64 -2.49
C GLN A 41 -3.20 -10.12 -3.61
N ALA A 42 -3.21 -9.45 -4.74
CA ALA A 42 -4.11 -9.89 -5.84
C ALA A 42 -4.06 -11.42 -5.96
N GLY A 43 -5.12 -12.09 -5.62
CA GLY A 43 -5.14 -13.57 -5.71
C GLY A 43 -4.62 -14.15 -4.39
N LEU A 44 -3.66 -13.48 -3.80
CA LEU A 44 -3.10 -13.97 -2.51
C LEU A 44 -3.82 -13.30 -1.34
N SER A 45 -3.66 -13.83 -0.16
CA SER A 45 -4.33 -13.25 1.03
C SER A 45 -3.47 -12.16 1.64
N TRP A 46 -4.06 -11.26 2.36
CA TRP A 46 -3.29 -10.14 2.98
C TRP A 46 -2.15 -10.71 3.84
N ILE A 47 -2.40 -11.78 4.56
CA ILE A 47 -1.33 -12.36 5.42
C ILE A 47 -0.15 -12.81 4.55
N THR A 48 -0.41 -13.32 3.38
CA THR A 48 0.70 -13.77 2.50
C THR A 48 1.58 -12.58 2.12
N VAL A 49 0.97 -11.46 1.86
CA VAL A 49 1.76 -10.26 1.46
C VAL A 49 2.64 -9.78 2.62
N LEU A 50 2.13 -9.75 3.82
CA LEU A 50 2.95 -9.26 4.97
C LEU A 50 4.20 -10.12 5.14
N LYS A 51 4.07 -11.41 5.07
CA LYS A 51 5.26 -12.29 5.24
C LYS A 51 6.24 -12.00 4.10
N LYS A 52 5.76 -12.03 2.88
CA LYS A 52 6.66 -11.72 1.74
C LYS A 52 7.10 -10.27 1.81
N ARG A 53 6.29 -9.42 2.37
CA ARG A 53 6.69 -7.98 2.48
C ARG A 53 8.05 -7.89 3.15
N GLU A 54 8.26 -8.66 4.19
CA GLU A 54 9.57 -8.62 4.88
C GLU A 54 10.64 -9.18 3.92
N ASN A 55 10.34 -10.27 3.26
CA ASN A 55 11.33 -10.85 2.31
C ASN A 55 11.58 -9.86 1.16
N TYR A 56 10.53 -9.22 0.71
CA TYR A 56 10.68 -8.24 -0.40
C TYR A 56 11.71 -7.19 0.00
N ARG A 57 11.63 -6.71 1.21
CA ARG A 57 12.62 -5.69 1.65
C ARG A 57 14.03 -6.26 1.54
N ALA A 58 14.18 -7.52 1.83
CA ALA A 58 15.53 -8.14 1.75
C ALA A 58 16.10 -7.99 0.34
N CYS A 59 15.27 -8.07 -0.67
CA CYS A 59 15.79 -7.95 -2.05
C CYS A 59 15.73 -6.50 -2.57
N PHE A 60 14.77 -5.73 -2.15
CA PHE A 60 14.67 -4.33 -2.67
C PHE A 60 15.10 -3.27 -1.64
N HIS A 61 14.74 -3.43 -0.40
CA HIS A 61 15.13 -2.38 0.60
C HIS A 61 16.64 -2.17 0.58
N GLN A 62 17.41 -3.21 0.51
CA GLN A 62 18.89 -3.05 0.49
C GLN A 62 19.29 -2.25 -0.76
N PHE A 63 18.63 -2.50 -1.86
CA PHE A 63 18.97 -1.77 -3.11
C PHE A 63 18.42 -0.34 -3.05
N ASP A 64 17.52 -0.07 -2.15
CA ASP A 64 16.95 1.30 -2.05
C ASP A 64 16.09 1.57 -3.30
N PRO A 65 15.37 2.67 -3.33
CA PRO A 65 14.49 3.02 -4.48
C PRO A 65 15.23 3.67 -5.66
N VAL A 66 15.97 4.70 -5.42
CA VAL A 66 16.68 5.37 -6.54
C VAL A 66 17.48 4.34 -7.34
N LYS A 67 18.03 3.37 -6.68
CA LYS A 67 18.85 2.35 -7.39
C LYS A 67 18.02 1.57 -8.42
N VAL A 68 16.84 1.11 -8.07
CA VAL A 68 16.03 0.34 -9.06
C VAL A 68 15.76 1.21 -10.29
N ALA A 69 15.51 2.48 -10.10
CA ALA A 69 15.28 3.36 -11.26
C ALA A 69 16.56 3.43 -12.08
N ALA A 70 17.67 3.19 -11.44
CA ALA A 70 18.97 3.23 -12.16
C ALA A 70 19.44 1.81 -12.51
N MET A 71 18.62 0.81 -12.27
CA MET A 71 19.04 -0.58 -12.61
C MET A 71 18.63 -0.92 -14.05
N GLN A 72 19.17 -1.98 -14.57
CA GLN A 72 18.85 -2.39 -15.96
C GLN A 72 18.03 -3.69 -15.95
N GLU A 73 17.56 -4.12 -17.09
CA GLU A 73 16.75 -5.37 -17.15
C GLU A 73 17.57 -6.57 -16.66
N GLU A 74 18.86 -6.51 -16.78
CA GLU A 74 19.69 -7.67 -16.33
C GLU A 74 19.61 -7.80 -14.80
N ASP A 75 19.47 -6.71 -14.10
CA ASP A 75 19.41 -6.77 -12.62
C ASP A 75 18.16 -7.53 -12.15
N VAL A 76 17.03 -7.25 -12.75
CA VAL A 76 15.80 -7.96 -12.32
C VAL A 76 15.93 -9.45 -12.65
N GLU A 77 16.50 -9.77 -13.77
CA GLU A 77 16.67 -11.20 -14.15
C GLU A 77 17.68 -11.87 -13.20
N ARG A 78 18.69 -11.15 -12.79
CA ARG A 78 19.72 -11.76 -11.88
C ARG A 78 19.11 -12.07 -10.50
N LEU A 79 18.34 -11.16 -9.96
CA LEU A 79 17.75 -11.42 -8.61
C LEU A 79 16.64 -12.47 -8.72
N VAL A 80 16.03 -12.60 -9.86
CA VAL A 80 14.97 -13.63 -10.02
C VAL A 80 15.50 -14.98 -9.53
N GLN A 81 16.78 -15.19 -9.61
CA GLN A 81 17.34 -16.49 -9.14
C GLN A 81 16.79 -16.77 -7.74
N ASP A 82 16.72 -15.77 -6.91
CA ASP A 82 16.16 -15.98 -5.54
C ASP A 82 14.65 -15.73 -5.59
N ALA A 83 13.87 -16.70 -5.20
CA ALA A 83 12.39 -16.52 -5.26
C ALA A 83 11.79 -16.47 -3.85
N GLY A 84 12.54 -16.04 -2.89
CA GLY A 84 12.00 -15.97 -1.51
C GLY A 84 10.63 -15.30 -1.58
N ILE A 85 10.37 -14.57 -2.63
CA ILE A 85 9.06 -13.89 -2.80
C ILE A 85 8.40 -14.39 -4.09
N ILE A 86 7.15 -14.07 -4.31
CA ILE A 86 6.48 -14.54 -5.54
C ILE A 86 7.43 -14.35 -6.73
N ARG A 87 7.39 -15.24 -7.68
CA ARG A 87 8.31 -15.11 -8.84
C ARG A 87 7.56 -14.50 -10.02
N HIS A 88 8.13 -13.50 -10.63
CA HIS A 88 7.47 -12.84 -11.79
C HIS A 88 8.37 -11.72 -12.29
N ARG A 89 9.24 -12.01 -13.22
CA ARG A 89 10.14 -10.96 -13.75
C ARG A 89 9.31 -9.76 -14.17
N GLY A 90 8.14 -10.01 -14.67
CA GLY A 90 7.25 -8.89 -15.11
C GLY A 90 6.94 -7.98 -13.93
N LYS A 91 6.59 -8.54 -12.80
CA LYS A 91 6.29 -7.71 -11.60
C LYS A 91 7.54 -6.95 -11.18
N ILE A 92 8.67 -7.61 -11.18
CA ILE A 92 9.93 -6.91 -10.77
C ILE A 92 10.15 -5.72 -11.70
N GLN A 93 9.90 -5.91 -12.98
CA GLN A 93 10.08 -4.79 -13.93
C GLN A 93 9.23 -3.61 -13.50
N ALA A 94 8.06 -3.88 -12.99
CA ALA A 94 7.17 -2.77 -12.54
C ALA A 94 7.88 -1.99 -11.42
N ILE A 95 8.60 -2.68 -10.57
CA ILE A 95 9.31 -1.96 -9.47
C ILE A 95 10.26 -0.94 -10.09
N ILE A 96 11.08 -1.36 -11.03
CA ILE A 96 12.00 -0.38 -11.68
C ILE A 96 11.19 0.79 -12.24
N GLY A 97 10.13 0.50 -12.95
CA GLY A 97 9.30 1.59 -13.52
C GLY A 97 8.72 2.45 -12.39
N ASN A 98 8.33 1.84 -11.31
CA ASN A 98 7.76 2.60 -10.17
C ASN A 98 8.76 3.66 -9.71
N ALA A 99 10.01 3.30 -9.62
CA ALA A 99 11.02 4.31 -9.19
C ALA A 99 11.19 5.35 -10.27
N ARG A 100 11.12 4.95 -11.52
CA ARG A 100 11.30 5.93 -12.62
C ARG A 100 10.16 6.95 -12.60
N ALA A 101 8.94 6.51 -12.46
CA ALA A 101 7.81 7.48 -12.43
C ALA A 101 7.87 8.27 -11.12
N TYR A 102 8.19 7.61 -10.05
CA TYR A 102 8.29 8.29 -8.73
C TYR A 102 9.40 9.34 -8.77
N LEU A 103 10.55 8.98 -9.27
CA LEU A 103 11.68 9.94 -9.31
C LEU A 103 11.29 11.16 -10.14
N GLN A 104 10.59 10.97 -11.22
CA GLN A 104 10.19 12.13 -12.07
C GLN A 104 9.35 13.10 -11.25
N MET A 105 8.50 12.60 -10.39
CA MET A 105 7.66 13.51 -9.56
C MET A 105 8.54 14.35 -8.65
N GLU A 106 9.59 13.77 -8.12
CA GLU A 106 10.50 14.53 -7.21
C GLU A 106 11.28 15.59 -8.00
N GLN A 107 11.52 15.37 -9.27
CA GLN A 107 12.30 16.36 -10.05
C GLN A 107 11.70 17.76 -9.90
N ASN A 108 10.40 17.85 -9.81
CA ASN A 108 9.77 19.19 -9.66
C ASN A 108 9.72 19.57 -8.17
N GLY A 109 10.27 18.76 -7.32
CA GLY A 109 10.24 19.08 -5.87
C GLY A 109 8.83 18.81 -5.32
N GLU A 110 8.07 18.04 -6.04
CA GLU A 110 6.68 17.73 -5.60
C GLU A 110 6.52 16.22 -5.44
N PRO A 111 6.76 15.69 -4.27
CA PRO A 111 6.66 14.23 -4.01
C PRO A 111 5.32 13.66 -4.49
N PHE A 112 5.34 12.53 -5.13
CA PHE A 112 4.07 11.93 -5.60
C PHE A 112 3.20 11.59 -4.38
N ALA A 113 3.82 11.40 -3.24
CA ALA A 113 3.03 11.09 -2.02
C ALA A 113 2.11 12.29 -1.74
N ASP A 114 2.60 13.48 -1.95
CA ASP A 114 1.76 14.68 -1.71
C ASP A 114 0.62 14.69 -2.74
N PHE A 115 0.88 14.19 -3.92
CA PHE A 115 -0.17 14.17 -4.98
C PHE A 115 -1.38 13.38 -4.52
N VAL A 116 -1.19 12.17 -4.06
CA VAL A 116 -2.36 11.36 -3.61
C VAL A 116 -3.09 12.12 -2.50
N TRP A 117 -2.37 12.73 -1.61
CA TRP A 117 -3.03 13.49 -0.52
C TRP A 117 -3.97 14.53 -1.12
N SER A 118 -3.58 15.15 -2.19
CA SER A 118 -4.45 16.19 -2.83
C SER A 118 -5.72 15.55 -3.38
N PHE A 119 -5.67 14.31 -3.79
CA PHE A 119 -6.89 13.66 -4.34
C PHE A 119 -7.99 13.58 -3.27
N VAL A 120 -7.62 13.57 -2.02
CA VAL A 120 -8.64 13.52 -0.94
C VAL A 120 -8.80 14.91 -0.34
N ASN A 121 -8.44 15.93 -1.08
CA ASN A 121 -8.56 17.31 -0.56
C ASN A 121 -7.60 17.51 0.61
N HIS A 122 -6.47 16.89 0.55
CA HIS A 122 -5.47 17.02 1.65
C HIS A 122 -6.17 16.90 3.00
N GLN A 123 -7.39 16.45 3.00
CA GLN A 123 -8.12 16.31 4.29
C GLN A 123 -8.30 14.82 4.62
N PRO A 124 -8.07 14.42 5.85
CA PRO A 124 -8.21 13.00 6.27
C PRO A 124 -9.69 12.56 6.27
N GLN A 125 -9.96 11.33 5.93
CA GLN A 125 -11.36 10.85 5.92
C GLN A 125 -11.58 9.84 7.04
N MET A 126 -12.73 9.85 7.65
CA MET A 126 -13.01 8.89 8.76
C MET A 126 -14.40 8.30 8.58
N THR A 127 -14.62 7.10 9.08
CA THR A 127 -15.97 6.48 8.93
C THR A 127 -16.39 5.83 10.25
N GLN A 128 -17.66 5.64 10.44
CA GLN A 128 -18.16 5.01 11.71
C GLN A 128 -18.97 3.76 11.36
N ALA A 129 -18.48 2.97 10.45
CA ALA A 129 -19.22 1.74 10.06
C ALA A 129 -19.27 0.78 11.26
N THR A 130 -20.29 -0.03 11.33
CA THR A 130 -20.40 -0.99 12.47
C THR A 130 -19.80 -2.34 12.07
N THR A 131 -20.14 -2.82 10.90
CA THR A 131 -19.60 -4.14 10.44
C THR A 131 -18.72 -3.94 9.20
N LEU A 132 -17.83 -4.85 8.95
CA LEU A 132 -16.94 -4.71 7.77
C LEU A 132 -17.77 -4.58 6.50
N SER A 133 -18.89 -5.26 6.43
CA SER A 133 -19.74 -5.18 5.21
C SER A 133 -20.24 -3.75 5.03
N GLU A 134 -20.46 -3.04 6.11
CA GLU A 134 -20.97 -1.64 5.99
C GLU A 134 -19.92 -0.77 5.30
N ILE A 135 -18.66 -1.07 5.50
CA ILE A 135 -17.59 -0.26 4.86
C ILE A 135 -17.60 -0.48 3.34
N PRO A 136 -17.88 0.55 2.56
CA PRO A 136 -17.90 0.42 1.08
C PRO A 136 -16.50 0.45 0.47
N THR A 137 -16.24 -0.39 -0.50
CA THR A 137 -14.91 -0.40 -1.14
C THR A 137 -14.94 0.44 -2.40
N SER A 138 -16.04 1.08 -2.66
CA SER A 138 -16.15 1.93 -3.88
C SER A 138 -16.30 3.40 -3.48
N THR A 139 -15.22 4.14 -3.56
CA THR A 139 -15.28 5.59 -3.17
C THR A 139 -14.81 6.42 -4.37
N PRO A 140 -15.31 7.61 -4.53
CA PRO A 140 -14.92 8.50 -5.67
C PRO A 140 -13.42 8.79 -5.68
N ALA A 141 -12.80 8.86 -4.54
CA ALA A 141 -11.34 9.14 -4.50
C ALA A 141 -10.56 7.89 -4.90
N SER A 142 -11.00 6.75 -4.46
CA SER A 142 -10.29 5.49 -4.81
C SER A 142 -10.33 5.26 -6.32
N ASP A 143 -11.47 5.49 -6.94
CA ASP A 143 -11.56 5.28 -8.40
C ASP A 143 -10.69 6.30 -9.13
N ALA A 144 -10.74 7.55 -8.72
CA ALA A 144 -9.92 8.59 -9.39
C ALA A 144 -8.44 8.34 -9.10
N LEU A 145 -8.12 7.95 -7.90
CA LEU A 145 -6.70 7.71 -7.56
C LEU A 145 -6.13 6.60 -8.45
N SER A 146 -6.88 5.57 -8.69
CA SER A 146 -6.37 4.47 -9.56
C SER A 146 -6.09 5.01 -10.96
N LYS A 147 -6.95 5.85 -11.46
CA LYS A 147 -6.73 6.42 -12.81
C LYS A 147 -5.44 7.25 -12.82
N ALA A 148 -5.16 7.94 -11.75
CA ALA A 148 -3.93 8.77 -11.69
C ALA A 148 -2.69 7.88 -11.74
N LEU A 149 -2.64 6.86 -10.93
CA LEU A 149 -1.45 5.97 -10.94
C LEU A 149 -1.37 5.26 -12.29
N LYS A 150 -2.50 4.88 -12.85
CA LYS A 150 -2.47 4.19 -14.17
C LYS A 150 -1.80 5.11 -15.19
N LYS A 151 -2.11 6.38 -15.15
CA LYS A 151 -1.49 7.33 -16.13
C LYS A 151 0.03 7.34 -15.94
N ARG A 152 0.48 7.29 -14.71
CA ARG A 152 1.94 7.29 -14.45
C ARG A 152 2.58 6.03 -15.03
N GLY A 153 1.79 5.01 -15.27
CA GLY A 153 2.34 3.74 -15.82
C GLY A 153 2.44 2.71 -14.70
N PHE A 154 1.84 2.99 -13.57
CA PHE A 154 1.89 2.02 -12.44
C PHE A 154 1.01 0.82 -12.76
N LYS A 155 1.46 -0.36 -12.40
CA LYS A 155 0.65 -1.58 -12.67
C LYS A 155 0.12 -2.16 -11.36
N PHE A 156 -0.88 -2.99 -11.43
CA PHE A 156 -1.46 -3.61 -10.19
C PHE A 156 -2.16 -2.51 -9.37
N VAL A 157 -2.94 -1.70 -10.02
CA VAL A 157 -3.66 -0.61 -9.29
C VAL A 157 -5.16 -0.89 -9.30
N GLY A 158 -5.55 -2.12 -9.44
CA GLY A 158 -7.00 -2.46 -9.46
C GLY A 158 -7.71 -1.68 -8.35
N THR A 159 -8.98 -1.46 -8.49
CA THR A 159 -9.73 -0.71 -7.46
C THR A 159 -9.50 -1.38 -6.10
N THR A 160 -9.33 -2.67 -6.08
CA THR A 160 -9.11 -3.37 -4.79
C THR A 160 -7.76 -2.95 -4.21
N ILE A 161 -6.75 -2.87 -5.03
CA ILE A 161 -5.42 -2.46 -4.53
C ILE A 161 -5.48 -1.00 -4.09
N CYS A 162 -6.25 -0.20 -4.78
CA CYS A 162 -6.36 1.23 -4.42
C CYS A 162 -7.04 1.36 -3.05
N TYR A 163 -8.11 0.66 -2.84
CA TYR A 163 -8.80 0.75 -1.53
C TYR A 163 -7.83 0.25 -0.44
N SER A 164 -7.12 -0.81 -0.72
CA SER A 164 -6.16 -1.34 0.28
C SER A 164 -5.10 -0.28 0.58
N PHE A 165 -4.73 0.50 -0.40
CA PHE A 165 -3.70 1.56 -0.18
C PHE A 165 -4.20 2.54 0.89
N MET A 166 -5.37 3.07 0.72
CA MET A 166 -5.90 4.03 1.73
C MET A 166 -5.96 3.32 3.09
N GLN A 167 -6.35 2.08 3.10
CA GLN A 167 -6.47 1.33 4.38
C GLN A 167 -5.10 1.25 5.07
N ALA A 168 -4.09 0.83 4.37
CA ALA A 168 -2.74 0.73 4.99
C ALA A 168 -2.13 2.12 5.09
N CYS A 169 -2.26 2.91 4.07
CA CYS A 169 -1.68 4.28 4.07
C CYS A 169 -2.28 5.07 5.23
N GLY A 170 -3.52 4.85 5.53
CA GLY A 170 -4.17 5.58 6.66
C GLY A 170 -4.94 6.79 6.12
N LEU A 171 -5.04 6.93 4.82
CA LEU A 171 -5.79 8.09 4.27
C LEU A 171 -7.19 8.10 4.87
N VAL A 172 -7.77 6.94 5.02
CA VAL A 172 -9.14 6.85 5.61
C VAL A 172 -9.06 6.02 6.89
N ASN A 173 -9.87 6.31 7.86
CA ASN A 173 -9.83 5.53 9.13
C ASN A 173 -11.00 4.55 9.17
N ASP A 174 -10.75 3.29 8.93
CA ASP A 174 -11.84 2.28 8.96
C ASP A 174 -11.53 1.21 10.01
N HIS A 175 -11.98 1.41 11.22
CA HIS A 175 -11.72 0.40 12.30
C HIS A 175 -13.04 0.12 13.02
N VAL A 176 -14.12 0.01 12.30
CA VAL A 176 -15.45 -0.25 12.92
C VAL A 176 -15.57 0.53 14.23
N VAL A 177 -16.50 0.16 15.07
CA VAL A 177 -16.69 0.89 16.36
C VAL A 177 -16.34 -0.03 17.54
N GLY A 178 -15.67 -1.11 17.27
CA GLY A 178 -15.30 -2.05 18.38
C GLY A 178 -13.78 -2.20 18.44
N CYS A 179 -13.05 -1.21 17.98
CA CYS A 179 -11.57 -1.30 18.01
C CYS A 179 -11.00 -0.43 19.13
N CYS A 180 -11.83 -0.01 20.03
CA CYS A 180 -11.36 0.84 21.16
C CYS A 180 -10.80 2.16 20.62
N CYS A 181 -9.75 2.10 19.85
CA CYS A 181 -9.14 3.33 19.30
C CYS A 181 -10.22 4.17 18.60
N TYR A 182 -11.20 3.52 18.03
CA TYR A 182 -12.28 4.26 17.32
C TYR A 182 -13.56 4.21 18.16
N PRO A 183 -13.90 5.27 18.87
CA PRO A 183 -15.11 5.30 19.71
C PRO A 183 -16.37 5.63 18.90
N GLY A 184 -16.41 6.80 18.33
CA GLY A 184 -17.61 7.18 17.52
C GLY A 184 -18.58 7.99 18.38
N ASN A 185 -18.28 8.16 19.64
CA ASN A 185 -19.20 8.93 20.53
C ASN A 185 -18.54 9.13 21.90
N LYS A 186 -17.24 9.14 21.94
CA LYS A 186 -16.54 9.33 23.24
C LYS A 186 -15.35 10.29 23.05
N PRO A 187 -15.60 11.57 23.09
CA PRO A 187 -14.53 12.60 22.92
C PRO A 187 -13.72 12.81 24.20
ZN ZN B . -8.54 -1.39 14.55
N MET A 1 -12.81 -6.92 25.03
CA MET A 1 -13.82 -6.05 24.36
C MET A 1 -14.04 -6.53 22.92
N GLU A 2 -14.58 -5.70 22.09
CA GLU A 2 -14.80 -6.10 20.67
C GLU A 2 -13.55 -5.80 19.84
N ARG A 3 -13.30 -6.58 18.83
CA ARG A 3 -12.10 -6.34 17.99
C ARG A 3 -12.52 -5.82 16.61
N CYS A 4 -11.58 -5.42 15.81
CA CYS A 4 -11.92 -4.88 14.45
C CYS A 4 -12.44 -6.01 13.57
N GLY A 5 -13.29 -5.68 12.63
CA GLY A 5 -13.85 -6.73 11.73
C GLY A 5 -12.74 -7.47 11.00
N TRP A 6 -11.66 -6.80 10.66
CA TRP A 6 -10.56 -7.50 9.94
C TRP A 6 -9.63 -8.16 10.96
N VAL A 7 -9.89 -8.01 12.23
CA VAL A 7 -9.00 -8.63 13.25
C VAL A 7 -9.52 -10.02 13.63
N SER A 8 -8.67 -11.00 13.57
CA SER A 8 -9.10 -12.39 13.93
C SER A 8 -7.85 -13.27 14.03
N GLN A 9 -7.60 -13.84 15.18
CA GLN A 9 -6.40 -14.71 15.35
C GLN A 9 -5.21 -14.10 14.59
N ASP A 10 -4.29 -14.91 14.14
CA ASP A 10 -3.13 -14.35 13.39
C ASP A 10 -2.60 -13.11 14.10
N PRO A 11 -1.91 -13.30 15.20
CA PRO A 11 -1.34 -12.18 16.00
C PRO A 11 -0.48 -11.24 15.15
N LEU A 12 0.09 -11.72 14.09
CA LEU A 12 0.94 -10.83 13.24
C LEU A 12 0.07 -9.73 12.63
N TYR A 13 -1.11 -10.07 12.19
CA TYR A 13 -2.00 -9.04 11.57
C TYR A 13 -2.38 -7.99 12.62
N ILE A 14 -2.78 -8.42 13.79
CA ILE A 14 -3.17 -7.44 14.85
C ILE A 14 -1.98 -6.55 15.19
N ALA A 15 -0.78 -7.08 15.16
CA ALA A 15 0.39 -6.23 15.48
C ALA A 15 0.43 -5.09 14.46
N TYR A 16 0.18 -5.39 13.22
CA TYR A 16 0.17 -4.33 12.18
C TYR A 16 -1.02 -3.39 12.43
N HIS A 17 -2.12 -3.94 12.88
CA HIS A 17 -3.32 -3.10 13.16
C HIS A 17 -2.98 -2.01 14.18
N ASP A 18 -2.27 -2.36 15.22
CA ASP A 18 -1.93 -1.34 16.27
C ASP A 18 -0.63 -0.59 15.90
N ASN A 19 0.21 -1.16 15.08
CA ASN A 19 1.47 -0.48 14.73
C ASN A 19 1.21 0.57 13.63
N GLU A 20 0.99 0.14 12.42
CA GLU A 20 0.72 1.12 11.33
C GLU A 20 -0.45 0.61 10.49
N TRP A 21 -1.59 1.23 10.62
CA TRP A 21 -2.77 0.78 9.82
C TRP A 21 -3.95 1.72 10.08
N GLY A 22 -4.18 2.65 9.20
CA GLY A 22 -5.31 3.60 9.39
C GLY A 22 -4.77 4.91 9.95
N VAL A 23 -3.56 4.91 10.45
CA VAL A 23 -2.98 6.16 10.99
C VAL A 23 -2.49 7.02 9.81
N PRO A 24 -2.80 8.31 9.79
CA PRO A 24 -2.35 9.20 8.68
C PRO A 24 -0.87 9.01 8.33
N GLU A 25 -0.57 8.82 7.07
CA GLU A 25 0.85 8.64 6.67
C GLU A 25 1.26 9.81 5.77
N THR A 26 2.38 10.42 6.05
CA THR A 26 2.84 11.57 5.22
C THR A 26 4.23 11.27 4.66
N ASP A 27 4.75 10.10 4.92
CA ASP A 27 6.10 9.77 4.39
C ASP A 27 5.95 9.22 2.97
N SER A 28 6.38 9.96 1.99
CA SER A 28 6.26 9.46 0.59
C SER A 28 7.12 8.21 0.41
N LYS A 29 8.23 8.14 1.10
CA LYS A 29 9.11 6.96 0.97
C LYS A 29 8.38 5.71 1.48
N LYS A 30 7.80 5.78 2.65
CA LYS A 30 7.08 4.59 3.19
C LYS A 30 5.78 4.38 2.41
N LEU A 31 5.05 5.44 2.18
CA LEU A 31 3.76 5.31 1.43
C LEU A 31 4.02 4.69 0.07
N PHE A 32 5.02 5.16 -0.63
CA PHE A 32 5.33 4.61 -1.97
C PHE A 32 5.67 3.12 -1.85
N GLU A 33 6.41 2.75 -0.85
CA GLU A 33 6.79 1.32 -0.69
C GLU A 33 5.53 0.47 -0.49
N MET A 34 4.53 1.03 0.15
CA MET A 34 3.28 0.25 0.38
C MET A 34 2.59 -0.09 -0.94
N ILE A 35 2.38 0.87 -1.80
CA ILE A 35 1.69 0.58 -3.08
C ILE A 35 2.56 -0.33 -3.97
N CYS A 36 3.86 -0.20 -3.91
CA CYS A 36 4.70 -1.06 -4.79
C CYS A 36 4.58 -2.52 -4.38
N LEU A 37 4.75 -2.82 -3.12
CA LEU A 37 4.63 -4.24 -2.67
C LEU A 37 3.16 -4.67 -2.62
N GLU A 38 2.29 -3.80 -2.20
CA GLU A 38 0.85 -4.16 -2.12
C GLU A 38 0.36 -4.68 -3.47
N GLY A 39 0.86 -4.15 -4.55
CA GLY A 39 0.40 -4.63 -5.89
C GLY A 39 0.62 -6.14 -5.98
N GLN A 40 1.64 -6.64 -5.35
CA GLN A 40 1.90 -8.11 -5.39
C GLN A 40 0.70 -8.86 -4.83
N GLN A 41 0.03 -8.30 -3.85
CA GLN A 41 -1.14 -8.99 -3.25
C GLN A 41 -2.03 -9.56 -4.35
N ALA A 42 -1.95 -9.04 -5.54
CA ALA A 42 -2.81 -9.55 -6.64
C ALA A 42 -2.86 -11.09 -6.56
N GLY A 43 -3.98 -11.63 -6.20
CA GLY A 43 -4.11 -13.10 -6.09
C GLY A 43 -3.91 -13.51 -4.63
N LEU A 44 -3.04 -12.83 -3.93
CA LEU A 44 -2.79 -13.16 -2.50
C LEU A 44 -3.41 -12.09 -1.60
N SER A 45 -3.83 -12.47 -0.43
CA SER A 45 -4.43 -11.48 0.50
C SER A 45 -3.33 -10.57 1.05
N TRP A 46 -3.70 -9.44 1.59
CA TRP A 46 -2.68 -8.50 2.13
C TRP A 46 -1.93 -9.13 3.31
N ILE A 47 -2.55 -10.03 4.02
CA ILE A 47 -1.88 -10.65 5.19
C ILE A 47 -0.59 -11.35 4.73
N THR A 48 -0.60 -11.98 3.59
CA THR A 48 0.61 -12.67 3.09
C THR A 48 1.68 -11.65 2.71
N VAL A 49 1.28 -10.53 2.17
CA VAL A 49 2.27 -9.50 1.74
C VAL A 49 3.11 -9.03 2.94
N LEU A 50 2.51 -8.85 4.09
CA LEU A 50 3.32 -8.37 5.26
C LEU A 50 4.51 -9.30 5.49
N LYS A 51 4.25 -10.58 5.60
CA LYS A 51 5.37 -11.54 5.82
C LYS A 51 6.31 -11.48 4.62
N LYS A 52 5.76 -11.48 3.44
CA LYS A 52 6.60 -11.43 2.22
C LYS A 52 7.37 -10.10 2.20
N ARG A 53 6.76 -9.05 2.68
CA ARG A 53 7.47 -7.74 2.69
C ARG A 53 8.81 -7.91 3.39
N GLU A 54 8.85 -8.64 4.46
CA GLU A 54 10.15 -8.86 5.15
C GLU A 54 11.06 -9.64 4.19
N ASN A 55 10.49 -10.59 3.49
CA ASN A 55 11.30 -11.39 2.53
C ASN A 55 11.81 -10.46 1.42
N TYR A 56 11.01 -9.50 1.02
CA TYR A 56 11.44 -8.57 -0.05
C TYR A 56 12.75 -7.91 0.36
N ARG A 57 12.83 -7.45 1.58
CA ARG A 57 14.09 -6.81 2.05
C ARG A 57 15.23 -7.83 1.97
N ALA A 58 14.94 -9.08 2.19
CA ALA A 58 16.03 -10.09 2.13
C ALA A 58 16.70 -10.03 0.76
N CYS A 59 15.94 -10.02 -0.29
CA CYS A 59 16.55 -9.95 -1.65
C CYS A 59 16.67 -8.50 -2.12
N PHE A 60 15.79 -7.63 -1.64
CA PHE A 60 15.83 -6.21 -2.07
C PHE A 60 16.22 -5.28 -0.91
N HIS A 61 16.99 -5.74 0.03
CA HIS A 61 17.38 -4.83 1.16
C HIS A 61 17.89 -3.53 0.56
N GLN A 62 18.45 -3.59 -0.61
CA GLN A 62 18.98 -2.38 -1.29
C GLN A 62 17.86 -1.68 -2.06
N PHE A 63 16.63 -1.95 -1.73
CA PHE A 63 15.47 -1.33 -2.44
C PHE A 63 15.57 0.21 -2.46
N ASP A 64 16.71 0.78 -2.21
CA ASP A 64 16.78 2.26 -2.23
C ASP A 64 16.19 2.77 -3.56
N PRO A 65 15.31 3.75 -3.52
CA PRO A 65 14.68 4.30 -4.77
C PRO A 65 15.68 4.48 -5.90
N VAL A 66 16.76 5.20 -5.67
CA VAL A 66 17.76 5.42 -6.75
C VAL A 66 18.43 4.09 -7.11
N LYS A 67 18.73 3.29 -6.12
CA LYS A 67 19.40 1.99 -6.39
C LYS A 67 18.49 1.09 -7.24
N VAL A 68 17.22 1.05 -6.93
CA VAL A 68 16.29 0.18 -7.71
C VAL A 68 16.22 0.64 -9.16
N ALA A 69 16.13 1.92 -9.39
CA ALA A 69 16.06 2.41 -10.80
C ALA A 69 17.43 2.21 -11.45
N ALA A 70 18.47 2.26 -10.67
CA ALA A 70 19.83 2.08 -11.22
C ALA A 70 20.11 0.59 -11.44
N MET A 71 19.18 -0.26 -11.08
CA MET A 71 19.41 -1.72 -11.25
C MET A 71 19.81 -2.03 -12.69
N GLN A 72 20.21 -3.24 -12.94
CA GLN A 72 20.64 -3.63 -14.31
C GLN A 72 19.75 -4.76 -14.82
N GLU A 73 19.68 -4.94 -16.12
CA GLU A 73 18.83 -6.04 -16.67
C GLU A 73 19.33 -7.37 -16.14
N GLU A 74 20.62 -7.50 -15.96
CA GLU A 74 21.17 -8.79 -15.44
C GLU A 74 20.60 -9.05 -14.06
N ASP A 75 20.37 -8.02 -13.30
CA ASP A 75 19.79 -8.23 -11.93
C ASP A 75 18.45 -8.94 -12.04
N VAL A 76 17.66 -8.59 -13.02
CA VAL A 76 16.34 -9.26 -13.17
C VAL A 76 16.54 -10.75 -13.47
N GLU A 77 17.43 -11.05 -14.37
CA GLU A 77 17.68 -12.48 -14.71
C GLU A 77 18.26 -13.20 -13.48
N ARG A 78 19.06 -12.51 -12.71
CA ARG A 78 19.66 -13.14 -11.50
C ARG A 78 18.56 -13.64 -10.56
N LEU A 79 17.58 -12.83 -10.31
CA LEU A 79 16.49 -13.25 -9.38
C LEU A 79 15.60 -14.31 -10.02
N VAL A 80 15.48 -14.32 -11.31
CA VAL A 80 14.61 -15.34 -11.95
C VAL A 80 15.02 -16.72 -11.42
N GLN A 81 16.30 -16.94 -11.24
CA GLN A 81 16.77 -18.25 -10.71
C GLN A 81 16.26 -18.43 -9.28
N ASP A 82 16.38 -17.41 -8.47
CA ASP A 82 15.91 -17.51 -7.05
C ASP A 82 14.53 -16.87 -6.93
N ALA A 83 13.54 -17.62 -6.54
CA ALA A 83 12.17 -17.06 -6.42
C ALA A 83 11.72 -17.10 -4.95
N GLY A 84 12.60 -16.74 -4.06
CA GLY A 84 12.24 -16.75 -2.61
C GLY A 84 10.89 -16.04 -2.43
N ILE A 85 10.58 -15.10 -3.29
CA ILE A 85 9.29 -14.38 -3.18
C ILE A 85 8.51 -14.58 -4.49
N ILE A 86 7.25 -14.24 -4.53
CA ILE A 86 6.47 -14.45 -5.79
C ILE A 86 7.12 -13.68 -6.94
N ARG A 87 8.00 -14.31 -7.66
CA ARG A 87 8.65 -13.62 -8.82
C ARG A 87 8.12 -14.20 -10.13
N HIS A 88 8.07 -13.41 -11.16
CA HIS A 88 7.58 -13.91 -12.47
C HIS A 88 8.30 -13.17 -13.59
N ARG A 89 9.54 -12.82 -13.37
CA ARG A 89 10.32 -12.09 -14.41
C ARG A 89 9.64 -10.76 -14.75
N GLY A 90 8.48 -10.81 -15.33
CA GLY A 90 7.76 -9.55 -15.68
C GLY A 90 7.51 -8.72 -14.43
N LYS A 91 7.13 -9.34 -13.35
CA LYS A 91 6.87 -8.56 -12.10
C LYS A 91 8.15 -7.85 -11.66
N ILE A 92 9.28 -8.48 -11.78
CA ILE A 92 10.54 -7.81 -11.38
C ILE A 92 10.70 -6.54 -12.21
N GLN A 93 10.42 -6.61 -13.48
CA GLN A 93 10.54 -5.41 -14.35
C GLN A 93 9.64 -4.30 -13.80
N ALA A 94 8.50 -4.67 -13.26
CA ALA A 94 7.59 -3.63 -12.71
C ALA A 94 8.31 -2.88 -11.61
N ILE A 95 9.06 -3.56 -10.79
CA ILE A 95 9.80 -2.87 -9.70
C ILE A 95 10.74 -1.83 -10.32
N ILE A 96 11.50 -2.23 -11.31
CA ILE A 96 12.43 -1.27 -11.97
C ILE A 96 11.63 -0.11 -12.56
N GLY A 97 10.60 -0.40 -13.31
CA GLY A 97 9.79 0.71 -13.91
C GLY A 97 9.20 1.57 -12.80
N ASN A 98 8.77 0.96 -11.72
CA ASN A 98 8.19 1.75 -10.61
C ASN A 98 9.24 2.74 -10.10
N ALA A 99 10.47 2.34 -10.04
CA ALA A 99 11.53 3.26 -9.56
C ALA A 99 11.74 4.38 -10.58
N ARG A 100 11.81 4.02 -11.84
CA ARG A 100 12.01 5.06 -12.88
C ARG A 100 10.81 5.99 -12.92
N ALA A 101 9.62 5.45 -12.80
CA ALA A 101 8.41 6.31 -12.81
C ALA A 101 8.37 7.12 -11.52
N TYR A 102 8.74 6.52 -10.42
CA TYR A 102 8.73 7.25 -9.13
C TYR A 102 9.76 8.38 -9.17
N LEU A 103 10.92 8.11 -9.67
CA LEU A 103 11.98 9.16 -9.73
C LEU A 103 11.52 10.31 -10.64
N GLN A 104 10.91 10.00 -11.75
CA GLN A 104 10.45 11.08 -12.68
C GLN A 104 9.39 11.94 -11.99
N MET A 105 8.49 11.33 -11.28
CA MET A 105 7.43 12.13 -10.59
C MET A 105 8.06 13.05 -9.55
N GLU A 106 9.07 12.58 -8.87
CA GLU A 106 9.74 13.44 -7.84
C GLU A 106 10.37 14.65 -8.52
N GLN A 107 10.78 14.53 -9.74
CA GLN A 107 11.41 15.69 -10.43
C GLN A 107 10.47 16.88 -10.34
N ASN A 108 9.19 16.63 -10.35
CA ASN A 108 8.22 17.76 -10.26
C ASN A 108 8.15 18.25 -8.81
N GLY A 109 8.59 17.45 -7.88
CA GLY A 109 8.56 17.88 -6.45
C GLY A 109 7.15 17.63 -5.88
N GLU A 110 6.41 16.74 -6.48
CA GLU A 110 5.04 16.45 -5.98
C GLU A 110 4.93 14.96 -5.63
N PRO A 111 5.35 14.60 -4.45
CA PRO A 111 5.31 13.18 -3.98
C PRO A 111 3.88 12.61 -3.96
N PHE A 112 3.75 11.33 -4.12
CA PHE A 112 2.39 10.71 -4.10
C PHE A 112 1.69 11.09 -2.81
N ALA A 113 2.41 11.11 -1.73
CA ALA A 113 1.79 11.47 -0.42
C ALA A 113 1.12 12.84 -0.55
N ASP A 114 1.81 13.79 -1.12
CA ASP A 114 1.20 15.14 -1.28
C ASP A 114 0.07 15.06 -2.32
N PHE A 115 0.25 14.25 -3.33
CA PHE A 115 -0.77 14.13 -4.40
C PHE A 115 -2.02 13.41 -3.87
N VAL A 116 -1.86 12.26 -3.27
CA VAL A 116 -3.06 11.53 -2.75
C VAL A 116 -3.82 12.42 -1.77
N TRP A 117 -3.11 13.10 -0.91
CA TRP A 117 -3.81 14.00 0.07
C TRP A 117 -4.53 15.10 -0.70
N SER A 118 -4.02 15.50 -1.83
CA SER A 118 -4.68 16.57 -2.62
C SER A 118 -6.06 16.11 -3.09
N PHE A 119 -6.22 14.83 -3.34
CA PHE A 119 -7.55 14.35 -3.82
C PHE A 119 -8.65 14.68 -2.81
N VAL A 120 -8.37 14.55 -1.55
CA VAL A 120 -9.42 14.86 -0.53
C VAL A 120 -9.22 16.28 -0.02
N ASN A 121 -8.42 17.07 -0.70
CA ASN A 121 -8.20 18.48 -0.27
C ASN A 121 -7.71 18.52 1.18
N HIS A 122 -6.86 17.61 1.54
CA HIS A 122 -6.32 17.59 2.93
C HIS A 122 -7.48 17.45 3.93
N GLN A 123 -8.51 16.72 3.56
CA GLN A 123 -9.67 16.54 4.48
C GLN A 123 -9.85 15.04 4.76
N PRO A 124 -9.16 14.53 5.76
CA PRO A 124 -9.24 13.09 6.13
C PRO A 124 -10.68 12.61 6.29
N GLN A 125 -10.95 11.38 5.95
CA GLN A 125 -12.34 10.85 6.06
C GLN A 125 -12.39 9.75 7.12
N MET A 126 -13.53 9.55 7.73
CA MET A 126 -13.66 8.49 8.77
C MET A 126 -14.95 7.72 8.52
N THR A 127 -15.03 6.49 8.97
CA THR A 127 -16.28 5.69 8.74
C THR A 127 -16.87 5.24 10.09
N GLN A 128 -18.14 4.95 10.09
CA GLN A 128 -18.81 4.48 11.34
C GLN A 128 -19.67 3.27 10.97
N ALA A 129 -19.05 2.25 10.46
CA ALA A 129 -19.80 1.04 10.03
C ALA A 129 -19.83 0.00 11.16
N THR A 130 -20.95 -0.67 11.32
CA THR A 130 -21.04 -1.71 12.38
C THR A 130 -20.22 -2.92 11.94
N THR A 131 -20.23 -3.21 10.66
CA THR A 131 -19.46 -4.37 10.14
C THR A 131 -18.71 -3.96 8.88
N LEU A 132 -17.89 -4.83 8.37
CA LEU A 132 -17.10 -4.52 7.15
C LEU A 132 -18.02 -4.35 5.93
N SER A 133 -19.12 -5.07 5.90
CA SER A 133 -20.04 -4.96 4.71
C SER A 133 -20.53 -3.51 4.53
N GLU A 134 -20.79 -2.81 5.60
CA GLU A 134 -21.29 -1.42 5.45
C GLU A 134 -20.20 -0.52 4.86
N ILE A 135 -18.95 -0.84 5.11
CA ILE A 135 -17.85 0.00 4.57
C ILE A 135 -17.73 -0.21 3.04
N PRO A 136 -17.82 0.85 2.25
CA PRO A 136 -17.69 0.74 0.77
C PRO A 136 -16.22 0.63 0.34
N THR A 137 -15.93 -0.23 -0.59
CA THR A 137 -14.52 -0.37 -1.05
C THR A 137 -14.31 0.49 -2.29
N SER A 138 -15.35 1.07 -2.81
CA SER A 138 -15.21 1.93 -4.02
C SER A 138 -15.67 3.34 -3.71
N THR A 139 -14.76 4.24 -3.43
CA THR A 139 -15.15 5.65 -3.12
C THR A 139 -14.73 6.54 -4.30
N PRO A 140 -15.41 7.64 -4.52
CA PRO A 140 -15.08 8.57 -5.63
C PRO A 140 -13.58 8.94 -5.65
N ALA A 141 -12.98 9.11 -4.51
CA ALA A 141 -11.53 9.48 -4.48
C ALA A 141 -10.68 8.29 -4.93
N SER A 142 -11.01 7.11 -4.48
CA SER A 142 -10.19 5.92 -4.88
C SER A 142 -10.23 5.74 -6.39
N ASP A 143 -11.37 5.91 -7.00
CA ASP A 143 -11.46 5.75 -8.47
C ASP A 143 -10.60 6.79 -9.17
N ALA A 144 -10.65 8.02 -8.73
CA ALA A 144 -9.84 9.09 -9.38
C ALA A 144 -8.35 8.83 -9.11
N LEU A 145 -8.02 8.40 -7.93
CA LEU A 145 -6.59 8.15 -7.60
C LEU A 145 -6.02 7.03 -8.47
N SER A 146 -6.77 5.98 -8.69
CA SER A 146 -6.25 4.87 -9.53
C SER A 146 -5.99 5.37 -10.95
N LYS A 147 -6.85 6.22 -11.44
CA LYS A 147 -6.65 6.76 -12.82
C LYS A 147 -5.37 7.58 -12.88
N ALA A 148 -5.11 8.34 -11.85
CA ALA A 148 -3.87 9.20 -11.84
C ALA A 148 -2.63 8.33 -11.89
N LEU A 149 -2.57 7.29 -11.11
CA LEU A 149 -1.36 6.40 -11.13
C LEU A 149 -1.21 5.78 -12.51
N LYS A 150 -2.29 5.40 -13.12
CA LYS A 150 -2.20 4.78 -14.47
C LYS A 150 -1.53 5.76 -15.44
N LYS A 151 -1.88 7.02 -15.34
CA LYS A 151 -1.27 8.04 -16.26
C LYS A 151 0.24 8.11 -16.06
N ARG A 152 0.70 8.03 -14.84
CA ARG A 152 2.17 8.10 -14.59
C ARG A 152 2.86 6.90 -15.23
N GLY A 153 2.13 5.85 -15.50
CA GLY A 153 2.74 4.64 -16.12
C GLY A 153 2.81 3.51 -15.10
N PHE A 154 2.13 3.66 -14.00
CA PHE A 154 2.14 2.58 -12.97
C PHE A 154 1.07 1.54 -13.29
N LYS A 155 1.43 0.28 -13.28
CA LYS A 155 0.43 -0.78 -13.59
C LYS A 155 -0.02 -1.42 -12.28
N PHE A 156 -0.96 -2.32 -12.34
CA PHE A 156 -1.45 -2.99 -11.09
C PHE A 156 -2.04 -1.93 -10.15
N VAL A 157 -2.88 -1.08 -10.66
CA VAL A 157 -3.50 -0.02 -9.80
C VAL A 157 -5.00 -0.27 -9.70
N GLY A 158 -5.42 -1.50 -9.88
CA GLY A 158 -6.88 -1.81 -9.78
C GLY A 158 -7.47 -1.11 -8.57
N THR A 159 -8.76 -0.92 -8.57
CA THR A 159 -9.41 -0.23 -7.41
C THR A 159 -9.10 -1.00 -6.12
N THR A 160 -8.90 -2.29 -6.20
CA THR A 160 -8.62 -3.07 -4.97
C THR A 160 -7.26 -2.66 -4.39
N ILE A 161 -6.26 -2.60 -5.22
CA ILE A 161 -4.92 -2.20 -4.71
C ILE A 161 -4.96 -0.73 -4.29
N CYS A 162 -5.71 0.07 -4.98
CA CYS A 162 -5.79 1.50 -4.60
C CYS A 162 -6.53 1.62 -3.27
N TYR A 163 -7.63 0.93 -3.13
CA TYR A 163 -8.39 1.00 -1.86
C TYR A 163 -7.52 0.50 -0.71
N SER A 164 -6.81 -0.57 -0.91
CA SER A 164 -5.93 -1.09 0.17
C SER A 164 -4.90 -0.02 0.53
N PHE A 165 -4.39 0.66 -0.45
CA PHE A 165 -3.40 1.73 -0.19
C PHE A 165 -4.04 2.82 0.69
N MET A 166 -5.27 3.15 0.44
CA MET A 166 -5.93 4.20 1.27
C MET A 166 -6.01 3.72 2.72
N GLN A 167 -6.29 2.45 2.91
CA GLN A 167 -6.38 1.91 4.28
C GLN A 167 -5.02 2.05 4.98
N ALA A 168 -3.97 1.73 4.30
CA ALA A 168 -2.62 1.83 4.91
C ALA A 168 -2.19 3.30 4.98
N CYS A 169 -2.51 4.07 3.98
CA CYS A 169 -2.12 5.51 3.99
C CYS A 169 -2.77 6.21 5.18
N GLY A 170 -3.97 5.86 5.50
CA GLY A 170 -4.66 6.51 6.65
C GLY A 170 -5.55 7.64 6.14
N LEU A 171 -5.64 7.81 4.85
CA LEU A 171 -6.50 8.88 4.28
C LEU A 171 -7.93 8.68 4.78
N VAL A 172 -8.33 7.45 4.93
CA VAL A 172 -9.70 7.16 5.42
C VAL A 172 -9.61 6.18 6.59
N ASN A 173 -10.41 6.34 7.60
CA ASN A 173 -10.34 5.40 8.75
C ASN A 173 -11.32 4.24 8.53
N ASP A 174 -10.81 3.10 8.18
CA ASP A 174 -11.68 1.92 7.94
C ASP A 174 -11.47 0.89 9.06
N HIS A 175 -12.24 0.98 10.10
CA HIS A 175 -12.11 0.00 11.23
C HIS A 175 -13.52 -0.47 11.58
N VAL A 176 -13.96 -0.21 12.78
CA VAL A 176 -15.34 -0.60 13.16
C VAL A 176 -15.94 0.49 14.04
N VAL A 177 -17.23 0.62 14.07
CA VAL A 177 -17.85 1.69 14.90
C VAL A 177 -17.19 1.73 16.28
N GLY A 178 -16.81 0.59 16.80
CA GLY A 178 -16.17 0.57 18.16
C GLY A 178 -14.86 -0.21 18.10
N CYS A 179 -13.80 0.41 17.66
CA CYS A 179 -12.48 -0.28 17.61
C CYS A 179 -11.61 0.24 18.75
N CYS A 180 -10.64 -0.53 19.18
CA CYS A 180 -9.78 -0.05 20.30
C CYS A 180 -9.13 1.27 19.90
N CYS A 181 -8.65 1.37 18.70
CA CYS A 181 -8.01 2.63 18.24
C CYS A 181 -9.08 3.68 17.93
N TYR A 182 -10.21 3.25 17.43
CA TYR A 182 -11.29 4.22 17.08
C TYR A 182 -12.59 3.85 17.81
N PRO A 183 -12.73 4.27 19.04
CA PRO A 183 -13.94 3.98 19.87
C PRO A 183 -15.09 4.94 19.53
N GLY A 184 -14.91 6.19 19.78
CA GLY A 184 -15.99 7.18 19.49
C GLY A 184 -17.10 7.00 20.51
N ASN A 185 -17.09 5.92 21.23
CA ASN A 185 -18.14 5.70 22.26
C ASN A 185 -17.65 6.26 23.59
N LYS A 186 -16.47 6.81 23.57
CA LYS A 186 -15.89 7.39 24.82
C LYS A 186 -15.14 8.69 24.47
N PRO A 187 -14.95 9.54 25.45
CA PRO A 187 -14.24 10.84 25.25
C PRO A 187 -12.74 10.65 25.03
ZN ZN B . -9.33 -1.19 14.37
N MET A 1 -16.47 -2.93 24.91
CA MET A 1 -15.17 -2.89 24.18
C MET A 1 -15.24 -3.80 22.96
N GLU A 2 -15.32 -3.23 21.78
CA GLU A 2 -15.40 -4.06 20.55
C GLU A 2 -14.08 -3.97 19.78
N ARG A 3 -13.82 -4.89 18.89
CA ARG A 3 -12.56 -4.86 18.11
C ARG A 3 -12.83 -5.35 16.69
N CYS A 4 -11.99 -5.00 15.76
CA CYS A 4 -12.21 -5.46 14.36
C CYS A 4 -12.22 -6.99 14.34
N GLY A 5 -13.12 -7.57 13.60
CA GLY A 5 -13.19 -9.07 13.56
C GLY A 5 -12.68 -9.62 12.23
N TRP A 6 -12.61 -8.81 11.21
CA TRP A 6 -12.13 -9.33 9.89
C TRP A 6 -10.77 -10.01 10.09
N VAL A 7 -10.00 -9.57 11.06
CA VAL A 7 -8.67 -10.20 11.28
C VAL A 7 -8.84 -11.72 11.41
N SER A 8 -8.04 -12.48 10.73
CA SER A 8 -8.15 -13.96 10.80
C SER A 8 -7.62 -14.45 12.14
N GLN A 9 -7.81 -15.70 12.46
CA GLN A 9 -7.32 -16.24 13.75
C GLN A 9 -5.81 -16.01 13.87
N ASP A 10 -5.12 -15.98 12.77
CA ASP A 10 -3.64 -15.76 12.84
C ASP A 10 -3.34 -14.54 13.72
N PRO A 11 -2.40 -14.63 14.63
CA PRO A 11 -2.05 -13.50 15.54
C PRO A 11 -1.33 -12.37 14.82
N LEU A 12 -0.64 -12.65 13.75
CA LEU A 12 0.08 -11.58 13.02
C LEU A 12 -0.95 -10.57 12.48
N TYR A 13 -2.09 -11.04 12.06
CA TYR A 13 -3.13 -10.10 11.55
C TYR A 13 -3.46 -9.08 12.64
N ILE A 14 -3.86 -9.55 13.80
CA ILE A 14 -4.19 -8.61 14.90
C ILE A 14 -2.95 -7.83 15.34
N ALA A 15 -1.81 -8.46 15.34
CA ALA A 15 -0.58 -7.73 15.75
C ALA A 15 -0.40 -6.53 14.82
N TYR A 16 -0.59 -6.73 13.55
CA TYR A 16 -0.45 -5.61 12.58
C TYR A 16 -1.56 -4.59 12.85
N HIS A 17 -2.74 -5.07 13.14
CA HIS A 17 -3.88 -4.15 13.43
C HIS A 17 -3.54 -3.27 14.64
N ASP A 18 -3.15 -3.88 15.71
CA ASP A 18 -2.80 -3.09 16.93
C ASP A 18 -1.50 -2.32 16.71
N ASN A 19 -0.58 -2.87 15.98
CA ASN A 19 0.71 -2.17 15.75
C ASN A 19 0.51 -0.98 14.81
N GLU A 20 0.27 -1.23 13.56
CA GLU A 20 0.06 -0.11 12.60
C GLU A 20 -1.02 -0.48 11.59
N TRP A 21 -2.10 0.25 11.54
CA TRP A 21 -3.18 -0.08 10.56
C TRP A 21 -4.28 0.98 10.63
N GLY A 22 -4.32 1.87 9.67
CA GLY A 22 -5.36 2.93 9.67
C GLY A 22 -4.78 4.23 10.22
N VAL A 23 -3.63 4.18 10.83
CA VAL A 23 -3.03 5.42 11.37
C VAL A 23 -2.49 6.24 10.19
N PRO A 24 -2.68 7.54 10.20
CA PRO A 24 -2.19 8.40 9.08
C PRO A 24 -0.68 8.39 8.94
N GLU A 25 -0.19 8.20 7.74
CA GLU A 25 1.29 8.16 7.53
C GLU A 25 1.68 9.38 6.70
N THR A 26 2.72 10.05 7.08
CA THR A 26 3.17 11.25 6.32
C THR A 26 4.54 10.97 5.70
N ASP A 27 5.01 9.76 5.82
CA ASP A 27 6.33 9.43 5.23
C ASP A 27 6.15 9.05 3.78
N SER A 28 6.70 9.83 2.90
CA SER A 28 6.57 9.51 1.45
C SER A 28 7.30 8.21 1.13
N LYS A 29 8.40 7.96 1.78
CA LYS A 29 9.16 6.71 1.50
C LYS A 29 8.30 5.48 1.80
N LYS A 30 7.60 5.48 2.91
CA LYS A 30 6.75 4.28 3.23
C LYS A 30 5.66 4.13 2.17
N LEU A 31 5.10 5.21 1.70
CA LEU A 31 4.04 5.11 0.67
C LEU A 31 4.60 4.52 -0.62
N PHE A 32 5.80 4.89 -0.98
CA PHE A 32 6.38 4.33 -2.24
C PHE A 32 6.42 2.80 -2.11
N GLU A 33 6.97 2.31 -1.04
CA GLU A 33 7.05 0.84 -0.84
C GLU A 33 5.65 0.27 -0.70
N MET A 34 4.75 1.00 -0.12
CA MET A 34 3.36 0.50 0.05
C MET A 34 2.75 0.18 -1.31
N ILE A 35 2.83 1.09 -2.25
CA ILE A 35 2.24 0.81 -3.59
C ILE A 35 2.91 -0.42 -4.19
N CYS A 36 4.20 -0.55 -4.03
CA CYS A 36 4.90 -1.73 -4.61
C CYS A 36 4.30 -3.01 -4.01
N LEU A 37 4.13 -3.04 -2.72
CA LEU A 37 3.55 -4.26 -2.08
C LEU A 37 2.05 -4.35 -2.36
N GLU A 38 1.33 -3.26 -2.28
CA GLU A 38 -0.13 -3.32 -2.54
C GLU A 38 -0.38 -3.83 -3.95
N GLY A 39 0.41 -3.42 -4.90
CA GLY A 39 0.20 -3.88 -6.30
C GLY A 39 0.39 -5.41 -6.34
N GLN A 40 1.39 -5.89 -5.67
CA GLN A 40 1.65 -7.36 -5.67
C GLN A 40 0.51 -8.09 -4.96
N GLN A 41 -0.09 -7.49 -3.96
CA GLN A 41 -1.19 -8.18 -3.23
C GLN A 41 -2.22 -8.71 -4.23
N ALA A 42 -2.37 -8.06 -5.35
CA ALA A 42 -3.37 -8.53 -6.36
C ALA A 42 -3.23 -10.04 -6.57
N GLY A 43 -4.20 -10.80 -6.12
CA GLY A 43 -4.13 -12.27 -6.29
C GLY A 43 -3.55 -12.93 -5.04
N LEU A 44 -2.58 -12.29 -4.43
CA LEU A 44 -1.97 -12.86 -3.21
C LEU A 44 -2.89 -12.62 -2.01
N SER A 45 -2.37 -12.79 -0.82
CA SER A 45 -3.20 -12.56 0.39
C SER A 45 -2.54 -11.51 1.28
N TRP A 46 -3.31 -10.82 2.07
CA TRP A 46 -2.72 -9.76 2.95
C TRP A 46 -1.66 -10.37 3.87
N ILE A 47 -1.93 -11.53 4.41
CA ILE A 47 -0.94 -12.15 5.34
C ILE A 47 0.37 -12.43 4.60
N THR A 48 0.30 -12.89 3.38
CA THR A 48 1.54 -13.18 2.62
C THR A 48 2.29 -11.88 2.34
N VAL A 49 1.56 -10.83 2.04
CA VAL A 49 2.20 -9.53 1.74
C VAL A 49 2.93 -8.98 2.98
N LEU A 50 2.32 -9.04 4.13
CA LEU A 50 3.01 -8.49 5.34
C LEU A 50 4.30 -9.28 5.63
N LYS A 51 4.21 -10.57 5.74
CA LYS A 51 5.43 -11.37 6.00
C LYS A 51 6.40 -11.12 4.86
N LYS A 52 5.90 -11.13 3.65
CA LYS A 52 6.75 -10.88 2.47
C LYS A 52 7.28 -9.45 2.53
N ARG A 53 6.52 -8.55 3.07
CA ARG A 53 6.99 -7.12 3.13
C ARG A 53 8.36 -7.07 3.79
N GLU A 54 8.56 -7.79 4.86
CA GLU A 54 9.89 -7.74 5.52
C GLU A 54 10.93 -8.45 4.62
N ASN A 55 10.58 -9.59 4.10
CA ASN A 55 11.53 -10.32 3.20
C ASN A 55 11.74 -9.49 1.93
N TYR A 56 10.71 -8.87 1.45
CA TYR A 56 10.83 -8.04 0.23
C TYR A 56 11.87 -6.96 0.45
N ARG A 57 11.87 -6.35 1.59
CA ARG A 57 12.87 -5.30 1.87
C ARG A 57 14.27 -5.87 1.71
N ALA A 58 14.49 -7.07 2.18
CA ALA A 58 15.84 -7.67 2.06
C ALA A 58 16.18 -7.92 0.58
N CYS A 59 15.19 -8.02 -0.26
CA CYS A 59 15.48 -8.31 -1.70
C CYS A 59 15.66 -7.03 -2.54
N PHE A 60 14.81 -6.05 -2.39
CA PHE A 60 14.95 -4.83 -3.25
C PHE A 60 15.32 -3.57 -2.44
N HIS A 61 15.14 -3.55 -1.14
CA HIS A 61 15.51 -2.32 -0.38
C HIS A 61 16.98 -2.01 -0.61
N GLN A 62 17.80 -3.03 -0.64
CA GLN A 62 19.25 -2.81 -0.88
C GLN A 62 19.41 -2.12 -2.23
N PHE A 63 18.53 -2.44 -3.14
CA PHE A 63 18.59 -1.81 -4.49
C PHE A 63 17.53 -0.72 -4.56
N ASP A 64 17.72 0.34 -3.81
CA ASP A 64 16.74 1.46 -3.79
C ASP A 64 16.14 1.68 -5.18
N PRO A 65 15.02 2.37 -5.24
CA PRO A 65 14.32 2.64 -6.52
C PRO A 65 15.26 3.00 -7.68
N VAL A 66 16.11 3.97 -7.48
CA VAL A 66 17.04 4.36 -8.58
C VAL A 66 17.91 3.18 -8.99
N LYS A 67 18.37 2.41 -8.04
CA LYS A 67 19.23 1.24 -8.36
C LYS A 67 18.49 0.21 -9.23
N VAL A 68 17.25 -0.06 -8.94
CA VAL A 68 16.52 -1.07 -9.78
C VAL A 68 16.17 -0.44 -11.14
N ALA A 69 15.89 0.83 -11.16
CA ALA A 69 15.54 1.47 -12.44
C ALA A 69 16.76 1.39 -13.37
N ALA A 70 17.92 1.26 -12.80
CA ALA A 70 19.15 1.18 -13.62
C ALA A 70 19.77 -0.23 -13.55
N MET A 71 19.02 -1.22 -13.15
CA MET A 71 19.62 -2.59 -13.07
C MET A 71 19.51 -3.27 -14.45
N GLN A 72 20.01 -4.46 -14.57
CA GLN A 72 19.96 -5.17 -15.88
C GLN A 72 18.96 -6.34 -15.81
N GLU A 73 18.42 -6.73 -16.92
CA GLU A 73 17.46 -7.87 -16.91
C GLU A 73 18.16 -9.10 -16.32
N GLU A 74 19.43 -9.22 -16.53
CA GLU A 74 20.16 -10.39 -15.97
C GLU A 74 20.03 -10.37 -14.45
N ASP A 75 20.02 -9.21 -13.86
CA ASP A 75 19.88 -9.12 -12.38
C ASP A 75 18.54 -9.71 -11.97
N VAL A 76 17.52 -9.47 -12.76
CA VAL A 76 16.17 -10.01 -12.43
C VAL A 76 16.22 -11.54 -12.36
N GLU A 77 16.91 -12.14 -13.29
CA GLU A 77 17.00 -13.63 -13.28
C GLU A 77 17.71 -14.09 -12.02
N ARG A 78 18.68 -13.33 -11.56
CA ARG A 78 19.40 -13.72 -10.31
C ARG A 78 18.41 -13.84 -9.15
N LEU A 79 17.51 -12.89 -9.03
CA LEU A 79 16.51 -12.96 -7.93
C LEU A 79 15.56 -14.12 -8.17
N VAL A 80 15.27 -14.42 -9.41
CA VAL A 80 14.34 -15.56 -9.69
C VAL A 80 14.88 -16.82 -9.01
N GLN A 81 16.17 -16.98 -8.99
CA GLN A 81 16.75 -18.19 -8.34
C GLN A 81 16.69 -18.02 -6.83
N ASP A 82 17.27 -16.97 -6.32
CA ASP A 82 17.24 -16.72 -4.85
C ASP A 82 16.14 -15.70 -4.56
N ALA A 83 15.25 -16.00 -3.65
CA ALA A 83 14.17 -15.04 -3.33
C ALA A 83 13.05 -15.75 -2.56
N GLY A 84 13.21 -15.90 -1.29
CA GLY A 84 12.16 -16.58 -0.48
C GLY A 84 10.80 -15.92 -0.77
N ILE A 85 10.81 -14.67 -1.15
CA ILE A 85 9.53 -13.97 -1.46
C ILE A 85 8.78 -14.72 -2.57
N ILE A 86 8.06 -14.01 -3.39
CA ILE A 86 7.30 -14.69 -4.49
C ILE A 86 8.22 -14.93 -5.68
N ARG A 87 8.05 -16.03 -6.37
CA ARG A 87 8.93 -16.33 -7.53
C ARG A 87 8.17 -16.07 -8.84
N HIS A 88 8.61 -15.10 -9.60
CA HIS A 88 7.92 -14.80 -10.89
C HIS A 88 8.67 -13.65 -11.58
N ARG A 89 9.48 -13.95 -12.56
CA ARG A 89 10.23 -12.88 -13.26
C ARG A 89 9.26 -11.80 -13.73
N GLY A 90 8.05 -12.17 -14.05
CA GLY A 90 7.05 -11.17 -14.52
C GLY A 90 6.77 -10.16 -13.40
N LYS A 91 6.53 -10.62 -12.21
CA LYS A 91 6.25 -9.69 -11.08
C LYS A 91 7.46 -8.78 -10.84
N ILE A 92 8.64 -9.33 -10.88
CA ILE A 92 9.85 -8.50 -10.66
C ILE A 92 9.94 -7.44 -11.75
N GLN A 93 9.59 -7.81 -12.95
CA GLN A 93 9.65 -6.82 -14.07
C GLN A 93 8.82 -5.60 -13.71
N ALA A 94 7.70 -5.80 -13.07
CA ALA A 94 6.83 -4.65 -12.68
C ALA A 94 7.58 -3.80 -11.65
N ILE A 95 8.31 -4.42 -10.77
CA ILE A 95 9.05 -3.64 -9.73
C ILE A 95 10.01 -2.65 -10.41
N ILE A 96 10.74 -3.11 -11.39
CA ILE A 96 11.68 -2.19 -12.09
C ILE A 96 10.90 -1.01 -12.69
N GLY A 97 9.76 -1.29 -13.26
CA GLY A 97 8.94 -0.20 -13.85
C GLY A 97 8.51 0.79 -12.76
N ASN A 98 8.26 0.31 -11.57
CA ASN A 98 7.84 1.23 -10.48
C ASN A 98 8.92 2.28 -10.24
N ALA A 99 10.15 1.88 -10.22
CA ALA A 99 11.25 2.86 -9.97
C ALA A 99 11.32 3.83 -11.14
N ARG A 100 11.28 3.35 -12.34
CA ARG A 100 11.35 4.25 -13.51
C ARG A 100 10.17 5.22 -13.45
N ALA A 101 9.01 4.74 -13.14
CA ALA A 101 7.83 5.62 -13.04
C ALA A 101 7.99 6.53 -11.82
N TYR A 102 8.61 6.02 -10.78
CA TYR A 102 8.81 6.83 -9.56
C TYR A 102 9.62 8.09 -9.90
N LEU A 103 10.65 7.94 -10.69
CA LEU A 103 11.47 9.12 -11.06
C LEU A 103 10.65 10.08 -11.92
N GLN A 104 9.81 9.56 -12.78
CA GLN A 104 8.99 10.46 -13.65
C GLN A 104 8.14 11.38 -12.76
N MET A 105 7.50 10.85 -11.76
CA MET A 105 6.67 11.71 -10.87
C MET A 105 7.59 12.62 -10.05
N GLU A 106 8.64 12.07 -9.52
CA GLU A 106 9.58 12.90 -8.71
C GLU A 106 10.26 13.93 -9.62
N GLN A 107 10.40 13.63 -10.87
CA GLN A 107 11.07 14.59 -11.80
C GLN A 107 10.39 15.96 -11.67
N ASN A 108 9.10 15.97 -11.46
CA ASN A 108 8.39 17.27 -11.31
C ASN A 108 8.45 17.73 -9.86
N GLY A 109 9.10 16.98 -9.01
CA GLY A 109 9.20 17.39 -7.58
C GLY A 109 7.84 17.24 -6.90
N GLU A 110 7.07 16.26 -7.30
CA GLU A 110 5.73 16.06 -6.69
C GLU A 110 5.62 14.65 -6.11
N PRO A 111 6.07 14.46 -4.90
CA PRO A 111 6.03 13.13 -4.22
C PRO A 111 4.60 12.60 -4.11
N PHE A 112 4.44 11.30 -4.20
CA PHE A 112 3.07 10.72 -4.10
C PHE A 112 2.45 11.13 -2.76
N ALA A 113 3.23 11.13 -1.72
CA ALA A 113 2.70 11.51 -0.39
C ALA A 113 2.14 12.93 -0.44
N ASP A 114 2.87 13.85 -0.99
CA ASP A 114 2.36 15.25 -1.08
C ASP A 114 1.21 15.30 -2.09
N PHE A 115 1.37 14.63 -3.20
CA PHE A 115 0.30 14.63 -4.24
C PHE A 115 -0.97 13.98 -3.70
N VAL A 116 -0.84 12.88 -3.00
CA VAL A 116 -2.04 12.20 -2.46
C VAL A 116 -2.79 13.13 -1.51
N TRP A 117 -2.11 13.80 -0.63
CA TRP A 117 -2.81 14.71 0.31
C TRP A 117 -3.63 15.73 -0.48
N SER A 118 -3.10 16.21 -1.58
CA SER A 118 -3.85 17.22 -2.38
C SER A 118 -5.17 16.63 -2.87
N PHE A 119 -5.19 15.36 -3.21
CA PHE A 119 -6.46 14.74 -3.69
C PHE A 119 -7.52 14.78 -2.61
N VAL A 120 -7.13 14.75 -1.36
CA VAL A 120 -8.14 14.80 -0.26
C VAL A 120 -8.18 16.19 0.34
N ASN A 121 -7.74 17.19 -0.41
CA ASN A 121 -7.76 18.57 0.13
C ASN A 121 -6.87 18.66 1.37
N HIS A 122 -5.83 17.88 1.40
CA HIS A 122 -4.90 17.91 2.57
C HIS A 122 -5.71 17.74 3.87
N GLN A 123 -6.95 17.37 3.77
CA GLN A 123 -7.78 17.18 4.99
C GLN A 123 -8.07 15.68 5.20
N PRO A 124 -7.92 15.17 6.41
CA PRO A 124 -8.18 13.74 6.70
C PRO A 124 -9.66 13.39 6.67
N GLN A 125 -10.00 12.18 6.32
CA GLN A 125 -11.43 11.78 6.26
C GLN A 125 -11.72 10.75 7.36
N MET A 126 -12.92 10.77 7.89
CA MET A 126 -13.28 9.80 8.97
C MET A 126 -14.54 9.03 8.57
N THR A 127 -14.64 7.78 8.98
CA THR A 127 -15.85 6.98 8.64
C THR A 127 -16.36 6.32 9.91
N GLN A 128 -17.64 6.09 10.00
CA GLN A 128 -18.20 5.43 11.21
C GLN A 128 -19.10 4.28 10.76
N ALA A 129 -18.57 3.41 9.95
CA ALA A 129 -19.38 2.26 9.46
C ALA A 129 -19.73 1.35 10.64
N THR A 130 -20.98 1.00 10.77
CA THR A 130 -21.39 0.12 11.91
C THR A 130 -20.71 -1.24 11.75
N THR A 131 -20.61 -1.71 10.54
CA THR A 131 -19.97 -3.03 10.30
C THR A 131 -19.00 -2.95 9.12
N LEU A 132 -18.27 -3.99 8.90
CA LEU A 132 -17.30 -3.98 7.76
C LEU A 132 -18.04 -3.77 6.44
N SER A 133 -19.23 -4.29 6.32
CA SER A 133 -20.00 -4.13 5.06
C SER A 133 -20.26 -2.64 4.78
N GLU A 134 -20.53 -1.87 5.79
CA GLU A 134 -20.79 -0.42 5.57
C GLU A 134 -19.52 0.28 5.05
N ILE A 135 -18.37 -0.29 5.26
CA ILE A 135 -17.13 0.37 4.78
C ILE A 135 -17.13 0.37 3.24
N PRO A 136 -17.09 1.53 2.61
CA PRO A 136 -17.09 1.64 1.13
C PRO A 136 -15.72 1.34 0.53
N THR A 137 -15.67 0.62 -0.55
CA THR A 137 -14.36 0.29 -1.19
C THR A 137 -14.19 1.18 -2.42
N SER A 138 -15.14 2.03 -2.69
CA SER A 138 -15.04 2.92 -3.88
C SER A 138 -15.38 4.35 -3.47
N THR A 139 -14.39 5.13 -3.14
CA THR A 139 -14.66 6.55 -2.74
C THR A 139 -14.25 7.47 -3.89
N PRO A 140 -14.88 8.62 -4.00
CA PRO A 140 -14.54 9.59 -5.09
C PRO A 140 -13.02 9.81 -5.21
N ALA A 141 -12.35 9.88 -4.09
CA ALA A 141 -10.88 10.10 -4.14
C ALA A 141 -10.18 8.83 -4.63
N SER A 142 -10.66 7.69 -4.22
CA SER A 142 -10.01 6.42 -4.66
C SER A 142 -10.10 6.27 -6.18
N ASP A 143 -11.19 6.67 -6.77
CA ASP A 143 -11.31 6.55 -8.25
C ASP A 143 -10.27 7.44 -8.92
N ALA A 144 -10.15 8.65 -8.47
CA ALA A 144 -9.15 9.58 -9.07
C ALA A 144 -7.75 9.11 -8.69
N LEU A 145 -7.62 8.50 -7.55
CA LEU A 145 -6.27 8.04 -7.11
C LEU A 145 -5.72 7.06 -8.15
N SER A 146 -6.49 6.09 -8.55
CA SER A 146 -5.99 5.11 -9.55
C SER A 146 -5.73 5.83 -10.88
N LYS A 147 -6.53 6.79 -11.21
CA LYS A 147 -6.31 7.53 -12.49
C LYS A 147 -4.96 8.24 -12.45
N ALA A 148 -4.58 8.77 -11.32
CA ALA A 148 -3.29 9.49 -11.25
C ALA A 148 -2.12 8.53 -11.48
N LEU A 149 -2.06 7.45 -10.76
CA LEU A 149 -0.94 6.50 -10.97
C LEU A 149 -1.07 5.87 -12.35
N LYS A 150 -2.27 5.65 -12.81
CA LYS A 150 -2.45 5.06 -14.16
C LYS A 150 -1.79 5.95 -15.20
N LYS A 151 -1.93 7.24 -15.08
CA LYS A 151 -1.28 8.15 -16.07
C LYS A 151 0.23 7.94 -16.03
N ARG A 152 0.77 7.75 -14.86
CA ARG A 152 2.25 7.55 -14.75
C ARG A 152 2.63 6.25 -15.47
N GLY A 153 1.69 5.39 -15.68
CA GLY A 153 2.00 4.11 -16.37
C GLY A 153 2.14 2.98 -15.35
N PHE A 154 1.76 3.21 -14.12
CA PHE A 154 1.89 2.15 -13.10
C PHE A 154 0.95 0.99 -13.43
N LYS A 155 1.36 -0.21 -13.17
CA LYS A 155 0.50 -1.38 -13.47
C LYS A 155 -0.14 -1.90 -12.17
N PHE A 156 -1.19 -2.67 -12.29
CA PHE A 156 -1.87 -3.21 -11.07
C PHE A 156 -2.30 -2.06 -10.15
N VAL A 157 -3.03 -1.11 -10.68
CA VAL A 157 -3.50 0.04 -9.85
C VAL A 157 -5.03 0.03 -9.80
N GLY A 158 -5.63 -1.11 -10.01
CA GLY A 158 -7.12 -1.18 -9.97
C GLY A 158 -7.63 -0.38 -8.77
N THR A 159 -8.87 0.01 -8.81
CA THR A 159 -9.42 0.79 -7.66
C THR A 159 -9.22 0.01 -6.36
N THR A 160 -9.19 -1.29 -6.45
CA THR A 160 -8.99 -2.11 -5.21
C THR A 160 -7.58 -1.87 -4.67
N ILE A 161 -6.62 -1.73 -5.54
CA ILE A 161 -5.22 -1.50 -5.07
C ILE A 161 -5.14 -0.11 -4.43
N CYS A 162 -5.69 0.89 -5.07
CA CYS A 162 -5.64 2.25 -4.50
C CYS A 162 -6.36 2.26 -3.15
N TYR A 163 -7.45 1.56 -3.03
CA TYR A 163 -8.18 1.54 -1.74
C TYR A 163 -7.28 0.90 -0.67
N SER A 164 -6.60 -0.16 -1.01
CA SER A 164 -5.71 -0.81 -0.01
C SER A 164 -4.62 0.17 0.39
N PHE A 165 -4.18 0.97 -0.54
CA PHE A 165 -3.13 1.98 -0.24
C PHE A 165 -3.65 2.97 0.80
N MET A 166 -4.86 3.44 0.63
CA MET A 166 -5.43 4.40 1.59
C MET A 166 -5.60 3.74 2.96
N GLN A 167 -5.99 2.49 2.97
CA GLN A 167 -6.17 1.78 4.26
C GLN A 167 -4.84 1.69 5.01
N ALA A 168 -3.79 1.31 4.32
CA ALA A 168 -2.48 1.19 4.97
C ALA A 168 -1.95 2.58 5.33
N CYS A 169 -2.14 3.54 4.46
CA CYS A 169 -1.64 4.92 4.74
C CYS A 169 -2.40 5.50 5.94
N GLY A 170 -3.67 5.23 6.04
CA GLY A 170 -4.46 5.75 7.18
C GLY A 170 -5.09 7.10 6.82
N LEU A 171 -5.12 7.44 5.57
CA LEU A 171 -5.74 8.75 5.17
C LEU A 171 -7.17 8.77 5.68
N VAL A 172 -7.80 7.64 5.73
CA VAL A 172 -9.20 7.56 6.21
C VAL A 172 -9.25 6.77 7.51
N ASN A 173 -9.99 7.23 8.48
CA ASN A 173 -10.07 6.46 9.77
C ASN A 173 -11.11 5.37 9.60
N ASP A 174 -10.70 4.15 9.54
CA ASP A 174 -11.67 3.03 9.33
C ASP A 174 -11.61 2.06 10.51
N HIS A 175 -12.39 1.01 10.40
CA HIS A 175 -12.51 -0.07 11.45
C HIS A 175 -13.97 -0.18 11.84
N VAL A 176 -14.28 0.04 13.08
CA VAL A 176 -15.70 -0.03 13.51
C VAL A 176 -15.96 1.03 14.59
N VAL A 177 -17.18 1.46 14.72
CA VAL A 177 -17.51 2.50 15.73
C VAL A 177 -17.00 2.10 17.13
N GLY A 178 -17.04 0.84 17.47
CA GLY A 178 -16.57 0.41 18.83
C GLY A 178 -15.20 -0.27 18.78
N CYS A 179 -14.46 -0.15 17.71
CA CYS A 179 -13.12 -0.80 17.68
C CYS A 179 -12.17 -0.10 18.64
N CYS A 180 -12.49 -0.09 19.91
CA CYS A 180 -11.60 0.57 20.93
C CYS A 180 -10.92 1.80 20.32
N CYS A 181 -9.78 1.63 19.70
CA CYS A 181 -9.07 2.78 19.10
C CYS A 181 -10.08 3.71 18.42
N TYR A 182 -11.20 3.18 18.02
CA TYR A 182 -12.23 4.02 17.35
C TYR A 182 -13.34 4.35 18.37
N PRO A 183 -13.42 5.58 18.82
CA PRO A 183 -14.46 5.99 19.81
C PRO A 183 -15.80 6.31 19.13
N GLY A 184 -16.11 7.57 18.96
CA GLY A 184 -17.40 7.93 18.31
C GLY A 184 -18.55 7.64 19.28
N ASN A 185 -18.29 6.90 20.32
CA ASN A 185 -19.37 6.58 21.30
C ASN A 185 -19.48 7.73 22.30
N LYS A 186 -18.76 8.77 22.06
CA LYS A 186 -18.80 9.95 22.98
C LYS A 186 -19.13 11.22 22.18
N PRO A 187 -20.40 11.43 21.91
CA PRO A 187 -20.86 12.62 21.13
C PRO A 187 -20.28 13.93 21.68
ZN ZN B . -9.87 -1.88 14.31
N MET A 1 -15.09 -2.96 24.77
CA MET A 1 -14.16 -2.71 23.63
C MET A 1 -14.53 -3.62 22.44
N GLU A 2 -13.97 -3.35 21.30
CA GLU A 2 -14.29 -4.20 20.11
C GLU A 2 -13.02 -4.41 19.28
N ARG A 3 -12.96 -5.51 18.57
CA ARG A 3 -11.77 -5.80 17.72
C ARG A 3 -12.21 -6.00 16.27
N CYS A 4 -11.36 -5.71 15.33
CA CYS A 4 -11.75 -5.89 13.90
C CYS A 4 -10.53 -6.35 13.08
N GLY A 5 -10.60 -6.22 11.79
CA GLY A 5 -9.45 -6.65 10.93
C GLY A 5 -9.91 -7.81 10.05
N TRP A 6 -11.09 -8.30 10.29
CA TRP A 6 -11.60 -9.42 9.47
C TRP A 6 -10.50 -10.47 9.31
N VAL A 7 -9.48 -10.39 10.12
CA VAL A 7 -8.38 -11.37 10.03
C VAL A 7 -8.97 -12.78 9.90
N SER A 8 -8.67 -13.48 8.84
CA SER A 8 -9.23 -14.85 8.67
C SER A 8 -8.74 -15.75 9.80
N GLN A 9 -7.45 -15.96 9.89
CA GLN A 9 -6.92 -16.84 10.97
C GLN A 9 -5.38 -16.83 10.93
N ASP A 10 -4.77 -15.73 11.27
CA ASP A 10 -3.28 -15.67 11.25
C ASP A 10 -2.81 -14.57 12.21
N PRO A 11 -1.78 -14.82 12.99
CA PRO A 11 -1.26 -13.81 13.95
C PRO A 11 -0.60 -12.62 13.26
N LEU A 12 0.00 -12.83 12.11
CA LEU A 12 0.65 -11.70 11.39
C LEU A 12 -0.42 -10.67 11.02
N TYR A 13 -1.58 -11.12 10.64
CA TYR A 13 -2.66 -10.17 10.26
C TYR A 13 -3.07 -9.35 11.48
N ILE A 14 -3.32 -10.00 12.59
CA ILE A 14 -3.72 -9.27 13.82
C ILE A 14 -2.53 -8.49 14.40
N ALA A 15 -1.35 -9.04 14.35
CA ALA A 15 -0.18 -8.29 14.89
C ALA A 15 -0.02 -7.01 14.10
N TYR A 16 -0.08 -7.11 12.80
CA TYR A 16 0.05 -5.90 11.94
C TYR A 16 -1.15 -4.97 12.20
N HIS A 17 -2.30 -5.54 12.43
CA HIS A 17 -3.51 -4.71 12.69
C HIS A 17 -3.28 -3.77 13.87
N ASP A 18 -2.88 -4.31 15.00
CA ASP A 18 -2.65 -3.45 16.20
C ASP A 18 -1.40 -2.59 16.03
N ASN A 19 -0.33 -3.15 15.54
CA ASN A 19 0.92 -2.37 15.39
C ASN A 19 0.70 -1.17 14.45
N GLU A 20 -0.04 -1.36 13.39
CA GLU A 20 -0.29 -0.22 12.45
C GLU A 20 -1.60 -0.45 11.72
N TRP A 21 -1.58 -0.44 10.42
CA TRP A 21 -2.83 -0.68 9.64
C TRP A 21 -3.90 0.36 10.01
N GLY A 22 -3.97 1.44 9.27
CA GLY A 22 -4.97 2.49 9.58
C GLY A 22 -4.30 3.69 10.24
N VAL A 23 -3.04 3.56 10.60
CA VAL A 23 -2.34 4.72 11.24
C VAL A 23 -2.03 5.75 10.15
N PRO A 24 -2.19 7.03 10.44
CA PRO A 24 -1.93 8.10 9.43
C PRO A 24 -0.46 8.17 9.01
N GLU A 25 -0.20 8.09 7.74
CA GLU A 25 1.21 8.16 7.25
C GLU A 25 1.34 9.33 6.28
N THR A 26 2.33 10.16 6.48
CA THR A 26 2.52 11.33 5.57
C THR A 26 3.89 11.21 4.87
N ASP A 27 4.61 10.16 5.13
CA ASP A 27 5.94 9.99 4.48
C ASP A 27 5.74 9.47 3.05
N SER A 28 6.24 10.19 2.07
CA SER A 28 6.09 9.74 0.66
C SER A 28 6.79 8.39 0.47
N LYS A 29 7.92 8.20 1.10
CA LYS A 29 8.64 6.90 0.92
C LYS A 29 7.74 5.75 1.41
N LYS A 30 7.26 5.82 2.61
CA LYS A 30 6.39 4.74 3.13
C LYS A 30 5.08 4.71 2.32
N LEU A 31 4.53 5.85 2.03
CA LEU A 31 3.25 5.90 1.27
C LEU A 31 3.48 5.34 -0.14
N PHE A 32 4.56 5.73 -0.76
CA PHE A 32 4.85 5.23 -2.14
C PHE A 32 5.08 3.71 -2.12
N GLU A 33 5.90 3.24 -1.24
CA GLU A 33 6.18 1.77 -1.18
C GLU A 33 4.88 1.03 -0.88
N MET A 34 4.00 1.64 -0.15
CA MET A 34 2.72 0.98 0.20
C MET A 34 1.93 0.70 -1.08
N ILE A 35 1.90 1.62 -2.00
CA ILE A 35 1.13 1.39 -3.27
C ILE A 35 1.80 0.28 -4.08
N CYS A 36 3.09 0.33 -4.26
CA CYS A 36 3.76 -0.72 -5.07
C CYS A 36 3.69 -2.06 -4.34
N LEU A 37 3.71 -2.04 -3.04
CA LEU A 37 3.66 -3.32 -2.27
C LEU A 37 2.32 -4.03 -2.50
N GLU A 38 1.24 -3.32 -2.61
CA GLU A 38 -0.07 -3.97 -2.82
C GLU A 38 -0.08 -4.75 -4.14
N GLY A 39 0.63 -4.29 -5.13
CA GLY A 39 0.64 -5.02 -6.44
C GLY A 39 1.03 -6.48 -6.17
N GLN A 40 1.87 -6.69 -5.20
CA GLN A 40 2.31 -8.07 -4.87
C GLN A 40 1.10 -8.93 -4.47
N GLN A 41 0.16 -8.36 -3.77
CA GLN A 41 -1.04 -9.15 -3.34
C GLN A 41 -1.76 -9.73 -4.56
N ALA A 42 -1.82 -8.99 -5.64
CA ALA A 42 -2.52 -9.49 -6.85
C ALA A 42 -2.19 -10.97 -7.07
N GLY A 43 -3.17 -11.83 -7.02
CA GLY A 43 -2.92 -13.28 -7.23
C GLY A 43 -2.71 -13.97 -5.88
N LEU A 44 -2.24 -13.25 -4.89
CA LEU A 44 -2.00 -13.88 -3.56
C LEU A 44 -3.00 -13.34 -2.54
N SER A 45 -2.55 -13.12 -1.32
CA SER A 45 -3.46 -12.59 -0.27
C SER A 45 -2.69 -11.58 0.59
N TRP A 46 -3.39 -10.67 1.21
CA TRP A 46 -2.70 -9.66 2.05
C TRP A 46 -1.82 -10.35 3.09
N ILE A 47 -2.25 -11.45 3.64
CA ILE A 47 -1.43 -12.15 4.67
C ILE A 47 -0.05 -12.49 4.09
N THR A 48 0.01 -12.90 2.86
CA THR A 48 1.31 -13.26 2.24
C THR A 48 2.19 -12.02 2.10
N VAL A 49 1.60 -10.89 1.83
CA VAL A 49 2.40 -9.64 1.63
C VAL A 49 3.24 -9.31 2.87
N LEU A 50 2.70 -9.46 4.06
CA LEU A 50 3.49 -9.11 5.27
C LEU A 50 4.81 -9.90 5.31
N LYS A 51 4.75 -11.19 5.16
CA LYS A 51 6.02 -11.99 5.21
C LYS A 51 6.96 -11.53 4.09
N LYS A 52 6.47 -11.50 2.88
CA LYS A 52 7.31 -11.05 1.75
C LYS A 52 7.73 -9.60 1.95
N ARG A 53 6.89 -8.82 2.58
CA ARG A 53 7.26 -7.39 2.80
C ARG A 53 8.61 -7.32 3.49
N GLU A 54 8.84 -8.18 4.45
CA GLU A 54 10.16 -8.16 5.15
C GLU A 54 11.25 -8.59 4.17
N ASN A 55 11.00 -9.62 3.39
CA ASN A 55 12.02 -10.07 2.40
C ASN A 55 12.25 -8.97 1.37
N TYR A 56 11.20 -8.29 0.99
CA TYR A 56 11.32 -7.20 -0.01
C TYR A 56 12.32 -6.15 0.48
N ARG A 57 12.20 -5.73 1.71
CA ARG A 57 13.16 -4.71 2.23
C ARG A 57 14.58 -5.29 2.23
N ALA A 58 14.69 -6.58 2.34
CA ALA A 58 16.05 -7.19 2.37
C ALA A 58 16.80 -6.90 1.07
N CYS A 59 16.21 -7.16 -0.06
CA CYS A 59 16.93 -6.93 -1.34
C CYS A 59 16.64 -5.54 -1.95
N PHE A 60 15.43 -5.05 -1.82
CA PHE A 60 15.10 -3.73 -2.44
C PHE A 60 15.61 -2.53 -1.64
N HIS A 61 15.31 -2.46 -0.38
CA HIS A 61 15.77 -1.27 0.42
C HIS A 61 17.30 -1.19 0.40
N GLN A 62 17.98 -2.29 0.47
CA GLN A 62 19.47 -2.23 0.45
C GLN A 62 19.94 -1.53 -0.83
N PHE A 63 19.24 -1.73 -1.91
CA PHE A 63 19.65 -1.08 -3.19
C PHE A 63 19.05 0.33 -3.28
N ASP A 64 18.24 0.71 -2.32
CA ASP A 64 17.64 2.07 -2.37
C ASP A 64 16.74 2.17 -3.61
N PRO A 65 15.69 2.93 -3.55
CA PRO A 65 14.73 3.09 -4.69
C PRO A 65 15.37 3.74 -5.92
N VAL A 66 16.37 4.56 -5.73
CA VAL A 66 17.01 5.23 -6.91
C VAL A 66 17.64 4.18 -7.82
N LYS A 67 18.38 3.26 -7.27
CA LYS A 67 19.01 2.21 -8.11
C LYS A 67 17.93 1.35 -8.75
N VAL A 68 16.83 1.16 -8.08
CA VAL A 68 15.74 0.32 -8.65
C VAL A 68 15.30 0.90 -9.98
N ALA A 69 15.16 2.20 -10.07
CA ALA A 69 14.77 2.82 -11.37
C ALA A 69 15.97 2.73 -12.31
N ALA A 70 17.14 2.63 -11.76
CA ALA A 70 18.36 2.54 -12.60
C ALA A 70 18.91 1.11 -12.59
N MET A 71 18.09 0.15 -12.23
CA MET A 71 18.56 -1.26 -12.21
C MET A 71 18.47 -1.86 -13.62
N GLN A 72 19.17 -2.94 -13.87
CA GLN A 72 19.13 -3.56 -15.23
C GLN A 72 18.29 -4.82 -15.20
N GLU A 73 17.81 -5.26 -16.33
CA GLU A 73 16.99 -6.49 -16.38
C GLU A 73 17.80 -7.66 -15.82
N GLU A 74 19.09 -7.64 -16.00
CA GLU A 74 19.93 -8.76 -15.48
C GLU A 74 19.74 -8.84 -13.96
N ASP A 75 19.63 -7.71 -13.31
CA ASP A 75 19.43 -7.74 -11.84
C ASP A 75 18.17 -8.53 -11.51
N VAL A 76 17.14 -8.38 -12.32
CA VAL A 76 15.88 -9.12 -12.08
C VAL A 76 16.14 -10.61 -12.12
N GLU A 77 16.96 -11.06 -13.04
CA GLU A 77 17.25 -12.52 -13.12
C GLU A 77 17.84 -13.00 -11.81
N ARG A 78 18.68 -12.21 -11.20
CA ARG A 78 19.29 -12.62 -9.90
C ARG A 78 18.19 -12.73 -8.85
N LEU A 79 17.29 -11.78 -8.84
CA LEU A 79 16.19 -11.81 -7.83
C LEU A 79 15.26 -13.00 -8.09
N VAL A 80 15.10 -13.37 -9.33
CA VAL A 80 14.21 -14.53 -9.64
C VAL A 80 14.63 -15.73 -8.79
N GLN A 81 15.92 -15.93 -8.62
CA GLN A 81 16.39 -17.07 -7.80
C GLN A 81 16.92 -16.56 -6.46
N ASP A 82 17.65 -15.47 -6.46
CA ASP A 82 18.21 -14.93 -5.20
C ASP A 82 17.17 -14.04 -4.50
N ALA A 83 17.36 -13.81 -3.22
CA ALA A 83 16.44 -12.95 -2.41
C ALA A 83 15.36 -13.81 -1.78
N GLY A 84 14.98 -14.89 -2.41
CA GLY A 84 13.94 -15.77 -1.82
C GLY A 84 12.60 -15.04 -1.80
N ILE A 85 12.36 -14.20 -2.76
CA ILE A 85 11.05 -13.46 -2.78
C ILE A 85 10.17 -14.03 -3.89
N ILE A 86 8.91 -13.70 -3.90
CA ILE A 86 8.02 -14.23 -4.97
C ILE A 86 8.72 -14.07 -6.31
N ARG A 87 8.85 -15.14 -7.04
CA ARG A 87 9.52 -15.07 -8.36
C ARG A 87 8.51 -15.22 -9.50
N HIS A 88 8.58 -14.35 -10.47
CA HIS A 88 7.64 -14.44 -11.62
C HIS A 88 8.16 -13.58 -12.77
N ARG A 89 9.40 -13.19 -12.70
CA ARG A 89 10.02 -12.35 -13.77
C ARG A 89 9.17 -11.10 -14.06
N GLY A 90 8.02 -11.29 -14.64
CA GLY A 90 7.15 -10.11 -14.99
C GLY A 90 6.75 -9.33 -13.73
N LYS A 91 6.36 -9.99 -12.68
CA LYS A 91 5.96 -9.25 -11.45
C LYS A 91 7.15 -8.43 -10.94
N ILE A 92 8.33 -8.99 -10.95
CA ILE A 92 9.50 -8.21 -10.46
C ILE A 92 9.70 -7.00 -11.38
N GLN A 93 9.55 -7.20 -12.66
CA GLN A 93 9.72 -6.08 -13.62
C GLN A 93 8.72 -4.98 -13.28
N ALA A 94 7.54 -5.35 -12.87
CA ALA A 94 6.51 -4.32 -12.51
C ALA A 94 7.04 -3.45 -11.37
N ILE A 95 7.73 -4.05 -10.43
CA ILE A 95 8.27 -3.26 -9.30
C ILE A 95 9.22 -2.18 -9.84
N ILE A 96 10.13 -2.55 -10.69
CA ILE A 96 11.07 -1.54 -11.26
C ILE A 96 10.28 -0.43 -11.94
N GLY A 97 9.26 -0.78 -12.68
CA GLY A 97 8.46 0.27 -13.38
C GLY A 97 7.89 1.25 -12.36
N ASN A 98 7.47 0.78 -11.22
CA ASN A 98 6.91 1.71 -10.20
C ASN A 98 7.96 2.75 -9.83
N ALA A 99 9.19 2.35 -9.68
CA ALA A 99 10.26 3.32 -9.32
C ALA A 99 10.48 4.27 -10.50
N ARG A 100 10.41 3.76 -11.70
CA ARG A 100 10.63 4.62 -12.89
C ARG A 100 9.58 5.73 -12.92
N ALA A 101 8.36 5.42 -12.61
CA ALA A 101 7.29 6.46 -12.62
C ALA A 101 7.49 7.40 -11.42
N TYR A 102 7.79 6.85 -10.28
CA TYR A 102 7.97 7.69 -9.06
C TYR A 102 9.12 8.68 -9.28
N LEU A 103 10.20 8.24 -9.85
CA LEU A 103 11.35 9.17 -10.07
C LEU A 103 10.94 10.29 -11.03
N GLN A 104 10.20 9.97 -12.06
CA GLN A 104 9.78 11.03 -13.02
C GLN A 104 8.94 12.09 -12.30
N MET A 105 8.09 11.67 -11.41
CA MET A 105 7.24 12.64 -10.66
C MET A 105 8.12 13.57 -9.82
N GLU A 106 9.14 13.03 -9.20
CA GLU A 106 10.02 13.88 -8.36
C GLU A 106 10.75 14.92 -9.22
N GLN A 107 10.98 14.63 -10.47
CA GLN A 107 11.68 15.60 -11.34
C GLN A 107 10.96 16.95 -11.28
N ASN A 108 9.67 16.93 -11.08
CA ASN A 108 8.92 18.22 -11.00
C ASN A 108 9.06 18.82 -9.61
N GLY A 109 9.66 18.11 -8.70
CA GLY A 109 9.83 18.67 -7.32
C GLY A 109 8.48 18.68 -6.61
N GLU A 110 7.62 17.77 -6.94
CA GLU A 110 6.27 17.72 -6.29
C GLU A 110 6.18 16.46 -5.40
N PRO A 111 6.10 16.60 -4.10
CA PRO A 111 6.01 15.42 -3.19
C PRO A 111 4.90 14.46 -3.60
N PHE A 112 5.19 13.19 -3.63
CA PHE A 112 4.15 12.19 -4.03
C PHE A 112 3.02 12.18 -2.99
N ALA A 113 3.37 12.25 -1.73
CA ALA A 113 2.33 12.23 -0.66
C ALA A 113 1.42 13.45 -0.78
N ASP A 114 1.97 14.60 -1.05
CA ASP A 114 1.11 15.82 -1.17
C ASP A 114 0.04 15.57 -2.24
N PHE A 115 0.40 14.91 -3.30
CA PHE A 115 -0.59 14.62 -4.38
C PHE A 115 -1.74 13.78 -3.83
N VAL A 116 -1.43 12.73 -3.12
CA VAL A 116 -2.50 11.87 -2.56
C VAL A 116 -3.37 12.68 -1.59
N TRP A 117 -2.77 13.49 -0.75
CA TRP A 117 -3.58 14.30 0.20
C TRP A 117 -4.52 15.22 -0.58
N SER A 118 -4.07 15.74 -1.69
CA SER A 118 -4.92 16.66 -2.49
C SER A 118 -6.19 15.94 -2.97
N PHE A 119 -6.08 14.69 -3.33
CA PHE A 119 -7.27 13.94 -3.82
C PHE A 119 -8.32 13.81 -2.71
N VAL A 120 -7.90 13.78 -1.47
CA VAL A 120 -8.90 13.66 -0.36
C VAL A 120 -9.10 15.03 0.27
N ASN A 121 -8.79 16.07 -0.45
CA ASN A 121 -8.99 17.45 0.09
C ASN A 121 -8.10 17.65 1.32
N HIS A 122 -6.94 17.06 1.31
CA HIS A 122 -6.01 17.20 2.46
C HIS A 122 -6.79 17.08 3.77
N GLN A 123 -7.97 16.53 3.71
CA GLN A 123 -8.79 16.37 4.94
C GLN A 123 -8.94 14.88 5.27
N PRO A 124 -8.29 14.40 6.32
CA PRO A 124 -8.38 12.97 6.72
C PRO A 124 -9.83 12.48 6.77
N GLN A 125 -10.07 11.24 6.46
CA GLN A 125 -11.47 10.71 6.48
C GLN A 125 -11.62 9.63 7.56
N MET A 126 -12.75 9.59 8.19
CA MET A 126 -12.98 8.56 9.25
C MET A 126 -14.38 7.98 9.06
N THR A 127 -14.62 6.76 9.49
CA THR A 127 -15.98 6.17 9.32
C THR A 127 -16.46 5.57 10.64
N GLN A 128 -17.74 5.40 10.79
CA GLN A 128 -18.31 4.80 12.03
C GLN A 128 -19.14 3.58 11.66
N ALA A 129 -18.57 2.67 10.92
CA ALA A 129 -19.31 1.45 10.51
C ALA A 129 -19.39 0.47 11.69
N THR A 130 -20.58 0.08 12.07
CA THR A 130 -20.70 -0.89 13.21
C THR A 130 -20.10 -2.23 12.78
N THR A 131 -20.33 -2.61 11.56
CA THR A 131 -19.77 -3.90 11.05
C THR A 131 -19.14 -3.69 9.68
N LEU A 132 -18.46 -4.67 9.19
CA LEU A 132 -17.80 -4.55 7.86
C LEU A 132 -18.85 -4.29 6.78
N SER A 133 -20.02 -4.87 6.94
CA SER A 133 -21.08 -4.66 5.92
C SER A 133 -21.36 -3.17 5.75
N GLU A 134 -21.30 -2.43 6.82
CA GLU A 134 -21.55 -0.96 6.71
C GLU A 134 -20.47 -0.30 5.87
N ILE A 135 -19.27 -0.82 5.89
CA ILE A 135 -18.18 -0.20 5.08
C ILE A 135 -18.46 -0.44 3.59
N PRO A 136 -18.53 0.60 2.78
CA PRO A 136 -18.81 0.46 1.32
C PRO A 136 -17.60 -0.07 0.56
N THR A 137 -16.48 -0.08 1.19
CA THR A 137 -15.24 -0.59 0.54
C THR A 137 -15.04 0.10 -0.81
N SER A 138 -15.93 0.96 -1.19
CA SER A 138 -15.78 1.67 -2.50
C SER A 138 -16.01 3.17 -2.30
N THR A 139 -14.96 3.91 -2.09
CA THR A 139 -15.11 5.38 -1.90
C THR A 139 -14.75 6.09 -3.20
N PRO A 140 -15.27 7.27 -3.40
CA PRO A 140 -15.00 8.06 -4.63
C PRO A 140 -13.52 8.42 -4.79
N ALA A 141 -12.82 8.55 -3.70
CA ALA A 141 -11.37 8.91 -3.79
C ALA A 141 -10.58 7.73 -4.35
N SER A 142 -10.90 6.53 -3.93
CA SER A 142 -10.17 5.34 -4.45
C SER A 142 -10.36 5.23 -5.97
N ASP A 143 -11.57 5.40 -6.42
CA ASP A 143 -11.83 5.30 -7.88
C ASP A 143 -11.08 6.43 -8.61
N ALA A 144 -11.17 7.62 -8.10
CA ALA A 144 -10.47 8.76 -8.76
C ALA A 144 -8.96 8.57 -8.64
N LEU A 145 -8.50 8.11 -7.51
CA LEU A 145 -7.04 7.90 -7.33
C LEU A 145 -6.55 6.83 -8.29
N SER A 146 -7.32 5.79 -8.50
CA SER A 146 -6.88 4.72 -9.44
C SER A 146 -6.63 5.32 -10.82
N LYS A 147 -7.52 6.15 -11.28
CA LYS A 147 -7.32 6.77 -12.61
C LYS A 147 -6.06 7.64 -12.56
N ALA A 148 -5.82 8.30 -11.46
CA ALA A 148 -4.62 9.16 -11.36
C ALA A 148 -3.35 8.32 -11.47
N LEU A 149 -3.27 7.26 -10.71
CA LEU A 149 -2.05 6.40 -10.80
C LEU A 149 -1.97 5.78 -12.19
N LYS A 150 -3.10 5.41 -12.74
CA LYS A 150 -3.09 4.79 -14.09
C LYS A 150 -2.45 5.77 -15.08
N LYS A 151 -2.74 7.04 -14.97
CA LYS A 151 -2.14 8.03 -15.90
C LYS A 151 -0.62 8.01 -15.73
N ARG A 152 -0.15 7.91 -14.51
CA ARG A 152 1.32 7.88 -14.27
C ARG A 152 1.92 6.62 -14.91
N GLY A 153 1.11 5.62 -15.16
CA GLY A 153 1.64 4.38 -15.79
C GLY A 153 1.81 3.28 -14.74
N PHE A 154 1.08 3.34 -13.66
CA PHE A 154 1.22 2.28 -12.61
C PHE A 154 0.32 1.10 -12.97
N LYS A 155 0.81 -0.10 -12.79
CA LYS A 155 0.00 -1.31 -13.12
C LYS A 155 -0.67 -1.85 -11.86
N PHE A 156 -1.47 -2.88 -12.00
CA PHE A 156 -2.16 -3.48 -10.82
C PHE A 156 -2.74 -2.37 -9.95
N VAL A 157 -3.43 -1.44 -10.55
CA VAL A 157 -4.04 -0.32 -9.76
C VAL A 157 -5.55 -0.57 -9.63
N GLY A 158 -5.97 -1.78 -9.73
CA GLY A 158 -7.43 -2.08 -9.62
C GLY A 158 -8.00 -1.36 -8.40
N THR A 159 -9.28 -1.15 -8.37
CA THR A 159 -9.90 -0.45 -7.22
C THR A 159 -9.57 -1.20 -5.92
N THR A 160 -9.40 -2.48 -6.00
CA THR A 160 -9.08 -3.27 -4.77
C THR A 160 -7.68 -2.91 -4.28
N ILE A 161 -6.72 -2.84 -5.15
CA ILE A 161 -5.34 -2.50 -4.72
C ILE A 161 -5.35 -1.08 -4.13
N CYS A 162 -6.03 -0.18 -4.76
CA CYS A 162 -6.07 1.22 -4.25
C CYS A 162 -6.74 1.24 -2.87
N TYR A 163 -7.84 0.56 -2.71
CA TYR A 163 -8.52 0.58 -1.39
C TYR A 163 -7.60 -0.02 -0.33
N SER A 164 -6.94 -1.12 -0.64
CA SER A 164 -6.03 -1.74 0.37
C SER A 164 -4.89 -0.76 0.70
N PHE A 165 -4.37 -0.10 -0.30
CA PHE A 165 -3.26 0.86 -0.06
C PHE A 165 -3.73 1.98 0.89
N MET A 166 -4.94 2.44 0.74
CA MET A 166 -5.45 3.52 1.63
C MET A 166 -5.59 2.99 3.07
N GLN A 167 -6.03 1.77 3.23
CA GLN A 167 -6.21 1.21 4.60
C GLN A 167 -4.86 1.18 5.34
N ALA A 168 -3.82 0.80 4.67
CA ALA A 168 -2.49 0.73 5.34
C ALA A 168 -1.95 2.14 5.61
N CYS A 169 -2.09 3.02 4.66
CA CYS A 169 -1.56 4.41 4.84
C CYS A 169 -2.28 5.11 5.99
N GLY A 170 -3.56 4.87 6.14
CA GLY A 170 -4.32 5.53 7.25
C GLY A 170 -5.07 6.74 6.70
N LEU A 171 -5.05 6.95 5.42
CA LEU A 171 -5.79 8.11 4.85
C LEU A 171 -7.24 8.04 5.32
N VAL A 172 -7.75 6.85 5.44
CA VAL A 172 -9.15 6.67 5.91
C VAL A 172 -9.17 5.63 7.02
N ASN A 173 -9.93 5.85 8.06
CA ASN A 173 -9.97 4.85 9.17
C ASN A 173 -11.21 3.98 9.01
N ASP A 174 -11.03 2.78 8.51
CA ASP A 174 -12.19 1.87 8.33
C ASP A 174 -11.99 0.57 9.10
N HIS A 175 -12.43 0.53 10.33
CA HIS A 175 -12.30 -0.71 11.15
C HIS A 175 -13.73 -1.07 11.58
N VAL A 176 -14.30 -0.25 12.43
CA VAL A 176 -15.70 -0.48 12.89
C VAL A 176 -16.24 0.85 13.42
N VAL A 177 -16.07 1.10 14.68
CA VAL A 177 -16.56 2.38 15.27
C VAL A 177 -15.65 2.77 16.44
N GLY A 178 -15.17 1.80 17.17
CA GLY A 178 -14.28 2.10 18.33
C GLY A 178 -13.21 1.01 18.44
N CYS A 179 -12.58 0.68 17.36
CA CYS A 179 -11.53 -0.39 17.40
C CYS A 179 -10.36 0.08 18.26
N CYS A 180 -10.51 -0.02 19.57
CA CYS A 180 -9.42 0.41 20.51
C CYS A 180 -8.52 1.46 19.88
N CYS A 181 -7.55 1.03 19.11
CA CYS A 181 -6.60 1.99 18.47
C CYS A 181 -7.40 3.11 17.79
N TYR A 182 -8.59 2.82 17.34
CA TYR A 182 -9.40 3.87 16.65
C TYR A 182 -10.70 4.12 17.43
N PRO A 183 -10.62 4.89 18.50
CA PRO A 183 -11.80 5.21 19.34
C PRO A 183 -12.66 6.31 18.72
N GLY A 184 -12.10 7.09 17.83
CA GLY A 184 -12.88 8.18 17.20
C GLY A 184 -12.81 9.42 18.07
N ASN A 185 -11.94 9.42 19.05
CA ASN A 185 -11.82 10.61 19.95
C ASN A 185 -13.17 10.90 20.59
N LYS A 186 -13.87 9.88 21.03
CA LYS A 186 -15.19 10.09 21.67
C LYS A 186 -15.22 9.36 23.01
N PRO A 187 -14.66 9.95 24.03
CA PRO A 187 -14.60 9.37 25.39
C PRO A 187 -15.99 9.27 26.03
ZN ZN B . -9.47 -2.68 13.81
N MET A 1 -12.71 -7.14 26.13
CA MET A 1 -12.79 -6.00 25.16
C MET A 1 -13.01 -6.55 23.75
N GLU A 2 -13.54 -5.75 22.87
CA GLU A 2 -13.77 -6.22 21.47
C GLU A 2 -12.72 -5.63 20.54
N ARG A 3 -12.56 -6.20 19.37
CA ARG A 3 -11.54 -5.68 18.41
C ARG A 3 -12.10 -5.72 16.99
N CYS A 4 -11.33 -5.26 16.04
CA CYS A 4 -11.82 -5.27 14.62
C CYS A 4 -12.24 -6.68 14.24
N GLY A 5 -13.14 -6.80 13.29
CA GLY A 5 -13.60 -8.15 12.87
C GLY A 5 -12.90 -8.54 11.56
N TRP A 6 -12.10 -7.67 11.01
CA TRP A 6 -11.41 -8.02 9.73
C TRP A 6 -10.58 -9.28 9.94
N VAL A 7 -9.86 -9.36 11.02
CA VAL A 7 -9.02 -10.55 11.29
C VAL A 7 -9.34 -11.14 12.66
N SER A 8 -8.98 -12.37 12.90
CA SER A 8 -9.26 -13.00 14.21
C SER A 8 -8.18 -14.04 14.53
N GLN A 9 -8.06 -15.05 13.72
CA GLN A 9 -7.03 -16.10 13.97
C GLN A 9 -5.71 -15.74 13.28
N ASP A 10 -5.48 -14.47 13.04
CA ASP A 10 -4.22 -14.06 12.36
C ASP A 10 -3.42 -13.12 13.28
N PRO A 11 -2.67 -13.67 14.20
CA PRO A 11 -1.84 -12.87 15.15
C PRO A 11 -0.86 -11.94 14.43
N LEU A 12 -0.30 -12.39 13.34
CA LEU A 12 0.66 -11.52 12.60
C LEU A 12 -0.09 -10.29 12.07
N TYR A 13 -1.28 -10.51 11.55
CA TYR A 13 -2.07 -9.37 11.01
C TYR A 13 -2.51 -8.47 12.17
N ILE A 14 -3.01 -9.06 13.22
CA ILE A 14 -3.45 -8.26 14.39
C ILE A 14 -2.28 -7.48 14.97
N ALA A 15 -1.11 -8.06 15.00
CA ALA A 15 0.06 -7.33 15.55
C ALA A 15 0.27 -6.05 14.73
N TYR A 16 0.21 -6.16 13.43
CA TYR A 16 0.38 -4.97 12.57
C TYR A 16 -0.80 -4.02 12.79
N HIS A 17 -1.98 -4.57 12.96
CA HIS A 17 -3.18 -3.71 13.17
C HIS A 17 -2.94 -2.77 14.36
N ASP A 18 -2.49 -3.31 15.47
CA ASP A 18 -2.24 -2.45 16.66
C ASP A 18 -1.03 -1.54 16.41
N ASN A 19 0.00 -2.07 15.77
CA ASN A 19 1.22 -1.25 15.52
C ASN A 19 0.85 0.03 14.77
N GLU A 20 -0.04 -0.06 13.82
CA GLU A 20 -0.44 1.15 13.05
C GLU A 20 -1.68 0.82 12.22
N TRP A 21 -1.53 0.63 10.95
CA TRP A 21 -2.69 0.28 10.09
C TRP A 21 -3.81 1.30 10.32
N GLY A 22 -3.93 2.27 9.46
CA GLY A 22 -4.99 3.30 9.64
C GLY A 22 -4.38 4.59 10.18
N VAL A 23 -3.07 4.65 10.23
CA VAL A 23 -2.39 5.88 10.75
C VAL A 23 -1.89 6.73 9.56
N PRO A 24 -2.52 7.84 9.27
CA PRO A 24 -2.11 8.71 8.13
C PRO A 24 -0.62 9.07 8.19
N GLU A 25 0.10 8.77 7.15
CA GLU A 25 1.56 9.10 7.13
C GLU A 25 1.82 10.13 6.04
N THR A 26 2.70 11.06 6.29
CA THR A 26 3.01 12.09 5.26
C THR A 26 4.35 11.78 4.61
N ASP A 27 4.95 10.68 4.99
CA ASP A 27 6.27 10.31 4.40
C ASP A 27 6.04 9.67 3.03
N SER A 28 6.52 10.30 1.98
CA SER A 28 6.34 9.73 0.63
C SER A 28 6.95 8.33 0.54
N LYS A 29 8.05 8.11 1.21
CA LYS A 29 8.69 6.78 1.14
C LYS A 29 7.72 5.70 1.65
N LYS A 30 7.02 5.95 2.73
CA LYS A 30 6.08 4.93 3.24
C LYS A 30 4.96 4.69 2.23
N LEU A 31 4.37 5.73 1.72
CA LEU A 31 3.27 5.56 0.72
C LEU A 31 3.82 4.89 -0.53
N PHE A 32 5.01 5.27 -0.94
CA PHE A 32 5.60 4.64 -2.16
C PHE A 32 5.80 3.15 -1.92
N GLU A 33 6.34 2.77 -0.80
CA GLU A 33 6.56 1.33 -0.52
C GLU A 33 5.21 0.64 -0.32
N MET A 34 4.25 1.34 0.21
CA MET A 34 2.91 0.73 0.45
C MET A 34 2.27 0.29 -0.87
N ILE A 35 2.18 1.17 -1.84
CA ILE A 35 1.55 0.77 -3.14
C ILE A 35 2.38 -0.35 -3.80
N CYS A 36 3.66 -0.34 -3.60
CA CYS A 36 4.51 -1.41 -4.22
C CYS A 36 4.18 -2.75 -3.58
N LEU A 37 4.08 -2.79 -2.27
CA LEU A 37 3.75 -4.07 -1.58
C LEU A 37 2.31 -4.49 -1.87
N GLU A 38 1.40 -3.55 -1.93
CA GLU A 38 -0.01 -3.91 -2.21
C GLU A 38 -0.12 -4.56 -3.59
N GLY A 39 0.65 -4.11 -4.53
CA GLY A 39 0.59 -4.72 -5.89
C GLY A 39 0.81 -6.23 -5.77
N GLN A 40 1.65 -6.62 -4.86
CA GLN A 40 1.93 -8.08 -4.66
C GLN A 40 0.64 -8.77 -4.24
N GLN A 41 -0.20 -8.08 -3.52
CA GLN A 41 -1.47 -8.69 -3.04
C GLN A 41 -2.27 -9.25 -4.22
N ALA A 42 -2.03 -8.77 -5.41
CA ALA A 42 -2.80 -9.29 -6.58
C ALA A 42 -2.91 -10.81 -6.45
N GLY A 43 -4.09 -11.29 -6.16
CA GLY A 43 -4.28 -12.76 -6.01
C GLY A 43 -3.96 -13.18 -4.58
N LEU A 44 -3.06 -12.48 -3.93
CA LEU A 44 -2.69 -12.82 -2.53
C LEU A 44 -3.29 -11.81 -1.55
N SER A 45 -3.65 -12.27 -0.39
CA SER A 45 -4.24 -11.35 0.62
C SER A 45 -3.12 -10.54 1.29
N TRP A 46 -3.45 -9.40 1.83
CA TRP A 46 -2.41 -8.56 2.50
C TRP A 46 -1.69 -9.39 3.56
N ILE A 47 -2.36 -10.32 4.16
CA ILE A 47 -1.71 -11.15 5.23
C ILE A 47 -0.40 -11.74 4.67
N THR A 48 -0.42 -12.21 3.46
CA THR A 48 0.81 -12.80 2.86
C THR A 48 1.83 -11.70 2.55
N VAL A 49 1.37 -10.55 2.15
CA VAL A 49 2.30 -9.44 1.81
C VAL A 49 3.16 -9.05 3.01
N LEU A 50 2.61 -9.03 4.19
CA LEU A 50 3.43 -8.65 5.39
C LEU A 50 4.68 -9.54 5.45
N LYS A 51 4.51 -10.83 5.34
CA LYS A 51 5.68 -11.73 5.38
C LYS A 51 6.65 -11.31 4.27
N LYS A 52 6.12 -10.94 3.14
CA LYS A 52 7.00 -10.49 2.02
C LYS A 52 7.53 -9.10 2.34
N ARG A 53 6.86 -8.35 3.17
CA ARG A 53 7.37 -6.99 3.50
C ARG A 53 8.80 -7.10 4.02
N GLU A 54 9.03 -7.97 4.96
CA GLU A 54 10.42 -8.11 5.51
C GLU A 54 11.33 -8.80 4.48
N ASN A 55 10.86 -9.84 3.86
CA ASN A 55 11.73 -10.53 2.84
C ASN A 55 11.99 -9.59 1.67
N TYR A 56 11.01 -8.84 1.27
CA TYR A 56 11.18 -7.89 0.14
C TYR A 56 12.33 -6.94 0.45
N ARG A 57 12.38 -6.43 1.64
CA ARG A 57 13.49 -5.50 1.99
C ARG A 57 14.83 -6.24 1.87
N ALA A 58 14.84 -7.51 2.16
CA ALA A 58 16.13 -8.26 2.06
C ALA A 58 16.68 -8.18 0.64
N CYS A 59 15.83 -8.26 -0.36
CA CYS A 59 16.33 -8.20 -1.76
C CYS A 59 16.33 -6.77 -2.32
N PHE A 60 15.32 -6.00 -2.03
CA PHE A 60 15.26 -4.62 -2.61
C PHE A 60 15.86 -3.56 -1.68
N HIS A 61 15.83 -3.75 -0.39
CA HIS A 61 16.38 -2.70 0.53
C HIS A 61 17.84 -2.40 0.18
N GLN A 62 18.62 -3.41 -0.06
CA GLN A 62 20.06 -3.16 -0.39
C GLN A 62 20.15 -2.29 -1.64
N PHE A 63 19.34 -2.55 -2.63
CA PHE A 63 19.38 -1.75 -3.88
C PHE A 63 18.76 -0.37 -3.64
N ASP A 64 17.74 -0.29 -2.83
CA ASP A 64 17.07 1.01 -2.57
C ASP A 64 16.27 1.41 -3.81
N PRO A 65 15.30 2.28 -3.64
CA PRO A 65 14.45 2.75 -4.78
C PRO A 65 15.25 3.50 -5.84
N VAL A 66 16.24 4.25 -5.43
CA VAL A 66 17.06 5.00 -6.43
C VAL A 66 17.77 4.02 -7.37
N LYS A 67 18.41 3.03 -6.82
CA LYS A 67 19.11 2.05 -7.69
C LYS A 67 18.07 1.26 -8.49
N VAL A 68 16.94 1.00 -7.89
CA VAL A 68 15.88 0.22 -8.61
C VAL A 68 15.55 0.91 -9.93
N ALA A 69 15.42 2.20 -9.93
CA ALA A 69 15.12 2.91 -11.19
C ALA A 69 16.38 2.89 -12.06
N ALA A 70 17.52 2.69 -11.45
CA ALA A 70 18.79 2.66 -12.23
C ALA A 70 19.22 1.22 -12.53
N MET A 71 18.38 0.25 -12.30
CA MET A 71 18.81 -1.16 -12.61
C MET A 71 18.50 -1.49 -14.07
N GLN A 72 19.09 -2.55 -14.55
CA GLN A 72 18.86 -2.96 -15.96
C GLN A 72 18.05 -4.26 -15.98
N GLU A 73 17.49 -4.62 -17.10
CA GLU A 73 16.68 -5.87 -17.17
C GLU A 73 17.53 -7.05 -16.68
N GLU A 74 18.80 -7.01 -16.93
CA GLU A 74 19.68 -8.14 -16.47
C GLU A 74 19.52 -8.32 -14.97
N ASP A 75 19.37 -7.24 -14.24
CA ASP A 75 19.20 -7.36 -12.77
C ASP A 75 17.96 -8.20 -12.47
N VAL A 76 16.92 -8.02 -13.23
CA VAL A 76 15.68 -8.81 -13.00
C VAL A 76 15.98 -10.30 -13.14
N GLU A 77 16.73 -10.66 -14.14
CA GLU A 77 17.06 -12.11 -14.34
C GLU A 77 17.77 -12.65 -13.11
N ARG A 78 18.63 -11.87 -12.51
CA ARG A 78 19.37 -12.36 -11.31
C ARG A 78 18.40 -12.67 -10.17
N LEU A 79 17.45 -11.81 -9.93
CA LEU A 79 16.47 -12.06 -8.83
C LEU A 79 15.52 -13.19 -9.20
N VAL A 80 15.19 -13.31 -10.46
CA VAL A 80 14.26 -14.39 -10.87
C VAL A 80 14.78 -15.73 -10.35
N GLN A 81 16.07 -15.92 -10.35
CA GLN A 81 16.63 -17.20 -9.84
C GLN A 81 16.65 -17.17 -8.31
N ASP A 82 17.37 -16.25 -7.74
CA ASP A 82 17.42 -16.17 -6.24
C ASP A 82 16.49 -15.03 -5.79
N ALA A 83 15.78 -15.22 -4.71
CA ALA A 83 14.88 -14.16 -4.22
C ALA A 83 14.22 -14.58 -2.90
N GLY A 84 13.67 -15.75 -2.86
CA GLY A 84 13.02 -16.21 -1.61
C GLY A 84 11.65 -15.54 -1.50
N ILE A 85 11.27 -14.82 -2.51
CA ILE A 85 9.97 -14.11 -2.50
C ILE A 85 9.16 -14.52 -3.73
N ILE A 86 7.93 -14.09 -3.82
CA ILE A 86 7.09 -14.44 -5.00
C ILE A 86 7.93 -14.28 -6.27
N ARG A 87 7.74 -15.15 -7.23
CA ARG A 87 8.53 -15.04 -8.49
C ARG A 87 7.63 -14.56 -9.64
N HIS A 88 8.20 -13.86 -10.59
CA HIS A 88 7.41 -13.34 -11.73
C HIS A 88 8.24 -12.30 -12.47
N ARG A 89 8.78 -12.64 -13.61
CA ARG A 89 9.60 -11.66 -14.36
C ARG A 89 8.80 -10.37 -14.51
N GLY A 90 7.52 -10.48 -14.66
CA GLY A 90 6.66 -9.27 -14.82
C GLY A 90 6.58 -8.53 -13.48
N LYS A 91 6.48 -9.26 -12.40
CA LYS A 91 6.40 -8.61 -11.05
C LYS A 91 7.66 -7.77 -10.78
N ILE A 92 8.81 -8.31 -11.02
CA ILE A 92 10.06 -7.55 -10.77
C ILE A 92 10.13 -6.33 -11.69
N GLN A 93 9.83 -6.51 -12.95
CA GLN A 93 9.86 -5.35 -13.88
C GLN A 93 8.87 -4.29 -13.41
N ALA A 94 7.78 -4.71 -12.83
CA ALA A 94 6.77 -3.73 -12.34
C ALA A 94 7.41 -2.85 -11.28
N ILE A 95 8.25 -3.41 -10.46
CA ILE A 95 8.91 -2.60 -9.40
C ILE A 95 9.77 -1.52 -10.06
N ILE A 96 10.51 -1.90 -11.08
CA ILE A 96 11.38 -0.90 -11.77
C ILE A 96 10.50 0.19 -12.39
N GLY A 97 9.37 -0.17 -12.91
CA GLY A 97 8.48 0.85 -13.54
C GLY A 97 8.04 1.88 -12.49
N ASN A 98 7.64 1.44 -11.32
CA ASN A 98 7.20 2.40 -10.28
C ASN A 98 8.36 3.32 -9.90
N ALA A 99 9.54 2.78 -9.77
CA ALA A 99 10.71 3.63 -9.40
C ALA A 99 11.00 4.60 -10.55
N ARG A 100 10.98 4.13 -11.76
CA ARG A 100 11.27 5.02 -12.90
C ARG A 100 10.21 6.13 -12.95
N ALA A 101 8.97 5.79 -12.78
CA ALA A 101 7.89 6.81 -12.81
C ALA A 101 7.94 7.65 -11.52
N TYR A 102 8.18 7.01 -10.40
CA TYR A 102 8.24 7.75 -9.12
C TYR A 102 9.38 8.76 -9.15
N LEU A 103 10.55 8.34 -9.56
CA LEU A 103 11.70 9.29 -9.60
C LEU A 103 11.43 10.36 -10.66
N GLN A 104 10.89 9.97 -11.78
CA GLN A 104 10.59 10.96 -12.85
C GLN A 104 9.61 12.00 -12.32
N MET A 105 8.63 11.57 -11.57
CA MET A 105 7.64 12.54 -11.01
C MET A 105 8.34 13.52 -10.08
N GLU A 106 9.23 13.03 -9.26
CA GLU A 106 9.95 13.93 -8.32
C GLU A 106 10.80 14.91 -9.13
N GLN A 107 11.24 14.51 -10.29
CA GLN A 107 12.07 15.42 -11.12
C GLN A 107 11.31 16.73 -11.30
N ASN A 108 10.01 16.67 -11.32
CA ASN A 108 9.20 17.92 -11.48
C ASN A 108 9.18 18.68 -10.15
N GLY A 109 9.54 18.04 -9.07
CA GLY A 109 9.54 18.74 -7.76
C GLY A 109 8.16 18.62 -7.11
N GLU A 110 7.39 17.63 -7.48
CA GLU A 110 6.04 17.46 -6.88
C GLU A 110 6.01 16.16 -6.06
N PRO A 111 6.04 16.24 -4.75
CA PRO A 111 6.02 15.03 -3.87
C PRO A 111 4.88 14.07 -4.22
N PHE A 112 5.18 12.80 -4.26
CA PHE A 112 4.13 11.79 -4.57
C PHE A 112 3.06 11.80 -3.48
N ALA A 113 3.48 11.85 -2.24
CA ALA A 113 2.50 11.85 -1.12
C ALA A 113 1.62 13.10 -1.19
N ASP A 114 2.19 14.22 -1.52
CA ASP A 114 1.38 15.47 -1.61
C ASP A 114 0.34 15.32 -2.73
N PHE A 115 0.69 14.63 -3.78
CA PHE A 115 -0.26 14.45 -4.91
C PHE A 115 -1.52 13.71 -4.44
N VAL A 116 -1.38 12.61 -3.78
CA VAL A 116 -2.57 11.87 -3.32
C VAL A 116 -3.38 12.74 -2.36
N TRP A 117 -2.72 13.46 -1.49
CA TRP A 117 -3.48 14.34 -0.54
C TRP A 117 -4.37 15.28 -1.35
N SER A 118 -3.91 15.74 -2.47
CA SER A 118 -4.75 16.65 -3.29
C SER A 118 -6.00 15.91 -3.76
N PHE A 119 -5.88 14.63 -4.02
CA PHE A 119 -7.06 13.85 -4.50
C PHE A 119 -8.13 13.73 -3.39
N VAL A 120 -7.73 13.70 -2.16
CA VAL A 120 -8.74 13.58 -1.05
C VAL A 120 -8.98 14.96 -0.44
N ASN A 121 -8.69 16.00 -1.17
CA ASN A 121 -8.89 17.39 -0.64
C ASN A 121 -8.06 17.58 0.61
N HIS A 122 -6.93 16.94 0.68
CA HIS A 122 -6.05 17.08 1.87
C HIS A 122 -6.79 16.62 3.13
N GLN A 123 -8.06 16.33 3.03
CA GLN A 123 -8.82 15.88 4.23
C GLN A 123 -8.91 14.34 4.23
N PRO A 124 -8.60 13.71 5.35
CA PRO A 124 -8.66 12.23 5.46
C PRO A 124 -10.09 11.71 5.56
N GLN A 125 -10.33 10.49 5.17
CA GLN A 125 -11.70 9.92 5.24
C GLN A 125 -11.81 9.07 6.50
N MET A 126 -12.97 9.02 7.10
CA MET A 126 -13.14 8.20 8.34
C MET A 126 -14.38 7.32 8.22
N THR A 127 -14.35 6.15 8.81
CA THR A 127 -15.53 5.24 8.72
C THR A 127 -16.51 5.56 9.86
N GLN A 128 -17.76 5.26 9.67
CA GLN A 128 -18.76 5.55 10.73
C GLN A 128 -19.99 4.66 10.53
N ALA A 129 -19.77 3.39 10.30
CA ALA A 129 -20.92 2.46 10.09
C ALA A 129 -21.01 1.49 11.28
N THR A 130 -21.04 0.22 11.02
CA THR A 130 -21.14 -0.76 12.15
C THR A 130 -20.77 -2.16 11.63
N THR A 131 -21.05 -2.46 10.40
CA THR A 131 -20.72 -3.80 9.85
C THR A 131 -19.63 -3.66 8.79
N LEU A 132 -18.83 -4.68 8.62
CA LEU A 132 -17.74 -4.61 7.61
C LEU A 132 -18.35 -4.42 6.21
N SER A 133 -19.51 -4.97 5.98
CA SER A 133 -20.14 -4.84 4.63
C SER A 133 -20.54 -3.38 4.37
N GLU A 134 -20.93 -2.67 5.40
CA GLU A 134 -21.34 -1.25 5.21
C GLU A 134 -20.14 -0.41 4.76
N ILE A 135 -18.95 -0.82 5.12
CA ILE A 135 -17.75 -0.03 4.70
C ILE A 135 -17.58 -0.13 3.18
N PRO A 136 -17.51 0.98 2.48
CA PRO A 136 -17.34 0.97 1.00
C PRO A 136 -15.92 0.58 0.58
N THR A 137 -15.79 -0.22 -0.44
CA THR A 137 -14.44 -0.63 -0.89
C THR A 137 -14.06 0.18 -2.13
N SER A 138 -14.91 1.09 -2.52
CA SER A 138 -14.59 1.92 -3.72
C SER A 138 -15.11 3.35 -3.51
N THR A 139 -14.36 4.17 -2.83
CA THR A 139 -14.81 5.57 -2.60
C THR A 139 -14.44 6.42 -3.82
N PRO A 140 -15.09 7.55 -4.01
CA PRO A 140 -14.78 8.44 -5.17
C PRO A 140 -13.29 8.71 -5.31
N ALA A 141 -12.60 8.85 -4.21
CA ALA A 141 -11.13 9.09 -4.29
C ALA A 141 -10.42 7.86 -4.82
N SER A 142 -10.87 6.69 -4.44
CA SER A 142 -10.21 5.44 -4.92
C SER A 142 -10.33 5.34 -6.44
N ASP A 143 -11.50 5.56 -6.96
CA ASP A 143 -11.68 5.47 -8.44
C ASP A 143 -10.81 6.52 -9.13
N ALA A 144 -10.78 7.71 -8.61
CA ALA A 144 -9.95 8.78 -9.24
C ALA A 144 -8.47 8.47 -9.06
N LEU A 145 -8.08 7.99 -7.91
CA LEU A 145 -6.65 7.69 -7.66
C LEU A 145 -6.18 6.55 -8.58
N SER A 146 -6.98 5.53 -8.75
CA SER A 146 -6.56 4.40 -9.62
C SER A 146 -6.32 4.93 -11.03
N LYS A 147 -7.17 5.79 -11.50
CA LYS A 147 -6.98 6.36 -12.86
C LYS A 147 -5.68 7.16 -12.89
N ALA A 148 -5.39 7.86 -11.83
CA ALA A 148 -4.13 8.67 -11.79
C ALA A 148 -2.91 7.76 -11.87
N LEU A 149 -2.87 6.74 -11.05
CA LEU A 149 -1.70 5.82 -11.09
C LEU A 149 -1.62 5.18 -12.47
N LYS A 150 -2.75 4.85 -13.04
CA LYS A 150 -2.75 4.21 -14.39
C LYS A 150 -2.07 5.15 -15.41
N LYS A 151 -2.41 6.41 -15.37
CA LYS A 151 -1.80 7.38 -16.33
C LYS A 151 -0.28 7.45 -16.11
N ARG A 152 0.15 7.41 -14.87
CA ARG A 152 1.60 7.49 -14.59
C ARG A 152 2.30 6.25 -15.16
N GLY A 153 1.56 5.20 -15.40
CA GLY A 153 2.18 3.96 -15.96
C GLY A 153 2.37 2.94 -14.84
N PHE A 154 1.52 2.98 -13.84
CA PHE A 154 1.64 2.00 -12.72
C PHE A 154 0.79 0.77 -13.01
N LYS A 155 1.33 -0.39 -12.81
CA LYS A 155 0.56 -1.64 -13.08
C LYS A 155 0.02 -2.20 -11.75
N PHE A 156 -0.97 -3.06 -11.83
CA PHE A 156 -1.55 -3.64 -10.58
C PHE A 156 -2.13 -2.54 -9.70
N VAL A 157 -3.00 -1.73 -10.24
CA VAL A 157 -3.61 -0.63 -9.44
C VAL A 157 -5.12 -0.83 -9.35
N GLY A 158 -5.58 -2.06 -9.48
CA GLY A 158 -7.05 -2.31 -9.41
C GLY A 158 -7.65 -1.52 -8.25
N THR A 159 -8.93 -1.30 -8.28
CA THR A 159 -9.58 -0.53 -7.19
C THR A 159 -9.30 -1.21 -5.85
N THR A 160 -9.15 -2.50 -5.84
CA THR A 160 -8.89 -3.20 -4.55
C THR A 160 -7.47 -2.88 -4.07
N ILE A 161 -6.53 -2.86 -4.98
CA ILE A 161 -5.12 -2.55 -4.59
C ILE A 161 -5.02 -1.11 -4.10
N CYS A 162 -5.73 -0.21 -4.74
CA CYS A 162 -5.67 1.21 -4.30
C CYS A 162 -6.36 1.34 -2.94
N TYR A 163 -7.48 0.69 -2.78
CA TYR A 163 -8.21 0.78 -1.49
C TYR A 163 -7.33 0.19 -0.37
N SER A 164 -6.69 -0.92 -0.63
CA SER A 164 -5.83 -1.53 0.42
C SER A 164 -4.70 -0.58 0.79
N PHE A 165 -4.12 0.08 -0.17
CA PHE A 165 -3.02 1.04 0.13
C PHE A 165 -3.53 2.16 1.03
N MET A 166 -4.67 2.72 0.72
CA MET A 166 -5.20 3.82 1.58
C MET A 166 -5.41 3.29 2.99
N GLN A 167 -5.88 2.07 3.12
CA GLN A 167 -6.11 1.49 4.47
C GLN A 167 -4.77 1.30 5.19
N ALA A 168 -3.77 0.83 4.50
CA ALA A 168 -2.45 0.60 5.13
C ALA A 168 -1.76 1.94 5.44
N CYS A 169 -1.74 2.84 4.50
CA CYS A 169 -1.07 4.15 4.75
C CYS A 169 -1.84 4.92 5.82
N GLY A 170 -3.12 5.06 5.67
CA GLY A 170 -3.93 5.78 6.69
C GLY A 170 -4.75 6.88 6.04
N LEU A 171 -4.81 6.93 4.73
CA LEU A 171 -5.62 8.00 4.08
C LEU A 171 -7.06 7.89 4.56
N VAL A 172 -7.52 6.69 4.78
CA VAL A 172 -8.91 6.49 5.27
C VAL A 172 -8.90 5.52 6.44
N ASN A 173 -9.72 5.73 7.42
CA ASN A 173 -9.73 4.81 8.59
C ASN A 173 -10.86 3.80 8.41
N ASP A 174 -10.53 2.56 8.16
CA ASP A 174 -11.59 1.53 7.97
C ASP A 174 -11.44 0.44 9.03
N HIS A 175 -12.13 0.58 10.13
CA HIS A 175 -12.05 -0.44 11.21
C HIS A 175 -13.48 -0.89 11.54
N VAL A 176 -14.17 -0.13 12.34
CA VAL A 176 -15.57 -0.49 12.69
C VAL A 176 -16.19 0.64 13.53
N VAL A 177 -16.71 0.32 14.69
CA VAL A 177 -17.32 1.38 15.55
C VAL A 177 -16.73 1.31 16.97
N GLY A 178 -16.38 0.14 17.42
CA GLY A 178 -15.81 0.01 18.79
C GLY A 178 -14.45 -0.68 18.73
N CYS A 179 -13.62 -0.30 17.80
CA CYS A 179 -12.27 -0.93 17.71
C CYS A 179 -11.39 -0.40 18.84
N CYS A 180 -11.98 -0.02 19.93
CA CYS A 180 -11.18 0.52 21.07
C CYS A 180 -10.47 1.79 20.64
N CYS A 181 -9.53 1.69 19.74
CA CYS A 181 -8.78 2.89 19.28
C CYS A 181 -9.76 3.97 18.81
N TYR A 182 -10.87 3.58 18.26
CA TYR A 182 -11.87 4.58 17.76
C TYR A 182 -13.22 4.33 18.44
N PRO A 183 -13.39 4.83 19.64
CA PRO A 183 -14.66 4.68 20.40
C PRO A 183 -15.85 5.30 19.68
N GLY A 184 -15.87 6.60 19.59
CA GLY A 184 -16.99 7.28 18.88
C GLY A 184 -18.10 7.60 19.89
N ASN A 185 -18.04 7.03 21.06
CA ASN A 185 -19.09 7.30 22.09
C ASN A 185 -18.42 7.53 23.43
N LYS A 186 -17.15 7.85 23.42
CA LYS A 186 -16.43 8.09 24.70
C LYS A 186 -15.62 9.39 24.59
N PRO A 187 -15.40 10.07 25.69
CA PRO A 187 -14.63 11.34 25.70
C PRO A 187 -13.41 11.29 24.77
ZN ZN B . -9.31 -1.83 14.16
N MET A 1 -9.57 -4.23 25.54
CA MET A 1 -10.14 -3.59 24.32
C MET A 1 -10.43 -4.67 23.26
N GLU A 2 -11.19 -4.34 22.26
CA GLU A 2 -11.50 -5.34 21.20
C GLU A 2 -10.67 -5.03 19.95
N ARG A 3 -10.40 -6.02 19.14
CA ARG A 3 -9.60 -5.79 17.91
C ARG A 3 -10.54 -5.76 16.70
N CYS A 4 -10.08 -5.25 15.59
CA CYS A 4 -10.94 -5.21 14.37
C CYS A 4 -11.21 -6.64 13.89
N GLY A 5 -12.32 -6.84 13.21
CA GLY A 5 -12.66 -8.21 12.71
C GLY A 5 -11.69 -8.66 11.63
N TRP A 6 -10.98 -7.76 11.01
CA TRP A 6 -10.04 -8.17 9.93
C TRP A 6 -9.11 -9.27 10.45
N VAL A 7 -8.66 -9.16 11.66
CA VAL A 7 -7.74 -10.20 12.20
C VAL A 7 -8.49 -11.52 12.33
N SER A 8 -8.46 -12.14 13.49
CA SER A 8 -9.17 -13.44 13.67
C SER A 8 -8.32 -14.56 13.08
N GLN A 9 -7.82 -15.43 13.91
CA GLN A 9 -6.98 -16.56 13.40
C GLN A 9 -5.82 -15.96 12.60
N ASP A 10 -5.27 -14.87 13.06
CA ASP A 10 -4.15 -14.23 12.33
C ASP A 10 -3.40 -13.29 13.28
N PRO A 11 -2.82 -13.82 14.33
CA PRO A 11 -2.07 -13.00 15.31
C PRO A 11 -1.03 -12.09 14.64
N LEU A 12 -0.46 -12.54 13.56
CA LEU A 12 0.54 -11.69 12.85
C LEU A 12 -0.17 -10.44 12.34
N TYR A 13 -1.36 -10.59 11.84
CA TYR A 13 -2.12 -9.41 11.32
C TYR A 13 -2.44 -8.44 12.47
N ILE A 14 -2.84 -8.96 13.60
CA ILE A 14 -3.17 -8.04 14.73
C ILE A 14 -1.95 -7.17 15.04
N ALA A 15 -0.79 -7.73 15.05
CA ALA A 15 0.42 -6.91 15.33
C ALA A 15 0.48 -5.81 14.27
N TYR A 16 0.24 -6.17 13.05
CA TYR A 16 0.25 -5.16 11.96
C TYR A 16 -0.87 -4.15 12.22
N HIS A 17 -2.00 -4.61 12.67
CA HIS A 17 -3.13 -3.69 12.97
C HIS A 17 -2.69 -2.65 14.00
N ASP A 18 -2.08 -3.08 15.07
CA ASP A 18 -1.63 -2.12 16.13
C ASP A 18 -0.27 -1.51 15.76
N ASN A 19 0.63 -2.31 15.25
CA ASN A 19 1.99 -1.78 14.90
C ASN A 19 1.86 -0.59 13.95
N GLU A 20 1.00 -0.67 12.97
CA GLU A 20 0.85 0.46 12.02
C GLU A 20 -0.22 0.11 10.98
N TRP A 21 -1.39 0.68 11.10
CA TRP A 21 -2.47 0.38 10.13
C TRP A 21 -3.57 1.43 10.24
N GLY A 22 -3.67 2.30 9.28
CA GLY A 22 -4.72 3.36 9.33
C GLY A 22 -4.09 4.67 9.82
N VAL A 23 -2.82 4.64 10.14
CA VAL A 23 -2.14 5.88 10.61
C VAL A 23 -1.88 6.79 9.41
N PRO A 24 -2.46 7.97 9.36
CA PRO A 24 -2.25 8.92 8.23
C PRO A 24 -0.76 9.13 7.92
N GLU A 25 -0.37 8.91 6.68
CA GLU A 25 1.07 9.11 6.31
C GLU A 25 1.17 10.26 5.31
N THR A 26 2.04 11.20 5.57
CA THR A 26 2.19 12.36 4.63
C THR A 26 3.58 12.32 3.98
N ASP A 27 4.38 11.35 4.32
CA ASP A 27 5.74 11.27 3.71
C ASP A 27 5.66 10.56 2.37
N SER A 28 6.14 11.17 1.33
CA SER A 28 6.09 10.53 -0.01
C SER A 28 6.93 9.25 -0.01
N LYS A 29 7.99 9.23 0.75
CA LYS A 29 8.85 8.01 0.79
C LYS A 29 8.03 6.84 1.35
N LYS A 30 7.45 7.02 2.51
CA LYS A 30 6.64 5.92 3.10
C LYS A 30 5.43 5.64 2.22
N LEU A 31 4.85 6.66 1.66
CA LEU A 31 3.65 6.48 0.80
C LEU A 31 4.01 5.65 -0.43
N PHE A 32 5.09 6.00 -1.08
CA PHE A 32 5.52 5.24 -2.29
C PHE A 32 5.82 3.79 -1.92
N GLU A 33 6.48 3.57 -0.81
CA GLU A 33 6.80 2.18 -0.42
C GLU A 33 5.52 1.37 -0.22
N MET A 34 4.47 2.02 0.21
CA MET A 34 3.19 1.29 0.45
C MET A 34 2.59 0.78 -0.87
N ILE A 35 2.48 1.61 -1.87
CA ILE A 35 1.87 1.15 -3.15
C ILE A 35 2.72 0.06 -3.82
N CYS A 36 4.00 0.10 -3.68
CA CYS A 36 4.87 -0.93 -4.33
C CYS A 36 4.65 -2.29 -3.65
N LEU A 37 4.60 -2.33 -2.36
CA LEU A 37 4.41 -3.63 -1.65
C LEU A 37 3.04 -4.23 -2.01
N GLU A 38 2.04 -3.41 -2.15
CA GLU A 38 0.69 -3.94 -2.50
C GLU A 38 0.71 -4.61 -3.86
N GLY A 39 1.57 -4.19 -4.75
CA GLY A 39 1.62 -4.81 -6.11
C GLY A 39 1.69 -6.34 -5.98
N GLN A 40 2.40 -6.83 -5.01
CA GLN A 40 2.50 -8.32 -4.84
C GLN A 40 1.11 -8.89 -4.56
N GLN A 41 0.28 -8.13 -3.90
CA GLN A 41 -1.09 -8.63 -3.57
C GLN A 41 -1.76 -9.14 -4.85
N ALA A 42 -1.49 -8.54 -5.97
CA ALA A 42 -2.14 -9.01 -7.23
C ALA A 42 -2.12 -10.53 -7.28
N GLY A 43 -3.27 -11.16 -7.13
CA GLY A 43 -3.32 -12.65 -7.17
C GLY A 43 -3.19 -13.20 -5.75
N LEU A 44 -2.71 -12.40 -4.85
CA LEU A 44 -2.56 -12.85 -3.43
C LEU A 44 -3.40 -11.97 -2.51
N SER A 45 -3.13 -12.01 -1.23
CA SER A 45 -3.92 -11.19 -0.26
C SER A 45 -2.96 -10.32 0.56
N TRP A 46 -3.42 -9.21 1.04
CA TRP A 46 -2.53 -8.31 1.84
C TRP A 46 -1.98 -9.06 3.05
N ILE A 47 -2.72 -9.98 3.59
CA ILE A 47 -2.21 -10.74 4.77
C ILE A 47 -0.93 -11.47 4.38
N THR A 48 -0.88 -12.03 3.21
CA THR A 48 0.34 -12.74 2.75
C THR A 48 1.43 -11.73 2.43
N VAL A 49 1.05 -10.59 1.92
CA VAL A 49 2.06 -9.55 1.57
C VAL A 49 2.86 -9.12 2.80
N LEU A 50 2.25 -9.05 3.95
CA LEU A 50 3.01 -8.61 5.15
C LEU A 50 4.22 -9.51 5.35
N LYS A 51 4.06 -10.80 5.25
CA LYS A 51 5.24 -11.71 5.44
C LYS A 51 6.27 -11.41 4.35
N LYS A 52 5.85 -11.41 3.12
CA LYS A 52 6.79 -11.13 2.00
C LYS A 52 7.32 -9.70 2.15
N ARG A 53 6.52 -8.82 2.68
CA ARG A 53 6.95 -7.41 2.84
C ARG A 53 8.27 -7.37 3.61
N GLU A 54 8.39 -8.13 4.66
CA GLU A 54 9.65 -8.12 5.43
C GLU A 54 10.77 -8.76 4.61
N ASN A 55 10.47 -9.86 3.95
CA ASN A 55 11.52 -10.52 3.13
C ASN A 55 11.89 -9.62 1.95
N TYR A 56 10.92 -8.97 1.36
CA TYR A 56 11.21 -8.07 0.22
C TYR A 56 12.21 -6.99 0.65
N ARG A 57 12.01 -6.42 1.81
CA ARG A 57 12.96 -5.37 2.27
C ARG A 57 14.35 -5.99 2.45
N ALA A 58 14.40 -7.24 2.82
CA ALA A 58 15.74 -7.87 3.04
C ALA A 58 16.56 -7.83 1.75
N CYS A 59 15.94 -8.11 0.64
CA CYS A 59 16.72 -8.12 -0.64
C CYS A 59 16.67 -6.75 -1.34
N PHE A 60 15.53 -6.11 -1.37
CA PHE A 60 15.42 -4.80 -2.10
C PHE A 60 15.83 -3.60 -1.24
N HIS A 61 15.51 -3.59 0.02
CA HIS A 61 15.84 -2.40 0.87
C HIS A 61 17.34 -2.06 0.75
N GLN A 62 18.19 -3.03 0.71
CA GLN A 62 19.64 -2.74 0.60
C GLN A 62 19.93 -1.93 -0.67
N PHE A 63 19.30 -2.26 -1.76
CA PHE A 63 19.53 -1.52 -3.03
C PHE A 63 19.01 -0.08 -2.92
N ASP A 64 18.06 0.17 -2.06
CA ASP A 64 17.51 1.54 -1.94
C ASP A 64 16.70 1.86 -3.20
N PRO A 65 15.65 2.65 -3.08
CA PRO A 65 14.79 3.00 -4.24
C PRO A 65 15.55 3.65 -5.41
N VAL A 66 16.61 4.36 -5.14
CA VAL A 66 17.36 5.01 -6.25
C VAL A 66 17.89 3.93 -7.19
N LYS A 67 18.51 2.91 -6.66
CA LYS A 67 19.03 1.82 -7.53
C LYS A 67 17.87 1.06 -8.17
N VAL A 68 16.76 0.98 -7.48
CA VAL A 68 15.60 0.24 -8.04
C VAL A 68 15.24 0.82 -9.41
N ALA A 69 15.23 2.12 -9.54
CA ALA A 69 14.92 2.73 -10.86
C ALA A 69 16.16 2.58 -11.74
N ALA A 70 17.30 2.42 -11.13
CA ALA A 70 18.55 2.26 -11.91
C ALA A 70 18.91 0.77 -12.02
N MET A 71 18.04 -0.10 -11.60
CA MET A 71 18.33 -1.56 -11.69
C MET A 71 18.18 -2.02 -13.14
N GLN A 72 18.99 -2.97 -13.55
CA GLN A 72 18.89 -3.46 -14.96
C GLN A 72 18.08 -4.75 -14.97
N GLU A 73 17.66 -5.17 -16.13
CA GLU A 73 16.87 -6.44 -16.20
C GLU A 73 17.73 -7.59 -15.69
N GLU A 74 19.01 -7.55 -15.95
CA GLU A 74 19.89 -8.65 -15.47
C GLU A 74 19.77 -8.77 -13.95
N ASP A 75 19.56 -7.68 -13.28
CA ASP A 75 19.44 -7.71 -11.79
C ASP A 75 18.24 -8.58 -11.37
N VAL A 76 17.13 -8.49 -12.06
CA VAL A 76 15.95 -9.30 -11.66
C VAL A 76 16.30 -10.78 -11.81
N GLU A 77 16.95 -11.12 -12.87
CA GLU A 77 17.33 -12.54 -13.09
C GLU A 77 18.14 -13.03 -11.89
N ARG A 78 18.96 -12.19 -11.32
CA ARG A 78 19.76 -12.61 -10.14
C ARG A 78 18.82 -12.92 -8.97
N LEU A 79 17.89 -12.04 -8.71
CA LEU A 79 16.92 -12.25 -7.59
C LEU A 79 15.94 -13.36 -7.94
N VAL A 80 15.66 -13.55 -9.20
CA VAL A 80 14.68 -14.62 -9.57
C VAL A 80 15.09 -15.93 -8.89
N GLN A 81 16.37 -16.19 -8.77
CA GLN A 81 16.82 -17.44 -8.11
C GLN A 81 16.85 -17.25 -6.58
N ASP A 82 17.64 -16.32 -6.11
CA ASP A 82 17.72 -16.08 -4.64
C ASP A 82 16.46 -15.33 -4.16
N ALA A 83 16.24 -15.28 -2.88
CA ALA A 83 15.04 -14.57 -2.32
C ALA A 83 13.85 -15.53 -2.30
N GLY A 84 13.75 -16.29 -1.25
CA GLY A 84 12.61 -17.25 -1.13
C GLY A 84 11.28 -16.51 -1.23
N ILE A 85 11.32 -15.22 -1.42
CA ILE A 85 10.05 -14.44 -1.53
C ILE A 85 9.19 -15.01 -2.66
N ILE A 86 8.33 -14.23 -3.23
CA ILE A 86 7.48 -14.74 -4.35
C ILE A 86 8.30 -14.75 -5.64
N ARG A 87 8.19 -15.77 -6.43
CA ARG A 87 8.96 -15.81 -7.70
C ARG A 87 8.11 -15.28 -8.84
N HIS A 88 8.62 -14.36 -9.62
CA HIS A 88 7.85 -13.80 -10.74
C HIS A 88 8.70 -12.74 -11.45
N ARG A 89 9.42 -13.13 -12.46
CA ARG A 89 10.26 -12.14 -13.18
C ARG A 89 9.40 -10.93 -13.55
N GLY A 90 8.17 -11.17 -13.87
CA GLY A 90 7.26 -10.04 -14.25
C GLY A 90 7.04 -9.10 -13.06
N LYS A 91 6.74 -9.64 -11.91
CA LYS A 91 6.50 -8.77 -10.72
C LYS A 91 7.78 -8.00 -10.35
N ILE A 92 8.92 -8.63 -10.44
CA ILE A 92 10.19 -7.91 -10.09
C ILE A 92 10.33 -6.69 -10.99
N GLN A 93 10.18 -6.86 -12.27
CA GLN A 93 10.30 -5.71 -13.20
C GLN A 93 9.23 -4.66 -12.87
N ALA A 94 8.08 -5.09 -12.42
CA ALA A 94 7.00 -4.12 -12.09
C ALA A 94 7.47 -3.17 -11.00
N ILE A 95 8.06 -3.69 -9.97
CA ILE A 95 8.56 -2.79 -8.88
C ILE A 95 9.56 -1.80 -9.46
N ILE A 96 10.45 -2.27 -10.29
CA ILE A 96 11.46 -1.36 -10.90
C ILE A 96 10.77 -0.24 -11.67
N GLY A 97 9.83 -0.59 -12.51
CA GLY A 97 9.11 0.46 -13.29
C GLY A 97 8.39 1.42 -12.35
N ASN A 98 7.84 0.92 -11.28
CA ASN A 98 7.12 1.80 -10.33
C ASN A 98 8.05 2.89 -9.83
N ALA A 99 9.25 2.53 -9.45
CA ALA A 99 10.21 3.56 -8.95
C ALA A 99 10.58 4.50 -10.10
N ARG A 100 10.73 3.96 -11.28
CA ARG A 100 11.08 4.82 -12.44
C ARG A 100 9.96 5.84 -12.68
N ALA A 101 8.73 5.40 -12.63
CA ALA A 101 7.60 6.35 -12.84
C ALA A 101 7.54 7.32 -11.66
N TYR A 102 7.73 6.80 -10.47
CA TYR A 102 7.69 7.67 -9.26
C TYR A 102 8.87 8.64 -9.28
N LEU A 103 10.05 8.16 -9.54
CA LEU A 103 11.23 9.06 -9.56
C LEU A 103 11.07 10.08 -10.68
N GLN A 104 10.56 9.66 -11.81
CA GLN A 104 10.38 10.61 -12.95
C GLN A 104 9.44 11.74 -12.53
N MET A 105 8.38 11.43 -11.85
CA MET A 105 7.43 12.50 -11.42
C MET A 105 8.12 13.39 -10.38
N GLU A 106 8.84 12.80 -9.46
CA GLU A 106 9.54 13.62 -8.42
C GLU A 106 10.63 14.46 -9.09
N GLN A 107 11.18 13.98 -10.17
CA GLN A 107 12.26 14.73 -10.86
C GLN A 107 11.79 16.17 -11.13
N ASN A 108 10.52 16.34 -11.35
CA ASN A 108 10.00 17.71 -11.61
C ASN A 108 9.94 18.49 -10.30
N GLY A 109 9.98 17.82 -9.18
CA GLY A 109 9.93 18.54 -7.88
C GLY A 109 8.50 18.56 -7.36
N GLU A 110 7.60 17.90 -8.03
CA GLU A 110 6.18 17.88 -7.57
C GLU A 110 5.98 16.72 -6.60
N PRO A 111 5.71 16.97 -5.34
CA PRO A 111 5.51 15.89 -4.34
C PRO A 111 4.45 14.89 -4.78
N PHE A 112 4.76 13.63 -4.74
CA PHE A 112 3.78 12.59 -5.15
C PHE A 112 2.63 12.53 -4.14
N ALA A 113 2.95 12.53 -2.88
CA ALA A 113 1.89 12.45 -1.84
C ALA A 113 0.96 13.65 -1.91
N ASP A 114 1.49 14.83 -2.15
CA ASP A 114 0.60 16.02 -2.24
C ASP A 114 -0.48 15.77 -3.29
N PHE A 115 -0.13 15.14 -4.37
CA PHE A 115 -1.14 14.87 -5.43
C PHE A 115 -2.21 13.91 -4.89
N VAL A 116 -1.80 12.82 -4.30
CA VAL A 116 -2.80 11.85 -3.76
C VAL A 116 -3.63 12.55 -2.68
N TRP A 117 -3.00 13.31 -1.82
CA TRP A 117 -3.75 14.01 -0.75
C TRP A 117 -4.81 14.93 -1.35
N SER A 118 -4.50 15.59 -2.43
CA SER A 118 -5.48 16.51 -3.06
C SER A 118 -6.73 15.74 -3.49
N PHE A 119 -6.56 14.53 -3.96
CA PHE A 119 -7.73 13.73 -4.40
C PHE A 119 -8.71 13.50 -3.25
N VAL A 120 -8.22 13.47 -2.05
CA VAL A 120 -9.12 13.24 -0.87
C VAL A 120 -9.40 14.57 -0.18
N ASN A 121 -9.27 15.65 -0.90
CA ASN A 121 -9.54 17.00 -0.30
C ASN A 121 -8.45 17.31 0.73
N HIS A 122 -7.26 16.87 0.48
CA HIS A 122 -6.14 17.14 1.42
C HIS A 122 -6.60 16.95 2.86
N GLN A 123 -7.64 16.18 3.08
CA GLN A 123 -8.12 15.95 4.48
C GLN A 123 -8.36 14.46 4.69
N PRO A 124 -8.19 13.98 5.90
CA PRO A 124 -8.39 12.54 6.23
C PRO A 124 -9.87 12.13 6.18
N GLN A 125 -10.14 10.91 5.82
CA GLN A 125 -11.56 10.45 5.76
C GLN A 125 -11.81 9.44 6.88
N MET A 126 -12.98 9.46 7.47
CA MET A 126 -13.29 8.51 8.56
C MET A 126 -14.64 7.85 8.29
N THR A 127 -14.84 6.66 8.79
CA THR A 127 -16.15 5.97 8.56
C THR A 127 -16.62 5.31 9.84
N GLN A 128 -17.90 5.03 9.93
CA GLN A 128 -18.45 4.37 11.15
C GLN A 128 -19.09 3.04 10.72
N ALA A 129 -18.37 2.26 9.98
CA ALA A 129 -18.92 0.95 9.50
C ALA A 129 -19.22 0.06 10.71
N THR A 130 -20.29 -0.69 10.65
CA THR A 130 -20.63 -1.60 11.79
C THR A 130 -19.98 -2.96 11.51
N THR A 131 -20.13 -3.45 10.31
CA THR A 131 -19.53 -4.76 9.96
C THR A 131 -18.64 -4.56 8.73
N LEU A 132 -17.66 -5.41 8.56
CA LEU A 132 -16.75 -5.27 7.39
C LEU A 132 -17.56 -5.33 6.09
N SER A 133 -18.62 -6.10 6.08
CA SER A 133 -19.45 -6.21 4.85
C SER A 133 -20.08 -4.86 4.50
N GLU A 134 -20.39 -4.06 5.48
CA GLU A 134 -21.02 -2.73 5.19
C GLU A 134 -20.04 -1.85 4.42
N ILE A 135 -18.77 -2.09 4.56
CA ILE A 135 -17.76 -1.26 3.85
C ILE A 135 -17.85 -1.53 2.34
N PRO A 136 -17.95 -0.51 1.52
CA PRO A 136 -18.05 -0.67 0.04
C PRO A 136 -16.74 -1.09 -0.60
N THR A 137 -15.70 -1.04 0.16
CA THR A 137 -14.36 -1.42 -0.38
C THR A 137 -14.04 -0.62 -1.63
N SER A 138 -14.96 0.18 -2.09
CA SER A 138 -14.71 1.00 -3.30
C SER A 138 -15.17 2.43 -3.08
N THR A 139 -14.30 3.28 -2.61
CA THR A 139 -14.69 4.70 -2.36
C THR A 139 -14.51 5.49 -3.68
N PRO A 140 -15.30 6.52 -3.89
CA PRO A 140 -15.19 7.34 -5.13
C PRO A 140 -13.75 7.76 -5.40
N ALA A 141 -12.99 8.02 -4.37
CA ALA A 141 -11.58 8.43 -4.56
C ALA A 141 -10.75 7.24 -5.05
N SER A 142 -11.05 6.06 -4.56
CA SER A 142 -10.28 4.86 -4.98
C SER A 142 -10.41 4.66 -6.50
N ASP A 143 -11.60 4.73 -7.01
CA ASP A 143 -11.79 4.54 -8.47
C ASP A 143 -11.06 5.63 -9.24
N ALA A 144 -11.17 6.85 -8.80
CA ALA A 144 -10.49 7.97 -9.51
C ALA A 144 -8.98 7.88 -9.29
N LEU A 145 -8.56 7.58 -8.08
CA LEU A 145 -7.11 7.50 -7.80
C LEU A 145 -6.48 6.40 -8.64
N SER A 146 -7.12 5.27 -8.74
CA SER A 146 -6.54 4.16 -9.55
C SER A 146 -6.35 4.62 -10.99
N LYS A 147 -7.34 5.27 -11.54
CA LYS A 147 -7.21 5.75 -12.94
C LYS A 147 -6.07 6.75 -13.04
N ALA A 148 -5.91 7.58 -12.05
CA ALA A 148 -4.81 8.59 -12.10
C ALA A 148 -3.46 7.89 -12.09
N LEU A 149 -3.26 6.95 -11.20
CA LEU A 149 -1.95 6.24 -11.16
C LEU A 149 -1.78 5.44 -12.45
N LYS A 150 -2.81 4.79 -12.89
CA LYS A 150 -2.70 3.99 -14.15
C LYS A 150 -2.34 4.90 -15.31
N LYS A 151 -2.84 6.12 -15.30
CA LYS A 151 -2.54 7.06 -16.41
C LYS A 151 -1.04 7.33 -16.50
N ARG A 152 -0.37 7.49 -15.39
CA ARG A 152 1.09 7.78 -15.45
C ARG A 152 1.83 6.55 -15.98
N GLY A 153 1.24 5.40 -15.86
CA GLY A 153 1.92 4.16 -16.35
C GLY A 153 2.05 3.14 -15.21
N PHE A 154 1.44 3.37 -14.09
CA PHE A 154 1.55 2.40 -12.97
C PHE A 154 0.66 1.19 -13.25
N LYS A 155 1.15 0.01 -13.01
CA LYS A 155 0.34 -1.22 -13.25
C LYS A 155 -0.07 -1.82 -11.91
N PHE A 156 -0.66 -2.98 -11.92
CA PHE A 156 -1.10 -3.62 -10.65
C PHE A 156 -1.72 -2.57 -9.73
N VAL A 157 -2.35 -1.59 -10.31
CA VAL A 157 -2.98 -0.51 -9.49
C VAL A 157 -4.50 -0.63 -9.58
N GLY A 158 -5.00 -1.82 -9.84
CA GLY A 158 -6.47 -1.99 -9.93
C GLY A 158 -7.14 -1.35 -8.71
N THR A 159 -8.43 -1.17 -8.77
CA THR A 159 -9.14 -0.54 -7.62
C THR A 159 -8.88 -1.36 -6.36
N THR A 160 -8.72 -2.65 -6.48
CA THR A 160 -8.47 -3.48 -5.26
C THR A 160 -7.11 -3.13 -4.66
N ILE A 161 -6.10 -3.00 -5.47
CA ILE A 161 -4.76 -2.66 -4.93
C ILE A 161 -4.78 -1.24 -4.37
N CYS A 162 -5.44 -0.35 -5.04
CA CYS A 162 -5.50 1.04 -4.55
C CYS A 162 -6.25 1.09 -3.21
N TYR A 163 -7.30 0.34 -3.09
CA TYR A 163 -8.07 0.34 -1.81
C TYR A 163 -7.16 -0.10 -0.66
N SER A 164 -6.39 -1.15 -0.85
CA SER A 164 -5.49 -1.60 0.23
C SER A 164 -4.51 -0.48 0.57
N PHE A 165 -4.10 0.26 -0.40
CA PHE A 165 -3.15 1.37 -0.15
C PHE A 165 -3.87 2.49 0.61
N MET A 166 -5.12 2.74 0.29
CA MET A 166 -5.86 3.83 1.00
C MET A 166 -5.95 3.51 2.50
N GLN A 167 -6.18 2.27 2.85
CA GLN A 167 -6.27 1.93 4.30
C GLN A 167 -4.87 1.83 4.91
N ALA A 168 -3.95 1.23 4.19
CA ALA A 168 -2.57 1.08 4.73
C ALA A 168 -1.92 2.47 4.89
N CYS A 169 -2.14 3.35 3.95
CA CYS A 169 -1.54 4.71 4.04
C CYS A 169 -2.19 5.49 5.19
N GLY A 170 -3.46 5.28 5.41
CA GLY A 170 -4.16 6.01 6.50
C GLY A 170 -4.98 7.16 5.91
N LEU A 171 -5.10 7.21 4.62
CA LEU A 171 -5.90 8.30 3.98
C LEU A 171 -7.34 8.22 4.52
N VAL A 172 -7.81 7.04 4.76
CA VAL A 172 -9.20 6.89 5.29
C VAL A 172 -9.16 5.97 6.51
N ASN A 173 -9.93 6.27 7.52
CA ASN A 173 -9.92 5.40 8.74
C ASN A 173 -11.08 4.41 8.66
N ASP A 174 -10.80 3.19 8.30
CA ASP A 174 -11.88 2.17 8.20
C ASP A 174 -11.57 1.01 9.14
N HIS A 175 -12.07 1.07 10.34
CA HIS A 175 -11.83 -0.03 11.32
C HIS A 175 -13.19 -0.58 11.76
N VAL A 176 -13.72 -0.03 12.80
CA VAL A 176 -15.06 -0.49 13.30
C VAL A 176 -15.49 0.38 14.47
N VAL A 177 -16.73 0.76 14.53
CA VAL A 177 -17.20 1.63 15.64
C VAL A 177 -17.08 0.89 16.98
N GLY A 178 -16.06 0.09 17.13
CA GLY A 178 -15.85 -0.65 18.39
C GLY A 178 -14.35 -0.85 18.61
N CYS A 179 -13.57 -0.40 17.66
CA CYS A 179 -12.09 -0.55 17.78
C CYS A 179 -11.52 0.62 18.58
N CYS A 180 -10.32 0.48 19.05
CA CYS A 180 -9.71 1.58 19.86
C CYS A 180 -9.61 2.84 18.98
N CYS A 181 -9.26 2.68 17.74
CA CYS A 181 -9.13 3.85 16.84
C CYS A 181 -10.49 4.54 16.71
N TYR A 182 -11.56 3.80 16.83
CA TYR A 182 -12.92 4.39 16.71
C TYR A 182 -13.72 4.12 17.99
N PRO A 183 -13.54 4.93 19.00
CA PRO A 183 -14.25 4.75 20.30
C PRO A 183 -15.75 5.01 20.17
N GLY A 184 -16.18 5.54 19.06
CA GLY A 184 -17.63 5.81 18.88
C GLY A 184 -17.96 7.21 19.43
N ASN A 185 -16.98 8.08 19.47
CA ASN A 185 -17.22 9.45 19.98
C ASN A 185 -17.77 9.38 21.41
N LYS A 186 -17.20 8.53 22.22
CA LYS A 186 -17.68 8.41 23.62
C LYS A 186 -16.49 8.57 24.59
N PRO A 187 -16.73 9.05 25.78
CA PRO A 187 -15.65 9.24 26.80
C PRO A 187 -15.16 7.91 27.38
ZN ZN B . -9.02 -1.40 14.35
N MET A 1 -9.99 -6.70 25.36
CA MET A 1 -9.71 -5.75 24.26
C MET A 1 -10.71 -5.96 23.13
N GLU A 2 -11.17 -4.89 22.53
CA GLU A 2 -12.15 -5.03 21.42
C GLU A 2 -11.43 -4.76 20.09
N ARG A 3 -11.94 -5.31 19.01
CA ARG A 3 -11.28 -5.10 17.69
C ARG A 3 -12.34 -5.11 16.58
N CYS A 4 -11.99 -4.68 15.40
CA CYS A 4 -12.98 -4.66 14.29
C CYS A 4 -12.98 -6.01 13.58
N GLY A 5 -14.08 -6.36 12.96
CA GLY A 5 -14.15 -7.67 12.25
C GLY A 5 -13.01 -7.78 11.23
N TRP A 6 -12.42 -6.66 10.88
CA TRP A 6 -11.31 -6.69 9.88
C TRP A 6 -10.26 -7.72 10.29
N VAL A 7 -10.03 -7.88 11.55
CA VAL A 7 -8.99 -8.87 11.99
C VAL A 7 -9.36 -10.27 11.51
N SER A 8 -8.43 -10.95 10.89
CA SER A 8 -8.70 -12.33 10.39
C SER A 8 -8.32 -13.35 11.45
N GLN A 9 -8.00 -12.89 12.65
CA GLN A 9 -7.60 -13.80 13.75
C GLN A 9 -6.10 -14.11 13.67
N ASP A 10 -5.32 -13.14 13.26
CA ASP A 10 -3.84 -13.36 13.16
C ASP A 10 -3.13 -12.37 14.09
N PRO A 11 -2.13 -12.81 14.82
CA PRO A 11 -1.39 -11.92 15.76
C PRO A 11 -0.55 -10.86 15.02
N LEU A 12 0.06 -11.23 13.92
CA LEU A 12 0.88 -10.24 13.17
C LEU A 12 -0.02 -9.12 12.65
N TYR A 13 -1.19 -9.45 12.18
CA TYR A 13 -2.11 -8.39 11.67
C TYR A 13 -2.52 -7.49 12.82
N ILE A 14 -2.89 -8.07 13.94
CA ILE A 14 -3.32 -7.25 15.10
C ILE A 14 -2.17 -6.36 15.58
N ALA A 15 -0.97 -6.86 15.57
CA ALA A 15 0.18 -6.02 16.01
C ALA A 15 0.22 -4.78 15.13
N TYR A 16 0.06 -4.95 13.85
CA TYR A 16 0.07 -3.79 12.93
C TYR A 16 -1.21 -2.96 13.13
N HIS A 17 -2.29 -3.61 13.45
CA HIS A 17 -3.57 -2.86 13.65
C HIS A 17 -3.37 -1.77 14.71
N ASP A 18 -2.81 -2.12 15.83
CA ASP A 18 -2.59 -1.12 16.91
C ASP A 18 -1.49 -0.13 16.54
N ASN A 19 -0.41 -0.60 15.97
CA ASN A 19 0.70 0.33 15.62
C ASN A 19 0.21 1.43 14.68
N GLU A 20 -0.50 1.07 13.64
CA GLU A 20 -1.00 2.11 12.69
C GLU A 20 -2.26 1.56 12.01
N TRP A 21 -2.22 1.40 10.72
CA TRP A 21 -3.41 0.85 10.01
C TRP A 21 -4.64 1.70 10.30
N GLY A 22 -4.93 2.64 9.46
CA GLY A 22 -6.12 3.52 9.68
C GLY A 22 -5.63 4.89 10.16
N VAL A 23 -4.34 5.04 10.34
CA VAL A 23 -3.80 6.35 10.80
C VAL A 23 -3.23 7.08 9.57
N PRO A 24 -3.51 8.36 9.41
CA PRO A 24 -3.01 9.12 8.22
C PRO A 24 -1.48 9.10 8.12
N GLU A 25 -0.97 8.72 6.97
CA GLU A 25 0.51 8.69 6.78
C GLU A 25 0.91 9.81 5.83
N THR A 26 1.94 10.55 6.16
CA THR A 26 2.40 11.66 5.28
C THR A 26 3.77 11.33 4.71
N ASP A 27 4.28 10.14 4.98
CA ASP A 27 5.62 9.78 4.44
C ASP A 27 5.48 9.24 3.02
N SER A 28 5.95 9.96 2.05
CA SER A 28 5.83 9.47 0.63
C SER A 28 6.62 8.18 0.48
N LYS A 29 7.75 8.07 1.13
CA LYS A 29 8.55 6.82 1.00
C LYS A 29 7.70 5.64 1.47
N LYS A 30 7.02 5.80 2.58
CA LYS A 30 6.17 4.70 3.10
C LYS A 30 4.99 4.46 2.14
N LEU A 31 4.36 5.51 1.70
CA LEU A 31 3.20 5.34 0.77
C LEU A 31 3.67 4.77 -0.57
N PHE A 32 4.78 5.25 -1.06
CA PHE A 32 5.29 4.74 -2.36
C PHE A 32 5.58 3.24 -2.27
N GLU A 33 6.30 2.82 -1.27
CA GLU A 33 6.62 1.37 -1.15
C GLU A 33 5.33 0.58 -0.95
N MET A 34 4.36 1.18 -0.32
CA MET A 34 3.08 0.46 -0.08
C MET A 34 2.44 0.05 -1.41
N ILE A 35 2.40 0.93 -2.38
CA ILE A 35 1.79 0.56 -3.68
C ILE A 35 2.62 -0.52 -4.38
N CYS A 36 3.91 -0.36 -4.43
CA CYS A 36 4.75 -1.39 -5.11
C CYS A 36 4.63 -2.73 -4.40
N LEU A 37 4.70 -2.73 -3.10
CA LEU A 37 4.60 -4.00 -2.34
C LEU A 37 3.22 -4.63 -2.52
N GLU A 38 2.19 -3.84 -2.54
CA GLU A 38 0.81 -4.41 -2.69
C GLU A 38 0.70 -5.18 -4.01
N GLY A 39 1.51 -4.86 -4.97
CA GLY A 39 1.42 -5.58 -6.27
C GLY A 39 1.37 -7.09 -6.02
N GLN A 40 2.15 -7.58 -5.09
CA GLN A 40 2.14 -9.04 -4.80
C GLN A 40 0.77 -9.45 -4.25
N GLN A 41 0.12 -8.57 -3.53
CA GLN A 41 -1.22 -8.90 -2.96
C GLN A 41 -2.15 -9.41 -4.06
N ALA A 42 -2.05 -8.87 -5.24
CA ALA A 42 -2.95 -9.32 -6.34
C ALA A 42 -3.03 -10.86 -6.33
N GLY A 43 -4.16 -11.39 -5.96
CA GLY A 43 -4.31 -12.88 -5.93
C GLY A 43 -3.94 -13.40 -4.53
N LEU A 44 -3.38 -12.57 -3.71
CA LEU A 44 -2.99 -13.00 -2.33
C LEU A 44 -3.68 -12.11 -1.29
N SER A 45 -3.18 -12.11 -0.09
CA SER A 45 -3.78 -11.27 0.98
C SER A 45 -2.72 -10.36 1.60
N TRP A 46 -3.12 -9.22 2.10
CA TRP A 46 -2.12 -8.28 2.71
C TRP A 46 -1.34 -8.97 3.82
N ILE A 47 -1.97 -9.80 4.60
CA ILE A 47 -1.25 -10.48 5.71
C ILE A 47 -0.07 -11.28 5.16
N THR A 48 -0.26 -11.98 4.07
CA THR A 48 0.85 -12.77 3.49
C THR A 48 1.96 -11.82 3.02
N VAL A 49 1.57 -10.72 2.46
CA VAL A 49 2.58 -9.73 1.95
C VAL A 49 3.43 -9.17 3.09
N LEU A 50 2.86 -8.90 4.24
CA LEU A 50 3.68 -8.33 5.35
C LEU A 50 4.90 -9.23 5.64
N LYS A 51 4.69 -10.50 5.84
CA LYS A 51 5.87 -11.38 6.10
C LYS A 51 6.83 -11.27 4.92
N LYS A 52 6.29 -11.33 3.74
CA LYS A 52 7.13 -11.20 2.53
C LYS A 52 7.75 -9.80 2.52
N ARG A 53 7.10 -8.84 3.12
CA ARG A 53 7.68 -7.47 3.13
C ARG A 53 9.08 -7.55 3.68
N GLU A 54 9.27 -8.29 4.74
CA GLU A 54 10.65 -8.42 5.30
C GLU A 54 11.53 -9.11 4.26
N ASN A 55 11.01 -10.14 3.63
CA ASN A 55 11.81 -10.85 2.59
C ASN A 55 12.07 -9.90 1.42
N TYR A 56 11.11 -9.10 1.06
CA TYR A 56 11.27 -8.14 -0.07
C TYR A 56 12.44 -7.20 0.23
N ARG A 57 12.51 -6.69 1.43
CA ARG A 57 13.63 -5.76 1.76
C ARG A 57 14.97 -6.48 1.55
N ALA A 58 15.01 -7.75 1.85
CA ALA A 58 16.28 -8.50 1.67
C ALA A 58 16.65 -8.60 0.19
N CYS A 59 15.68 -8.58 -0.68
CA CYS A 59 15.99 -8.72 -2.13
C CYS A 59 16.14 -7.33 -2.80
N PHE A 60 15.61 -6.29 -2.20
CA PHE A 60 15.73 -4.94 -2.84
C PHE A 60 16.42 -3.94 -1.91
N HIS A 61 16.22 -4.04 -0.63
CA HIS A 61 16.87 -3.07 0.30
C HIS A 61 18.39 -3.11 0.12
N GLN A 62 18.94 -4.29 0.01
CA GLN A 62 20.41 -4.40 -0.18
C GLN A 62 20.82 -3.72 -1.49
N PHE A 63 19.97 -3.79 -2.48
CA PHE A 63 20.30 -3.15 -3.79
C PHE A 63 20.07 -1.65 -3.73
N ASP A 64 19.59 -1.14 -2.63
CA ASP A 64 19.35 0.33 -2.54
C ASP A 64 18.24 0.73 -3.54
N PRO A 65 17.50 1.77 -3.24
CA PRO A 65 16.39 2.24 -4.13
C PRO A 65 16.87 2.89 -5.44
N VAL A 66 17.88 3.72 -5.38
CA VAL A 66 18.36 4.37 -6.63
C VAL A 66 18.73 3.33 -7.68
N LYS A 67 19.43 2.30 -7.29
CA LYS A 67 19.81 1.25 -8.28
C LYS A 67 18.55 0.58 -8.82
N VAL A 68 17.53 0.46 -8.02
CA VAL A 68 16.28 -0.19 -8.51
C VAL A 68 15.76 0.56 -9.73
N ALA A 69 15.80 1.86 -9.69
CA ALA A 69 15.33 2.64 -10.86
C ALA A 69 16.34 2.46 -12.00
N ALA A 70 17.57 2.20 -11.66
CA ALA A 70 18.61 2.01 -12.70
C ALA A 70 19.12 0.57 -12.71
N MET A 71 18.33 -0.35 -12.25
CA MET A 71 18.78 -1.78 -12.25
C MET A 71 18.86 -2.28 -13.68
N GLN A 72 19.73 -3.22 -13.95
CA GLN A 72 19.86 -3.74 -15.34
C GLN A 72 19.09 -5.04 -15.45
N GLU A 73 18.88 -5.51 -16.65
CA GLU A 73 18.13 -6.78 -16.82
C GLU A 73 18.93 -7.92 -16.19
N GLU A 74 20.24 -7.86 -16.26
CA GLU A 74 21.06 -8.95 -15.64
C GLU A 74 20.65 -9.11 -14.18
N ASP A 75 20.42 -8.03 -13.50
CA ASP A 75 20.00 -8.13 -12.07
C ASP A 75 18.70 -8.92 -11.98
N VAL A 76 17.81 -8.74 -12.91
CA VAL A 76 16.52 -9.47 -12.87
C VAL A 76 16.77 -10.98 -12.86
N GLU A 77 17.64 -11.46 -13.72
CA GLU A 77 17.91 -12.93 -13.73
C GLU A 77 18.44 -13.37 -12.37
N ARG A 78 19.21 -12.55 -11.72
CA ARG A 78 19.74 -12.95 -10.37
C ARG A 78 18.55 -13.16 -9.42
N LEU A 79 17.61 -12.26 -9.43
CA LEU A 79 16.44 -12.39 -8.52
C LEU A 79 15.50 -13.48 -9.04
N VAL A 80 15.45 -13.69 -10.32
CA VAL A 80 14.55 -14.74 -10.86
C VAL A 80 14.85 -16.08 -10.16
N GLN A 81 16.09 -16.36 -9.92
CA GLN A 81 16.44 -17.65 -9.24
C GLN A 81 16.33 -17.48 -7.72
N ASP A 82 16.95 -16.47 -7.17
CA ASP A 82 16.89 -16.26 -5.69
C ASP A 82 15.80 -15.24 -5.37
N ALA A 83 15.14 -15.40 -4.25
CA ALA A 83 14.06 -14.46 -3.83
C ALA A 83 12.73 -14.91 -4.41
N GLY A 84 12.09 -15.83 -3.75
CA GLY A 84 10.77 -16.33 -4.23
C GLY A 84 9.68 -15.37 -3.77
N ILE A 85 10.01 -14.11 -3.67
CA ILE A 85 9.01 -13.10 -3.21
C ILE A 85 7.84 -13.02 -4.21
N ILE A 86 7.43 -14.13 -4.75
CA ILE A 86 6.29 -14.14 -5.72
C ILE A 86 6.56 -13.26 -6.92
N ARG A 87 7.74 -12.73 -7.03
CA ARG A 87 8.04 -11.85 -8.19
C ARG A 87 8.72 -12.67 -9.30
N HIS A 88 8.18 -12.62 -10.50
CA HIS A 88 8.78 -13.37 -11.62
C HIS A 88 9.48 -12.39 -12.56
N ARG A 89 10.17 -12.87 -13.56
CA ARG A 89 10.88 -11.97 -14.49
C ARG A 89 9.97 -10.80 -14.89
N GLY A 90 8.72 -11.07 -15.14
CA GLY A 90 7.80 -9.96 -15.56
C GLY A 90 7.49 -9.05 -14.37
N LYS A 91 7.14 -9.61 -13.24
CA LYS A 91 6.82 -8.76 -12.06
C LYS A 91 8.07 -7.98 -11.63
N ILE A 92 9.21 -8.62 -11.63
CA ILE A 92 10.46 -7.91 -11.23
C ILE A 92 10.66 -6.71 -12.16
N GLN A 93 10.37 -6.88 -13.42
CA GLN A 93 10.54 -5.76 -14.38
C GLN A 93 9.66 -4.59 -13.93
N ALA A 94 8.50 -4.88 -13.43
CA ALA A 94 7.58 -3.78 -12.97
C ALA A 94 8.25 -3.01 -11.84
N ILE A 95 8.96 -3.69 -10.98
CA ILE A 95 9.63 -2.99 -9.85
C ILE A 95 10.62 -1.96 -10.40
N ILE A 96 11.45 -2.37 -11.34
CA ILE A 96 12.43 -1.42 -11.93
C ILE A 96 11.70 -0.25 -12.58
N GLY A 97 10.69 -0.52 -13.35
CA GLY A 97 9.94 0.58 -14.02
C GLY A 97 9.20 1.43 -12.99
N ASN A 98 8.68 0.82 -11.96
CA ASN A 98 7.94 1.61 -10.93
C ASN A 98 8.88 2.62 -10.27
N ALA A 99 10.08 2.23 -9.97
CA ALA A 99 11.03 3.18 -9.32
C ALA A 99 11.36 4.31 -10.30
N ARG A 100 11.52 3.98 -11.55
CA ARG A 100 11.85 5.03 -12.55
C ARG A 100 10.73 6.08 -12.62
N ALA A 101 9.50 5.66 -12.64
CA ALA A 101 8.38 6.64 -12.72
C ALA A 101 8.33 7.49 -11.45
N TYR A 102 8.46 6.87 -10.31
CA TYR A 102 8.41 7.61 -9.02
C TYR A 102 9.60 8.58 -8.90
N LEU A 103 10.78 8.15 -9.24
CA LEU A 103 11.97 9.03 -9.12
C LEU A 103 11.81 10.28 -10.00
N GLN A 104 11.33 10.11 -11.21
CA GLN A 104 11.16 11.30 -12.10
C GLN A 104 10.14 12.27 -11.51
N MET A 105 9.09 11.76 -10.91
CA MET A 105 8.08 12.68 -10.32
C MET A 105 8.73 13.53 -9.22
N GLU A 106 9.62 12.96 -8.46
CA GLU A 106 10.29 13.74 -7.38
C GLU A 106 11.14 14.84 -7.99
N GLN A 107 11.66 14.62 -9.17
CA GLN A 107 12.52 15.66 -9.81
C GLN A 107 11.76 16.99 -9.85
N ASN A 108 10.46 16.95 -9.95
CA ASN A 108 9.68 18.21 -9.99
C ASN A 108 9.58 18.79 -8.57
N GLY A 109 9.96 18.05 -7.58
CA GLY A 109 9.89 18.57 -6.19
C GLY A 109 8.44 18.49 -5.70
N GLU A 110 7.65 17.65 -6.31
CA GLU A 110 6.22 17.53 -5.88
C GLU A 110 6.06 16.23 -5.08
N PRO A 111 5.90 16.30 -3.77
CA PRO A 111 5.74 15.09 -2.93
C PRO A 111 4.67 14.15 -3.47
N PHE A 112 5.00 12.89 -3.60
CA PHE A 112 4.01 11.90 -4.11
C PHE A 112 2.83 11.82 -3.13
N ALA A 113 3.11 11.80 -1.86
CA ALA A 113 2.03 11.72 -0.84
C ALA A 113 1.08 12.91 -0.98
N ASP A 114 1.62 14.08 -1.22
CA ASP A 114 0.74 15.28 -1.36
C ASP A 114 -0.21 15.08 -2.56
N PHE A 115 0.26 14.44 -3.59
CA PHE A 115 -0.60 14.23 -4.79
C PHE A 115 -1.84 13.41 -4.43
N VAL A 116 -1.64 12.27 -3.80
CA VAL A 116 -2.82 11.44 -3.42
C VAL A 116 -3.72 12.22 -2.46
N TRP A 117 -3.13 12.94 -1.54
CA TRP A 117 -3.96 13.73 -0.59
C TRP A 117 -4.88 14.67 -1.36
N SER A 118 -4.41 15.21 -2.45
CA SER A 118 -5.26 16.14 -3.25
C SER A 118 -6.44 15.38 -3.86
N PHE A 119 -6.26 14.13 -4.20
CA PHE A 119 -7.38 13.35 -4.80
C PHE A 119 -8.52 13.18 -3.79
N VAL A 120 -8.21 13.19 -2.52
CA VAL A 120 -9.28 13.04 -1.50
C VAL A 120 -9.64 14.42 -0.93
N ASN A 121 -9.37 15.45 -1.68
CA ASN A 121 -9.66 16.84 -1.20
C ASN A 121 -8.82 17.17 0.02
N HIS A 122 -7.63 16.63 0.07
CA HIS A 122 -6.73 16.90 1.22
C HIS A 122 -7.50 16.77 2.54
N GLN A 123 -8.70 16.24 2.49
CA GLN A 123 -9.49 16.09 3.73
C GLN A 123 -9.57 14.61 4.11
N PRO A 124 -9.22 14.25 5.34
CA PRO A 124 -9.26 12.83 5.79
C PRO A 124 -10.70 12.33 5.97
N GLN A 125 -10.93 11.06 5.71
CA GLN A 125 -12.31 10.51 5.86
C GLN A 125 -12.35 9.52 7.01
N MET A 126 -13.44 9.47 7.73
CA MET A 126 -13.57 8.50 8.85
C MET A 126 -14.83 7.66 8.65
N THR A 127 -14.76 6.37 8.88
CA THR A 127 -15.95 5.53 8.68
C THR A 127 -16.79 5.48 9.96
N GLN A 128 -18.09 5.46 9.81
CA GLN A 128 -19.00 5.40 11.00
C GLN A 128 -19.89 4.17 10.83
N ALA A 129 -19.31 3.08 10.41
CA ALA A 129 -20.11 1.84 10.19
C ALA A 129 -19.92 0.88 11.37
N THR A 130 -20.86 -0.01 11.57
CA THR A 130 -20.74 -0.99 12.69
C THR A 130 -20.34 -2.35 12.13
N THR A 131 -20.68 -2.61 10.89
CA THR A 131 -20.33 -3.92 10.28
C THR A 131 -19.45 -3.68 9.06
N LEU A 132 -18.61 -4.62 8.73
CA LEU A 132 -17.73 -4.46 7.55
C LEU A 132 -18.58 -4.30 6.29
N SER A 133 -19.71 -4.93 6.25
CA SER A 133 -20.59 -4.82 5.06
C SER A 133 -20.97 -3.36 4.80
N GLU A 134 -21.20 -2.59 5.82
CA GLU A 134 -21.58 -1.17 5.61
C GLU A 134 -20.43 -0.41 4.93
N ILE A 135 -19.21 -0.78 5.21
CA ILE A 135 -18.06 -0.06 4.57
C ILE A 135 -17.99 -0.43 3.08
N PRO A 136 -18.11 0.54 2.19
CA PRO A 136 -18.05 0.27 0.72
C PRO A 136 -16.60 0.06 0.25
N THR A 137 -16.38 -0.93 -0.57
CA THR A 137 -15.00 -1.19 -1.07
C THR A 137 -14.80 -0.39 -2.35
N SER A 138 -15.85 0.13 -2.91
CA SER A 138 -15.72 0.92 -4.17
C SER A 138 -16.03 2.39 -3.88
N THR A 139 -15.02 3.20 -3.70
CA THR A 139 -15.26 4.64 -3.43
C THR A 139 -14.80 5.45 -4.65
N PRO A 140 -15.35 6.62 -4.84
CA PRO A 140 -15.00 7.50 -5.98
C PRO A 140 -13.51 7.86 -6.01
N ALA A 141 -12.90 7.98 -4.87
CA ALA A 141 -11.45 8.33 -4.84
C ALA A 141 -10.62 7.14 -5.30
N SER A 142 -11.01 5.95 -4.93
CA SER A 142 -10.24 4.75 -5.34
C SER A 142 -10.23 4.62 -6.86
N ASP A 143 -11.37 4.72 -7.48
CA ASP A 143 -11.43 4.60 -8.96
C ASP A 143 -10.60 5.71 -9.61
N ALA A 144 -10.71 6.91 -9.09
CA ALA A 144 -9.93 8.05 -9.68
C ALA A 144 -8.44 7.87 -9.37
N LEU A 145 -8.11 7.44 -8.18
CA LEU A 145 -6.69 7.28 -7.81
C LEU A 145 -6.03 6.23 -8.70
N SER A 146 -6.69 5.12 -8.94
CA SER A 146 -6.07 4.06 -9.79
C SER A 146 -5.83 4.63 -11.19
N LYS A 147 -6.78 5.36 -11.72
CA LYS A 147 -6.61 5.94 -13.07
C LYS A 147 -5.44 6.92 -13.05
N ALA A 148 -5.30 7.66 -11.97
CA ALA A 148 -4.18 8.64 -11.90
C ALA A 148 -2.84 7.93 -11.93
N LEU A 149 -2.66 6.92 -11.11
CA LEU A 149 -1.37 6.20 -11.13
C LEU A 149 -1.17 5.56 -12.50
N LYS A 150 -2.24 5.08 -13.09
CA LYS A 150 -2.13 4.45 -14.43
C LYS A 150 -1.54 5.44 -15.43
N LYS A 151 -1.94 6.68 -15.36
CA LYS A 151 -1.42 7.70 -16.31
C LYS A 151 0.10 7.82 -16.16
N ARG A 152 0.59 7.80 -14.96
CA ARG A 152 2.06 7.92 -14.74
C ARG A 152 2.77 6.69 -15.32
N GLY A 153 2.06 5.60 -15.49
CA GLY A 153 2.69 4.38 -16.06
C GLY A 153 2.81 3.28 -15.00
N PHE A 154 2.02 3.34 -13.95
CA PHE A 154 2.10 2.28 -12.91
C PHE A 154 1.16 1.13 -13.27
N LYS A 155 1.63 -0.09 -13.15
CA LYS A 155 0.77 -1.25 -13.47
C LYS A 155 0.29 -1.92 -12.17
N PHE A 156 -0.32 -3.08 -12.26
CA PHE A 156 -0.82 -3.76 -11.03
C PHE A 156 -1.48 -2.73 -10.12
N VAL A 157 -2.29 -1.88 -10.69
CA VAL A 157 -2.99 -0.85 -9.87
C VAL A 157 -4.49 -1.16 -9.82
N GLY A 158 -4.85 -2.41 -9.99
CA GLY A 158 -6.29 -2.78 -9.96
C GLY A 158 -7.00 -2.01 -8.85
N THR A 159 -8.27 -1.84 -8.97
CA THR A 159 -9.04 -1.10 -7.93
C THR A 159 -8.86 -1.79 -6.58
N THR A 160 -8.61 -3.07 -6.57
CA THR A 160 -8.44 -3.78 -5.28
C THR A 160 -7.19 -3.28 -4.57
N ILE A 161 -6.09 -3.21 -5.28
CA ILE A 161 -4.84 -2.72 -4.66
C ILE A 161 -5.01 -1.26 -4.23
N CYS A 162 -5.76 -0.50 -4.98
CA CYS A 162 -5.96 0.92 -4.61
C CYS A 162 -6.72 1.01 -3.28
N TYR A 163 -7.75 0.23 -3.11
CA TYR A 163 -8.51 0.28 -1.83
C TYR A 163 -7.60 -0.17 -0.69
N SER A 164 -6.81 -1.20 -0.91
CA SER A 164 -5.90 -1.68 0.16
C SER A 164 -4.94 -0.55 0.55
N PHE A 165 -4.47 0.20 -0.43
CA PHE A 165 -3.54 1.32 -0.12
C PHE A 165 -4.24 2.33 0.78
N MET A 166 -5.47 2.65 0.49
CA MET A 166 -6.20 3.63 1.33
C MET A 166 -6.29 3.10 2.76
N GLN A 167 -6.49 1.82 2.91
CA GLN A 167 -6.57 1.23 4.28
C GLN A 167 -5.24 1.43 5.00
N ALA A 168 -4.15 1.19 4.32
CA ALA A 168 -2.81 1.37 4.96
C ALA A 168 -2.42 2.84 4.93
N CYS A 169 -2.69 3.52 3.84
CA CYS A 169 -2.32 4.96 3.75
C CYS A 169 -2.94 5.73 4.91
N GLY A 170 -4.14 5.39 5.29
CA GLY A 170 -4.79 6.10 6.42
C GLY A 170 -5.73 7.19 5.90
N LEU A 171 -5.86 7.33 4.60
CA LEU A 171 -6.77 8.38 4.07
C LEU A 171 -8.17 8.13 4.62
N VAL A 172 -8.52 6.88 4.81
CA VAL A 172 -9.86 6.56 5.36
C VAL A 172 -9.68 5.53 6.49
N ASN A 173 -10.42 5.65 7.56
CA ASN A 173 -10.27 4.68 8.67
C ASN A 173 -11.37 3.62 8.58
N ASP A 174 -11.00 2.39 8.36
CA ASP A 174 -12.04 1.32 8.26
C ASP A 174 -12.06 0.48 9.53
N HIS A 175 -12.88 0.86 10.47
CA HIS A 175 -13.00 0.09 11.75
C HIS A 175 -14.47 0.08 12.15
N VAL A 176 -14.80 -0.48 13.27
CA VAL A 176 -16.23 -0.51 13.70
C VAL A 176 -16.33 0.12 15.10
N VAL A 177 -17.48 0.59 15.48
CA VAL A 177 -17.61 1.21 16.82
C VAL A 177 -17.12 0.22 17.87
N GLY A 178 -17.38 -1.04 17.67
CA GLY A 178 -16.92 -2.06 18.64
C GLY A 178 -15.40 -2.00 18.77
N CYS A 179 -14.70 -1.67 17.71
CA CYS A 179 -13.21 -1.60 17.78
C CYS A 179 -12.81 -0.63 18.90
N CYS A 180 -11.86 -1.02 19.71
CA CYS A 180 -11.41 -0.13 20.81
C CYS A 180 -10.84 1.15 20.21
N CYS A 181 -10.18 1.05 19.09
CA CYS A 181 -9.60 2.26 18.46
C CYS A 181 -10.71 3.29 18.23
N TYR A 182 -11.88 2.83 17.93
CA TYR A 182 -13.01 3.77 17.70
C TYR A 182 -13.76 3.99 19.03
N PRO A 183 -13.76 5.20 19.56
CA PRO A 183 -14.45 5.49 20.85
C PRO A 183 -15.97 5.64 20.69
N GLY A 184 -16.39 6.62 19.95
CA GLY A 184 -17.86 6.82 19.75
C GLY A 184 -18.44 7.54 20.97
N ASN A 185 -17.64 8.29 21.67
CA ASN A 185 -18.14 9.02 22.86
C ASN A 185 -18.69 8.02 23.88
N LYS A 186 -17.98 6.93 24.11
CA LYS A 186 -18.46 5.91 25.08
C LYS A 186 -17.65 6.03 26.37
N PRO A 187 -18.23 5.66 27.49
CA PRO A 187 -17.54 5.71 28.80
C PRO A 187 -16.08 5.27 28.71
ZN ZN B . -9.91 -1.60 14.39
N MET A 1 -16.16 -9.22 23.71
CA MET A 1 -15.05 -8.33 23.23
C MET A 1 -15.03 -8.35 21.69
N GLU A 2 -15.34 -7.25 21.08
CA GLU A 2 -15.33 -7.21 19.58
C GLU A 2 -14.06 -6.50 19.09
N ARG A 3 -13.59 -6.86 17.93
CA ARG A 3 -12.35 -6.22 17.41
C ARG A 3 -12.46 -6.06 15.89
N CYS A 4 -11.56 -5.31 15.30
CA CYS A 4 -11.62 -5.10 13.83
C CYS A 4 -11.86 -6.44 13.12
N GLY A 5 -12.86 -6.50 12.27
CA GLY A 5 -13.17 -7.77 11.55
C GLY A 5 -11.98 -8.21 10.69
N TRP A 6 -11.25 -7.27 10.13
CA TRP A 6 -10.09 -7.65 9.27
C TRP A 6 -9.21 -8.65 10.02
N VAL A 7 -9.22 -8.61 11.32
CA VAL A 7 -8.37 -9.55 12.10
C VAL A 7 -9.23 -10.73 12.58
N SER A 8 -8.73 -11.93 12.39
CA SER A 8 -9.51 -13.12 12.83
C SER A 8 -8.68 -13.95 13.81
N GLN A 9 -7.42 -14.18 13.51
CA GLN A 9 -6.57 -14.98 14.42
C GLN A 9 -5.09 -14.68 14.16
N ASP A 10 -4.22 -15.47 14.73
CA ASP A 10 -2.76 -15.25 14.53
C ASP A 10 -2.37 -13.87 15.07
N PRO A 11 -1.32 -13.77 15.85
CA PRO A 11 -0.87 -12.48 16.44
C PRO A 11 -0.26 -11.54 15.39
N LEU A 12 0.20 -12.07 14.28
CA LEU A 12 0.81 -11.19 13.25
C LEU A 12 -0.25 -10.23 12.71
N TYR A 13 -1.47 -10.68 12.55
CA TYR A 13 -2.53 -9.75 12.03
C TYR A 13 -2.73 -8.60 13.01
N ILE A 14 -2.84 -8.89 14.28
CA ILE A 14 -3.03 -7.78 15.26
C ILE A 14 -1.77 -6.93 15.36
N ALA A 15 -0.62 -7.52 15.24
CA ALA A 15 0.62 -6.70 15.32
C ALA A 15 0.54 -5.60 14.26
N TYR A 16 0.16 -5.96 13.07
CA TYR A 16 0.02 -4.95 11.99
C TYR A 16 -1.11 -3.98 12.35
N HIS A 17 -2.15 -4.49 12.96
CA HIS A 17 -3.30 -3.62 13.35
C HIS A 17 -2.82 -2.50 14.27
N ASP A 18 -1.97 -2.80 15.22
CA ASP A 18 -1.48 -1.74 16.16
C ASP A 18 -0.13 -1.17 15.70
N ASN A 19 0.74 -2.00 15.20
CA ASN A 19 2.07 -1.50 14.76
C ASN A 19 1.91 -0.34 13.77
N GLU A 20 1.00 -0.47 12.84
CA GLU A 20 0.79 0.63 11.85
C GLU A 20 -0.35 0.23 10.91
N TRP A 21 -1.52 0.74 11.15
CA TRP A 21 -2.68 0.37 10.28
C TRP A 21 -3.88 1.28 10.59
N GLY A 22 -4.17 2.20 9.73
CA GLY A 22 -5.32 3.12 9.97
C GLY A 22 -4.78 4.45 10.50
N VAL A 23 -3.54 4.50 10.87
CA VAL A 23 -2.96 5.77 11.39
C VAL A 23 -2.53 6.63 10.19
N PRO A 24 -2.53 7.93 10.35
CA PRO A 24 -2.15 8.87 9.25
C PRO A 24 -0.65 8.87 8.97
N GLU A 25 -0.27 8.66 7.73
CA GLU A 25 1.18 8.66 7.37
C GLU A 25 1.41 9.71 6.28
N THR A 26 2.35 10.59 6.48
CA THR A 26 2.63 11.65 5.47
C THR A 26 4.02 11.44 4.87
N ASP A 27 4.68 10.36 5.21
CA ASP A 27 6.05 10.13 4.65
C ASP A 27 5.90 9.58 3.22
N SER A 28 6.42 10.29 2.25
CA SER A 28 6.29 9.81 0.84
C SER A 28 6.97 8.44 0.68
N LYS A 29 8.13 8.26 1.28
CA LYS A 29 8.81 6.95 1.15
C LYS A 29 7.96 5.84 1.75
N LYS A 30 7.40 6.07 2.91
CA LYS A 30 6.55 5.03 3.56
C LYS A 30 5.32 4.74 2.70
N LEU A 31 4.72 5.76 2.14
CA LEU A 31 3.49 5.53 1.31
C LEU A 31 3.86 4.90 -0.02
N PHE A 32 4.97 5.30 -0.60
CA PHE A 32 5.37 4.72 -1.92
C PHE A 32 5.60 3.21 -1.80
N GLU A 33 6.29 2.77 -0.79
CA GLU A 33 6.56 1.31 -0.67
C GLU A 33 5.27 0.59 -0.28
N MET A 34 4.40 1.22 0.44
CA MET A 34 3.13 0.55 0.85
C MET A 34 2.33 0.11 -0.37
N ILE A 35 2.05 1.00 -1.29
CA ILE A 35 1.26 0.61 -2.48
C ILE A 35 2.05 -0.38 -3.34
N CYS A 36 3.34 -0.26 -3.37
CA CYS A 36 4.16 -1.19 -4.20
C CYS A 36 4.03 -2.62 -3.66
N LEU A 37 4.20 -2.79 -2.38
CA LEU A 37 4.11 -4.16 -1.79
C LEU A 37 2.67 -4.68 -1.86
N GLU A 38 1.70 -3.82 -1.64
CA GLU A 38 0.28 -4.29 -1.69
C GLU A 38 -0.03 -4.86 -3.07
N GLY A 39 0.51 -4.29 -4.10
CA GLY A 39 0.23 -4.82 -5.47
C GLY A 39 0.57 -6.32 -5.50
N GLN A 40 1.59 -6.71 -4.81
CA GLN A 40 1.98 -8.14 -4.79
C GLN A 40 0.87 -8.99 -4.16
N GLN A 41 0.15 -8.44 -3.21
CA GLN A 41 -0.93 -9.23 -2.56
C GLN A 41 -1.93 -9.71 -3.61
N ALA A 42 -2.16 -8.93 -4.64
CA ALA A 42 -3.13 -9.34 -5.68
C ALA A 42 -2.93 -10.82 -6.02
N GLY A 43 -3.89 -11.64 -5.71
CA GLY A 43 -3.77 -13.09 -6.02
C GLY A 43 -3.21 -13.85 -4.80
N LEU A 44 -2.82 -13.14 -3.77
CA LEU A 44 -2.28 -13.82 -2.56
C LEU A 44 -3.12 -13.45 -1.34
N SER A 45 -2.66 -13.80 -0.17
CA SER A 45 -3.44 -13.49 1.07
C SER A 45 -3.04 -12.10 1.59
N TRP A 46 -3.92 -11.47 2.31
CA TRP A 46 -3.64 -10.11 2.86
C TRP A 46 -2.33 -10.11 3.66
N ILE A 47 -2.08 -11.12 4.43
CA ILE A 47 -0.83 -11.13 5.26
C ILE A 47 0.37 -11.70 4.49
N THR A 48 0.15 -12.45 3.45
CA THR A 48 1.31 -13.02 2.72
C THR A 48 2.29 -11.90 2.39
N VAL A 49 1.79 -10.75 2.05
CA VAL A 49 2.67 -9.61 1.73
C VAL A 49 3.43 -9.12 2.97
N LEU A 50 2.79 -9.11 4.12
CA LEU A 50 3.51 -8.62 5.33
C LEU A 50 4.72 -9.50 5.62
N LYS A 51 4.55 -10.79 5.65
CA LYS A 51 5.72 -11.67 5.89
C LYS A 51 6.75 -11.38 4.79
N LYS A 52 6.27 -11.24 3.59
CA LYS A 52 7.18 -10.93 2.45
C LYS A 52 7.80 -9.55 2.68
N ARG A 53 7.08 -8.64 3.28
CA ARG A 53 7.66 -7.28 3.52
C ARG A 53 9.03 -7.44 4.17
N GLU A 54 9.15 -8.34 5.11
CA GLU A 54 10.48 -8.53 5.76
C GLU A 54 11.46 -9.16 4.76
N ASN A 55 11.03 -10.16 4.04
CA ASN A 55 11.94 -10.78 3.05
C ASN A 55 12.23 -9.79 1.91
N TYR A 56 11.24 -9.03 1.55
CA TYR A 56 11.42 -8.01 0.47
C TYR A 56 12.53 -7.05 0.86
N ARG A 57 12.52 -6.60 2.08
CA ARG A 57 13.58 -5.67 2.53
C ARG A 57 14.94 -6.33 2.40
N ALA A 58 15.02 -7.61 2.61
CA ALA A 58 16.34 -8.30 2.51
C ALA A 58 16.88 -8.22 1.08
N CYS A 59 16.05 -8.41 0.09
CA CYS A 59 16.53 -8.39 -1.32
C CYS A 59 16.40 -7.00 -1.96
N PHE A 60 15.36 -6.27 -1.68
CA PHE A 60 15.19 -4.95 -2.34
C PHE A 60 16.02 -3.83 -1.70
N HIS A 61 15.93 -3.64 -0.41
CA HIS A 61 16.72 -2.53 0.23
C HIS A 61 18.21 -2.72 -0.06
N GLN A 62 18.69 -3.93 -0.06
CA GLN A 62 20.13 -4.15 -0.34
C GLN A 62 20.50 -3.50 -1.68
N PHE A 63 19.59 -3.47 -2.61
CA PHE A 63 19.89 -2.87 -3.93
C PHE A 63 19.47 -1.39 -3.95
N ASP A 64 19.21 -0.81 -2.80
CA ASP A 64 18.82 0.63 -2.76
C ASP A 64 17.65 0.88 -3.73
N PRO A 65 17.04 2.05 -3.65
CA PRO A 65 15.89 2.42 -4.53
C PRO A 65 16.30 2.91 -5.92
N VAL A 66 17.16 3.89 -5.99
CA VAL A 66 17.58 4.42 -7.32
C VAL A 66 18.08 3.29 -8.22
N LYS A 67 18.82 2.37 -7.68
CA LYS A 67 19.34 1.26 -8.52
C LYS A 67 18.19 0.40 -9.08
N VAL A 68 17.12 0.21 -8.34
CA VAL A 68 16.01 -0.63 -8.89
C VAL A 68 15.49 0.04 -10.17
N ALA A 69 15.31 1.32 -10.12
CA ALA A 69 14.82 2.06 -11.31
C ALA A 69 15.89 1.96 -12.39
N ALA A 70 17.13 1.86 -12.00
CA ALA A 70 18.22 1.77 -13.00
C ALA A 70 18.75 0.33 -13.04
N MET A 71 17.91 -0.62 -12.72
CA MET A 71 18.34 -2.04 -12.73
C MET A 71 18.45 -2.56 -14.17
N GLN A 72 19.11 -3.67 -14.35
CA GLN A 72 19.24 -4.24 -15.73
C GLN A 72 18.39 -5.51 -15.81
N GLU A 73 17.97 -5.88 -17.00
CA GLU A 73 17.13 -7.10 -17.13
C GLU A 73 17.91 -8.31 -16.60
N GLU A 74 19.21 -8.33 -16.76
CA GLU A 74 20.00 -9.48 -16.25
C GLU A 74 19.85 -9.52 -14.72
N ASP A 75 19.82 -8.38 -14.09
CA ASP A 75 19.67 -8.35 -12.61
C ASP A 75 18.34 -9.00 -12.23
N VAL A 76 17.32 -8.76 -13.00
CA VAL A 76 15.99 -9.35 -12.69
C VAL A 76 16.10 -10.87 -12.71
N GLU A 77 16.82 -11.41 -13.64
CA GLU A 77 16.96 -12.89 -13.72
C GLU A 77 17.65 -13.42 -12.45
N ARG A 78 18.63 -12.72 -11.97
CA ARG A 78 19.33 -13.19 -10.73
C ARG A 78 18.35 -13.25 -9.57
N LEU A 79 17.50 -12.27 -9.44
CA LEU A 79 16.51 -12.27 -8.32
C LEU A 79 15.52 -13.42 -8.52
N VAL A 80 15.18 -13.71 -9.75
CA VAL A 80 14.22 -14.82 -10.00
C VAL A 80 14.83 -16.10 -9.42
N GLN A 81 16.13 -16.21 -9.47
CA GLN A 81 16.80 -17.43 -8.93
C GLN A 81 17.01 -17.27 -7.41
N ASP A 82 17.69 -16.23 -7.01
CA ASP A 82 17.93 -16.01 -5.56
C ASP A 82 16.75 -15.26 -4.95
N ALA A 83 16.43 -15.52 -3.71
CA ALA A 83 15.28 -14.83 -3.05
C ALA A 83 13.99 -15.54 -3.43
N GLY A 84 13.67 -16.58 -2.73
CA GLY A 84 12.43 -17.34 -3.04
C GLY A 84 11.20 -16.49 -2.74
N ILE A 85 11.38 -15.20 -2.59
CA ILE A 85 10.22 -14.30 -2.30
C ILE A 85 9.18 -14.43 -3.42
N ILE A 86 8.42 -15.50 -3.41
CA ILE A 86 7.38 -15.70 -4.46
C ILE A 86 8.02 -15.64 -5.85
N ARG A 87 7.46 -16.34 -6.80
CA ARG A 87 8.04 -16.31 -8.18
C ARG A 87 7.12 -15.49 -9.09
N HIS A 88 7.67 -14.54 -9.79
CA HIS A 88 6.83 -13.70 -10.68
C HIS A 88 7.75 -12.71 -11.39
N ARG A 89 8.49 -13.16 -12.37
CA ARG A 89 9.41 -12.24 -13.09
C ARG A 89 8.63 -11.01 -13.54
N GLY A 90 7.40 -11.19 -13.90
CA GLY A 90 6.58 -10.04 -14.36
C GLY A 90 6.47 -9.00 -13.24
N LYS A 91 6.24 -9.43 -12.02
CA LYS A 91 6.12 -8.46 -10.90
C LYS A 91 7.47 -7.77 -10.65
N ILE A 92 8.55 -8.49 -10.73
CA ILE A 92 9.88 -7.86 -10.50
C ILE A 92 10.07 -6.70 -11.48
N GLN A 93 9.74 -6.91 -12.73
CA GLN A 93 9.88 -5.83 -13.74
C GLN A 93 8.99 -4.65 -13.34
N ALA A 94 7.87 -4.92 -12.74
CA ALA A 94 6.96 -3.81 -12.32
C ALA A 94 7.68 -2.89 -11.33
N ILE A 95 8.36 -3.45 -10.38
CA ILE A 95 9.07 -2.60 -9.39
C ILE A 95 10.08 -1.70 -10.11
N ILE A 96 10.84 -2.25 -11.02
CA ILE A 96 11.84 -1.41 -11.76
C ILE A 96 11.12 -0.23 -12.42
N GLY A 97 10.07 -0.51 -13.15
CA GLY A 97 9.32 0.58 -13.83
C GLY A 97 8.66 1.49 -12.80
N ASN A 98 8.18 0.94 -11.72
CA ASN A 98 7.51 1.78 -10.67
C ASN A 98 8.50 2.81 -10.12
N ALA A 99 9.74 2.43 -9.95
CA ALA A 99 10.74 3.40 -9.42
C ALA A 99 10.97 4.51 -10.43
N ARG A 100 11.04 4.17 -11.69
CA ARG A 100 11.27 5.21 -12.73
C ARG A 100 10.13 6.22 -12.68
N ALA A 101 8.92 5.77 -12.51
CA ALA A 101 7.77 6.71 -12.44
C ALA A 101 7.87 7.56 -11.17
N TYR A 102 8.27 6.97 -10.09
CA TYR A 102 8.39 7.73 -8.81
C TYR A 102 9.39 8.88 -9.00
N LEU A 103 10.50 8.63 -9.65
CA LEU A 103 11.49 9.71 -9.87
C LEU A 103 10.86 10.82 -10.72
N GLN A 104 10.02 10.47 -11.65
CA GLN A 104 9.39 11.51 -12.50
C GLN A 104 8.63 12.50 -11.62
N MET A 105 7.92 12.01 -10.64
CA MET A 105 7.16 12.92 -9.74
C MET A 105 8.13 13.78 -8.93
N GLU A 106 9.16 13.18 -8.41
CA GLU A 106 10.16 13.95 -7.62
C GLU A 106 11.01 14.83 -8.54
N GLN A 107 11.21 14.39 -9.75
CA GLN A 107 12.05 15.18 -10.69
C GLN A 107 11.51 16.61 -10.76
N ASN A 108 10.22 16.77 -10.68
CA ASN A 108 9.64 18.14 -10.73
C ASN A 108 9.57 18.70 -9.31
N GLY A 109 10.07 17.97 -8.35
CA GLY A 109 10.03 18.46 -6.94
C GLY A 109 8.61 18.37 -6.39
N GLU A 110 7.87 17.38 -6.83
CA GLU A 110 6.47 17.22 -6.35
C GLU A 110 6.38 15.97 -5.46
N PRO A 111 6.29 16.12 -4.15
CA PRO A 111 6.20 14.95 -3.23
C PRO A 111 5.08 13.99 -3.63
N PHE A 112 5.39 12.72 -3.65
CA PHE A 112 4.37 11.71 -4.03
C PHE A 112 3.23 11.71 -3.00
N ALA A 113 3.56 11.77 -1.75
CA ALA A 113 2.49 11.75 -0.70
C ALA A 113 1.58 12.98 -0.85
N ASP A 114 2.13 14.14 -1.05
CA ASP A 114 1.27 15.35 -1.20
C ASP A 114 0.31 15.16 -2.38
N PHE A 115 0.76 14.55 -3.43
CA PHE A 115 -0.13 14.33 -4.60
C PHE A 115 -1.37 13.56 -4.17
N VAL A 116 -1.19 12.51 -3.41
CA VAL A 116 -2.36 11.73 -2.95
C VAL A 116 -3.31 12.62 -2.16
N TRP A 117 -2.78 13.41 -1.25
CA TRP A 117 -3.64 14.32 -0.45
C TRP A 117 -4.40 15.27 -1.38
N SER A 118 -3.78 15.69 -2.44
CA SER A 118 -4.47 16.63 -3.38
C SER A 118 -5.74 15.99 -3.93
N PHE A 119 -5.74 14.70 -4.18
CA PHE A 119 -6.96 14.05 -4.73
C PHE A 119 -8.12 14.16 -3.75
N VAL A 120 -7.86 14.09 -2.48
CA VAL A 120 -8.97 14.19 -1.49
C VAL A 120 -9.12 15.66 -1.05
N ASN A 121 -8.47 16.55 -1.75
CA ASN A 121 -8.58 17.99 -1.41
C ASN A 121 -8.01 18.22 -0.01
N HIS A 122 -6.99 17.51 0.33
CA HIS A 122 -6.37 17.68 1.68
C HIS A 122 -7.45 17.61 2.76
N GLN A 123 -8.54 16.94 2.48
CA GLN A 123 -9.63 16.85 3.49
C GLN A 123 -9.74 15.38 3.98
N PRO A 124 -9.43 15.12 5.24
CA PRO A 124 -9.53 13.73 5.79
C PRO A 124 -10.97 13.26 5.90
N GLN A 125 -11.21 11.98 5.73
CA GLN A 125 -12.61 11.47 5.81
C GLN A 125 -12.76 10.51 7.00
N MET A 126 -13.93 10.46 7.57
CA MET A 126 -14.17 9.55 8.73
C MET A 126 -15.38 8.69 8.42
N THR A 127 -15.42 7.47 8.91
CA THR A 127 -16.58 6.59 8.62
C THR A 127 -17.05 5.90 9.91
N GLN A 128 -18.29 5.51 9.95
CA GLN A 128 -18.83 4.83 11.16
C GLN A 128 -19.52 3.54 10.73
N ALA A 129 -18.89 2.78 9.88
CA ALA A 129 -19.50 1.52 9.40
C ALA A 129 -19.53 0.48 10.53
N THR A 130 -20.54 -0.35 10.55
CA THR A 130 -20.62 -1.38 11.62
C THR A 130 -19.98 -2.68 11.13
N THR A 131 -20.19 -3.01 9.88
CA THR A 131 -19.61 -4.27 9.33
C THR A 131 -18.70 -3.93 8.14
N LEU A 132 -17.77 -4.78 7.84
CA LEU A 132 -16.84 -4.52 6.70
C LEU A 132 -17.65 -4.32 5.42
N SER A 133 -18.74 -5.02 5.29
CA SER A 133 -19.58 -4.87 4.05
C SER A 133 -20.04 -3.42 3.91
N GLU A 134 -20.29 -2.75 4.99
CA GLU A 134 -20.74 -1.34 4.90
C GLU A 134 -19.66 -0.49 4.24
N ILE A 135 -18.42 -0.81 4.47
CA ILE A 135 -17.32 -0.01 3.85
C ILE A 135 -17.10 -0.45 2.39
N PRO A 136 -17.19 0.46 1.45
CA PRO A 136 -16.99 0.13 0.00
C PRO A 136 -15.51 -0.04 -0.34
N THR A 137 -15.19 -1.00 -1.18
CA THR A 137 -13.78 -1.22 -1.56
C THR A 137 -13.42 -0.29 -2.72
N SER A 138 -14.39 0.46 -3.21
CA SER A 138 -14.11 1.38 -4.34
C SER A 138 -14.78 2.73 -4.07
N THR A 139 -14.10 3.64 -3.44
CA THR A 139 -14.70 4.96 -3.15
C THR A 139 -14.40 5.92 -4.32
N PRO A 140 -15.14 6.99 -4.44
CA PRO A 140 -14.93 7.98 -5.54
C PRO A 140 -13.47 8.41 -5.66
N ALA A 141 -12.81 8.61 -4.56
CA ALA A 141 -11.38 9.03 -4.61
C ALA A 141 -10.51 7.84 -5.00
N SER A 142 -10.81 6.69 -4.48
CA SER A 142 -9.99 5.49 -4.81
C SER A 142 -10.06 5.20 -6.32
N ASP A 143 -11.23 5.29 -6.89
CA ASP A 143 -11.35 5.02 -8.35
C ASP A 143 -10.58 6.07 -9.14
N ALA A 144 -10.71 7.32 -8.77
CA ALA A 144 -9.98 8.39 -9.49
C ALA A 144 -8.48 8.29 -9.20
N LEU A 145 -8.13 7.98 -7.98
CA LEU A 145 -6.70 7.86 -7.62
C LEU A 145 -6.04 6.77 -8.47
N SER A 146 -6.71 5.67 -8.66
CA SER A 146 -6.11 4.58 -9.48
C SER A 146 -5.91 5.07 -10.91
N LYS A 147 -6.83 5.83 -11.42
CA LYS A 147 -6.69 6.35 -12.81
C LYS A 147 -5.47 7.26 -12.89
N ALA A 148 -5.22 8.02 -11.85
CA ALA A 148 -4.05 8.94 -11.88
C ALA A 148 -2.77 8.12 -11.88
N LEU A 149 -2.64 7.20 -10.96
CA LEU A 149 -1.41 6.36 -10.92
C LEU A 149 -1.34 5.55 -12.22
N LYS A 150 -2.47 5.10 -12.72
CA LYS A 150 -2.46 4.32 -13.98
C LYS A 150 -1.84 5.16 -15.10
N LYS A 151 -2.21 6.42 -15.18
CA LYS A 151 -1.65 7.29 -16.24
C LYS A 151 -0.13 7.38 -16.05
N ARG A 152 0.32 7.44 -14.82
CA ARG A 152 1.78 7.52 -14.56
C ARG A 152 2.47 6.24 -15.06
N GLY A 153 1.72 5.19 -15.22
CA GLY A 153 2.33 3.92 -15.72
C GLY A 153 2.53 2.93 -14.57
N PHE A 154 1.71 3.00 -13.55
CA PHE A 154 1.85 2.04 -12.41
C PHE A 154 0.96 0.82 -12.65
N LYS A 155 1.48 -0.35 -12.44
CA LYS A 155 0.67 -1.58 -12.64
C LYS A 155 0.03 -2.00 -11.32
N PHE A 156 -0.67 -3.11 -11.31
CA PHE A 156 -1.32 -3.57 -10.05
C PHE A 156 -1.95 -2.37 -9.34
N VAL A 157 -2.57 -1.49 -10.08
CA VAL A 157 -3.20 -0.30 -9.48
C VAL A 157 -4.72 -0.48 -9.45
N GLY A 158 -5.19 -1.70 -9.47
CA GLY A 158 -6.65 -1.93 -9.45
C GLY A 158 -7.27 -1.15 -8.30
N THR A 159 -8.53 -0.82 -8.40
CA THR A 159 -9.17 -0.05 -7.31
C THR A 159 -8.97 -0.80 -5.98
N THR A 160 -8.91 -2.10 -6.02
CA THR A 160 -8.71 -2.87 -4.76
C THR A 160 -7.35 -2.54 -4.16
N ILE A 161 -6.33 -2.48 -4.97
CA ILE A 161 -4.97 -2.16 -4.44
C ILE A 161 -4.97 -0.75 -3.87
N CYS A 162 -5.59 0.18 -4.54
CA CYS A 162 -5.62 1.58 -4.03
C CYS A 162 -6.39 1.62 -2.72
N TYR A 163 -7.48 0.91 -2.64
CA TYR A 163 -8.27 0.91 -1.37
C TYR A 163 -7.41 0.38 -0.22
N SER A 164 -6.68 -0.68 -0.45
CA SER A 164 -5.82 -1.22 0.64
C SER A 164 -4.83 -0.15 1.06
N PHE A 165 -4.27 0.55 0.11
CA PHE A 165 -3.29 1.62 0.42
C PHE A 165 -3.98 2.70 1.27
N MET A 166 -5.19 3.04 0.95
CA MET A 166 -5.91 4.08 1.73
C MET A 166 -6.02 3.63 3.19
N GLN A 167 -6.23 2.36 3.41
CA GLN A 167 -6.34 1.86 4.82
C GLN A 167 -5.03 2.11 5.56
N ALA A 168 -3.91 1.89 4.92
CA ALA A 168 -2.61 2.10 5.58
C ALA A 168 -2.28 3.59 5.66
N CYS A 169 -2.52 4.32 4.60
CA CYS A 169 -2.20 5.78 4.61
C CYS A 169 -2.96 6.48 5.73
N GLY A 170 -4.16 6.05 6.01
CA GLY A 170 -4.94 6.67 7.12
C GLY A 170 -5.77 7.85 6.59
N LEU A 171 -5.86 8.03 5.30
CA LEU A 171 -6.68 9.16 4.77
C LEU A 171 -8.09 9.01 5.32
N VAL A 172 -8.53 7.79 5.47
CA VAL A 172 -9.89 7.54 6.01
C VAL A 172 -9.76 6.91 7.41
N ASN A 173 -10.60 7.30 8.33
CA ASN A 173 -10.51 6.71 9.70
C ASN A 173 -11.52 5.58 9.82
N ASP A 174 -11.06 4.35 9.74
CA ASP A 174 -11.97 3.18 9.83
C ASP A 174 -11.56 2.29 11.00
N HIS A 175 -12.27 1.19 11.17
CA HIS A 175 -12.00 0.19 12.26
C HIS A 175 -13.33 -0.24 12.88
N VAL A 176 -14.35 -0.38 12.07
CA VAL A 176 -15.70 -0.80 12.55
C VAL A 176 -16.01 -0.26 13.95
N VAL A 177 -16.93 0.65 14.05
CA VAL A 177 -17.31 1.19 15.38
C VAL A 177 -17.36 0.03 16.39
N GLY A 178 -16.55 0.10 17.42
CA GLY A 178 -16.54 -1.00 18.43
C GLY A 178 -15.16 -1.69 18.42
N CYS A 179 -14.32 -1.34 17.48
CA CYS A 179 -12.96 -1.97 17.43
C CYS A 179 -12.25 -1.69 18.75
N CYS A 180 -12.57 -2.44 19.77
CA CYS A 180 -11.92 -2.20 21.10
C CYS A 180 -12.32 -0.82 21.61
N CYS A 181 -12.32 0.17 20.75
CA CYS A 181 -12.70 1.54 21.17
C CYS A 181 -12.61 2.50 19.98
N TYR A 182 -13.49 2.36 19.01
CA TYR A 182 -13.47 3.29 17.84
C TYR A 182 -14.84 3.96 17.73
N PRO A 183 -15.08 4.96 18.55
CA PRO A 183 -16.37 5.70 18.57
C PRO A 183 -16.44 6.77 17.48
N GLY A 184 -15.33 7.10 16.88
CA GLY A 184 -15.34 8.16 15.82
C GLY A 184 -15.24 9.53 16.49
N ASN A 185 -14.71 9.58 17.68
CA ASN A 185 -14.58 10.88 18.40
C ASN A 185 -15.97 11.51 18.57
N LYS A 186 -16.94 10.72 18.95
CA LYS A 186 -18.31 11.28 19.14
C LYS A 186 -18.85 10.82 20.50
N PRO A 187 -18.44 11.47 21.54
CA PRO A 187 -18.89 11.14 22.93
C PRO A 187 -20.40 11.30 23.11
ZN ZN B . -9.20 -1.57 14.63
N MET A 1 -15.88 -2.34 23.01
CA MET A 1 -16.61 -3.61 23.26
C MET A 1 -16.54 -4.48 22.01
N GLU A 2 -15.86 -4.01 21.01
CA GLU A 2 -15.73 -4.79 19.75
C GLU A 2 -14.32 -4.59 19.19
N ARG A 3 -13.90 -5.46 18.31
CA ARG A 3 -12.54 -5.32 17.72
C ARG A 3 -12.66 -5.25 16.19
N CYS A 4 -11.72 -4.63 15.54
CA CYS A 4 -11.78 -4.51 14.05
C CYS A 4 -12.07 -5.87 13.43
N GLY A 5 -13.04 -5.94 12.55
CA GLY A 5 -13.39 -7.23 11.90
C GLY A 5 -12.28 -7.67 10.93
N TRP A 6 -11.57 -6.74 10.33
CA TRP A 6 -10.49 -7.14 9.38
C TRP A 6 -9.56 -8.14 10.05
N VAL A 7 -9.39 -8.05 11.35
CA VAL A 7 -8.50 -9.00 12.06
C VAL A 7 -8.98 -10.44 11.81
N SER A 8 -8.09 -11.34 11.53
CA SER A 8 -8.50 -12.74 11.27
C SER A 8 -7.40 -13.69 11.78
N GLN A 9 -7.51 -14.95 11.48
CA GLN A 9 -6.47 -15.92 11.94
C GLN A 9 -5.08 -15.31 11.76
N ASP A 10 -4.08 -15.87 12.39
CA ASP A 10 -2.70 -15.31 12.27
C ASP A 10 -2.59 -14.05 13.12
N PRO A 11 -2.36 -14.21 14.40
CA PRO A 11 -2.23 -13.07 15.36
C PRO A 11 -1.23 -12.02 14.89
N LEU A 12 -0.46 -12.32 13.86
CA LEU A 12 0.54 -11.33 13.38
C LEU A 12 -0.19 -10.08 12.87
N TYR A 13 -1.32 -10.24 12.26
CA TYR A 13 -2.06 -9.05 11.74
C TYR A 13 -2.47 -8.13 12.90
N ILE A 14 -3.03 -8.69 13.94
CA ILE A 14 -3.46 -7.83 15.08
C ILE A 14 -2.27 -7.04 15.62
N ALA A 15 -1.12 -7.65 15.71
CA ALA A 15 0.05 -6.89 16.22
C ALA A 15 0.25 -5.68 15.29
N TYR A 16 0.09 -5.89 14.02
CA TYR A 16 0.24 -4.77 13.04
C TYR A 16 -0.89 -3.76 13.27
N HIS A 17 -2.07 -4.24 13.56
CA HIS A 17 -3.23 -3.33 13.79
C HIS A 17 -2.93 -2.42 14.99
N ASP A 18 -2.53 -2.99 16.09
CA ASP A 18 -2.24 -2.17 17.30
C ASP A 18 -0.93 -1.38 17.12
N ASN A 19 0.04 -1.93 16.44
CA ASN A 19 1.32 -1.22 16.26
C ASN A 19 1.16 -0.08 15.25
N GLU A 20 1.00 -0.41 14.00
CA GLU A 20 0.83 0.66 12.97
C GLU A 20 -0.20 0.22 11.94
N TRP A 21 -1.26 0.98 11.78
CA TRP A 21 -2.30 0.60 10.79
C TRP A 21 -3.37 1.69 10.72
N GLY A 22 -3.35 2.50 9.70
CA GLY A 22 -4.36 3.58 9.59
C GLY A 22 -3.76 4.90 10.06
N VAL A 23 -2.55 4.86 10.56
CA VAL A 23 -1.90 6.13 11.03
C VAL A 23 -1.54 6.98 9.81
N PRO A 24 -1.54 8.28 9.95
CA PRO A 24 -1.21 9.20 8.83
C PRO A 24 0.25 9.05 8.37
N GLU A 25 0.45 8.73 7.12
CA GLU A 25 1.84 8.57 6.62
C GLU A 25 2.21 9.80 5.77
N THR A 26 3.33 10.40 6.04
CA THR A 26 3.76 11.59 5.25
C THR A 26 5.14 11.33 4.63
N ASP A 27 5.69 10.17 4.85
CA ASP A 27 7.02 9.86 4.27
C ASP A 27 6.85 9.34 2.85
N SER A 28 7.38 10.04 1.88
CA SER A 28 7.25 9.58 0.47
C SER A 28 7.89 8.20 0.31
N LYS A 29 8.97 7.96 1.00
CA LYS A 29 9.65 6.63 0.88
C LYS A 29 8.73 5.53 1.40
N LYS A 30 8.27 5.64 2.61
CA LYS A 30 7.37 4.58 3.16
C LYS A 30 6.06 4.57 2.38
N LEU A 31 5.56 5.72 2.03
CA LEU A 31 4.28 5.78 1.27
C LEU A 31 4.48 5.13 -0.10
N PHE A 32 5.52 5.48 -0.78
CA PHE A 32 5.78 4.90 -2.13
C PHE A 32 6.04 3.40 -2.04
N GLU A 33 6.75 2.96 -1.04
CA GLU A 33 7.01 1.49 -0.94
C GLU A 33 5.69 0.75 -0.75
N MET A 34 4.75 1.37 -0.11
CA MET A 34 3.43 0.69 0.12
C MET A 34 2.68 0.48 -1.20
N ILE A 35 2.55 1.50 -2.00
CA ILE A 35 1.78 1.31 -3.29
C ILE A 35 2.49 0.29 -4.19
N CYS A 36 3.80 0.27 -4.17
CA CYS A 36 4.52 -0.69 -5.05
C CYS A 36 4.41 -2.11 -4.48
N LEU A 37 4.66 -2.27 -3.21
CA LEU A 37 4.59 -3.62 -2.59
C LEU A 37 3.13 -4.09 -2.51
N GLU A 38 2.21 -3.20 -2.29
CA GLU A 38 0.78 -3.62 -2.18
C GLU A 38 0.38 -4.43 -3.41
N GLY A 39 0.92 -4.10 -4.56
CA GLY A 39 0.57 -4.86 -5.79
C GLY A 39 0.82 -6.36 -5.55
N GLN A 40 1.79 -6.68 -4.73
CA GLN A 40 2.08 -8.12 -4.46
C GLN A 40 0.83 -8.83 -3.94
N GLN A 41 0.04 -8.16 -3.14
CA GLN A 41 -1.19 -8.80 -2.59
C GLN A 41 -2.09 -9.26 -3.75
N ALA A 42 -1.96 -8.66 -4.89
CA ALA A 42 -2.83 -9.06 -6.04
C ALA A 42 -2.96 -10.58 -6.07
N GLY A 43 -4.11 -11.09 -5.77
CA GLY A 43 -4.31 -12.57 -5.77
C GLY A 43 -4.10 -13.09 -4.35
N LEU A 44 -3.19 -12.49 -3.63
CA LEU A 44 -2.93 -12.94 -2.23
C LEU A 44 -3.58 -11.96 -1.26
N SER A 45 -3.94 -12.44 -0.10
CA SER A 45 -4.58 -11.54 0.91
C SER A 45 -3.53 -10.55 1.43
N TRP A 46 -3.95 -9.39 1.84
CA TRP A 46 -2.98 -8.38 2.34
C TRP A 46 -2.17 -9.00 3.49
N ILE A 47 -2.75 -9.90 4.22
CA ILE A 47 -2.03 -10.52 5.36
C ILE A 47 -0.77 -11.25 4.85
N THR A 48 -0.86 -11.89 3.71
CA THR A 48 0.30 -12.61 3.17
C THR A 48 1.44 -11.64 2.87
N VAL A 49 1.10 -10.46 2.42
CA VAL A 49 2.14 -9.45 2.09
C VAL A 49 3.00 -9.11 3.32
N LEU A 50 2.41 -9.00 4.48
CA LEU A 50 3.22 -8.64 5.68
C LEU A 50 4.38 -9.64 5.86
N LYS A 51 4.08 -10.91 5.89
CA LYS A 51 5.16 -11.93 6.07
C LYS A 51 6.15 -11.84 4.90
N LYS A 52 5.64 -11.85 3.69
CA LYS A 52 6.55 -11.78 2.51
C LYS A 52 7.24 -10.42 2.49
N ARG A 53 6.59 -9.39 2.98
CA ARG A 53 7.22 -8.05 2.99
C ARG A 53 8.58 -8.13 3.66
N GLU A 54 8.66 -8.80 4.77
CA GLU A 54 9.97 -8.94 5.46
C GLU A 54 10.91 -9.76 4.58
N ASN A 55 10.40 -10.81 3.98
CA ASN A 55 11.27 -11.65 3.10
C ASN A 55 11.72 -10.84 1.89
N TYR A 56 10.83 -10.07 1.31
CA TYR A 56 11.22 -9.28 0.11
C TYR A 56 12.28 -8.26 0.50
N ARG A 57 12.11 -7.61 1.63
CA ARG A 57 13.13 -6.62 2.06
C ARG A 57 14.47 -7.31 2.23
N ALA A 58 14.47 -8.54 2.65
CA ALA A 58 15.77 -9.26 2.83
C ALA A 58 16.49 -9.33 1.49
N CYS A 59 15.78 -9.64 0.44
CA CYS A 59 16.42 -9.72 -0.89
C CYS A 59 16.31 -8.38 -1.61
N PHE A 60 15.24 -7.68 -1.39
CA PHE A 60 15.04 -6.36 -2.07
C PHE A 60 15.33 -5.21 -1.11
N HIS A 61 15.98 -5.46 0.00
CA HIS A 61 16.29 -4.34 0.93
C HIS A 61 16.91 -3.20 0.13
N GLN A 62 17.48 -3.52 -0.99
CA GLN A 62 18.11 -2.48 -1.84
C GLN A 62 17.03 -1.82 -2.70
N PHE A 63 15.80 -1.97 -2.31
CA PHE A 63 14.68 -1.38 -3.10
C PHE A 63 14.87 0.13 -3.28
N ASP A 64 15.99 0.68 -2.91
CA ASP A 64 16.20 2.14 -3.09
C ASP A 64 15.69 2.54 -4.48
N PRO A 65 15.21 3.75 -4.64
CA PRO A 65 14.67 4.22 -5.94
C PRO A 65 15.73 4.24 -7.05
N VAL A 66 16.83 4.90 -6.82
CA VAL A 66 17.90 4.95 -7.86
C VAL A 66 18.61 3.60 -7.95
N LYS A 67 18.89 3.00 -6.83
CA LYS A 67 19.61 1.69 -6.84
C LYS A 67 18.76 0.60 -7.51
N VAL A 68 17.52 0.47 -7.13
CA VAL A 68 16.68 -0.59 -7.73
C VAL A 68 16.46 -0.34 -9.22
N ALA A 69 16.15 0.87 -9.59
CA ALA A 69 15.94 1.16 -11.04
C ALA A 69 17.27 1.03 -11.75
N ALA A 70 18.35 1.25 -11.04
CA ALA A 70 19.68 1.14 -11.66
C ALA A 70 19.95 -0.32 -12.03
N MET A 71 19.17 -1.23 -11.50
CA MET A 71 19.39 -2.66 -11.82
C MET A 71 18.92 -2.96 -13.24
N GLN A 72 19.39 -4.04 -13.79
CA GLN A 72 19.00 -4.41 -15.18
C GLN A 72 18.20 -5.72 -15.16
N GLU A 73 17.68 -6.12 -16.27
CA GLU A 73 16.88 -7.38 -16.30
C GLU A 73 17.73 -8.52 -15.72
N GLU A 74 19.02 -8.48 -15.92
CA GLU A 74 19.87 -9.55 -15.36
C GLU A 74 19.63 -9.67 -13.86
N ASP A 75 19.41 -8.56 -13.20
CA ASP A 75 19.14 -8.61 -11.74
C ASP A 75 17.90 -9.46 -11.47
N VAL A 76 16.91 -9.36 -12.33
CA VAL A 76 15.67 -10.16 -12.13
C VAL A 76 16.02 -11.65 -12.19
N GLU A 77 16.84 -12.05 -13.12
CA GLU A 77 17.21 -13.48 -13.23
C GLU A 77 17.95 -13.91 -11.95
N ARG A 78 18.77 -13.06 -11.42
CA ARG A 78 19.52 -13.43 -10.18
C ARG A 78 18.55 -13.65 -9.02
N LEU A 79 17.63 -12.75 -8.83
CA LEU A 79 16.66 -12.91 -7.71
C LEU A 79 15.69 -14.05 -8.00
N VAL A 80 15.34 -14.24 -9.25
CA VAL A 80 14.40 -15.34 -9.58
C VAL A 80 14.97 -16.65 -9.03
N GLN A 81 16.26 -16.82 -9.12
CA GLN A 81 16.89 -18.06 -8.61
C GLN A 81 17.10 -17.94 -7.09
N ASP A 82 17.07 -16.76 -6.57
CA ASP A 82 17.31 -16.58 -5.10
C ASP A 82 16.03 -16.87 -4.32
N ALA A 83 15.98 -18.00 -3.67
CA ALA A 83 14.78 -18.35 -2.85
C ALA A 83 13.48 -18.11 -3.63
N GLY A 84 13.57 -17.72 -4.87
CA GLY A 84 12.33 -17.48 -5.66
C GLY A 84 11.36 -16.68 -4.78
N ILE A 85 11.85 -15.67 -4.12
CA ILE A 85 10.98 -14.85 -3.24
C ILE A 85 9.61 -14.64 -3.87
N ILE A 86 8.58 -15.21 -3.29
CA ILE A 86 7.19 -15.05 -3.83
C ILE A 86 7.23 -14.95 -5.36
N ARG A 87 6.24 -14.34 -5.96
CA ARG A 87 6.22 -14.22 -7.44
C ARG A 87 7.53 -13.60 -7.90
N HIS A 88 7.97 -13.94 -9.08
CA HIS A 88 9.26 -13.39 -9.58
C HIS A 88 9.17 -13.12 -11.09
N ARG A 89 10.22 -12.62 -11.67
CA ARG A 89 10.23 -12.33 -13.13
C ARG A 89 9.15 -11.29 -13.48
N GLY A 90 7.92 -11.71 -13.57
CA GLY A 90 6.84 -10.74 -13.93
C GLY A 90 6.69 -9.67 -12.84
N LYS A 91 6.61 -10.06 -11.60
CA LYS A 91 6.46 -9.04 -10.52
C LYS A 91 7.72 -8.19 -10.43
N ILE A 92 8.88 -8.81 -10.45
CA ILE A 92 10.14 -8.02 -10.37
C ILE A 92 10.22 -7.07 -11.55
N GLN A 93 9.81 -7.50 -12.71
CA GLN A 93 9.86 -6.61 -13.90
C GLN A 93 9.08 -5.33 -13.59
N ALA A 94 7.97 -5.46 -12.93
CA ALA A 94 7.16 -4.26 -12.58
C ALA A 94 7.90 -3.43 -11.53
N ILE A 95 8.52 -4.08 -10.58
CA ILE A 95 9.25 -3.34 -9.52
C ILE A 95 10.32 -2.42 -10.14
N ILE A 96 11.14 -2.94 -11.00
CA ILE A 96 12.18 -2.07 -11.63
C ILE A 96 11.51 -0.91 -12.36
N GLY A 97 10.49 -1.19 -13.14
CA GLY A 97 9.80 -0.11 -13.88
C GLY A 97 9.17 0.88 -12.88
N ASN A 98 8.73 0.40 -11.76
CA ASN A 98 8.10 1.30 -10.76
C ASN A 98 9.09 2.38 -10.31
N ALA A 99 10.33 2.03 -10.11
CA ALA A 99 11.32 3.04 -9.69
C ALA A 99 11.58 4.01 -10.84
N ARG A 100 11.62 3.52 -12.05
CA ARG A 100 11.87 4.43 -13.19
C ARG A 100 10.77 5.49 -13.21
N ALA A 101 9.55 5.08 -13.01
CA ALA A 101 8.43 6.06 -13.00
C ALA A 101 8.55 6.92 -11.75
N TYR A 102 9.03 6.35 -10.67
CA TYR A 102 9.19 7.12 -9.41
C TYR A 102 10.12 8.31 -9.68
N LEU A 103 11.21 8.07 -10.37
CA LEU A 103 12.15 9.18 -10.65
C LEU A 103 11.44 10.23 -11.50
N GLN A 104 10.61 9.82 -12.43
CA GLN A 104 9.90 10.81 -13.27
C GLN A 104 9.06 11.74 -12.38
N MET A 105 8.46 11.20 -11.36
CA MET A 105 7.64 12.04 -10.45
C MET A 105 8.52 13.10 -9.80
N GLU A 106 9.72 12.73 -9.41
CA GLU A 106 10.62 13.73 -8.76
C GLU A 106 11.05 14.77 -9.78
N GLN A 107 11.29 14.38 -11.00
CA GLN A 107 11.72 15.37 -12.01
C GLN A 107 10.71 16.52 -12.01
N ASN A 108 9.48 16.22 -11.76
CA ASN A 108 8.45 17.29 -11.72
C ASN A 108 8.40 17.87 -10.29
N GLY A 109 9.14 17.29 -9.38
CA GLY A 109 9.14 17.81 -7.98
C GLY A 109 7.75 17.57 -7.36
N GLU A 110 7.10 16.50 -7.72
CA GLU A 110 5.74 16.22 -7.15
C GLU A 110 5.72 14.81 -6.53
N PRO A 111 6.14 14.71 -5.30
CA PRO A 111 6.16 13.40 -4.56
C PRO A 111 4.76 12.78 -4.44
N PHE A 112 4.69 11.47 -4.36
CA PHE A 112 3.36 10.81 -4.23
C PHE A 112 2.67 11.32 -2.99
N ALA A 113 3.39 11.42 -1.91
CA ALA A 113 2.77 11.90 -0.65
C ALA A 113 2.14 13.28 -0.87
N ASP A 114 2.86 14.18 -1.47
CA ASP A 114 2.28 15.54 -1.72
C ASP A 114 1.18 15.45 -2.76
N PHE A 115 1.41 14.69 -3.80
CA PHE A 115 0.38 14.55 -4.87
C PHE A 115 -0.88 13.88 -4.34
N VAL A 116 -0.72 12.80 -3.61
CA VAL A 116 -1.90 12.09 -3.06
C VAL A 116 -2.74 13.03 -2.19
N TRP A 117 -2.12 13.79 -1.32
CA TRP A 117 -2.90 14.71 -0.45
C TRP A 117 -3.63 15.74 -1.33
N SER A 118 -3.02 16.15 -2.40
CA SER A 118 -3.68 17.16 -3.29
C SER A 118 -5.01 16.62 -3.81
N PHE A 119 -5.09 15.35 -4.09
CA PHE A 119 -6.37 14.79 -4.62
C PHE A 119 -7.48 14.94 -3.58
N VAL A 120 -7.17 14.83 -2.33
CA VAL A 120 -8.23 14.99 -1.29
C VAL A 120 -8.20 16.43 -0.77
N ASN A 121 -7.46 17.28 -1.42
CA ASN A 121 -7.39 18.70 -0.98
C ASN A 121 -6.84 18.78 0.44
N HIS A 122 -5.93 17.92 0.77
CA HIS A 122 -5.35 17.93 2.14
C HIS A 122 -6.48 17.85 3.17
N GLN A 123 -7.54 17.19 2.82
CA GLN A 123 -8.70 17.07 3.76
C GLN A 123 -8.97 15.59 4.05
N PRO A 124 -8.36 15.03 5.06
CA PRO A 124 -8.55 13.60 5.42
C PRO A 124 -10.04 13.24 5.52
N GLN A 125 -10.38 12.01 5.22
CA GLN A 125 -11.81 11.60 5.28
C GLN A 125 -12.06 10.67 6.47
N MET A 126 -13.26 10.64 6.96
CA MET A 126 -13.57 9.75 8.12
C MET A 126 -14.84 8.95 7.80
N THR A 127 -14.99 7.79 8.37
CA THR A 127 -16.20 6.97 8.08
C THR A 127 -16.77 6.38 9.37
N GLN A 128 -18.03 6.06 9.38
CA GLN A 128 -18.67 5.47 10.59
C GLN A 128 -19.40 4.18 10.20
N ALA A 129 -18.73 3.32 9.49
CA ALA A 129 -19.38 2.04 9.07
C ALA A 129 -19.57 1.12 10.27
N THR A 130 -20.77 0.66 10.50
CA THR A 130 -21.00 -0.26 11.64
C THR A 130 -20.47 -1.65 11.30
N THR A 131 -20.62 -2.06 10.07
CA THR A 131 -20.14 -3.41 9.66
C THR A 131 -19.15 -3.27 8.50
N LEU A 132 -18.36 -4.27 8.27
CA LEU A 132 -17.36 -4.20 7.16
C LEU A 132 -18.09 -3.88 5.85
N SER A 133 -19.26 -4.41 5.65
CA SER A 133 -20.00 -4.12 4.39
C SER A 133 -20.32 -2.62 4.31
N GLU A 134 -20.51 -1.98 5.43
CA GLU A 134 -20.81 -0.52 5.40
C GLU A 134 -19.59 0.24 4.89
N ILE A 135 -18.42 -0.31 5.06
CA ILE A 135 -17.19 0.39 4.59
C ILE A 135 -17.20 0.49 3.06
N PRO A 136 -17.19 1.68 2.50
CA PRO A 136 -17.20 1.86 1.03
C PRO A 136 -15.82 1.60 0.42
N THR A 137 -15.76 0.82 -0.63
CA THR A 137 -14.46 0.53 -1.28
C THR A 137 -14.35 1.32 -2.58
N SER A 138 -15.31 2.17 -2.84
CA SER A 138 -15.26 2.98 -4.09
C SER A 138 -15.64 4.42 -3.78
N THR A 139 -14.68 5.26 -3.53
CA THR A 139 -14.97 6.68 -3.22
C THR A 139 -14.49 7.55 -4.39
N PRO A 140 -15.05 8.72 -4.54
CA PRO A 140 -14.67 9.65 -5.64
C PRO A 140 -13.16 9.89 -5.69
N ALA A 141 -12.54 10.01 -4.55
CA ALA A 141 -11.07 10.25 -4.53
C ALA A 141 -10.33 8.94 -4.87
N SER A 142 -10.81 7.84 -4.35
CA SER A 142 -10.14 6.54 -4.64
C SER A 142 -10.18 6.25 -6.14
N ASP A 143 -11.30 6.48 -6.77
CA ASP A 143 -11.40 6.22 -8.23
C ASP A 143 -10.44 7.14 -8.98
N ALA A 144 -10.44 8.41 -8.65
CA ALA A 144 -9.52 9.35 -9.34
C ALA A 144 -8.08 9.03 -8.96
N LEU A 145 -7.86 8.69 -7.73
CA LEU A 145 -6.48 8.35 -7.27
C LEU A 145 -5.95 7.16 -8.07
N SER A 146 -6.76 6.16 -8.27
CA SER A 146 -6.29 4.97 -9.05
C SER A 146 -5.97 5.38 -10.48
N LYS A 147 -6.81 6.20 -11.07
CA LYS A 147 -6.55 6.63 -12.48
C LYS A 147 -5.24 7.41 -12.55
N ALA A 148 -4.94 8.18 -11.53
CA ALA A 148 -3.67 8.96 -11.56
C ALA A 148 -2.48 8.02 -11.58
N LEU A 149 -2.50 6.98 -10.79
CA LEU A 149 -1.36 6.03 -10.77
C LEU A 149 -1.22 5.36 -12.13
N LYS A 150 -2.30 5.04 -12.78
CA LYS A 150 -2.22 4.39 -14.11
C LYS A 150 -1.51 5.31 -15.10
N LYS A 151 -1.76 6.59 -15.03
CA LYS A 151 -1.10 7.53 -15.97
C LYS A 151 0.42 7.44 -15.79
N ARG A 152 0.87 7.29 -14.58
CA ARG A 152 2.34 7.21 -14.33
C ARG A 152 2.90 5.95 -15.02
N GLY A 153 2.05 5.01 -15.32
CA GLY A 153 2.54 3.77 -15.99
C GLY A 153 2.68 2.64 -14.97
N PHE A 154 1.93 2.69 -13.90
CA PHE A 154 2.04 1.62 -12.87
C PHE A 154 1.03 0.50 -13.16
N LYS A 155 1.48 -0.72 -13.14
CA LYS A 155 0.56 -1.86 -13.41
C LYS A 155 0.08 -2.43 -12.07
N PHE A 156 -0.96 -3.21 -12.08
CA PHE A 156 -1.48 -3.78 -10.81
C PHE A 156 -1.87 -2.64 -9.87
N VAL A 157 -2.66 -1.70 -10.35
CA VAL A 157 -3.08 -0.55 -9.50
C VAL A 157 -4.61 -0.53 -9.42
N GLY A 158 -5.25 -1.64 -9.61
CA GLY A 158 -6.74 -1.67 -9.55
C GLY A 158 -7.21 -0.83 -8.37
N THR A 159 -8.42 -0.33 -8.44
CA THR A 159 -8.95 0.49 -7.32
C THR A 159 -8.87 -0.30 -6.02
N THR A 160 -8.94 -1.59 -6.09
CA THR A 160 -8.89 -2.41 -4.85
C THR A 160 -7.52 -2.22 -4.19
N ILE A 161 -6.48 -2.25 -4.96
CA ILE A 161 -5.12 -2.05 -4.38
C ILE A 161 -4.98 -0.61 -3.89
N CYS A 162 -5.58 0.32 -4.58
CA CYS A 162 -5.48 1.74 -4.15
C CYS A 162 -6.20 1.91 -2.82
N TYR A 163 -7.34 1.31 -2.67
CA TYR A 163 -8.09 1.44 -1.39
C TYR A 163 -7.26 0.84 -0.26
N SER A 164 -6.69 -0.31 -0.46
CA SER A 164 -5.87 -0.93 0.62
C SER A 164 -4.70 0.01 0.95
N PHE A 165 -4.16 0.64 -0.05
CA PHE A 165 -3.03 1.58 0.18
C PHE A 165 -3.52 2.71 1.10
N MET A 166 -4.71 3.17 0.89
CA MET A 166 -5.25 4.26 1.76
C MET A 166 -5.30 3.80 3.20
N GLN A 167 -5.65 2.56 3.43
CA GLN A 167 -5.72 2.05 4.82
C GLN A 167 -4.34 2.19 5.47
N ALA A 168 -3.30 1.91 4.74
CA ALA A 168 -1.94 2.02 5.31
C ALA A 168 -1.57 3.49 5.48
N CYS A 169 -1.90 4.31 4.52
CA CYS A 169 -1.58 5.77 4.63
C CYS A 169 -2.39 6.41 5.75
N GLY A 170 -3.64 6.04 5.88
CA GLY A 170 -4.48 6.63 6.97
C GLY A 170 -5.29 7.79 6.40
N LEU A 171 -5.32 7.94 5.11
CA LEU A 171 -6.11 9.06 4.50
C LEU A 171 -7.56 8.98 4.98
N VAL A 172 -8.07 7.78 5.10
CA VAL A 172 -9.47 7.61 5.57
C VAL A 172 -9.45 6.98 6.97
N ASN A 173 -10.29 7.43 7.86
CA ASN A 173 -10.29 6.85 9.23
C ASN A 173 -11.28 5.69 9.29
N ASP A 174 -10.78 4.48 9.20
CA ASP A 174 -11.68 3.29 9.26
C ASP A 174 -11.27 2.39 10.42
N HIS A 175 -11.94 1.27 10.56
CA HIS A 175 -11.65 0.27 11.64
C HIS A 175 -12.97 -0.33 12.13
N VAL A 176 -14.07 0.12 11.57
CA VAL A 176 -15.41 -0.39 12.00
C VAL A 176 -15.76 0.19 13.37
N VAL A 177 -16.97 0.63 13.53
CA VAL A 177 -17.39 1.22 14.83
C VAL A 177 -17.33 0.14 15.92
N GLY A 178 -16.80 0.48 17.07
CA GLY A 178 -16.71 -0.53 18.17
C GLY A 178 -15.29 -1.07 18.27
N CYS A 179 -14.41 -0.71 17.36
CA CYS A 179 -13.01 -1.19 17.44
C CYS A 179 -12.37 -0.66 18.72
N CYS A 180 -13.14 0.03 19.50
CA CYS A 180 -12.61 0.60 20.77
C CYS A 180 -11.57 1.66 20.43
N CYS A 181 -10.59 1.30 19.64
CA CYS A 181 -9.53 2.27 19.26
C CYS A 181 -10.15 3.44 18.48
N TYR A 182 -11.29 3.22 17.87
CA TYR A 182 -11.93 4.31 17.08
C TYR A 182 -13.32 4.62 17.66
N PRO A 183 -13.38 5.46 18.66
CA PRO A 183 -14.67 5.86 19.31
C PRO A 183 -15.60 6.58 18.32
N GLY A 184 -16.26 7.62 18.75
CA GLY A 184 -17.18 8.36 17.84
C GLY A 184 -18.62 7.92 18.08
N ASN A 185 -18.82 6.92 18.90
CA ASN A 185 -20.21 6.46 19.19
C ASN A 185 -20.36 6.21 20.69
N LYS A 186 -19.60 6.90 21.49
CA LYS A 186 -19.71 6.70 22.96
C LYS A 186 -20.60 7.81 23.55
N PRO A 187 -21.20 7.55 24.68
CA PRO A 187 -22.08 8.54 25.36
C PRO A 187 -21.52 9.97 25.30
ZN ZN B . -9.22 -1.08 14.59
N MET A 1 -14.22 -0.76 24.47
CA MET A 1 -14.30 -2.17 24.97
C MET A 1 -14.55 -3.12 23.81
N GLU A 2 -14.20 -2.72 22.62
CA GLU A 2 -14.41 -3.59 21.43
C GLU A 2 -13.12 -3.67 20.62
N ARG A 3 -12.96 -4.74 19.87
CA ARG A 3 -11.73 -4.89 19.04
C ARG A 3 -12.14 -5.19 17.60
N CYS A 4 -11.35 -4.80 16.64
CA CYS A 4 -11.71 -5.07 15.22
C CYS A 4 -11.87 -6.59 15.05
N GLY A 5 -13.00 -7.04 14.59
CA GLY A 5 -13.21 -8.50 14.42
C GLY A 5 -12.86 -8.94 13.00
N TRP A 6 -12.58 -8.02 12.12
CA TRP A 6 -12.25 -8.42 10.72
C TRP A 6 -10.75 -8.72 10.62
N VAL A 7 -10.02 -8.52 11.67
CA VAL A 7 -8.56 -8.80 11.62
C VAL A 7 -8.32 -10.30 11.46
N SER A 8 -7.34 -10.67 10.69
CA SER A 8 -7.06 -12.12 10.49
C SER A 8 -6.74 -12.76 11.85
N GLN A 9 -6.90 -14.04 11.98
CA GLN A 9 -6.60 -14.69 13.29
C GLN A 9 -5.11 -15.00 13.37
N ASP A 10 -4.36 -14.18 14.05
CA ASP A 10 -2.89 -14.41 14.17
C ASP A 10 -2.25 -13.19 14.84
N PRO A 11 -1.25 -13.39 15.66
CA PRO A 11 -0.56 -12.26 16.36
C PRO A 11 0.16 -11.32 15.38
N LEU A 12 0.71 -11.85 14.33
CA LEU A 12 1.41 -10.98 13.34
C LEU A 12 0.42 -10.01 12.70
N TYR A 13 -0.74 -10.48 12.33
CA TYR A 13 -1.73 -9.57 11.68
C TYR A 13 -2.18 -8.51 12.69
N ILE A 14 -2.52 -8.91 13.87
CA ILE A 14 -2.97 -7.92 14.89
C ILE A 14 -1.84 -6.93 15.18
N ALA A 15 -0.60 -7.37 15.11
CA ALA A 15 0.52 -6.42 15.35
C ALA A 15 0.44 -5.31 14.31
N TYR A 16 0.13 -5.67 13.09
CA TYR A 16 -0.01 -4.65 12.02
C TYR A 16 -1.22 -3.76 12.32
N HIS A 17 -2.27 -4.36 12.84
CA HIS A 17 -3.49 -3.57 13.17
C HIS A 17 -3.13 -2.45 14.15
N ASP A 18 -2.34 -2.74 15.15
CA ASP A 18 -1.96 -1.68 16.13
C ASP A 18 -0.69 -0.94 15.70
N ASN A 19 0.17 -1.58 14.94
CA ASN A 19 1.43 -0.90 14.52
C ASN A 19 1.15 0.06 13.36
N GLU A 20 0.94 -0.46 12.19
CA GLU A 20 0.67 0.42 11.01
C GLU A 20 -0.58 -0.05 10.29
N TRP A 21 -1.67 0.63 10.50
CA TRP A 21 -2.94 0.23 9.84
C TRP A 21 -4.03 1.24 10.19
N GLY A 22 -4.33 2.14 9.30
CA GLY A 22 -5.37 3.17 9.60
C GLY A 22 -4.69 4.42 10.14
N VAL A 23 -3.38 4.43 10.17
CA VAL A 23 -2.65 5.62 10.69
C VAL A 23 -2.18 6.47 9.50
N PRO A 24 -2.65 7.68 9.37
CA PRO A 24 -2.24 8.57 8.24
C PRO A 24 -0.73 8.60 8.03
N GLU A 25 -0.28 8.35 6.83
CA GLU A 25 1.20 8.36 6.57
C GLU A 25 1.50 9.48 5.56
N THR A 26 2.55 10.22 5.79
CA THR A 26 2.91 11.33 4.86
C THR A 26 4.28 11.04 4.26
N ASP A 27 4.82 9.87 4.48
CA ASP A 27 6.16 9.55 3.91
C ASP A 27 5.98 9.03 2.48
N SER A 28 6.54 9.73 1.52
CA SER A 28 6.41 9.29 0.10
C SER A 28 7.09 7.93 -0.10
N LYS A 29 8.21 7.72 0.52
CA LYS A 29 8.92 6.42 0.35
C LYS A 29 8.04 5.28 0.89
N LYS A 30 7.43 5.46 2.03
CA LYS A 30 6.57 4.36 2.57
C LYS A 30 5.33 4.18 1.68
N LEU A 31 4.71 5.25 1.28
CA LEU A 31 3.49 5.12 0.41
C LEU A 31 3.87 4.43 -0.90
N PHE A 32 4.97 4.82 -1.48
CA PHE A 32 5.39 4.19 -2.76
C PHE A 32 5.61 2.69 -2.54
N GLU A 33 6.24 2.33 -1.46
CA GLU A 33 6.48 0.89 -1.19
C GLU A 33 5.14 0.17 -0.98
N MET A 34 4.19 0.86 -0.45
CA MET A 34 2.86 0.22 -0.20
C MET A 34 2.24 -0.26 -1.52
N ILE A 35 2.19 0.59 -2.51
CA ILE A 35 1.57 0.17 -3.81
C ILE A 35 2.39 -0.96 -4.44
N CYS A 36 3.69 -0.82 -4.51
CA CYS A 36 4.50 -1.89 -5.15
C CYS A 36 4.44 -3.18 -4.32
N LEU A 37 4.67 -3.09 -3.04
CA LEU A 37 4.64 -4.31 -2.20
C LEU A 37 3.19 -4.83 -2.07
N GLU A 38 2.24 -3.94 -1.91
CA GLU A 38 0.83 -4.41 -1.76
C GLU A 38 0.38 -5.13 -3.03
N GLY A 39 0.81 -4.69 -4.18
CA GLY A 39 0.40 -5.37 -5.45
C GLY A 39 0.73 -6.87 -5.34
N GLN A 40 1.75 -7.19 -4.59
CA GLN A 40 2.13 -8.62 -4.45
C GLN A 40 0.94 -9.45 -3.97
N GLN A 41 0.09 -8.87 -3.15
CA GLN A 41 -1.07 -9.64 -2.63
C GLN A 41 -1.87 -10.26 -3.79
N ALA A 42 -1.89 -9.64 -4.93
CA ALA A 42 -2.65 -10.24 -6.07
C ALA A 42 -2.36 -11.73 -6.13
N GLY A 43 -3.33 -12.55 -5.79
CA GLY A 43 -3.11 -14.03 -5.82
C GLY A 43 -2.71 -14.51 -4.42
N LEU A 44 -2.23 -13.61 -3.60
CA LEU A 44 -1.82 -14.00 -2.22
C LEU A 44 -2.67 -13.25 -1.19
N SER A 45 -2.79 -13.80 -0.01
CA SER A 45 -3.62 -13.13 1.05
C SER A 45 -2.80 -12.03 1.72
N TRP A 46 -3.47 -11.10 2.35
CA TRP A 46 -2.75 -9.99 3.03
C TRP A 46 -1.78 -10.53 4.08
N ILE A 47 -2.16 -11.55 4.80
CA ILE A 47 -1.25 -12.10 5.85
C ILE A 47 0.07 -12.53 5.23
N THR A 48 0.03 -13.18 4.09
CA THR A 48 1.29 -13.61 3.45
C THR A 48 2.08 -12.39 2.97
N VAL A 49 1.41 -11.40 2.48
CA VAL A 49 2.10 -10.18 1.98
C VAL A 49 2.89 -9.49 3.09
N LEU A 50 2.33 -9.37 4.27
CA LEU A 50 3.07 -8.67 5.36
C LEU A 50 4.41 -9.37 5.60
N LYS A 51 4.42 -10.67 5.72
CA LYS A 51 5.71 -11.38 5.95
C LYS A 51 6.63 -11.17 4.74
N LYS A 52 6.12 -11.41 3.56
CA LYS A 52 6.97 -11.20 2.35
C LYS A 52 7.34 -9.73 2.23
N ARG A 53 6.49 -8.86 2.67
CA ARG A 53 6.79 -7.41 2.60
C ARG A 53 8.15 -7.14 3.25
N GLU A 54 8.39 -7.76 4.38
CA GLU A 54 9.69 -7.56 5.06
C GLU A 54 10.81 -8.18 4.22
N ASN A 55 10.58 -9.34 3.67
CA ASN A 55 11.62 -10.00 2.84
C ASN A 55 11.94 -9.14 1.62
N TYR A 56 10.93 -8.57 1.01
CA TYR A 56 11.18 -7.72 -0.18
C TYR A 56 12.16 -6.60 0.19
N ARG A 57 11.94 -5.97 1.30
CA ARG A 57 12.87 -4.89 1.73
C ARG A 57 14.26 -5.47 1.88
N ALA A 58 14.38 -6.73 2.22
CA ALA A 58 15.73 -7.31 2.37
C ALA A 58 16.51 -7.19 1.06
N CYS A 59 15.90 -7.56 -0.03
CA CYS A 59 16.61 -7.48 -1.34
C CYS A 59 16.33 -6.16 -2.08
N PHE A 60 15.13 -5.66 -2.02
CA PHE A 60 14.80 -4.42 -2.77
C PHE A 60 15.48 -3.17 -2.18
N HIS A 61 15.41 -2.95 -0.90
CA HIS A 61 16.08 -1.73 -0.35
C HIS A 61 17.52 -1.68 -0.84
N GLN A 62 18.10 -2.81 -1.07
CA GLN A 62 19.50 -2.84 -1.57
C GLN A 62 19.56 -1.98 -2.83
N PHE A 63 18.53 -2.03 -3.63
CA PHE A 63 18.49 -1.22 -4.87
C PHE A 63 17.67 0.04 -4.59
N ASP A 64 18.17 0.90 -3.75
CA ASP A 64 17.42 2.16 -3.41
C ASP A 64 16.66 2.69 -4.63
N PRO A 65 15.66 3.49 -4.41
CA PRO A 65 14.83 4.07 -5.51
C PRO A 65 15.66 4.50 -6.72
N VAL A 66 16.77 5.15 -6.49
CA VAL A 66 17.62 5.59 -7.63
C VAL A 66 18.32 4.37 -8.24
N LYS A 67 18.86 3.52 -7.41
CA LYS A 67 19.57 2.32 -7.94
C LYS A 67 18.60 1.41 -8.71
N VAL A 68 17.45 1.15 -8.16
CA VAL A 68 16.47 0.27 -8.87
C VAL A 68 16.07 0.92 -10.20
N ALA A 69 15.92 2.20 -10.19
CA ALA A 69 15.54 2.90 -11.45
C ALA A 69 16.65 2.67 -12.45
N ALA A 70 17.84 2.39 -11.96
CA ALA A 70 18.99 2.16 -12.88
C ALA A 70 19.36 0.67 -12.86
N MET A 71 18.46 -0.19 -12.47
CA MET A 71 18.78 -1.65 -12.45
C MET A 71 18.65 -2.22 -13.86
N GLN A 72 19.27 -3.34 -14.12
CA GLN A 72 19.19 -3.95 -15.48
C GLN A 72 18.27 -5.17 -15.44
N GLU A 73 17.76 -5.58 -16.56
CA GLU A 73 16.86 -6.77 -16.58
C GLU A 73 17.60 -7.99 -16.02
N GLU A 74 18.88 -8.06 -16.24
CA GLU A 74 19.64 -9.23 -15.71
C GLU A 74 19.53 -9.24 -14.18
N ASP A 75 19.43 -8.09 -13.58
CA ASP A 75 19.33 -8.03 -12.08
C ASP A 75 18.05 -8.74 -11.60
N VAL A 76 16.96 -8.59 -12.31
CA VAL A 76 15.69 -9.25 -11.85
C VAL A 76 15.87 -10.76 -11.94
N GLU A 77 16.44 -11.23 -13.01
CA GLU A 77 16.62 -12.70 -13.15
C GLU A 77 17.40 -13.24 -11.95
N ARG A 78 18.38 -12.51 -11.50
CA ARG A 78 19.18 -12.97 -10.33
C ARG A 78 18.28 -13.06 -9.10
N LEU A 79 17.42 -12.10 -8.92
CA LEU A 79 16.50 -12.12 -7.74
C LEU A 79 15.51 -13.28 -7.85
N VAL A 80 15.14 -13.64 -9.05
CA VAL A 80 14.18 -14.76 -9.21
C VAL A 80 14.66 -15.96 -8.41
N GLN A 81 15.94 -16.22 -8.42
CA GLN A 81 16.49 -17.36 -7.65
C GLN A 81 16.88 -16.90 -6.24
N ASP A 82 17.70 -15.88 -6.16
CA ASP A 82 18.13 -15.38 -4.83
C ASP A 82 17.00 -14.60 -4.16
N ALA A 83 17.15 -14.30 -2.90
CA ALA A 83 16.12 -13.54 -2.12
C ALA A 83 15.13 -14.51 -1.48
N GLY A 84 14.89 -15.63 -2.11
CA GLY A 84 13.95 -16.61 -1.51
C GLY A 84 12.56 -15.98 -1.41
N ILE A 85 12.22 -15.11 -2.32
CA ILE A 85 10.88 -14.45 -2.27
C ILE A 85 10.02 -14.92 -3.44
N ILE A 86 8.75 -14.66 -3.39
CA ILE A 86 7.84 -15.10 -4.49
C ILE A 86 8.52 -14.86 -5.84
N ARG A 87 8.27 -15.71 -6.81
CA ARG A 87 8.89 -15.54 -8.14
C ARG A 87 7.86 -15.05 -9.16
N HIS A 88 8.28 -14.26 -10.10
CA HIS A 88 7.32 -13.75 -11.14
C HIS A 88 8.09 -13.10 -12.28
N ARG A 89 9.28 -12.69 -12.01
CA ARG A 89 10.13 -12.04 -13.06
C ARG A 89 9.42 -10.81 -13.63
N GLY A 90 8.34 -10.99 -14.32
CA GLY A 90 7.62 -9.82 -14.90
C GLY A 90 7.21 -8.85 -13.79
N LYS A 91 6.78 -9.36 -12.67
CA LYS A 91 6.37 -8.46 -11.55
C LYS A 91 7.57 -7.62 -11.10
N ILE A 92 8.73 -8.23 -10.98
CA ILE A 92 9.93 -7.46 -10.55
C ILE A 92 10.20 -6.34 -11.56
N GLN A 93 10.10 -6.64 -12.82
CA GLN A 93 10.34 -5.59 -13.85
C GLN A 93 9.37 -4.43 -13.64
N ALA A 94 8.17 -4.73 -13.24
CA ALA A 94 7.17 -3.64 -13.01
C ALA A 94 7.69 -2.73 -11.88
N ILE A 95 8.32 -3.29 -10.90
CA ILE A 95 8.85 -2.45 -9.79
C ILE A 95 9.86 -1.45 -10.35
N ILE A 96 10.73 -1.88 -11.22
CA ILE A 96 11.74 -0.95 -11.80
C ILE A 96 11.01 0.22 -12.48
N GLY A 97 9.99 -0.06 -13.23
CA GLY A 97 9.25 1.04 -13.92
C GLY A 97 8.65 1.99 -12.89
N ASN A 98 8.18 1.48 -11.79
CA ASN A 98 7.58 2.36 -10.75
C ASN A 98 8.62 3.37 -10.26
N ALA A 99 9.82 2.93 -10.02
CA ALA A 99 10.85 3.87 -9.53
C ALA A 99 11.15 4.90 -10.63
N ARG A 100 11.34 4.45 -11.83
CA ARG A 100 11.62 5.40 -12.94
C ARG A 100 10.48 6.39 -13.08
N ALA A 101 9.26 5.91 -13.00
CA ALA A 101 8.09 6.81 -13.11
C ALA A 101 7.95 7.65 -11.84
N TYR A 102 8.17 7.04 -10.71
CA TYR A 102 8.06 7.78 -9.42
C TYR A 102 9.13 8.87 -9.35
N LEU A 103 10.34 8.54 -9.68
CA LEU A 103 11.43 9.55 -9.62
C LEU A 103 11.14 10.70 -10.59
N GLN A 104 10.62 10.40 -11.75
CA GLN A 104 10.32 11.48 -12.73
C GLN A 104 9.32 12.47 -12.13
N MET A 105 8.32 11.99 -11.43
CA MET A 105 7.32 12.92 -10.83
C MET A 105 8.02 13.82 -9.80
N GLU A 106 8.88 13.26 -9.00
CA GLU A 106 9.59 14.09 -7.97
C GLU A 106 10.53 15.07 -8.65
N GLN A 107 11.05 14.71 -9.80
CA GLN A 107 11.99 15.62 -10.52
C GLN A 107 11.34 16.99 -10.66
N ASN A 108 10.05 17.04 -10.80
CA ASN A 108 9.36 18.35 -10.94
C ASN A 108 9.10 18.96 -9.56
N GLY A 109 9.55 18.31 -8.52
CA GLY A 109 9.32 18.87 -7.15
C GLY A 109 7.88 18.61 -6.72
N GLU A 110 7.28 17.56 -7.21
CA GLU A 110 5.87 17.24 -6.85
C GLU A 110 5.85 15.93 -6.05
N PRO A 111 5.90 16.00 -4.74
CA PRO A 111 5.89 14.78 -3.88
C PRO A 111 4.78 13.80 -4.29
N PHE A 112 5.11 12.55 -4.42
CA PHE A 112 4.09 11.55 -4.82
C PHE A 112 2.97 11.49 -3.77
N ALA A 113 3.33 11.52 -2.51
CA ALA A 113 2.30 11.46 -1.44
C ALA A 113 1.38 12.68 -1.50
N ASP A 114 1.93 13.85 -1.68
CA ASP A 114 1.06 15.06 -1.75
C ASP A 114 0.03 14.87 -2.87
N PHE A 115 0.44 14.27 -3.95
CA PHE A 115 -0.51 14.04 -5.07
C PHE A 115 -1.70 13.21 -4.55
N VAL A 116 -1.42 12.18 -3.81
CA VAL A 116 -2.51 11.33 -3.26
C VAL A 116 -3.36 12.18 -2.31
N TRP A 117 -2.74 12.88 -1.40
CA TRP A 117 -3.51 13.73 -0.46
C TRP A 117 -4.27 14.80 -1.25
N SER A 118 -3.69 15.26 -2.33
CA SER A 118 -4.37 16.30 -3.15
C SER A 118 -5.74 15.79 -3.59
N PHE A 119 -5.85 14.53 -3.89
CA PHE A 119 -7.18 13.99 -4.33
C PHE A 119 -8.22 14.22 -3.24
N VAL A 120 -7.82 14.12 -2.00
CA VAL A 120 -8.79 14.35 -0.89
C VAL A 120 -8.56 15.74 -0.32
N ASN A 121 -7.82 16.56 -1.01
CA ASN A 121 -7.55 17.94 -0.53
C ASN A 121 -6.87 17.89 0.84
N HIS A 122 -6.04 16.92 1.05
CA HIS A 122 -5.34 16.83 2.37
C HIS A 122 -6.37 16.78 3.50
N GLN A 123 -7.46 16.11 3.29
CA GLN A 123 -8.51 16.02 4.35
C GLN A 123 -8.76 14.54 4.72
N PRO A 124 -8.08 14.04 5.71
CA PRO A 124 -8.25 12.62 6.15
C PRO A 124 -9.72 12.27 6.39
N GLN A 125 -10.11 11.05 6.09
CA GLN A 125 -11.53 10.65 6.28
C GLN A 125 -11.63 9.52 7.32
N MET A 126 -12.73 9.43 8.00
CA MET A 126 -12.90 8.35 9.02
C MET A 126 -14.20 7.60 8.72
N THR A 127 -14.30 6.36 9.15
CA THR A 127 -15.54 5.60 8.88
C THR A 127 -16.55 5.83 10.01
N GLN A 128 -17.82 5.74 9.71
CA GLN A 128 -18.86 5.96 10.76
C GLN A 128 -20.00 4.99 10.53
N ALA A 129 -19.70 3.74 10.30
CA ALA A 129 -20.78 2.73 10.07
C ALA A 129 -20.80 1.75 11.24
N THR A 130 -21.54 0.67 11.11
CA THR A 130 -21.61 -0.32 12.22
C THR A 130 -20.89 -1.60 11.83
N THR A 131 -20.86 -1.92 10.56
CA THR A 131 -20.18 -3.16 10.10
C THR A 131 -19.19 -2.80 9.00
N LEU A 132 -18.16 -3.58 8.84
CA LEU A 132 -17.16 -3.30 7.78
C LEU A 132 -17.84 -3.37 6.41
N SER A 133 -18.82 -4.23 6.27
CA SER A 133 -19.52 -4.34 4.97
C SER A 133 -20.16 -3.01 4.59
N GLU A 134 -20.58 -2.25 5.57
CA GLU A 134 -21.21 -0.93 5.27
C GLU A 134 -20.17 0.00 4.65
N ILE A 135 -18.92 -0.15 5.02
CA ILE A 135 -17.86 0.74 4.46
C ILE A 135 -17.69 0.44 2.95
N PRO A 136 -17.69 1.45 2.10
CA PRO A 136 -17.53 1.25 0.64
C PRO A 136 -16.10 0.85 0.27
N THR A 137 -15.96 -0.09 -0.62
CA THR A 137 -14.60 -0.53 -1.04
C THR A 137 -14.23 0.21 -2.33
N SER A 138 -15.18 0.90 -2.91
CA SER A 138 -14.90 1.63 -4.18
C SER A 138 -15.22 3.12 -4.00
N THR A 139 -14.36 3.86 -3.36
CA THR A 139 -14.61 5.31 -3.17
C THR A 139 -14.24 6.05 -4.46
N PRO A 140 -14.89 7.14 -4.75
CA PRO A 140 -14.60 7.92 -5.98
C PRO A 140 -13.13 8.30 -6.09
N ALA A 141 -12.47 8.47 -4.97
CA ALA A 141 -11.02 8.83 -5.01
C ALA A 141 -10.22 7.60 -5.43
N SER A 142 -10.57 6.46 -4.94
CA SER A 142 -9.82 5.22 -5.32
C SER A 142 -9.94 4.98 -6.81
N ASP A 143 -11.12 5.10 -7.35
CA ASP A 143 -11.30 4.88 -8.81
C ASP A 143 -10.51 5.93 -9.59
N ALA A 144 -10.60 7.16 -9.19
CA ALA A 144 -9.86 8.24 -9.91
C ALA A 144 -8.36 8.07 -9.66
N LEU A 145 -7.99 7.69 -8.47
CA LEU A 145 -6.54 7.50 -8.17
C LEU A 145 -5.95 6.45 -9.10
N SER A 146 -6.60 5.33 -9.24
CA SER A 146 -6.05 4.27 -10.13
C SER A 146 -5.87 4.84 -11.53
N LYS A 147 -6.81 5.64 -11.97
CA LYS A 147 -6.68 6.24 -13.33
C LYS A 147 -5.44 7.12 -13.38
N ALA A 148 -5.16 7.82 -12.31
CA ALA A 148 -3.96 8.71 -12.31
C ALA A 148 -2.68 7.88 -12.37
N LEU A 149 -2.54 6.92 -11.50
CA LEU A 149 -1.31 6.07 -11.53
C LEU A 149 -1.25 5.34 -12.87
N LYS A 150 -2.37 4.96 -13.41
CA LYS A 150 -2.36 4.25 -14.72
C LYS A 150 -1.67 5.12 -15.77
N LYS A 151 -1.93 6.41 -15.77
CA LYS A 151 -1.29 7.30 -16.78
C LYS A 151 0.22 7.26 -16.62
N ARG A 152 0.70 7.23 -15.40
CA ARG A 152 2.17 7.21 -15.18
C ARG A 152 2.76 5.91 -15.72
N GLY A 153 1.94 4.91 -15.91
CA GLY A 153 2.46 3.61 -16.44
C GLY A 153 2.55 2.59 -15.31
N PHE A 154 1.73 2.73 -14.31
CA PHE A 154 1.78 1.77 -13.17
C PHE A 154 0.84 0.58 -13.44
N LYS A 155 1.33 -0.62 -13.27
CA LYS A 155 0.48 -1.82 -13.50
C LYS A 155 -0.01 -2.36 -12.15
N PHE A 156 -0.95 -3.25 -12.17
CA PHE A 156 -1.48 -3.83 -10.90
C PHE A 156 -2.09 -2.71 -10.05
N VAL A 157 -2.85 -1.85 -10.66
CA VAL A 157 -3.48 -0.73 -9.90
C VAL A 157 -4.99 -0.97 -9.81
N GLY A 158 -5.42 -2.20 -9.90
CA GLY A 158 -6.88 -2.49 -9.81
C GLY A 158 -7.50 -1.66 -8.70
N THR A 159 -8.76 -1.35 -8.81
CA THR A 159 -9.43 -0.54 -7.77
C THR A 159 -9.29 -1.23 -6.41
N THR A 160 -9.13 -2.53 -6.40
CA THR A 160 -9.00 -3.23 -5.10
C THR A 160 -7.67 -2.88 -4.44
N ILE A 161 -6.60 -2.93 -5.18
CA ILE A 161 -5.28 -2.58 -4.60
C ILE A 161 -5.27 -1.10 -4.23
N CYS A 162 -5.93 -0.28 -5.01
CA CYS A 162 -5.96 1.17 -4.69
C CYS A 162 -6.72 1.39 -3.38
N TYR A 163 -7.85 0.75 -3.23
CA TYR A 163 -8.63 0.90 -1.98
C TYR A 163 -7.82 0.34 -0.80
N SER A 164 -7.25 -0.82 -0.97
CA SER A 164 -6.45 -1.42 0.13
C SER A 164 -5.29 -0.48 0.48
N PHE A 165 -4.74 0.16 -0.53
CA PHE A 165 -3.60 1.10 -0.29
C PHE A 165 -4.07 2.22 0.65
N MET A 166 -5.25 2.72 0.44
CA MET A 166 -5.77 3.81 1.31
C MET A 166 -5.91 3.28 2.74
N GLN A 167 -6.33 2.06 2.88
CA GLN A 167 -6.52 1.48 4.25
C GLN A 167 -5.19 1.48 5.00
N ALA A 168 -4.13 1.06 4.37
CA ALA A 168 -2.81 1.03 5.06
C ALA A 168 -2.28 2.46 5.22
N CYS A 169 -2.47 3.29 4.23
CA CYS A 169 -1.96 4.69 4.31
C CYS A 169 -2.60 5.41 5.50
N GLY A 170 -3.86 5.15 5.76
CA GLY A 170 -4.53 5.83 6.91
C GLY A 170 -5.44 6.95 6.40
N LEU A 171 -5.51 7.16 5.11
CA LEU A 171 -6.40 8.24 4.61
C LEU A 171 -7.83 7.95 5.09
N VAL A 172 -8.19 6.70 5.13
CA VAL A 172 -9.55 6.33 5.61
C VAL A 172 -9.40 5.41 6.82
N ASN A 173 -10.18 5.61 7.84
CA ASN A 173 -10.06 4.75 9.05
C ASN A 173 -11.14 3.67 9.03
N ASP A 174 -10.76 2.43 8.82
CA ASP A 174 -11.75 1.33 8.80
C ASP A 174 -11.44 0.34 9.92
N HIS A 175 -12.01 0.55 11.08
CA HIS A 175 -11.76 -0.36 12.23
C HIS A 175 -13.11 -0.79 12.81
N VAL A 176 -14.12 0.02 12.63
CA VAL A 176 -15.50 -0.24 13.16
C VAL A 176 -15.69 0.58 14.43
N VAL A 177 -16.91 0.96 14.73
CA VAL A 177 -17.15 1.77 15.96
C VAL A 177 -16.69 0.99 17.19
N GLY A 178 -15.91 1.62 18.03
CA GLY A 178 -15.44 0.92 19.26
C GLY A 178 -13.96 0.58 19.14
N CYS A 179 -13.65 -0.57 18.59
CA CYS A 179 -12.21 -0.99 18.47
C CYS A 179 -11.46 -0.57 19.72
N CYS A 180 -12.16 -0.40 20.80
CA CYS A 180 -11.50 0.00 22.08
C CYS A 180 -10.63 1.25 21.87
N CYS A 181 -10.57 1.75 20.66
CA CYS A 181 -9.75 2.97 20.40
C CYS A 181 -10.57 4.01 19.66
N TYR A 182 -11.58 3.60 18.93
CA TYR A 182 -12.41 4.57 18.18
C TYR A 182 -13.88 4.41 18.57
N PRO A 183 -14.28 5.02 19.66
CA PRO A 183 -15.69 4.95 20.16
C PRO A 183 -16.65 5.65 19.20
N GLY A 184 -16.58 6.94 19.13
CA GLY A 184 -17.49 7.69 18.21
C GLY A 184 -18.74 8.12 18.97
N ASN A 185 -18.95 7.60 20.15
CA ASN A 185 -20.16 7.99 20.92
C ASN A 185 -19.83 8.06 22.42
N LYS A 186 -18.57 8.21 22.74
CA LYS A 186 -18.18 8.30 24.18
C LYS A 186 -17.16 9.42 24.37
N PRO A 187 -17.09 9.98 25.55
CA PRO A 187 -16.14 11.08 25.86
C PRO A 187 -14.68 10.59 25.91
ZN ZN B . -9.14 -1.56 15.07
N MET A 1 -16.66 -8.04 23.54
CA MET A 1 -15.97 -6.76 23.24
C MET A 1 -15.87 -6.58 21.72
N GLU A 2 -15.97 -5.37 21.24
CA GLU A 2 -15.89 -5.13 19.78
C GLU A 2 -14.44 -5.26 19.32
N ARG A 3 -14.23 -5.83 18.17
CA ARG A 3 -12.82 -5.99 17.67
C ARG A 3 -12.82 -5.81 16.14
N CYS A 4 -11.70 -5.44 15.59
CA CYS A 4 -11.63 -5.25 14.11
C CYS A 4 -11.92 -6.57 13.39
N GLY A 5 -12.75 -6.52 12.37
CA GLY A 5 -13.10 -7.76 11.62
C GLY A 5 -11.86 -8.33 10.92
N TRP A 6 -10.99 -7.49 10.41
CA TRP A 6 -9.78 -8.02 9.70
C TRP A 6 -8.96 -8.88 10.66
N VAL A 7 -9.00 -8.57 11.93
CA VAL A 7 -8.20 -9.35 12.91
C VAL A 7 -8.45 -10.85 12.74
N SER A 8 -9.70 -11.25 12.58
CA SER A 8 -10.00 -12.70 12.42
C SER A 8 -9.13 -13.52 13.39
N GLN A 9 -8.47 -14.54 12.89
CA GLN A 9 -7.59 -15.37 13.76
C GLN A 9 -6.12 -15.04 13.49
N ASP A 10 -5.74 -15.00 12.24
CA ASP A 10 -4.32 -14.70 11.88
C ASP A 10 -3.68 -13.75 12.90
N PRO A 11 -2.96 -14.28 13.87
CA PRO A 11 -2.30 -13.45 14.91
C PRO A 11 -1.29 -12.46 14.32
N LEU A 12 -0.65 -12.82 13.23
CA LEU A 12 0.34 -11.91 12.62
C LEU A 12 -0.37 -10.63 12.16
N TYR A 13 -1.56 -10.76 11.65
CA TYR A 13 -2.30 -9.56 11.19
C TYR A 13 -2.46 -8.59 12.36
N ILE A 14 -2.80 -9.09 13.52
CA ILE A 14 -2.98 -8.21 14.69
C ILE A 14 -1.68 -7.45 14.98
N ALA A 15 -0.56 -8.09 14.84
CA ALA A 15 0.72 -7.37 15.10
C ALA A 15 0.79 -6.16 14.17
N TYR A 16 0.42 -6.34 12.94
CA TYR A 16 0.43 -5.21 11.98
C TYR A 16 -0.65 -4.18 12.37
N HIS A 17 -1.78 -4.67 12.81
CA HIS A 17 -2.88 -3.74 13.22
C HIS A 17 -2.41 -2.84 14.36
N ASP A 18 -1.83 -3.42 15.38
CA ASP A 18 -1.36 -2.60 16.54
C ASP A 18 -0.09 -1.83 16.19
N ASN A 19 0.84 -2.44 15.51
CA ASN A 19 2.11 -1.72 15.17
C ASN A 19 1.82 -0.43 14.41
N GLU A 20 0.99 -0.50 13.40
CA GLU A 20 0.64 0.72 12.61
C GLU A 20 -0.40 0.33 11.57
N TRP A 21 -1.56 0.92 11.61
CA TRP A 21 -2.61 0.54 10.63
C TRP A 21 -3.82 1.48 10.75
N GLY A 22 -4.03 2.32 9.78
CA GLY A 22 -5.19 3.24 9.84
C GLY A 22 -4.73 4.61 10.37
N VAL A 23 -3.60 4.66 11.01
CA VAL A 23 -3.10 5.97 11.53
C VAL A 23 -2.64 6.83 10.35
N PRO A 24 -2.81 8.13 10.43
CA PRO A 24 -2.39 9.04 9.33
C PRO A 24 -0.90 8.95 9.04
N GLU A 25 -0.54 8.73 7.80
CA GLU A 25 0.90 8.63 7.45
C GLU A 25 1.29 9.81 6.58
N THR A 26 2.41 10.40 6.85
CA THR A 26 2.88 11.55 6.04
C THR A 26 4.31 11.26 5.56
N ASP A 27 4.72 10.03 5.65
CA ASP A 27 6.10 9.68 5.22
C ASP A 27 6.14 9.45 3.71
N SER A 28 6.89 10.24 3.02
CA SER A 28 7.00 10.12 1.54
C SER A 28 7.40 8.69 1.13
N LYS A 29 8.52 8.23 1.62
CA LYS A 29 8.98 6.86 1.23
C LYS A 29 8.02 5.75 1.68
N LYS A 30 7.46 5.84 2.85
CA LYS A 30 6.56 4.74 3.32
C LYS A 30 5.36 4.55 2.38
N LEU A 31 4.74 5.62 1.95
CA LEU A 31 3.56 5.48 1.04
C LEU A 31 3.97 4.87 -0.30
N PHE A 32 5.10 5.23 -0.81
CA PHE A 32 5.54 4.70 -2.14
C PHE A 32 5.78 3.19 -2.06
N GLU A 33 6.48 2.72 -1.07
CA GLU A 33 6.74 1.26 -0.98
C GLU A 33 5.41 0.52 -0.77
N MET A 34 4.51 1.12 -0.06
CA MET A 34 3.20 0.44 0.19
C MET A 34 2.47 0.22 -1.15
N ILE A 35 2.50 1.19 -2.02
CA ILE A 35 1.80 1.04 -3.33
C ILE A 35 2.55 0.05 -4.23
N CYS A 36 3.86 0.04 -4.17
CA CYS A 36 4.63 -0.89 -5.04
C CYS A 36 4.38 -2.35 -4.66
N LEU A 37 4.49 -2.69 -3.41
CA LEU A 37 4.28 -4.10 -2.98
C LEU A 37 2.80 -4.48 -3.11
N GLU A 38 1.90 -3.59 -2.82
CA GLU A 38 0.46 -3.94 -2.92
C GLU A 38 0.11 -4.35 -4.35
N GLY A 39 0.76 -3.79 -5.33
CA GLY A 39 0.46 -4.17 -6.73
C GLY A 39 0.57 -5.69 -6.88
N GLN A 40 1.56 -6.27 -6.25
CA GLN A 40 1.73 -7.75 -6.34
C GLN A 40 0.54 -8.45 -5.69
N GLN A 41 -0.06 -7.82 -4.71
CA GLN A 41 -1.22 -8.44 -4.02
C GLN A 41 -2.23 -8.96 -5.05
N ALA A 42 -2.39 -8.27 -6.13
CA ALA A 42 -3.37 -8.75 -7.17
C ALA A 42 -3.20 -10.25 -7.36
N GLY A 43 -4.20 -11.03 -7.02
CA GLY A 43 -4.09 -12.50 -7.17
C GLY A 43 -3.74 -13.13 -5.83
N LEU A 44 -3.10 -12.39 -4.96
CA LEU A 44 -2.72 -12.94 -3.63
C LEU A 44 -3.61 -12.34 -2.55
N SER A 45 -3.06 -12.11 -1.39
CA SER A 45 -3.86 -11.51 -0.28
C SER A 45 -2.96 -10.54 0.50
N TRP A 46 -3.55 -9.54 1.10
CA TRP A 46 -2.73 -8.56 1.86
C TRP A 46 -1.88 -9.29 2.90
N ILE A 47 -2.41 -10.29 3.54
CA ILE A 47 -1.60 -11.01 4.57
C ILE A 47 -0.36 -11.62 3.92
N THR A 48 -0.46 -12.09 2.71
CA THR A 48 0.74 -12.67 2.04
C THR A 48 1.80 -11.59 1.85
N VAL A 49 1.37 -10.41 1.50
CA VAL A 49 2.34 -9.30 1.27
C VAL A 49 3.07 -8.92 2.57
N LEU A 50 2.39 -8.93 3.69
CA LEU A 50 3.07 -8.54 4.96
C LEU A 50 4.29 -9.43 5.24
N LYS A 51 4.14 -10.72 5.27
CA LYS A 51 5.32 -11.58 5.53
C LYS A 51 6.37 -11.30 4.45
N LYS A 52 5.94 -11.29 3.23
CA LYS A 52 6.87 -11.01 2.11
C LYS A 52 7.39 -9.58 2.24
N ARG A 53 6.59 -8.70 2.79
CA ARG A 53 7.04 -7.29 2.95
C ARG A 53 8.41 -7.32 3.63
N GLU A 54 8.57 -8.16 4.61
CA GLU A 54 9.89 -8.26 5.28
C GLU A 54 10.90 -8.81 4.29
N ASN A 55 10.50 -9.78 3.50
CA ASN A 55 11.44 -10.37 2.51
C ASN A 55 11.79 -9.32 1.44
N TYR A 56 10.80 -8.65 0.93
CA TYR A 56 11.06 -7.61 -0.11
C TYR A 56 11.98 -6.54 0.49
N ARG A 57 11.76 -6.19 1.73
CA ARG A 57 12.61 -5.17 2.38
C ARG A 57 14.07 -5.63 2.37
N ALA A 58 14.29 -6.92 2.49
CA ALA A 58 15.69 -7.43 2.52
C ALA A 58 16.41 -7.23 1.19
N CYS A 59 15.78 -7.55 0.09
CA CYS A 59 16.47 -7.39 -1.22
C CYS A 59 16.23 -6.02 -1.85
N PHE A 60 15.04 -5.51 -1.77
CA PHE A 60 14.75 -4.19 -2.41
C PHE A 60 15.22 -3.00 -1.57
N HIS A 61 14.98 -3.01 -0.29
CA HIS A 61 15.42 -1.85 0.56
C HIS A 61 16.93 -1.64 0.44
N GLN A 62 17.69 -2.69 0.48
CA GLN A 62 19.17 -2.54 0.38
C GLN A 62 19.53 -1.87 -0.95
N PHE A 63 18.80 -2.16 -1.99
CA PHE A 63 19.11 -1.56 -3.31
C PHE A 63 18.57 -0.12 -3.36
N ASP A 64 17.97 0.34 -2.31
CA ASP A 64 17.43 1.73 -2.32
C ASP A 64 16.51 1.91 -3.53
N PRO A 65 15.76 2.99 -3.56
CA PRO A 65 14.82 3.27 -4.68
C PRO A 65 15.50 3.88 -5.92
N VAL A 66 16.50 4.70 -5.73
CA VAL A 66 17.18 5.34 -6.88
C VAL A 66 17.79 4.27 -7.80
N LYS A 67 18.50 3.32 -7.26
CA LYS A 67 19.11 2.26 -8.10
C LYS A 67 18.00 1.44 -8.78
N VAL A 68 16.90 1.26 -8.10
CA VAL A 68 15.79 0.46 -8.69
C VAL A 68 15.34 1.10 -10.01
N ALA A 69 15.29 2.40 -10.07
CA ALA A 69 14.86 3.07 -11.32
C ALA A 69 16.04 3.14 -12.28
N ALA A 70 17.24 2.94 -11.80
CA ALA A 70 18.43 3.01 -12.69
C ALA A 70 19.23 1.70 -12.65
N MET A 71 18.66 0.63 -12.15
CA MET A 71 19.42 -0.64 -12.10
C MET A 71 19.52 -1.22 -13.51
N GLN A 72 20.17 -2.35 -13.65
CA GLN A 72 20.30 -2.96 -15.01
C GLN A 72 19.39 -4.19 -15.09
N GLU A 73 18.99 -4.55 -16.27
CA GLU A 73 18.10 -5.74 -16.41
C GLU A 73 18.81 -6.96 -15.81
N GLU A 74 20.11 -7.00 -15.88
CA GLU A 74 20.84 -8.15 -15.31
C GLU A 74 20.49 -8.27 -13.83
N ASP A 75 20.33 -7.17 -13.16
CA ASP A 75 19.98 -7.23 -11.71
C ASP A 75 18.69 -8.04 -11.55
N VAL A 76 17.76 -7.88 -12.46
CA VAL A 76 16.48 -8.64 -12.37
C VAL A 76 16.79 -10.13 -12.45
N GLU A 77 17.66 -10.53 -13.33
CA GLU A 77 17.99 -11.98 -13.45
C GLU A 77 18.63 -12.47 -12.15
N ARG A 78 19.44 -11.65 -11.53
CA ARG A 78 20.09 -12.08 -10.26
C ARG A 78 19.04 -12.38 -9.19
N LEU A 79 18.06 -11.52 -9.06
CA LEU A 79 16.99 -11.76 -8.05
C LEU A 79 16.20 -13.01 -8.41
N VAL A 80 16.03 -13.27 -9.67
CA VAL A 80 15.27 -14.49 -10.08
C VAL A 80 15.90 -15.71 -9.41
N GLN A 81 17.20 -15.72 -9.27
CA GLN A 81 17.86 -16.89 -8.63
C GLN A 81 17.74 -16.75 -7.11
N ASP A 82 18.27 -15.69 -6.56
CA ASP A 82 18.18 -15.48 -5.09
C ASP A 82 17.06 -14.48 -4.79
N ALA A 83 16.27 -14.73 -3.78
CA ALA A 83 15.17 -13.78 -3.45
C ALA A 83 14.39 -14.29 -2.24
N GLY A 84 13.61 -15.33 -2.42
CA GLY A 84 12.83 -15.85 -1.28
C GLY A 84 11.45 -15.18 -1.27
N ILE A 85 11.19 -14.35 -2.24
CA ILE A 85 9.87 -13.65 -2.30
C ILE A 85 8.96 -14.39 -3.28
N ILE A 86 8.54 -13.73 -4.33
CA ILE A 86 7.65 -14.39 -5.33
C ILE A 86 8.44 -14.62 -6.62
N ARG A 87 8.29 -15.77 -7.22
CA ARG A 87 9.04 -16.05 -8.47
C ARG A 87 8.25 -15.53 -9.67
N HIS A 88 8.82 -14.60 -10.39
CA HIS A 88 8.11 -14.04 -11.58
C HIS A 88 8.91 -12.83 -12.08
N ARG A 89 9.88 -13.08 -12.93
CA ARG A 89 10.72 -11.97 -13.46
C ARG A 89 9.82 -10.82 -13.92
N GLY A 90 8.66 -11.13 -14.42
CA GLY A 90 7.74 -10.05 -14.89
C GLY A 90 7.41 -9.12 -13.73
N LYS A 91 7.23 -9.64 -12.55
CA LYS A 91 6.89 -8.77 -11.39
C LYS A 91 8.06 -7.84 -11.08
N ILE A 92 9.26 -8.36 -11.06
CA ILE A 92 10.44 -7.50 -10.77
C ILE A 92 10.47 -6.33 -11.74
N GLN A 93 10.20 -6.57 -12.99
CA GLN A 93 10.23 -5.47 -13.99
C GLN A 93 9.18 -4.42 -13.61
N ALA A 94 8.07 -4.84 -13.07
CA ALA A 94 7.01 -3.86 -12.67
C ALA A 94 7.56 -2.94 -11.59
N ILE A 95 8.30 -3.48 -10.65
CA ILE A 95 8.88 -2.64 -9.57
C ILE A 95 9.73 -1.53 -10.18
N ILE A 96 10.60 -1.88 -11.10
CA ILE A 96 11.47 -0.84 -11.73
C ILE A 96 10.59 0.25 -12.35
N GLY A 97 9.52 -0.12 -12.99
CA GLY A 97 8.64 0.91 -13.61
C GLY A 97 8.10 1.84 -12.53
N ASN A 98 7.72 1.30 -11.40
CA ASN A 98 7.19 2.15 -10.29
C ASN A 98 8.26 3.16 -9.86
N ALA A 99 9.47 2.71 -9.68
CA ALA A 99 10.53 3.65 -9.26
C ALA A 99 10.79 4.63 -10.39
N ARG A 100 10.82 4.15 -11.60
CA ARG A 100 11.07 5.06 -12.75
C ARG A 100 9.93 6.08 -12.86
N ALA A 101 8.71 5.64 -12.78
CA ALA A 101 7.58 6.59 -12.87
C ALA A 101 7.60 7.52 -11.66
N TYR A 102 7.92 6.97 -10.52
CA TYR A 102 7.98 7.80 -9.29
C TYR A 102 9.08 8.85 -9.42
N LEU A 103 10.22 8.46 -9.90
CA LEU A 103 11.35 9.43 -10.04
C LEU A 103 10.91 10.56 -10.98
N GLN A 104 10.17 10.25 -12.01
CA GLN A 104 9.72 11.32 -12.95
C GLN A 104 8.89 12.36 -12.20
N MET A 105 8.04 11.94 -11.29
CA MET A 105 7.22 12.93 -10.55
C MET A 105 8.14 13.86 -9.75
N GLU A 106 9.19 13.33 -9.19
CA GLU A 106 10.11 14.19 -8.41
C GLU A 106 10.79 15.20 -9.34
N GLN A 107 11.02 14.83 -10.56
CA GLN A 107 11.69 15.77 -11.51
C GLN A 107 10.92 17.09 -11.53
N ASN A 108 9.63 17.05 -11.36
CA ASN A 108 8.82 18.29 -11.37
C ASN A 108 8.88 18.94 -9.99
N GLY A 109 9.55 18.33 -9.04
CA GLY A 109 9.62 18.92 -7.68
C GLY A 109 8.25 18.82 -7.00
N GLU A 110 7.45 17.87 -7.41
CA GLU A 110 6.10 17.71 -6.79
C GLU A 110 6.11 16.48 -5.87
N PRO A 111 6.05 16.66 -4.57
CA PRO A 111 6.07 15.52 -3.62
C PRO A 111 4.98 14.48 -3.94
N PHE A 112 5.35 13.25 -4.08
CA PHE A 112 4.35 12.20 -4.40
C PHE A 112 3.40 12.03 -3.21
N ALA A 113 3.92 12.03 -2.02
CA ALA A 113 3.03 11.85 -0.82
C ALA A 113 1.98 12.96 -0.77
N ASP A 114 2.34 14.17 -1.08
CA ASP A 114 1.33 15.27 -1.04
C ASP A 114 0.29 15.06 -2.16
N PHE A 115 0.72 14.53 -3.27
CA PHE A 115 -0.23 14.31 -4.41
C PHE A 115 -1.40 13.41 -3.95
N VAL A 116 -1.10 12.28 -3.38
CA VAL A 116 -2.20 11.39 -2.92
C VAL A 116 -3.02 12.08 -1.83
N TRP A 117 -2.37 12.79 -0.94
CA TRP A 117 -3.11 13.50 0.13
C TRP A 117 -4.05 14.54 -0.49
N SER A 118 -3.61 15.20 -1.54
CA SER A 118 -4.47 16.23 -2.18
C SER A 118 -5.75 15.59 -2.70
N PHE A 119 -5.69 14.36 -3.12
CA PHE A 119 -6.91 13.69 -3.65
C PHE A 119 -7.97 13.60 -2.55
N VAL A 120 -7.57 13.47 -1.32
CA VAL A 120 -8.57 13.38 -0.21
C VAL A 120 -8.73 14.75 0.44
N ASN A 121 -8.41 15.79 -0.28
CA ASN A 121 -8.54 17.16 0.30
C ASN A 121 -7.51 17.34 1.40
N HIS A 122 -6.43 16.62 1.33
CA HIS A 122 -5.35 16.74 2.36
C HIS A 122 -5.95 16.54 3.75
N GLN A 123 -7.05 15.84 3.86
CA GLN A 123 -7.67 15.62 5.19
C GLN A 123 -8.01 14.13 5.37
N PRO A 124 -7.77 13.56 6.53
CA PRO A 124 -8.08 12.13 6.80
C PRO A 124 -9.58 11.89 6.94
N GLN A 125 -10.04 10.72 6.57
CA GLN A 125 -11.50 10.42 6.68
C GLN A 125 -11.72 9.31 7.71
N MET A 126 -12.89 9.26 8.30
CA MET A 126 -13.17 8.21 9.31
C MET A 126 -14.46 7.48 8.92
N THR A 127 -14.63 6.25 9.34
CA THR A 127 -15.87 5.50 8.98
C THR A 127 -16.48 4.90 10.24
N GLN A 128 -17.74 4.56 10.19
CA GLN A 128 -18.42 3.95 11.36
C GLN A 128 -19.11 2.65 10.92
N ALA A 129 -18.39 1.78 10.27
CA ALA A 129 -18.99 0.51 9.80
C ALA A 129 -18.97 -0.53 10.92
N THR A 130 -20.10 -1.12 11.21
CA THR A 130 -20.14 -2.15 12.28
C THR A 130 -19.49 -3.43 11.75
N THR A 131 -19.73 -3.75 10.51
CA THR A 131 -19.14 -4.97 9.91
C THR A 131 -18.36 -4.59 8.65
N LEU A 132 -17.41 -5.39 8.28
CA LEU A 132 -16.60 -5.09 7.06
C LEU A 132 -17.52 -4.89 5.86
N SER A 133 -18.63 -5.59 5.83
CA SER A 133 -19.56 -5.45 4.68
C SER A 133 -20.01 -3.99 4.52
N GLU A 134 -20.23 -3.29 5.61
CA GLU A 134 -20.66 -1.87 5.50
C GLU A 134 -19.56 -1.05 4.83
N ILE A 135 -18.32 -1.42 5.03
CA ILE A 135 -17.20 -0.65 4.43
C ILE A 135 -17.19 -0.81 2.90
N PRO A 136 -17.23 0.28 2.15
CA PRO A 136 -17.20 0.22 0.66
C PRO A 136 -15.79 -0.01 0.12
N THR A 137 -15.66 -0.81 -0.89
CA THR A 137 -14.31 -1.06 -1.46
C THR A 137 -14.10 -0.18 -2.68
N SER A 138 -15.04 0.68 -2.97
CA SER A 138 -14.90 1.56 -4.16
C SER A 138 -15.40 2.97 -3.83
N THR A 139 -14.55 3.83 -3.35
CA THR A 139 -14.99 5.21 -3.01
C THR A 139 -14.56 6.15 -4.14
N PRO A 140 -15.24 7.27 -4.30
CA PRO A 140 -14.91 8.26 -5.35
C PRO A 140 -13.42 8.63 -5.37
N ALA A 141 -12.81 8.75 -4.21
CA ALA A 141 -11.37 9.10 -4.17
C ALA A 141 -10.54 7.94 -4.71
N SER A 142 -10.89 6.73 -4.37
CA SER A 142 -10.11 5.56 -4.86
C SER A 142 -10.24 5.47 -6.38
N ASP A 143 -11.41 5.77 -6.91
CA ASP A 143 -11.60 5.70 -8.38
C ASP A 143 -10.75 6.78 -9.06
N ALA A 144 -10.79 7.98 -8.55
CA ALA A 144 -9.99 9.08 -9.15
C ALA A 144 -8.50 8.80 -8.95
N LEU A 145 -8.14 8.29 -7.81
CA LEU A 145 -6.71 7.99 -7.54
C LEU A 145 -6.22 6.93 -8.54
N SER A 146 -7.05 5.96 -8.82
CA SER A 146 -6.63 4.91 -9.78
C SER A 146 -6.29 5.53 -11.13
N LYS A 147 -7.10 6.45 -11.60
CA LYS A 147 -6.80 7.10 -12.90
C LYS A 147 -5.49 7.88 -12.79
N ALA A 148 -5.21 8.45 -11.66
CA ALA A 148 -3.94 9.22 -11.51
C ALA A 148 -2.76 8.27 -11.60
N LEU A 149 -2.79 7.19 -10.86
CA LEU A 149 -1.67 6.22 -10.92
C LEU A 149 -1.67 5.56 -12.30
N LYS A 150 -2.84 5.31 -12.84
CA LYS A 150 -2.92 4.68 -14.18
C LYS A 150 -2.22 5.56 -15.21
N LYS A 151 -2.40 6.85 -15.13
CA LYS A 151 -1.73 7.76 -16.10
C LYS A 151 -0.21 7.62 -15.96
N ARG A 152 0.25 7.46 -14.75
CA ARG A 152 1.71 7.32 -14.51
C ARG A 152 2.23 6.05 -15.20
N GLY A 153 1.36 5.11 -15.47
CA GLY A 153 1.81 3.86 -16.14
C GLY A 153 2.06 2.78 -15.08
N PHE A 154 1.28 2.78 -14.03
CA PHE A 154 1.47 1.75 -12.97
C PHE A 154 0.64 0.50 -13.32
N LYS A 155 1.25 -0.65 -13.28
CA LYS A 155 0.52 -1.90 -13.61
C LYS A 155 -0.05 -2.51 -12.33
N PHE A 156 -1.06 -3.34 -12.45
CA PHE A 156 -1.65 -3.97 -11.24
C PHE A 156 -2.10 -2.88 -10.27
N VAL A 157 -2.76 -1.87 -10.78
CA VAL A 157 -3.23 -0.75 -9.90
C VAL A 157 -4.76 -0.72 -9.91
N GLY A 158 -5.40 -1.82 -10.18
CA GLY A 158 -6.88 -1.84 -10.19
C GLY A 158 -7.40 -1.07 -8.97
N THR A 159 -8.64 -0.67 -9.01
CA THR A 159 -9.20 0.09 -7.85
C THR A 159 -8.99 -0.72 -6.57
N THR A 160 -9.02 -2.03 -6.66
CA THR A 160 -8.82 -2.87 -5.44
C THR A 160 -7.43 -2.60 -4.86
N ILE A 161 -6.42 -2.58 -5.68
CA ILE A 161 -5.04 -2.33 -5.16
C ILE A 161 -4.97 -0.94 -4.55
N CYS A 162 -5.59 0.02 -5.17
CA CYS A 162 -5.56 1.40 -4.63
C CYS A 162 -6.25 1.44 -3.26
N TYR A 163 -7.35 0.75 -3.13
CA TYR A 163 -8.08 0.76 -1.84
C TYR A 163 -7.17 0.20 -0.74
N SER A 164 -6.46 -0.85 -1.01
CA SER A 164 -5.57 -1.43 0.03
C SER A 164 -4.55 -0.37 0.46
N PHE A 165 -4.06 0.39 -0.48
CA PHE A 165 -3.06 1.45 -0.15
C PHE A 165 -3.68 2.47 0.81
N MET A 166 -4.91 2.86 0.58
CA MET A 166 -5.55 3.86 1.47
C MET A 166 -5.59 3.32 2.91
N GLN A 167 -5.83 2.05 3.07
CA GLN A 167 -5.88 1.48 4.44
C GLN A 167 -4.51 1.62 5.12
N ALA A 168 -3.46 1.32 4.40
CA ALA A 168 -2.10 1.41 4.99
C ALA A 168 -1.65 2.86 5.06
N CYS A 169 -1.91 3.63 4.03
CA CYS A 169 -1.49 5.06 4.04
C CYS A 169 -2.11 5.78 5.24
N GLY A 170 -3.32 5.45 5.59
CA GLY A 170 -3.98 6.10 6.75
C GLY A 170 -4.89 7.23 6.28
N LEU A 171 -5.07 7.37 4.99
CA LEU A 171 -5.96 8.45 4.49
C LEU A 171 -7.34 8.29 5.13
N VAL A 172 -7.78 7.07 5.33
CA VAL A 172 -9.10 6.85 5.94
C VAL A 172 -8.95 5.89 7.12
N ASN A 173 -9.78 6.01 8.12
CA ASN A 173 -9.70 5.09 9.28
C ASN A 173 -10.80 4.03 9.16
N ASP A 174 -10.43 2.81 8.89
CA ASP A 174 -11.45 1.73 8.74
C ASP A 174 -11.23 0.63 9.78
N HIS A 175 -11.90 0.74 10.90
CA HIS A 175 -11.77 -0.30 11.96
C HIS A 175 -13.18 -0.77 12.31
N VAL A 176 -13.57 -0.65 13.54
CA VAL A 176 -14.94 -1.07 13.94
C VAL A 176 -15.46 -0.11 15.00
N VAL A 177 -16.71 0.26 14.93
CA VAL A 177 -17.27 1.19 15.96
C VAL A 177 -17.09 0.58 17.35
N GLY A 178 -15.90 0.64 17.88
CA GLY A 178 -15.65 0.06 19.23
C GLY A 178 -14.35 -0.75 19.20
N CYS A 179 -13.56 -0.59 18.18
CA CYS A 179 -12.27 -1.35 18.12
C CYS A 179 -11.36 -0.91 19.26
N CYS A 180 -11.92 -0.71 20.43
CA CYS A 180 -11.10 -0.28 21.60
C CYS A 180 -10.38 1.03 21.26
N CYS A 181 -9.38 0.97 20.43
CA CYS A 181 -8.62 2.20 20.05
C CYS A 181 -9.56 3.23 19.42
N TYR A 182 -10.64 2.79 18.81
CA TYR A 182 -11.58 3.75 18.16
C TYR A 182 -12.99 3.58 18.74
N PRO A 183 -13.24 4.16 19.88
CA PRO A 183 -14.57 4.09 20.56
C PRO A 183 -15.64 4.88 19.80
N GLY A 184 -15.24 5.84 19.02
CA GLY A 184 -16.23 6.65 18.26
C GLY A 184 -16.58 7.90 19.07
N ASN A 185 -15.87 8.14 20.14
CA ASN A 185 -16.15 9.34 20.99
C ASN A 185 -17.49 9.14 21.70
N LYS A 186 -17.94 7.93 21.79
CA LYS A 186 -19.24 7.66 22.47
C LYS A 186 -19.05 6.52 23.48
N PRO A 187 -18.52 6.83 24.64
CA PRO A 187 -18.28 5.84 25.72
C PRO A 187 -19.53 5.01 26.02
ZN ZN B . -8.96 -1.81 14.67
N MET A 1 -13.22 -5.28 25.39
CA MET A 1 -12.90 -4.37 24.25
C MET A 1 -13.14 -5.10 22.92
N GLU A 2 -13.52 -4.37 21.90
CA GLU A 2 -13.77 -5.00 20.58
C GLU A 2 -12.60 -4.67 19.64
N ARG A 3 -12.31 -5.54 18.72
CA ARG A 3 -11.19 -5.30 17.78
C ARG A 3 -11.66 -5.55 16.35
N CYS A 4 -11.03 -4.94 15.38
CA CYS A 4 -11.45 -5.14 13.97
C CYS A 4 -10.27 -5.64 13.15
N GLY A 5 -10.29 -5.41 11.87
CA GLY A 5 -9.18 -5.90 11.01
C GLY A 5 -9.64 -7.16 10.29
N TRP A 6 -10.84 -7.59 10.59
CA TRP A 6 -11.39 -8.80 9.93
C TRP A 6 -10.39 -9.95 10.09
N VAL A 7 -9.33 -9.72 10.80
CA VAL A 7 -8.32 -10.80 11.00
C VAL A 7 -8.92 -11.92 11.85
N SER A 8 -8.84 -13.14 11.39
CA SER A 8 -9.41 -14.27 12.18
C SER A 8 -8.31 -14.92 13.02
N GLN A 9 -7.21 -15.27 12.41
CA GLN A 9 -6.10 -15.92 13.18
C GLN A 9 -4.76 -15.39 12.70
N ASP A 10 -3.69 -15.77 13.35
CA ASP A 10 -2.33 -15.29 12.96
C ASP A 10 -2.06 -13.92 13.59
N PRO A 11 -1.57 -13.92 14.81
CA PRO A 11 -1.27 -12.66 15.56
C PRO A 11 -0.42 -11.68 14.74
N LEU A 12 0.22 -12.15 13.70
CA LEU A 12 1.05 -11.23 12.87
C LEU A 12 0.14 -10.17 12.26
N TYR A 13 -1.03 -10.55 11.82
CA TYR A 13 -1.98 -9.57 11.24
C TYR A 13 -2.43 -8.62 12.34
N ILE A 14 -2.77 -9.13 13.50
CA ILE A 14 -3.20 -8.25 14.62
C ILE A 14 -2.05 -7.35 15.05
N ALA A 15 -0.86 -7.89 15.14
CA ALA A 15 0.28 -7.05 15.56
C ALA A 15 0.38 -5.85 14.62
N TYR A 16 0.20 -6.07 13.35
CA TYR A 16 0.26 -4.94 12.38
C TYR A 16 -0.91 -4.00 12.64
N HIS A 17 -2.08 -4.56 12.88
CA HIS A 17 -3.28 -3.71 13.15
C HIS A 17 -3.04 -2.86 14.39
N ASP A 18 -2.61 -3.48 15.46
CA ASP A 18 -2.36 -2.73 16.73
C ASP A 18 -1.13 -1.82 16.58
N ASN A 19 -0.13 -2.25 15.87
CA ASN A 19 1.08 -1.40 15.72
C ASN A 19 0.81 -0.28 14.72
N GLU A 20 0.75 -0.60 13.46
CA GLU A 20 0.49 0.46 12.44
C GLU A 20 -0.44 -0.10 11.35
N TRP A 21 -1.48 0.61 11.03
CA TRP A 21 -2.44 0.13 9.99
C TRP A 21 -3.51 1.19 9.76
N GLY A 22 -3.30 2.07 8.81
CA GLY A 22 -4.31 3.12 8.54
C GLY A 22 -3.85 4.43 9.18
N VAL A 23 -2.75 4.40 9.90
CA VAL A 23 -2.25 5.65 10.53
C VAL A 23 -1.74 6.60 9.44
N PRO A 24 -2.22 7.82 9.39
CA PRO A 24 -1.77 8.81 8.35
C PRO A 24 -0.25 8.83 8.20
N GLU A 25 0.24 8.66 6.99
CA GLU A 25 1.71 8.68 6.77
C GLU A 25 2.05 9.86 5.85
N THR A 26 3.10 10.58 6.16
CA THR A 26 3.49 11.74 5.31
C THR A 26 4.81 11.41 4.61
N ASP A 27 5.31 10.22 4.79
CA ASP A 27 6.60 9.84 4.13
C ASP A 27 6.32 9.29 2.74
N SER A 28 6.78 9.97 1.72
CA SER A 28 6.55 9.48 0.33
C SER A 28 7.24 8.13 0.15
N LYS A 29 8.36 7.94 0.78
CA LYS A 29 9.10 6.65 0.63
C LYS A 29 8.19 5.50 1.09
N LYS A 30 7.62 5.61 2.26
CA LYS A 30 6.73 4.53 2.76
C LYS A 30 5.50 4.41 1.86
N LEU A 31 4.94 5.52 1.47
CA LEU A 31 3.73 5.47 0.59
C LEU A 31 4.10 4.89 -0.78
N PHE A 32 5.21 5.29 -1.32
CA PHE A 32 5.62 4.76 -2.65
C PHE A 32 5.81 3.24 -2.58
N GLU A 33 6.50 2.78 -1.58
CA GLU A 33 6.70 1.31 -1.45
C GLU A 33 5.35 0.63 -1.27
N MET A 34 4.42 1.30 -0.65
CA MET A 34 3.09 0.69 -0.42
C MET A 34 2.42 0.29 -1.75
N ILE A 35 2.31 1.20 -2.67
CA ILE A 35 1.65 0.84 -3.96
C ILE A 35 2.45 -0.25 -4.67
N CYS A 36 3.75 -0.25 -4.52
CA CYS A 36 4.57 -1.28 -5.20
C CYS A 36 4.26 -2.67 -4.63
N LEU A 37 4.25 -2.81 -3.33
CA LEU A 37 3.95 -4.13 -2.71
C LEU A 37 2.48 -4.49 -2.86
N GLU A 38 1.60 -3.53 -2.87
CA GLU A 38 0.15 -3.84 -3.01
C GLU A 38 -0.06 -4.72 -4.25
N GLY A 39 0.70 -4.51 -5.28
CA GLY A 39 0.53 -5.34 -6.50
C GLY A 39 0.64 -6.81 -6.10
N GLN A 40 1.43 -7.11 -5.11
CA GLN A 40 1.59 -8.53 -4.67
C GLN A 40 0.24 -9.08 -4.20
N GLN A 41 -0.53 -8.28 -3.50
CA GLN A 41 -1.85 -8.78 -3.00
C GLN A 41 -2.62 -9.45 -4.14
N ALA A 42 -2.53 -8.92 -5.33
CA ALA A 42 -3.28 -9.55 -6.46
C ALA A 42 -3.11 -11.07 -6.38
N GLY A 43 -4.16 -11.76 -6.02
CA GLY A 43 -4.08 -13.24 -5.93
C GLY A 43 -3.55 -13.65 -4.56
N LEU A 44 -2.71 -12.84 -3.96
CA LEU A 44 -2.14 -13.19 -2.63
C LEU A 44 -3.05 -12.65 -1.52
N SER A 45 -2.56 -12.63 -0.30
CA SER A 45 -3.38 -12.12 0.83
C SER A 45 -2.54 -11.16 1.68
N TRP A 46 -3.19 -10.24 2.34
CA TRP A 46 -2.45 -9.26 3.20
C TRP A 46 -1.45 -9.98 4.10
N ILE A 47 -1.86 -11.07 4.71
CA ILE A 47 -0.92 -11.79 5.63
C ILE A 47 0.30 -12.29 4.84
N THR A 48 0.11 -12.76 3.64
CA THR A 48 1.25 -13.25 2.84
C THR A 48 2.18 -12.08 2.47
N VAL A 49 1.62 -10.94 2.16
CA VAL A 49 2.46 -9.78 1.77
C VAL A 49 3.33 -9.31 2.94
N LEU A 50 2.80 -9.27 4.13
CA LEU A 50 3.63 -8.79 5.28
C LEU A 50 4.86 -9.69 5.47
N LYS A 51 4.71 -10.98 5.36
CA LYS A 51 5.89 -11.87 5.55
C LYS A 51 6.90 -11.61 4.42
N LYS A 52 6.48 -11.78 3.19
CA LYS A 52 7.41 -11.53 2.06
C LYS A 52 7.84 -10.06 2.07
N ARG A 53 6.99 -9.18 2.54
CA ARG A 53 7.38 -7.75 2.59
C ARG A 53 8.72 -7.65 3.30
N GLU A 54 8.90 -8.41 4.36
CA GLU A 54 10.21 -8.36 5.06
C GLU A 54 11.27 -8.90 4.11
N ASN A 55 10.95 -9.93 3.37
CA ASN A 55 11.94 -10.49 2.40
C ASN A 55 12.21 -9.46 1.30
N TYR A 56 11.20 -8.75 0.88
CA TYR A 56 11.39 -7.73 -0.18
C TYR A 56 12.44 -6.72 0.28
N ARG A 57 12.36 -6.27 1.50
CA ARG A 57 13.37 -5.30 2.00
C ARG A 57 14.76 -5.94 1.98
N ALA A 58 14.83 -7.23 2.19
CA ALA A 58 16.17 -7.89 2.20
C ALA A 58 16.88 -7.68 0.86
N CYS A 59 16.17 -7.81 -0.22
CA CYS A 59 16.82 -7.65 -1.55
C CYS A 59 16.66 -6.21 -2.07
N PHE A 60 15.50 -5.63 -1.92
CA PHE A 60 15.27 -4.25 -2.45
C PHE A 60 15.81 -3.16 -1.51
N HIS A 61 15.70 -3.33 -0.22
CA HIS A 61 16.20 -2.25 0.69
C HIS A 61 17.65 -1.93 0.35
N GLN A 62 18.46 -2.93 0.12
CA GLN A 62 19.88 -2.66 -0.25
C GLN A 62 19.90 -1.97 -1.61
N PHE A 63 18.97 -2.33 -2.46
CA PHE A 63 18.91 -1.69 -3.79
C PHE A 63 17.92 -0.54 -3.74
N ASP A 64 18.27 0.49 -3.01
CA ASP A 64 17.37 1.69 -2.89
C ASP A 64 16.62 1.92 -4.19
N PRO A 65 15.52 2.63 -4.13
CA PRO A 65 14.68 2.93 -5.31
C PRO A 65 15.47 3.56 -6.47
N VAL A 66 16.50 4.31 -6.17
CA VAL A 66 17.29 4.93 -7.27
C VAL A 66 17.93 3.83 -8.12
N LYS A 67 18.54 2.86 -7.48
CA LYS A 67 19.17 1.75 -8.25
C LYS A 67 18.09 0.94 -8.97
N VAL A 68 16.95 0.79 -8.35
CA VAL A 68 15.84 0.01 -8.99
C VAL A 68 15.42 0.70 -10.29
N ALA A 69 15.40 2.00 -10.30
CA ALA A 69 15.00 2.72 -11.54
C ALA A 69 16.14 2.66 -12.55
N ALA A 70 17.34 2.42 -12.09
CA ALA A 70 18.50 2.37 -13.03
C ALA A 70 19.20 1.00 -12.94
N MET A 71 18.51 -0.03 -12.52
CA MET A 71 19.18 -1.36 -12.44
C MET A 71 19.20 -1.99 -13.83
N GLN A 72 19.76 -3.17 -13.95
CA GLN A 72 19.83 -3.84 -15.28
C GLN A 72 18.95 -5.09 -15.26
N GLU A 73 18.50 -5.54 -16.39
CA GLU A 73 17.63 -6.76 -16.42
C GLU A 73 18.42 -7.92 -15.81
N GLU A 74 19.71 -7.93 -15.96
CA GLU A 74 20.52 -9.04 -15.37
C GLU A 74 20.20 -9.11 -13.88
N ASP A 75 19.99 -8.00 -13.25
CA ASP A 75 19.66 -8.00 -11.80
C ASP A 75 18.35 -8.77 -11.58
N VAL A 76 17.41 -8.60 -12.47
CA VAL A 76 16.11 -9.31 -12.31
C VAL A 76 16.36 -10.82 -12.25
N GLU A 77 17.23 -11.32 -13.09
CA GLU A 77 17.50 -12.78 -13.06
C GLU A 77 18.11 -13.15 -11.71
N ARG A 78 18.97 -12.33 -11.19
CA ARG A 78 19.61 -12.62 -9.88
C ARG A 78 18.54 -12.60 -8.77
N LEU A 79 17.64 -11.65 -8.82
CA LEU A 79 16.58 -11.57 -7.77
C LEU A 79 15.64 -12.77 -7.88
N VAL A 80 15.42 -13.26 -9.06
CA VAL A 80 14.49 -14.42 -9.22
C VAL A 80 14.96 -15.56 -8.34
N GLN A 81 16.24 -15.75 -8.20
CA GLN A 81 16.75 -16.87 -7.35
C GLN A 81 17.14 -16.37 -5.95
N ASP A 82 16.89 -15.12 -5.65
CA ASP A 82 17.27 -14.61 -4.30
C ASP A 82 16.10 -14.74 -3.32
N ALA A 83 16.34 -15.37 -2.20
CA ALA A 83 15.26 -15.53 -1.18
C ALA A 83 14.01 -16.15 -1.81
N GLY A 84 14.03 -16.43 -3.09
CA GLY A 84 12.82 -17.04 -3.72
C GLY A 84 11.57 -16.31 -3.24
N ILE A 85 11.65 -15.01 -3.07
CA ILE A 85 10.46 -14.25 -2.59
C ILE A 85 9.25 -14.53 -3.48
N ILE A 86 8.25 -13.70 -3.42
CA ILE A 86 7.03 -13.92 -4.24
C ILE A 86 7.43 -14.18 -5.70
N ARG A 87 6.46 -14.34 -6.57
CA ARG A 87 6.80 -14.58 -8.01
C ARG A 87 7.77 -13.50 -8.47
N HIS A 88 8.58 -13.81 -9.45
CA HIS A 88 9.58 -12.83 -9.93
C HIS A 88 9.39 -12.56 -11.42
N ARG A 89 10.36 -11.94 -12.04
CA ARG A 89 10.28 -11.63 -13.49
C ARG A 89 9.06 -10.75 -13.77
N GLY A 90 7.90 -11.32 -13.85
CA GLY A 90 6.70 -10.49 -14.14
C GLY A 90 6.47 -9.46 -13.04
N LYS A 91 6.51 -9.87 -11.80
CA LYS A 91 6.30 -8.89 -10.69
C LYS A 91 7.51 -7.97 -10.55
N ILE A 92 8.70 -8.50 -10.44
CA ILE A 92 9.88 -7.59 -10.30
C ILE A 92 9.95 -6.63 -11.49
N GLN A 93 9.69 -7.10 -12.68
CA GLN A 93 9.74 -6.17 -13.84
C GLN A 93 8.79 -5.01 -13.59
N ALA A 94 7.64 -5.30 -13.03
CA ALA A 94 6.67 -4.20 -12.74
C ALA A 94 7.25 -3.28 -11.67
N ILE A 95 7.89 -3.84 -10.68
CA ILE A 95 8.49 -2.99 -9.61
C ILE A 95 9.48 -2.01 -10.21
N ILE A 96 10.35 -2.46 -11.07
CA ILE A 96 11.35 -1.53 -11.68
C ILE A 96 10.64 -0.38 -12.38
N GLY A 97 9.60 -0.68 -13.11
CA GLY A 97 8.86 0.41 -13.83
C GLY A 97 8.30 1.40 -12.81
N ASN A 98 7.81 0.91 -11.69
CA ASN A 98 7.25 1.83 -10.66
C ASN A 98 8.31 2.85 -10.23
N ALA A 99 9.54 2.42 -10.11
CA ALA A 99 10.60 3.37 -9.68
C ALA A 99 10.80 4.44 -10.76
N ARG A 100 10.79 4.06 -12.00
CA ARG A 100 10.99 5.05 -13.09
C ARG A 100 9.83 6.04 -13.09
N ALA A 101 8.62 5.56 -12.92
CA ALA A 101 7.45 6.49 -12.90
C ALA A 101 7.49 7.33 -11.62
N TYR A 102 7.81 6.72 -10.52
CA TYR A 102 7.87 7.46 -9.23
C TYR A 102 9.05 8.43 -9.26
N LEU A 103 10.21 7.98 -9.63
CA LEU A 103 11.39 8.88 -9.65
C LEU A 103 11.15 10.03 -10.64
N GLN A 104 10.55 9.74 -11.76
CA GLN A 104 10.30 10.81 -12.76
C GLN A 104 9.35 11.86 -12.15
N MET A 105 8.36 11.43 -11.43
CA MET A 105 7.40 12.38 -10.83
C MET A 105 8.13 13.31 -9.84
N GLU A 106 8.98 12.75 -9.02
CA GLU A 106 9.72 13.59 -8.04
C GLU A 106 10.67 14.54 -8.77
N GLN A 107 11.16 14.14 -9.91
CA GLN A 107 12.10 15.03 -10.65
C GLN A 107 11.46 16.41 -10.83
N ASN A 108 10.16 16.47 -10.92
CA ASN A 108 9.49 17.78 -11.09
C ASN A 108 9.34 18.46 -9.72
N GLY A 109 9.81 17.83 -8.67
CA GLY A 109 9.69 18.46 -7.33
C GLY A 109 8.26 18.32 -6.81
N GLU A 110 7.54 17.32 -7.26
CA GLU A 110 6.14 17.13 -6.80
C GLU A 110 6.07 15.90 -5.88
N PRO A 111 6.03 16.10 -4.57
CA PRO A 111 5.96 14.97 -3.62
C PRO A 111 4.85 13.97 -3.97
N PHE A 112 5.17 12.71 -4.03
CA PHE A 112 4.14 11.69 -4.37
C PHE A 112 3.07 11.67 -3.26
N ALA A 113 3.48 11.74 -2.03
CA ALA A 113 2.50 11.71 -0.91
C ALA A 113 1.56 12.92 -1.01
N ASP A 114 2.09 14.08 -1.29
CA ASP A 114 1.21 15.27 -1.40
C ASP A 114 0.18 15.03 -2.50
N PHE A 115 0.55 14.31 -3.52
CA PHE A 115 -0.39 14.02 -4.63
C PHE A 115 -1.60 13.24 -4.13
N VAL A 116 -1.39 12.16 -3.42
CA VAL A 116 -2.54 11.37 -2.93
C VAL A 116 -3.38 12.22 -1.99
N TRP A 117 -2.77 12.99 -1.14
CA TRP A 117 -3.53 13.85 -0.20
C TRP A 117 -4.38 14.84 -1.02
N SER A 118 -3.87 15.29 -2.13
CA SER A 118 -4.64 16.26 -2.97
C SER A 118 -5.94 15.62 -3.46
N PHE A 119 -5.93 14.34 -3.76
CA PHE A 119 -7.18 13.70 -4.25
C PHE A 119 -8.26 13.75 -3.18
N VAL A 120 -7.88 13.71 -1.94
CA VAL A 120 -8.89 13.78 -0.85
C VAL A 120 -8.95 15.21 -0.31
N ASN A 121 -8.38 16.13 -1.03
CA ASN A 121 -8.40 17.56 -0.58
C ASN A 121 -7.70 17.69 0.77
N HIS A 122 -6.62 16.99 0.94
CA HIS A 122 -5.87 17.07 2.23
C HIS A 122 -6.86 17.05 3.40
N GLN A 123 -7.96 16.37 3.24
CA GLN A 123 -8.98 16.31 4.32
C GLN A 123 -9.28 14.84 4.65
N PRO A 124 -8.62 14.29 5.65
CA PRO A 124 -8.82 12.86 6.06
C PRO A 124 -10.31 12.52 6.22
N GLN A 125 -10.68 11.31 5.89
CA GLN A 125 -12.11 10.90 6.00
C GLN A 125 -12.27 9.85 7.10
N MET A 126 -13.44 9.73 7.67
CA MET A 126 -13.67 8.71 8.73
C MET A 126 -15.00 8.01 8.46
N THR A 127 -15.16 6.80 8.95
CA THR A 127 -16.44 6.06 8.71
C THR A 127 -16.98 5.55 10.04
N GLN A 128 -18.28 5.33 10.11
CA GLN A 128 -18.88 4.82 11.37
C GLN A 128 -19.52 3.45 11.10
N ALA A 129 -18.87 2.62 10.33
CA ALA A 129 -19.43 1.29 10.02
C ALA A 129 -19.46 0.43 11.29
N THR A 130 -20.54 -0.26 11.52
CA THR A 130 -20.63 -1.12 12.75
C THR A 130 -20.29 -2.57 12.37
N THR A 131 -20.53 -2.94 11.15
CA THR A 131 -20.24 -4.33 10.70
C THR A 131 -19.27 -4.29 9.52
N LEU A 132 -18.53 -5.34 9.31
CA LEU A 132 -17.56 -5.37 8.18
C LEU A 132 -18.29 -5.10 6.86
N SER A 133 -19.48 -5.61 6.71
CA SER A 133 -20.22 -5.38 5.44
C SER A 133 -20.44 -3.88 5.22
N GLU A 134 -20.65 -3.14 6.28
CA GLU A 134 -20.86 -1.68 6.14
C GLU A 134 -19.60 -1.00 5.60
N ILE A 135 -18.45 -1.55 5.86
CA ILE A 135 -17.19 -0.94 5.37
C ILE A 135 -17.13 -1.02 3.84
N PRO A 136 -17.01 0.11 3.16
CA PRO A 136 -16.93 0.11 1.67
C PRO A 136 -15.54 -0.27 1.15
N THR A 137 -15.49 -1.00 0.07
CA THR A 137 -14.19 -1.40 -0.49
C THR A 137 -13.92 -0.61 -1.77
N SER A 138 -14.82 0.27 -2.12
CA SER A 138 -14.63 1.08 -3.35
C SER A 138 -15.17 2.50 -3.14
N THR A 139 -14.36 3.36 -2.59
CA THR A 139 -14.83 4.77 -2.34
C THR A 139 -14.55 5.60 -3.60
N PRO A 140 -15.20 6.73 -3.72
CA PRO A 140 -15.02 7.63 -4.90
C PRO A 140 -13.56 8.01 -5.12
N ALA A 141 -12.81 8.19 -4.06
CA ALA A 141 -11.38 8.55 -4.24
C ALA A 141 -10.63 7.38 -4.85
N SER A 142 -10.98 6.18 -4.49
CA SER A 142 -10.29 4.98 -5.05
C SER A 142 -10.47 4.94 -6.56
N ASP A 143 -11.66 5.19 -7.04
CA ASP A 143 -11.91 5.16 -8.50
C ASP A 143 -11.08 6.25 -9.18
N ALA A 144 -11.08 7.44 -8.64
CA ALA A 144 -10.30 8.55 -9.25
C ALA A 144 -8.81 8.27 -9.06
N LEU A 145 -8.43 7.78 -7.92
CA LEU A 145 -7.00 7.50 -7.67
C LEU A 145 -6.46 6.52 -8.72
N SER A 146 -7.16 5.45 -8.95
CA SER A 146 -6.69 4.46 -9.95
C SER A 146 -6.53 5.14 -11.30
N LYS A 147 -7.43 6.03 -11.63
CA LYS A 147 -7.36 6.73 -12.93
C LYS A 147 -6.05 7.54 -12.99
N ALA A 148 -5.70 8.19 -11.92
CA ALA A 148 -4.45 9.00 -11.91
C ALA A 148 -3.24 8.06 -11.97
N LEU A 149 -3.23 7.06 -11.15
CA LEU A 149 -2.08 6.11 -11.17
C LEU A 149 -2.02 5.43 -12.54
N LYS A 150 -3.16 5.12 -13.10
CA LYS A 150 -3.17 4.46 -14.43
C LYS A 150 -2.53 5.39 -15.47
N LYS A 151 -2.91 6.63 -15.49
CA LYS A 151 -2.33 7.57 -16.49
C LYS A 151 -0.82 7.72 -16.23
N ARG A 152 -0.42 7.74 -14.99
CA ARG A 152 1.01 7.90 -14.65
C ARG A 152 1.79 6.70 -15.19
N GLY A 153 1.14 5.60 -15.43
CA GLY A 153 1.85 4.39 -15.95
C GLY A 153 1.92 3.30 -14.89
N PHE A 154 1.14 3.41 -13.86
CA PHE A 154 1.17 2.35 -12.80
C PHE A 154 0.17 1.23 -13.14
N LYS A 155 0.58 0.01 -12.99
CA LYS A 155 -0.34 -1.13 -13.29
C LYS A 155 -0.86 -1.74 -11.99
N PHE A 156 -1.55 -2.85 -12.07
CA PHE A 156 -2.11 -3.46 -10.84
C PHE A 156 -2.72 -2.38 -9.96
N VAL A 157 -3.57 -1.56 -10.53
CA VAL A 157 -4.21 -0.47 -9.76
C VAL A 157 -5.70 -0.77 -9.59
N GLY A 158 -6.08 -2.01 -9.67
CA GLY A 158 -7.52 -2.36 -9.52
C GLY A 158 -8.12 -1.56 -8.36
N THR A 159 -9.41 -1.47 -8.31
CA THR A 159 -10.07 -0.70 -7.21
C THR A 159 -9.72 -1.33 -5.87
N THR A 160 -9.46 -2.61 -5.85
CA THR A 160 -9.12 -3.28 -4.56
C THR A 160 -7.74 -2.83 -4.10
N ILE A 161 -6.80 -2.75 -5.00
CA ILE A 161 -5.44 -2.31 -4.61
C ILE A 161 -5.48 -0.84 -4.21
N CYS A 162 -6.29 -0.05 -4.86
CA CYS A 162 -6.37 1.38 -4.48
C CYS A 162 -6.91 1.51 -3.06
N TYR A 163 -7.96 0.81 -2.75
CA TYR A 163 -8.53 0.88 -1.38
C TYR A 163 -7.50 0.36 -0.38
N SER A 164 -6.85 -0.73 -0.70
CA SER A 164 -5.83 -1.27 0.23
C SER A 164 -4.75 -0.22 0.46
N PHE A 165 -4.40 0.50 -0.57
CA PHE A 165 -3.35 1.56 -0.43
C PHE A 165 -3.83 2.59 0.59
N MET A 166 -5.05 3.02 0.47
CA MET A 166 -5.59 4.04 1.43
C MET A 166 -5.64 3.42 2.83
N GLN A 167 -6.03 2.18 2.91
CA GLN A 167 -6.12 1.50 4.23
C GLN A 167 -4.74 1.33 4.85
N ALA A 168 -3.74 1.01 4.05
CA ALA A 168 -2.38 0.81 4.62
C ALA A 168 -1.89 2.10 5.28
N CYS A 169 -1.89 3.19 4.57
CA CYS A 169 -1.42 4.47 5.18
C CYS A 169 -2.54 5.04 6.04
N GLY A 170 -3.65 5.34 5.45
CA GLY A 170 -4.79 5.90 6.22
C GLY A 170 -5.65 6.72 5.27
N LEU A 171 -5.53 8.02 5.35
CA LEU A 171 -6.33 8.92 4.48
C LEU A 171 -7.81 8.75 4.84
N VAL A 172 -8.19 7.54 5.14
CA VAL A 172 -9.58 7.25 5.54
C VAL A 172 -9.54 6.33 6.75
N ASN A 173 -10.48 6.43 7.64
CA ASN A 173 -10.46 5.53 8.84
C ASN A 173 -11.52 4.44 8.67
N ASP A 174 -11.10 3.25 8.27
CA ASP A 174 -12.08 2.15 8.09
C ASP A 174 -11.72 0.95 8.97
N HIS A 175 -12.23 0.90 10.17
CA HIS A 175 -11.97 -0.25 11.07
C HIS A 175 -13.32 -0.82 11.52
N VAL A 176 -13.95 -0.12 12.42
CA VAL A 176 -15.28 -0.54 12.94
C VAL A 176 -15.58 0.31 14.17
N VAL A 177 -16.76 0.83 14.29
CA VAL A 177 -17.08 1.68 15.47
C VAL A 177 -16.80 0.89 16.74
N GLY A 178 -16.05 1.44 17.66
CA GLY A 178 -15.76 0.72 18.93
C GLY A 178 -14.55 -0.21 18.74
N CYS A 179 -13.66 0.09 17.83
CA CYS A 179 -12.48 -0.80 17.64
C CYS A 179 -11.33 -0.31 18.50
N CYS A 180 -10.97 -1.06 19.51
CA CYS A 180 -9.84 -0.63 20.38
C CYS A 180 -10.15 0.73 21.02
N CYS A 181 -10.07 1.77 20.25
CA CYS A 181 -10.36 3.12 20.80
C CYS A 181 -10.76 4.07 19.68
N TYR A 182 -11.82 3.75 18.97
CA TYR A 182 -12.28 4.63 17.86
C TYR A 182 -13.74 5.01 18.11
N PRO A 183 -13.98 6.00 18.93
CA PRO A 183 -15.35 6.46 19.26
C PRO A 183 -16.02 7.16 18.08
N GLY A 184 -15.42 8.22 17.60
CA GLY A 184 -16.01 8.94 16.44
C GLY A 184 -16.83 10.14 16.94
N ASN A 185 -17.04 10.22 18.23
CA ASN A 185 -17.83 11.37 18.78
C ASN A 185 -17.77 11.35 20.30
N LYS A 186 -16.84 10.63 20.85
CA LYS A 186 -16.71 10.57 22.33
C LYS A 186 -15.25 10.40 22.71
N PRO A 187 -14.51 11.47 22.69
CA PRO A 187 -13.06 11.47 23.04
C PRO A 187 -12.82 11.56 24.54
ZN ZN B . -9.34 -1.72 14.03
N MET A 1 -11.31 -4.29 25.72
CA MET A 1 -12.41 -3.94 24.79
C MET A 1 -12.32 -4.79 23.53
N GLU A 2 -13.08 -4.48 22.52
CA GLU A 2 -13.03 -5.28 21.27
C GLU A 2 -12.27 -4.50 20.18
N ARG A 3 -11.77 -5.18 19.19
CA ARG A 3 -11.03 -4.49 18.10
C ARG A 3 -11.82 -4.62 16.79
N CYS A 4 -11.56 -3.77 15.83
CA CYS A 4 -12.31 -3.85 14.56
C CYS A 4 -12.28 -5.28 14.01
N GLY A 5 -13.37 -5.72 13.45
CA GLY A 5 -13.45 -7.12 12.91
C GLY A 5 -12.35 -7.35 11.88
N TRP A 6 -11.80 -6.31 11.31
CA TRP A 6 -10.74 -6.51 10.29
C TRP A 6 -9.71 -7.52 10.80
N VAL A 7 -9.47 -7.55 12.08
CA VAL A 7 -8.47 -8.52 12.62
C VAL A 7 -8.92 -9.95 12.29
N SER A 8 -8.07 -10.72 11.66
CA SER A 8 -8.45 -12.12 11.31
C SER A 8 -8.32 -13.02 12.55
N GLN A 9 -7.16 -13.57 12.76
CA GLN A 9 -6.97 -14.46 13.95
C GLN A 9 -5.48 -14.67 14.20
N ASP A 10 -4.69 -14.70 13.17
CA ASP A 10 -3.22 -14.91 13.36
C ASP A 10 -2.64 -13.70 14.13
N PRO A 11 -1.67 -13.93 14.97
CA PRO A 11 -1.04 -12.83 15.77
C PRO A 11 -0.22 -11.87 14.89
N LEU A 12 0.36 -12.37 13.83
CA LEU A 12 1.17 -11.47 12.96
C LEU A 12 0.26 -10.40 12.34
N TYR A 13 -0.93 -10.76 11.95
CA TYR A 13 -1.84 -9.75 11.34
C TYR A 13 -2.19 -8.69 12.38
N ILE A 14 -2.59 -9.09 13.56
CA ILE A 14 -2.94 -8.10 14.62
C ILE A 14 -1.70 -7.32 15.03
N ALA A 15 -0.55 -7.94 15.06
CA ALA A 15 0.67 -7.19 15.44
C ALA A 15 0.85 -6.05 14.45
N TYR A 16 0.62 -6.32 13.19
CA TYR A 16 0.74 -5.26 12.16
C TYR A 16 -0.34 -4.20 12.40
N HIS A 17 -1.51 -4.63 12.78
CA HIS A 17 -2.62 -3.66 13.04
C HIS A 17 -2.17 -2.63 14.09
N ASP A 18 -1.58 -3.10 15.16
CA ASP A 18 -1.11 -2.17 16.23
C ASP A 18 0.13 -1.38 15.78
N ASN A 19 0.95 -1.97 14.95
CA ASN A 19 2.18 -1.25 14.51
C ASN A 19 1.80 -0.10 13.59
N GLU A 20 1.39 -0.39 12.38
CA GLU A 20 1.01 0.68 11.43
C GLU A 20 -0.09 0.18 10.50
N TRP A 21 -1.25 0.77 10.55
CA TRP A 21 -2.36 0.32 9.67
C TRP A 21 -3.58 1.23 9.87
N GLY A 22 -3.69 2.25 9.07
CA GLY A 22 -4.84 3.19 9.21
C GLY A 22 -4.36 4.48 9.88
N VAL A 23 -3.14 4.47 10.37
CA VAL A 23 -2.60 5.69 11.02
C VAL A 23 -2.08 6.64 9.93
N PRO A 24 -2.42 7.91 9.97
CA PRO A 24 -1.95 8.89 8.94
C PRO A 24 -0.43 8.79 8.70
N GLU A 25 -0.02 8.58 7.47
CA GLU A 25 1.44 8.50 7.17
C GLU A 25 1.82 9.67 6.25
N THR A 26 2.90 10.33 6.55
CA THR A 26 3.35 11.47 5.70
C THR A 26 4.68 11.12 5.02
N ASP A 27 5.16 9.92 5.24
CA ASP A 27 6.44 9.53 4.62
C ASP A 27 6.20 8.98 3.22
N SER A 28 6.75 9.62 2.23
CA SER A 28 6.57 9.17 0.83
C SER A 28 7.16 7.78 0.64
N LYS A 29 8.28 7.50 1.26
CA LYS A 29 8.91 6.17 1.10
C LYS A 29 7.95 5.06 1.53
N LYS A 30 7.30 5.24 2.65
CA LYS A 30 6.35 4.19 3.13
C LYS A 30 5.15 4.08 2.18
N LEU A 31 4.61 5.19 1.76
CA LEU A 31 3.42 5.13 0.85
C LEU A 31 3.81 4.52 -0.51
N PHE A 32 4.95 4.89 -1.03
CA PHE A 32 5.38 4.33 -2.34
C PHE A 32 5.53 2.81 -2.26
N GLU A 33 6.19 2.32 -1.24
CA GLU A 33 6.38 0.85 -1.11
C GLU A 33 5.03 0.16 -0.88
N MET A 34 4.13 0.83 -0.21
CA MET A 34 2.81 0.20 0.09
C MET A 34 2.04 -0.13 -1.20
N ILE A 35 1.88 0.81 -2.09
CA ILE A 35 1.13 0.51 -3.35
C ILE A 35 1.88 -0.53 -4.17
N CYS A 36 3.19 -0.49 -4.14
CA CYS A 36 3.97 -1.49 -4.94
C CYS A 36 3.87 -2.87 -4.28
N LEU A 37 4.00 -2.93 -2.99
CA LEU A 37 3.93 -4.26 -2.30
C LEU A 37 2.52 -4.87 -2.44
N GLU A 38 1.50 -4.09 -2.29
CA GLU A 38 0.11 -4.63 -2.40
C GLU A 38 -0.17 -5.13 -3.82
N GLY A 39 0.48 -4.55 -4.80
CA GLY A 39 0.23 -4.98 -6.20
C GLY A 39 0.40 -6.50 -6.34
N GLN A 40 1.30 -7.08 -5.59
CA GLN A 40 1.52 -8.55 -5.69
C GLN A 40 0.48 -9.30 -4.85
N GLN A 41 -0.22 -8.62 -3.97
CA GLN A 41 -1.22 -9.33 -3.13
C GLN A 41 -2.25 -10.02 -4.03
N ALA A 42 -2.60 -9.42 -5.13
CA ALA A 42 -3.61 -10.04 -6.02
C ALA A 42 -3.28 -11.53 -6.19
N GLY A 43 -4.19 -12.39 -5.80
CA GLY A 43 -3.93 -13.85 -5.93
C GLY A 43 -3.37 -14.40 -4.62
N LEU A 44 -2.96 -13.52 -3.73
CA LEU A 44 -2.39 -13.97 -2.43
C LEU A 44 -3.28 -13.49 -1.29
N SER A 45 -2.81 -13.63 -0.07
CA SER A 45 -3.62 -13.19 1.11
C SER A 45 -2.88 -12.07 1.85
N TRP A 46 -3.61 -11.22 2.53
CA TRP A 46 -2.96 -10.10 3.27
C TRP A 46 -1.86 -10.65 4.19
N ILE A 47 -2.11 -11.75 4.84
CA ILE A 47 -1.09 -12.32 5.76
C ILE A 47 0.18 -12.68 4.97
N THR A 48 0.03 -13.18 3.78
CA THR A 48 1.21 -13.54 2.97
C THR A 48 1.99 -12.27 2.60
N VAL A 49 1.30 -11.22 2.28
CA VAL A 49 1.99 -9.96 1.90
C VAL A 49 2.88 -9.45 3.03
N LEU A 50 2.39 -9.46 4.25
CA LEU A 50 3.24 -8.98 5.37
C LEU A 50 4.52 -9.81 5.42
N LYS A 51 4.40 -11.10 5.34
CA LYS A 51 5.63 -11.95 5.36
C LYS A 51 6.52 -11.51 4.21
N LYS A 52 5.93 -11.27 3.06
CA LYS A 52 6.72 -10.80 1.89
C LYS A 52 7.32 -9.43 2.20
N ARG A 53 6.63 -8.64 2.98
CA ARG A 53 7.16 -7.29 3.30
C ARG A 53 8.58 -7.40 3.85
N GLU A 54 8.81 -8.31 4.76
CA GLU A 54 10.20 -8.44 5.31
C GLU A 54 11.11 -9.08 4.26
N ASN A 55 10.68 -10.10 3.59
CA ASN A 55 11.54 -10.76 2.57
C ASN A 55 11.80 -9.78 1.42
N TYR A 56 10.81 -9.02 1.05
CA TYR A 56 10.99 -8.04 -0.06
C TYR A 56 12.13 -7.09 0.28
N ARG A 57 12.17 -6.60 1.49
CA ARG A 57 13.26 -5.69 1.88
C ARG A 57 14.60 -6.42 1.78
N ALA A 58 14.60 -7.71 1.99
CA ALA A 58 15.88 -8.46 1.94
C ALA A 58 16.48 -8.41 0.53
N CYS A 59 15.69 -8.56 -0.49
CA CYS A 59 16.25 -8.54 -1.87
C CYS A 59 16.18 -7.14 -2.49
N PHE A 60 15.09 -6.45 -2.31
CA PHE A 60 14.96 -5.09 -2.93
C PHE A 60 15.73 -4.02 -2.15
N HIS A 61 15.57 -3.96 -0.86
CA HIS A 61 16.28 -2.90 -0.08
C HIS A 61 17.78 -3.03 -0.28
N GLN A 62 18.27 -4.22 -0.47
CA GLN A 62 19.74 -4.40 -0.66
C GLN A 62 20.23 -3.49 -1.77
N PHE A 63 19.46 -3.30 -2.80
CA PHE A 63 19.89 -2.42 -3.92
C PHE A 63 19.34 -1.00 -3.73
N ASP A 64 18.49 -0.81 -2.75
CA ASP A 64 17.92 0.55 -2.53
C ASP A 64 17.03 0.94 -3.72
N PRO A 65 16.03 1.76 -3.50
CA PRO A 65 15.09 2.19 -4.58
C PRO A 65 15.77 3.05 -5.67
N VAL A 66 16.68 3.90 -5.29
CA VAL A 66 17.35 4.75 -6.31
C VAL A 66 18.07 3.87 -7.33
N LYS A 67 18.80 2.90 -6.85
CA LYS A 67 19.54 1.99 -7.76
C LYS A 67 18.54 1.22 -8.63
N VAL A 68 17.40 0.91 -8.08
CA VAL A 68 16.38 0.15 -8.86
C VAL A 68 16.01 0.94 -10.12
N ALA A 69 15.85 2.23 -10.00
CA ALA A 69 15.52 3.05 -11.19
C ALA A 69 16.71 3.02 -12.14
N ALA A 70 17.90 2.90 -11.59
CA ALA A 70 19.11 2.85 -12.44
C ALA A 70 19.52 1.38 -12.63
N MET A 71 18.63 0.48 -12.37
CA MET A 71 18.94 -0.97 -12.51
C MET A 71 18.37 -1.47 -13.85
N GLN A 72 18.88 -2.57 -14.35
CA GLN A 72 18.36 -3.07 -15.66
C GLN A 72 17.50 -4.31 -15.42
N GLU A 73 16.73 -4.70 -16.40
CA GLU A 73 15.87 -5.89 -16.25
C GLU A 73 16.75 -7.09 -15.92
N GLU A 74 18.00 -7.04 -16.28
CA GLU A 74 18.90 -8.19 -15.97
C GLU A 74 18.79 -8.52 -14.48
N ASP A 75 18.66 -7.53 -13.64
CA ASP A 75 18.53 -7.81 -12.20
C ASP A 75 17.29 -8.70 -11.97
N VAL A 76 16.24 -8.45 -12.70
CA VAL A 76 15.01 -9.27 -12.52
C VAL A 76 15.36 -10.74 -12.75
N GLU A 77 16.15 -11.01 -13.75
CA GLU A 77 16.55 -12.42 -14.02
C GLU A 77 17.26 -12.95 -12.78
N ARG A 78 18.01 -12.11 -12.12
CA ARG A 78 18.74 -12.56 -10.90
C ARG A 78 17.75 -12.84 -9.76
N LEU A 79 16.84 -11.93 -9.52
CA LEU A 79 15.85 -12.17 -8.42
C LEU A 79 14.99 -13.36 -8.76
N VAL A 80 14.70 -13.57 -10.01
CA VAL A 80 13.86 -14.74 -10.38
C VAL A 80 14.61 -16.00 -9.99
N GLN A 81 15.91 -16.00 -10.15
CA GLN A 81 16.72 -17.21 -9.79
C GLN A 81 16.97 -17.21 -8.27
N ASP A 82 17.44 -16.11 -7.73
CA ASP A 82 17.71 -16.06 -6.27
C ASP A 82 16.55 -15.38 -5.54
N ALA A 83 16.32 -15.72 -4.30
CA ALA A 83 15.21 -15.11 -3.53
C ALA A 83 13.92 -15.88 -3.85
N GLY A 84 13.70 -16.94 -3.13
CA GLY A 84 12.48 -17.77 -3.37
C GLY A 84 11.23 -16.99 -2.97
N ILE A 85 11.33 -15.69 -2.84
CA ILE A 85 10.13 -14.90 -2.45
C ILE A 85 8.93 -15.32 -3.30
N ILE A 86 8.62 -14.58 -4.33
CA ILE A 86 7.46 -14.94 -5.20
C ILE A 86 7.93 -15.08 -6.66
N ARG A 87 7.38 -16.02 -7.38
CA ARG A 87 7.80 -16.23 -8.80
C ARG A 87 6.88 -15.43 -9.74
N HIS A 88 7.42 -14.47 -10.44
CA HIS A 88 6.60 -13.67 -11.37
C HIS A 88 7.48 -12.60 -12.02
N ARG A 89 8.11 -12.92 -13.11
CA ARG A 89 9.00 -11.93 -13.78
C ARG A 89 8.22 -10.64 -14.01
N GLY A 90 6.96 -10.79 -14.32
CA GLY A 90 6.11 -9.59 -14.59
C GLY A 90 6.01 -8.68 -13.38
N LYS A 91 5.81 -9.22 -12.20
CA LYS A 91 5.68 -8.33 -11.01
C LYS A 91 7.00 -7.63 -10.71
N ILE A 92 8.09 -8.34 -10.73
CA ILE A 92 9.40 -7.71 -10.43
C ILE A 92 9.68 -6.61 -11.46
N GLN A 93 9.44 -6.87 -12.71
CA GLN A 93 9.69 -5.84 -13.75
C GLN A 93 8.85 -4.61 -13.44
N ALA A 94 7.66 -4.79 -12.96
CA ALA A 94 6.79 -3.62 -12.63
C ALA A 94 7.45 -2.78 -11.54
N ILE A 95 8.09 -3.43 -10.59
CA ILE A 95 8.75 -2.67 -9.50
C ILE A 95 9.79 -1.72 -10.11
N ILE A 96 10.58 -2.20 -11.03
CA ILE A 96 11.60 -1.33 -11.67
C ILE A 96 10.90 -0.15 -12.36
N GLY A 97 9.82 -0.40 -13.02
CA GLY A 97 9.11 0.72 -13.71
C GLY A 97 8.64 1.75 -12.68
N ASN A 98 8.21 1.30 -11.53
CA ASN A 98 7.75 2.24 -10.47
C ASN A 98 8.88 3.19 -10.09
N ALA A 99 10.08 2.70 -9.98
CA ALA A 99 11.21 3.58 -9.60
C ALA A 99 11.43 4.64 -10.67
N ARG A 100 11.38 4.24 -11.92
CA ARG A 100 11.59 5.23 -13.02
C ARG A 100 10.48 6.28 -12.98
N ALA A 101 9.27 5.87 -12.75
CA ALA A 101 8.15 6.85 -12.70
C ALA A 101 8.22 7.63 -11.38
N TYR A 102 8.50 6.96 -10.30
CA TYR A 102 8.59 7.66 -8.98
C TYR A 102 9.67 8.73 -9.04
N LEU A 103 10.81 8.41 -9.57
CA LEU A 103 11.91 9.41 -9.66
C LEU A 103 11.49 10.54 -10.60
N GLN A 104 10.80 10.21 -11.66
CA GLN A 104 10.36 11.26 -12.63
C GLN A 104 9.50 12.30 -11.90
N MET A 105 8.61 11.88 -11.05
CA MET A 105 7.76 12.87 -10.33
C MET A 105 8.64 13.76 -9.45
N GLU A 106 9.63 13.19 -8.82
CA GLU A 106 10.52 14.01 -7.95
C GLU A 106 11.17 15.10 -8.79
N GLN A 107 11.35 14.87 -10.06
CA GLN A 107 11.98 15.90 -10.92
C GLN A 107 11.24 17.23 -10.75
N ASN A 108 9.94 17.16 -10.57
CA ASN A 108 9.16 18.42 -10.39
C ASN A 108 9.25 18.87 -8.92
N GLY A 109 9.93 18.12 -8.10
CA GLY A 109 10.05 18.51 -6.66
C GLY A 109 8.70 18.34 -5.97
N GLU A 110 7.85 17.50 -6.49
CA GLU A 110 6.52 17.29 -5.86
C GLU A 110 6.51 15.94 -5.12
N PRO A 111 6.50 15.94 -3.81
CA PRO A 111 6.49 14.68 -3.02
C PRO A 111 5.41 13.70 -3.49
N PHE A 112 5.74 12.44 -3.60
CA PHE A 112 4.73 11.44 -4.05
C PHE A 112 3.59 11.39 -3.05
N ALA A 113 3.90 11.42 -1.78
CA ALA A 113 2.83 11.38 -0.75
C ALA A 113 1.89 12.57 -0.94
N ASP A 114 2.43 13.70 -1.33
CA ASP A 114 1.58 14.89 -1.55
C ASP A 114 0.61 14.62 -2.72
N PHE A 115 1.06 13.89 -3.69
CA PHE A 115 0.20 13.58 -4.86
C PHE A 115 -1.07 12.84 -4.40
N VAL A 116 -0.90 11.77 -3.65
CA VAL A 116 -2.09 11.01 -3.18
C VAL A 116 -2.91 11.89 -2.23
N TRP A 117 -2.26 12.62 -1.37
CA TRP A 117 -3.00 13.50 -0.43
C TRP A 117 -3.83 14.51 -1.23
N SER A 118 -3.30 14.97 -2.33
CA SER A 118 -4.04 15.98 -3.16
C SER A 118 -5.33 15.36 -3.70
N PHE A 119 -5.32 14.09 -4.00
CA PHE A 119 -6.56 13.46 -4.55
C PHE A 119 -7.68 13.47 -3.51
N VAL A 120 -7.32 13.48 -2.25
CA VAL A 120 -8.37 13.51 -1.18
C VAL A 120 -8.46 14.92 -0.62
N ASN A 121 -8.04 15.90 -1.39
CA ASN A 121 -8.10 17.32 -0.92
C ASN A 121 -7.31 17.47 0.38
N HIS A 122 -6.21 16.80 0.48
CA HIS A 122 -5.37 16.89 1.70
C HIS A 122 -6.26 16.79 2.94
N GLN A 123 -7.50 16.40 2.76
CA GLN A 123 -8.41 16.29 3.93
C GLN A 123 -8.57 14.81 4.32
N PRO A 124 -8.36 14.45 5.56
CA PRO A 124 -8.48 13.03 6.01
C PRO A 124 -9.94 12.58 6.04
N GLN A 125 -10.19 11.34 5.73
CA GLN A 125 -11.59 10.84 5.73
C GLN A 125 -11.80 9.90 6.92
N MET A 126 -12.95 9.96 7.53
CA MET A 126 -13.24 9.08 8.70
C MET A 126 -14.62 8.46 8.49
N THR A 127 -14.85 7.28 9.02
CA THR A 127 -16.19 6.65 8.83
C THR A 127 -16.71 6.13 10.17
N GLN A 128 -18.01 6.07 10.31
CA GLN A 128 -18.61 5.58 11.57
C GLN A 128 -19.47 4.35 11.24
N ALA A 129 -18.93 3.44 10.48
CA ALA A 129 -19.70 2.23 10.09
C ALA A 129 -19.94 1.35 11.32
N THR A 130 -21.09 0.74 11.41
CA THR A 130 -21.38 -0.14 12.57
C THR A 130 -20.91 -1.56 12.23
N THR A 131 -21.07 -1.94 11.00
CA THR A 131 -20.64 -3.30 10.57
C THR A 131 -19.64 -3.19 9.43
N LEU A 132 -18.81 -4.17 9.26
CA LEU A 132 -17.79 -4.11 8.16
C LEU A 132 -18.51 -3.95 6.82
N SER A 133 -19.67 -4.53 6.67
CA SER A 133 -20.40 -4.41 5.38
C SER A 133 -20.65 -2.93 5.06
N GLU A 134 -20.91 -2.13 6.07
CA GLU A 134 -21.16 -0.68 5.81
C GLU A 134 -19.91 -0.02 5.24
N ILE A 135 -18.74 -0.52 5.58
CA ILE A 135 -17.50 0.09 5.06
C ILE A 135 -17.40 -0.16 3.54
N PRO A 136 -17.35 0.89 2.74
CA PRO A 136 -17.25 0.75 1.26
C PRO A 136 -15.83 0.39 0.81
N THR A 137 -15.71 -0.46 -0.17
CA THR A 137 -14.35 -0.84 -0.65
C THR A 137 -14.07 -0.10 -1.96
N SER A 138 -14.96 0.76 -2.38
CA SER A 138 -14.74 1.51 -3.64
C SER A 138 -15.14 2.97 -3.45
N THR A 139 -14.30 3.76 -2.82
CA THR A 139 -14.64 5.19 -2.60
C THR A 139 -14.35 5.96 -3.89
N PRO A 140 -15.07 7.03 -4.14
CA PRO A 140 -14.87 7.86 -5.37
C PRO A 140 -13.43 8.32 -5.51
N ALA A 141 -12.74 8.52 -4.42
CA ALA A 141 -11.32 8.97 -4.51
C ALA A 141 -10.45 7.78 -4.92
N SER A 142 -10.75 6.62 -4.43
CA SER A 142 -9.93 5.42 -4.79
C SER A 142 -10.02 5.16 -6.29
N ASP A 143 -11.17 5.35 -6.87
CA ASP A 143 -11.31 5.12 -8.33
C ASP A 143 -10.43 6.11 -9.10
N ALA A 144 -10.48 7.37 -8.73
CA ALA A 144 -9.63 8.37 -9.43
C ALA A 144 -8.16 8.08 -9.16
N LEU A 145 -7.86 7.62 -7.97
CA LEU A 145 -6.45 7.30 -7.64
C LEU A 145 -5.90 6.29 -8.65
N SER A 146 -6.63 5.25 -8.92
CA SER A 146 -6.14 4.23 -9.90
C SER A 146 -5.92 4.89 -11.25
N LYS A 147 -6.81 5.76 -11.66
CA LYS A 147 -6.63 6.45 -12.97
C LYS A 147 -5.36 7.29 -12.92
N ALA A 148 -5.08 7.91 -11.81
CA ALA A 148 -3.87 8.76 -11.70
C ALA A 148 -2.61 7.88 -11.79
N LEU A 149 -2.55 6.85 -11.00
CA LEU A 149 -1.36 5.95 -11.06
C LEU A 149 -1.29 5.33 -12.45
N LYS A 150 -2.42 5.07 -13.04
CA LYS A 150 -2.44 4.47 -14.39
C LYS A 150 -1.70 5.37 -15.38
N LYS A 151 -1.89 6.65 -15.31
CA LYS A 151 -1.18 7.57 -16.24
C LYS A 151 0.33 7.48 -16.03
N ARG A 152 0.76 7.36 -14.81
CA ARG A 152 2.22 7.26 -14.53
C ARG A 152 2.78 5.98 -15.16
N GLY A 153 1.93 5.04 -15.44
CA GLY A 153 2.41 3.76 -16.05
C GLY A 153 2.42 2.67 -14.98
N PHE A 154 1.72 2.88 -13.90
CA PHE A 154 1.69 1.86 -12.82
C PHE A 154 0.70 0.75 -13.18
N LYS A 155 1.09 -0.47 -13.03
CA LYS A 155 0.17 -1.60 -13.35
C LYS A 155 -0.37 -2.20 -12.05
N PHE A 156 -1.40 -3.00 -12.13
CA PHE A 156 -1.98 -3.61 -10.91
C PHE A 156 -2.46 -2.50 -9.96
N VAL A 157 -3.27 -1.60 -10.45
CA VAL A 157 -3.77 -0.49 -9.59
C VAL A 157 -5.29 -0.61 -9.43
N GLY A 158 -5.82 -1.80 -9.58
CA GLY A 158 -7.29 -1.97 -9.44
C GLY A 158 -7.78 -1.20 -8.23
N THR A 159 -9.02 -0.81 -8.23
CA THR A 159 -9.56 -0.05 -7.08
C THR A 159 -9.38 -0.86 -5.79
N THR A 160 -9.37 -2.16 -5.89
CA THR A 160 -9.21 -2.98 -4.66
C THR A 160 -7.84 -2.72 -4.04
N ILE A 161 -6.81 -2.74 -4.85
CA ILE A 161 -5.45 -2.47 -4.32
C ILE A 161 -5.36 -1.02 -3.84
N CYS A 162 -6.01 -0.13 -4.54
CA CYS A 162 -5.97 1.29 -4.13
C CYS A 162 -6.65 1.45 -2.77
N TYR A 163 -7.79 0.85 -2.60
CA TYR A 163 -8.49 0.97 -1.29
C TYR A 163 -7.61 0.39 -0.19
N SER A 164 -7.03 -0.76 -0.41
CA SER A 164 -6.16 -1.36 0.62
C SER A 164 -5.01 -0.40 0.93
N PHE A 165 -4.50 0.24 -0.08
CA PHE A 165 -3.39 1.21 0.11
C PHE A 165 -3.86 2.33 1.04
N MET A 166 -5.06 2.81 0.85
CA MET A 166 -5.57 3.90 1.72
C MET A 166 -5.56 3.43 3.17
N GLN A 167 -5.87 2.19 3.42
CA GLN A 167 -5.86 1.69 4.82
C GLN A 167 -4.47 1.85 5.42
N ALA A 168 -3.45 1.53 4.66
CA ALA A 168 -2.07 1.66 5.17
C ALA A 168 -1.66 3.13 5.20
N CYS A 169 -2.00 3.86 4.17
CA CYS A 169 -1.62 5.30 4.13
C CYS A 169 -2.32 6.07 5.25
N GLY A 170 -3.55 5.72 5.54
CA GLY A 170 -4.29 6.43 6.62
C GLY A 170 -5.19 7.51 6.04
N LEU A 171 -5.30 7.58 4.74
CA LEU A 171 -6.17 8.62 4.13
C LEU A 171 -7.60 8.45 4.65
N VAL A 172 -8.00 7.23 4.90
CA VAL A 172 -9.37 6.97 5.42
C VAL A 172 -9.28 6.12 6.68
N ASN A 173 -10.10 6.40 7.67
CA ASN A 173 -10.05 5.61 8.93
C ASN A 173 -11.26 4.67 8.99
N ASP A 174 -11.05 3.41 8.72
CA ASP A 174 -12.19 2.44 8.77
C ASP A 174 -11.88 1.33 9.79
N HIS A 175 -12.27 1.52 11.02
CA HIS A 175 -12.02 0.48 12.07
C HIS A 175 -13.31 0.24 12.85
N VAL A 176 -14.45 0.47 12.25
CA VAL A 176 -15.71 0.28 13.00
C VAL A 176 -15.69 1.18 14.23
N VAL A 177 -16.82 1.46 14.81
CA VAL A 177 -16.85 2.33 16.01
C VAL A 177 -16.65 1.48 17.27
N GLY A 178 -15.44 1.31 17.72
CA GLY A 178 -15.21 0.48 18.93
C GLY A 178 -13.75 0.02 18.99
N CYS A 179 -13.01 0.18 17.91
CA CYS A 179 -11.59 -0.26 17.92
C CYS A 179 -10.77 0.67 18.81
N CYS A 180 -11.37 1.22 19.82
CA CYS A 180 -10.62 2.15 20.71
C CYS A 180 -10.20 3.38 19.93
N CYS A 181 -9.34 3.22 18.97
CA CYS A 181 -8.89 4.39 18.17
C CYS A 181 -10.12 5.14 17.64
N TYR A 182 -11.23 4.46 17.56
CA TYR A 182 -12.48 5.11 17.05
C TYR A 182 -13.59 4.97 18.09
N PRO A 183 -13.59 5.81 19.10
CA PRO A 183 -14.62 5.78 20.19
C PRO A 183 -15.99 6.24 19.70
N GLY A 184 -16.02 7.05 18.67
CA GLY A 184 -17.33 7.54 18.16
C GLY A 184 -17.70 8.84 18.88
N ASN A 185 -16.77 9.39 19.61
CA ASN A 185 -17.04 10.66 20.34
C ASN A 185 -18.21 10.46 21.31
N LYS A 186 -18.24 9.34 21.99
CA LYS A 186 -19.35 9.08 22.94
C LYS A 186 -18.99 9.67 24.31
N PRO A 187 -19.97 10.09 25.07
CA PRO A 187 -19.73 10.67 26.43
C PRO A 187 -19.28 9.61 27.44
ZN ZN B . -8.67 -1.50 14.31
N MET A 1 -16.47 -2.93 24.91
CA MET A 1 -15.17 -2.89 24.18
C MET A 1 -15.24 -3.80 22.96
N GLU A 2 -15.32 -3.23 21.78
CA GLU A 2 -15.40 -4.06 20.55
C GLU A 2 -14.08 -3.97 19.78
N ARG A 3 -13.82 -4.89 18.89
CA ARG A 3 -12.56 -4.86 18.11
C ARG A 3 -12.83 -5.35 16.69
N CYS A 4 -11.99 -5.00 15.76
CA CYS A 4 -12.21 -5.46 14.36
C CYS A 4 -12.22 -6.99 14.34
N GLY A 5 -13.12 -7.57 13.60
CA GLY A 5 -13.19 -9.07 13.56
C GLY A 5 -12.68 -9.62 12.23
N TRP A 6 -12.61 -8.81 11.21
CA TRP A 6 -12.13 -9.33 9.89
C TRP A 6 -10.77 -10.01 10.09
N VAL A 7 -10.00 -9.57 11.06
CA VAL A 7 -8.67 -10.20 11.28
C VAL A 7 -8.84 -11.72 11.41
N SER A 8 -8.04 -12.48 10.73
CA SER A 8 -8.15 -13.96 10.80
C SER A 8 -7.62 -14.45 12.14
N GLN A 9 -7.81 -15.70 12.46
CA GLN A 9 -7.32 -16.24 13.75
C GLN A 9 -5.81 -16.01 13.87
N ASP A 10 -5.12 -15.98 12.77
CA ASP A 10 -3.64 -15.76 12.84
C ASP A 10 -3.34 -14.54 13.72
N PRO A 11 -2.40 -14.63 14.63
CA PRO A 11 -2.05 -13.50 15.54
C PRO A 11 -1.33 -12.37 14.82
N LEU A 12 -0.64 -12.65 13.75
CA LEU A 12 0.08 -11.58 13.02
C LEU A 12 -0.95 -10.57 12.48
N TYR A 13 -2.09 -11.04 12.06
CA TYR A 13 -3.13 -10.10 11.55
C TYR A 13 -3.46 -9.08 12.64
N ILE A 14 -3.86 -9.55 13.80
CA ILE A 14 -4.19 -8.61 14.90
C ILE A 14 -2.95 -7.83 15.34
N ALA A 15 -1.81 -8.46 15.34
CA ALA A 15 -0.58 -7.73 15.75
C ALA A 15 -0.40 -6.53 14.82
N TYR A 16 -0.59 -6.73 13.55
CA TYR A 16 -0.45 -5.61 12.58
C TYR A 16 -1.56 -4.59 12.85
N HIS A 17 -2.74 -5.07 13.14
CA HIS A 17 -3.88 -4.15 13.43
C HIS A 17 -3.54 -3.27 14.64
N ASP A 18 -3.15 -3.88 15.71
CA ASP A 18 -2.80 -3.09 16.93
C ASP A 18 -1.50 -2.32 16.71
N ASN A 19 -0.58 -2.87 15.98
CA ASN A 19 0.71 -2.17 15.75
C ASN A 19 0.51 -0.98 14.81
N GLU A 20 0.27 -1.23 13.56
CA GLU A 20 0.06 -0.11 12.60
C GLU A 20 -1.02 -0.48 11.59
N TRP A 21 -2.10 0.25 11.54
CA TRP A 21 -3.18 -0.08 10.56
C TRP A 21 -4.28 0.98 10.63
N GLY A 22 -4.32 1.87 9.67
CA GLY A 22 -5.36 2.93 9.67
C GLY A 22 -4.78 4.23 10.22
N VAL A 23 -3.63 4.18 10.83
CA VAL A 23 -3.03 5.42 11.37
C VAL A 23 -2.49 6.24 10.19
N PRO A 24 -2.68 7.54 10.20
CA PRO A 24 -2.19 8.40 9.08
C PRO A 24 -0.68 8.39 8.94
N GLU A 25 -0.19 8.20 7.74
CA GLU A 25 1.29 8.16 7.53
C GLU A 25 1.68 9.38 6.70
N THR A 26 2.72 10.05 7.08
CA THR A 26 3.17 11.25 6.32
C THR A 26 4.54 10.97 5.70
N ASP A 27 5.01 9.76 5.82
CA ASP A 27 6.33 9.43 5.23
C ASP A 27 6.15 9.05 3.78
N SER A 28 6.70 9.83 2.90
CA SER A 28 6.57 9.51 1.45
C SER A 28 7.30 8.21 1.13
N LYS A 29 8.40 7.96 1.78
CA LYS A 29 9.16 6.71 1.50
C LYS A 29 8.30 5.48 1.80
N LYS A 30 7.60 5.48 2.91
CA LYS A 30 6.75 4.28 3.23
C LYS A 30 5.66 4.13 2.17
N LEU A 31 5.10 5.21 1.70
CA LEU A 31 4.04 5.11 0.67
C LEU A 31 4.60 4.52 -0.62
N PHE A 32 5.80 4.89 -0.98
CA PHE A 32 6.38 4.33 -2.24
C PHE A 32 6.42 2.80 -2.11
N GLU A 33 6.97 2.31 -1.04
CA GLU A 33 7.05 0.84 -0.84
C GLU A 33 5.65 0.27 -0.70
N MET A 34 4.75 1.00 -0.12
CA MET A 34 3.36 0.50 0.05
C MET A 34 2.75 0.18 -1.31
N ILE A 35 2.83 1.09 -2.25
CA ILE A 35 2.24 0.81 -3.59
C ILE A 35 2.91 -0.42 -4.19
N CYS A 36 4.20 -0.55 -4.03
CA CYS A 36 4.90 -1.73 -4.61
C CYS A 36 4.30 -3.01 -4.01
N LEU A 37 4.13 -3.04 -2.72
CA LEU A 37 3.55 -4.26 -2.08
C LEU A 37 2.05 -4.35 -2.36
N GLU A 38 1.33 -3.26 -2.28
CA GLU A 38 -0.13 -3.32 -2.54
C GLU A 38 -0.38 -3.83 -3.95
N GLY A 39 0.41 -3.42 -4.90
CA GLY A 39 0.20 -3.88 -6.30
C GLY A 39 0.39 -5.41 -6.34
N GLN A 40 1.39 -5.89 -5.67
CA GLN A 40 1.65 -7.36 -5.67
C GLN A 40 0.51 -8.09 -4.96
N GLN A 41 -0.09 -7.49 -3.96
CA GLN A 41 -1.19 -8.18 -3.23
C GLN A 41 -2.22 -8.71 -4.23
N ALA A 42 -2.37 -8.06 -5.35
CA ALA A 42 -3.37 -8.53 -6.36
C ALA A 42 -3.23 -10.04 -6.57
N GLY A 43 -4.20 -10.80 -6.12
CA GLY A 43 -4.13 -12.27 -6.29
C GLY A 43 -3.55 -12.93 -5.04
N LEU A 44 -2.58 -12.29 -4.43
CA LEU A 44 -1.97 -12.86 -3.21
C LEU A 44 -2.89 -12.62 -2.01
N SER A 45 -2.37 -12.79 -0.82
CA SER A 45 -3.20 -12.56 0.39
C SER A 45 -2.54 -11.51 1.28
N TRP A 46 -3.31 -10.82 2.07
CA TRP A 46 -2.72 -9.76 2.95
C TRP A 46 -1.66 -10.37 3.87
N ILE A 47 -1.93 -11.53 4.41
CA ILE A 47 -0.94 -12.15 5.34
C ILE A 47 0.37 -12.43 4.60
N THR A 48 0.30 -12.89 3.38
CA THR A 48 1.54 -13.18 2.62
C THR A 48 2.29 -11.88 2.34
N VAL A 49 1.56 -10.83 2.04
CA VAL A 49 2.20 -9.53 1.74
C VAL A 49 2.93 -8.98 2.98
N LEU A 50 2.32 -9.04 4.13
CA LEU A 50 3.01 -8.49 5.34
C LEU A 50 4.30 -9.28 5.63
N LYS A 51 4.21 -10.57 5.74
CA LYS A 51 5.43 -11.37 6.00
C LYS A 51 6.40 -11.12 4.86
N LYS A 52 5.90 -11.13 3.65
CA LYS A 52 6.75 -10.88 2.47
C LYS A 52 7.28 -9.45 2.53
N ARG A 53 6.52 -8.55 3.07
CA ARG A 53 6.99 -7.12 3.13
C ARG A 53 8.36 -7.07 3.79
N GLU A 54 8.56 -7.79 4.86
CA GLU A 54 9.89 -7.74 5.52
C GLU A 54 10.93 -8.45 4.62
N ASN A 55 10.58 -9.59 4.10
CA ASN A 55 11.53 -10.32 3.20
C ASN A 55 11.74 -9.49 1.93
N TYR A 56 10.71 -8.87 1.45
CA TYR A 56 10.83 -8.04 0.23
C TYR A 56 11.87 -6.96 0.45
N ARG A 57 11.87 -6.35 1.59
CA ARG A 57 12.87 -5.30 1.87
C ARG A 57 14.27 -5.87 1.71
N ALA A 58 14.49 -7.07 2.18
CA ALA A 58 15.84 -7.67 2.06
C ALA A 58 16.18 -7.92 0.58
N CYS A 59 15.19 -8.02 -0.26
CA CYS A 59 15.48 -8.31 -1.70
C CYS A 59 15.66 -7.03 -2.54
N PHE A 60 14.81 -6.05 -2.39
CA PHE A 60 14.95 -4.83 -3.25
C PHE A 60 15.32 -3.57 -2.44
N HIS A 61 15.14 -3.55 -1.14
CA HIS A 61 15.51 -2.32 -0.38
C HIS A 61 16.98 -2.01 -0.61
N GLN A 62 17.80 -3.03 -0.64
CA GLN A 62 19.25 -2.81 -0.88
C GLN A 62 19.41 -2.12 -2.23
N PHE A 63 18.53 -2.44 -3.14
CA PHE A 63 18.59 -1.81 -4.49
C PHE A 63 17.53 -0.72 -4.56
N ASP A 64 17.72 0.34 -3.81
CA ASP A 64 16.74 1.46 -3.79
C ASP A 64 16.14 1.68 -5.18
N PRO A 65 15.02 2.37 -5.24
CA PRO A 65 14.32 2.64 -6.52
C PRO A 65 15.26 3.00 -7.68
N VAL A 66 16.11 3.97 -7.48
CA VAL A 66 17.04 4.36 -8.58
C VAL A 66 17.91 3.18 -8.99
N LYS A 67 18.37 2.41 -8.04
CA LYS A 67 19.23 1.24 -8.36
C LYS A 67 18.49 0.21 -9.23
N VAL A 68 17.25 -0.06 -8.94
CA VAL A 68 16.52 -1.07 -9.78
C VAL A 68 16.17 -0.44 -11.14
N ALA A 69 15.89 0.83 -11.16
CA ALA A 69 15.54 1.47 -12.44
C ALA A 69 16.76 1.39 -13.37
N ALA A 70 17.92 1.26 -12.80
CA ALA A 70 19.15 1.18 -13.62
C ALA A 70 19.77 -0.23 -13.55
N MET A 71 19.02 -1.22 -13.15
CA MET A 71 19.62 -2.59 -13.07
C MET A 71 19.51 -3.27 -14.45
N GLN A 72 20.01 -4.46 -14.57
CA GLN A 72 19.96 -5.17 -15.88
C GLN A 72 18.96 -6.34 -15.81
N GLU A 73 18.42 -6.73 -16.92
CA GLU A 73 17.46 -7.87 -16.91
C GLU A 73 18.16 -9.10 -16.32
N GLU A 74 19.43 -9.22 -16.53
CA GLU A 74 20.16 -10.39 -15.97
C GLU A 74 20.03 -10.37 -14.45
N ASP A 75 20.02 -9.21 -13.86
CA ASP A 75 19.88 -9.12 -12.38
C ASP A 75 18.54 -9.71 -11.97
N VAL A 76 17.52 -9.47 -12.76
CA VAL A 76 16.17 -10.01 -12.43
C VAL A 76 16.22 -11.54 -12.36
N GLU A 77 16.91 -12.14 -13.29
CA GLU A 77 17.00 -13.63 -13.28
C GLU A 77 17.71 -14.09 -12.02
N ARG A 78 18.68 -13.33 -11.56
CA ARG A 78 19.40 -13.72 -10.31
C ARG A 78 18.41 -13.84 -9.15
N LEU A 79 17.51 -12.89 -9.03
CA LEU A 79 16.51 -12.96 -7.93
C LEU A 79 15.56 -14.12 -8.17
N VAL A 80 15.27 -14.42 -9.41
CA VAL A 80 14.34 -15.56 -9.69
C VAL A 80 14.88 -16.82 -9.01
N GLN A 81 16.17 -16.98 -8.99
CA GLN A 81 16.75 -18.19 -8.34
C GLN A 81 16.69 -18.02 -6.83
N ASP A 82 17.27 -16.97 -6.32
CA ASP A 82 17.24 -16.72 -4.85
C ASP A 82 16.14 -15.70 -4.56
N ALA A 83 15.25 -16.00 -3.65
CA ALA A 83 14.17 -15.04 -3.33
C ALA A 83 13.05 -15.75 -2.56
N GLY A 84 13.21 -15.90 -1.29
CA GLY A 84 12.16 -16.58 -0.48
C GLY A 84 10.80 -15.92 -0.77
N ILE A 85 10.81 -14.67 -1.15
CA ILE A 85 9.53 -13.97 -1.46
C ILE A 85 8.78 -14.72 -2.57
N ILE A 86 8.06 -14.01 -3.39
CA ILE A 86 7.30 -14.69 -4.49
C ILE A 86 8.22 -14.93 -5.68
N ARG A 87 8.05 -16.03 -6.37
CA ARG A 87 8.93 -16.33 -7.53
C ARG A 87 8.17 -16.07 -8.84
N HIS A 88 8.61 -15.10 -9.60
CA HIS A 88 7.92 -14.80 -10.89
C HIS A 88 8.67 -13.65 -11.58
N ARG A 89 9.48 -13.95 -12.56
CA ARG A 89 10.23 -12.88 -13.26
C ARG A 89 9.26 -11.80 -13.73
N GLY A 90 8.05 -12.17 -14.05
CA GLY A 90 7.05 -11.17 -14.52
C GLY A 90 6.77 -10.16 -13.40
N LYS A 91 6.53 -10.62 -12.21
CA LYS A 91 6.25 -9.69 -11.08
C LYS A 91 7.46 -8.78 -10.84
N ILE A 92 8.64 -9.33 -10.88
CA ILE A 92 9.85 -8.50 -10.66
C ILE A 92 9.94 -7.44 -11.75
N GLN A 93 9.59 -7.81 -12.95
CA GLN A 93 9.65 -6.82 -14.07
C GLN A 93 8.82 -5.60 -13.71
N ALA A 94 7.70 -5.80 -13.07
CA ALA A 94 6.83 -4.65 -12.68
C ALA A 94 7.58 -3.80 -11.65
N ILE A 95 8.31 -4.42 -10.77
CA ILE A 95 9.05 -3.64 -9.73
C ILE A 95 10.01 -2.65 -10.41
N ILE A 96 10.74 -3.11 -11.39
CA ILE A 96 11.68 -2.19 -12.09
C ILE A 96 10.90 -1.01 -12.69
N GLY A 97 9.76 -1.29 -13.26
CA GLY A 97 8.94 -0.20 -13.85
C GLY A 97 8.51 0.79 -12.76
N ASN A 98 8.26 0.31 -11.57
CA ASN A 98 7.84 1.23 -10.48
C ASN A 98 8.92 2.28 -10.24
N ALA A 99 10.15 1.88 -10.22
CA ALA A 99 11.25 2.86 -9.97
C ALA A 99 11.32 3.83 -11.14
N ARG A 100 11.28 3.35 -12.34
CA ARG A 100 11.35 4.25 -13.51
C ARG A 100 10.17 5.22 -13.45
N ALA A 101 9.01 4.74 -13.14
CA ALA A 101 7.83 5.62 -13.04
C ALA A 101 7.99 6.53 -11.82
N TYR A 102 8.61 6.02 -10.78
CA TYR A 102 8.81 6.83 -9.56
C TYR A 102 9.62 8.09 -9.90
N LEU A 103 10.65 7.94 -10.69
CA LEU A 103 11.47 9.12 -11.06
C LEU A 103 10.65 10.08 -11.92
N GLN A 104 9.81 9.56 -12.78
CA GLN A 104 8.99 10.46 -13.65
C GLN A 104 8.14 11.38 -12.76
N MET A 105 7.50 10.85 -11.76
CA MET A 105 6.67 11.71 -10.87
C MET A 105 7.59 12.62 -10.05
N GLU A 106 8.64 12.07 -9.52
CA GLU A 106 9.58 12.90 -8.71
C GLU A 106 10.26 13.93 -9.62
N GLN A 107 10.40 13.63 -10.87
CA GLN A 107 11.07 14.59 -11.80
C GLN A 107 10.39 15.96 -11.67
N ASN A 108 9.10 15.97 -11.46
CA ASN A 108 8.39 17.27 -11.31
C ASN A 108 8.45 17.73 -9.86
N GLY A 109 9.10 16.98 -9.01
CA GLY A 109 9.20 17.39 -7.58
C GLY A 109 7.84 17.24 -6.90
N GLU A 110 7.07 16.26 -7.30
CA GLU A 110 5.73 16.06 -6.69
C GLU A 110 5.62 14.65 -6.11
N PRO A 111 6.07 14.46 -4.90
CA PRO A 111 6.03 13.13 -4.22
C PRO A 111 4.60 12.60 -4.11
N PHE A 112 4.44 11.30 -4.20
CA PHE A 112 3.07 10.72 -4.10
C PHE A 112 2.45 11.13 -2.76
N ALA A 113 3.23 11.13 -1.72
CA ALA A 113 2.70 11.51 -0.39
C ALA A 113 2.14 12.93 -0.44
N ASP A 114 2.87 13.85 -0.99
CA ASP A 114 2.36 15.25 -1.08
C ASP A 114 1.21 15.30 -2.09
N PHE A 115 1.37 14.63 -3.20
CA PHE A 115 0.30 14.63 -4.24
C PHE A 115 -0.97 13.98 -3.70
N VAL A 116 -0.84 12.88 -3.00
CA VAL A 116 -2.04 12.20 -2.46
C VAL A 116 -2.79 13.13 -1.51
N TRP A 117 -2.11 13.80 -0.63
CA TRP A 117 -2.81 14.71 0.31
C TRP A 117 -3.63 15.73 -0.48
N SER A 118 -3.10 16.21 -1.58
CA SER A 118 -3.85 17.22 -2.38
C SER A 118 -5.17 16.63 -2.87
N PHE A 119 -5.19 15.36 -3.21
CA PHE A 119 -6.46 14.74 -3.69
C PHE A 119 -7.52 14.78 -2.61
N VAL A 120 -7.13 14.75 -1.36
CA VAL A 120 -8.14 14.80 -0.26
C VAL A 120 -8.18 16.19 0.34
N ASN A 121 -7.74 17.19 -0.41
CA ASN A 121 -7.76 18.57 0.13
C ASN A 121 -6.87 18.66 1.37
N HIS A 122 -5.83 17.88 1.40
CA HIS A 122 -4.90 17.91 2.57
C HIS A 122 -5.71 17.74 3.87
N GLN A 123 -6.95 17.37 3.77
CA GLN A 123 -7.78 17.18 4.99
C GLN A 123 -8.07 15.68 5.20
N PRO A 124 -7.92 15.17 6.41
CA PRO A 124 -8.18 13.74 6.70
C PRO A 124 -9.66 13.39 6.67
N GLN A 125 -10.00 12.18 6.32
CA GLN A 125 -11.43 11.78 6.26
C GLN A 125 -11.72 10.75 7.36
N MET A 126 -12.92 10.77 7.89
CA MET A 126 -13.28 9.80 8.97
C MET A 126 -14.54 9.03 8.57
N THR A 127 -14.64 7.78 8.98
CA THR A 127 -15.85 6.98 8.64
C THR A 127 -16.36 6.32 9.91
N GLN A 128 -17.64 6.09 10.00
CA GLN A 128 -18.20 5.43 11.21
C GLN A 128 -19.10 4.28 10.76
N ALA A 129 -18.57 3.41 9.95
CA ALA A 129 -19.38 2.26 9.46
C ALA A 129 -19.73 1.35 10.64
N THR A 130 -20.98 1.00 10.77
CA THR A 130 -21.39 0.12 11.91
C THR A 130 -20.71 -1.24 11.75
N THR A 131 -20.61 -1.71 10.54
CA THR A 131 -19.97 -3.03 10.30
C THR A 131 -19.00 -2.95 9.12
N LEU A 132 -18.27 -3.99 8.90
CA LEU A 132 -17.30 -3.98 7.76
C LEU A 132 -18.04 -3.77 6.44
N SER A 133 -19.23 -4.29 6.32
CA SER A 133 -20.00 -4.13 5.06
C SER A 133 -20.26 -2.64 4.78
N GLU A 134 -20.53 -1.87 5.79
CA GLU A 134 -20.79 -0.42 5.57
C GLU A 134 -19.52 0.28 5.05
N ILE A 135 -18.37 -0.29 5.26
CA ILE A 135 -17.13 0.37 4.78
C ILE A 135 -17.13 0.37 3.24
N PRO A 136 -17.09 1.53 2.61
CA PRO A 136 -17.09 1.64 1.13
C PRO A 136 -15.72 1.34 0.53
N THR A 137 -15.67 0.62 -0.55
CA THR A 137 -14.36 0.29 -1.19
C THR A 137 -14.19 1.18 -2.42
N SER A 138 -15.14 2.03 -2.69
CA SER A 138 -15.04 2.92 -3.88
C SER A 138 -15.38 4.35 -3.47
N THR A 139 -14.39 5.13 -3.14
CA THR A 139 -14.66 6.55 -2.74
C THR A 139 -14.25 7.47 -3.89
N PRO A 140 -14.88 8.62 -4.00
CA PRO A 140 -14.54 9.59 -5.09
C PRO A 140 -13.02 9.81 -5.21
N ALA A 141 -12.35 9.88 -4.09
CA ALA A 141 -10.88 10.10 -4.14
C ALA A 141 -10.18 8.83 -4.63
N SER A 142 -10.66 7.69 -4.22
CA SER A 142 -10.01 6.42 -4.66
C SER A 142 -10.10 6.27 -6.18
N ASP A 143 -11.19 6.67 -6.77
CA ASP A 143 -11.31 6.55 -8.25
C ASP A 143 -10.27 7.44 -8.92
N ALA A 144 -10.15 8.65 -8.47
CA ALA A 144 -9.15 9.58 -9.07
C ALA A 144 -7.75 9.11 -8.69
N LEU A 145 -7.62 8.50 -7.55
CA LEU A 145 -6.27 8.04 -7.11
C LEU A 145 -5.72 7.06 -8.15
N SER A 146 -6.49 6.09 -8.55
CA SER A 146 -5.99 5.11 -9.55
C SER A 146 -5.73 5.83 -10.88
N LYS A 147 -6.53 6.79 -11.21
CA LYS A 147 -6.31 7.53 -12.49
C LYS A 147 -4.96 8.24 -12.45
N ALA A 148 -4.58 8.77 -11.32
CA ALA A 148 -3.29 9.49 -11.25
C ALA A 148 -2.12 8.53 -11.48
N LEU A 149 -2.06 7.45 -10.76
CA LEU A 149 -0.94 6.50 -10.97
C LEU A 149 -1.07 5.87 -12.35
N LYS A 150 -2.27 5.65 -12.81
CA LYS A 150 -2.45 5.06 -14.16
C LYS A 150 -1.79 5.95 -15.20
N LYS A 151 -1.93 7.24 -15.08
CA LYS A 151 -1.28 8.15 -16.07
C LYS A 151 0.23 7.94 -16.03
N ARG A 152 0.77 7.75 -14.86
CA ARG A 152 2.25 7.55 -14.75
C ARG A 152 2.63 6.25 -15.47
N GLY A 153 1.69 5.39 -15.68
CA GLY A 153 2.00 4.11 -16.37
C GLY A 153 2.14 2.98 -15.35
N PHE A 154 1.76 3.21 -14.12
CA PHE A 154 1.89 2.15 -13.10
C PHE A 154 0.95 0.99 -13.43
N LYS A 155 1.36 -0.21 -13.17
CA LYS A 155 0.50 -1.38 -13.47
C LYS A 155 -0.14 -1.90 -12.17
N PHE A 156 -1.19 -2.67 -12.29
CA PHE A 156 -1.87 -3.21 -11.07
C PHE A 156 -2.30 -2.06 -10.15
N VAL A 157 -3.03 -1.11 -10.68
CA VAL A 157 -3.50 0.04 -9.85
C VAL A 157 -5.03 0.03 -9.80
N GLY A 158 -5.63 -1.11 -10.01
CA GLY A 158 -7.12 -1.18 -9.97
C GLY A 158 -7.63 -0.38 -8.77
N THR A 159 -8.87 0.01 -8.81
CA THR A 159 -9.42 0.79 -7.66
C THR A 159 -9.22 0.01 -6.36
N THR A 160 -9.19 -1.29 -6.45
CA THR A 160 -8.99 -2.11 -5.21
C THR A 160 -7.58 -1.87 -4.67
N ILE A 161 -6.62 -1.73 -5.54
CA ILE A 161 -5.22 -1.50 -5.07
C ILE A 161 -5.14 -0.11 -4.43
N CYS A 162 -5.69 0.89 -5.07
CA CYS A 162 -5.64 2.25 -4.50
C CYS A 162 -6.36 2.26 -3.15
N TYR A 163 -7.45 1.56 -3.03
CA TYR A 163 -8.18 1.54 -1.74
C TYR A 163 -7.28 0.90 -0.67
N SER A 164 -6.60 -0.16 -1.01
CA SER A 164 -5.71 -0.81 -0.01
C SER A 164 -4.62 0.17 0.39
N PHE A 165 -4.18 0.97 -0.54
CA PHE A 165 -3.13 1.98 -0.24
C PHE A 165 -3.65 2.97 0.80
N MET A 166 -4.86 3.44 0.63
CA MET A 166 -5.43 4.40 1.59
C MET A 166 -5.60 3.74 2.96
N GLN A 167 -5.99 2.49 2.97
CA GLN A 167 -6.17 1.78 4.26
C GLN A 167 -4.84 1.69 5.01
N ALA A 168 -3.79 1.31 4.32
CA ALA A 168 -2.48 1.19 4.97
C ALA A 168 -1.95 2.58 5.33
N CYS A 169 -2.14 3.54 4.46
CA CYS A 169 -1.64 4.92 4.74
C CYS A 169 -2.40 5.50 5.94
N GLY A 170 -3.67 5.23 6.04
CA GLY A 170 -4.46 5.75 7.18
C GLY A 170 -5.09 7.10 6.82
N LEU A 171 -5.12 7.44 5.57
CA LEU A 171 -5.74 8.75 5.17
C LEU A 171 -7.17 8.77 5.68
N VAL A 172 -7.80 7.64 5.73
CA VAL A 172 -9.20 7.56 6.21
C VAL A 172 -9.25 6.77 7.51
N ASN A 173 -9.99 7.23 8.48
CA ASN A 173 -10.07 6.46 9.77
C ASN A 173 -11.11 5.37 9.60
N ASP A 174 -10.70 4.15 9.54
CA ASP A 174 -11.67 3.03 9.33
C ASP A 174 -11.61 2.06 10.51
N HIS A 175 -12.39 1.01 10.40
CA HIS A 175 -12.51 -0.07 11.45
C HIS A 175 -13.97 -0.18 11.84
N VAL A 176 -14.28 0.04 13.08
CA VAL A 176 -15.70 -0.03 13.51
C VAL A 176 -15.96 1.03 14.59
N VAL A 177 -17.18 1.46 14.72
CA VAL A 177 -17.51 2.50 15.73
C VAL A 177 -17.00 2.10 17.13
N GLY A 178 -17.04 0.84 17.47
CA GLY A 178 -16.57 0.41 18.83
C GLY A 178 -15.20 -0.27 18.78
N CYS A 179 -14.46 -0.15 17.71
CA CYS A 179 -13.12 -0.80 17.68
C CYS A 179 -12.17 -0.10 18.64
N CYS A 180 -12.49 -0.09 19.91
CA CYS A 180 -11.60 0.57 20.93
C CYS A 180 -10.92 1.80 20.32
N CYS A 181 -9.78 1.63 19.70
CA CYS A 181 -9.07 2.78 19.10
C CYS A 181 -10.08 3.71 18.42
N TYR A 182 -11.20 3.18 18.02
CA TYR A 182 -12.23 4.02 17.35
C TYR A 182 -13.34 4.35 18.37
N PRO A 183 -13.42 5.58 18.82
CA PRO A 183 -14.46 5.99 19.81
C PRO A 183 -15.80 6.31 19.13
N GLY A 184 -16.11 7.57 18.96
CA GLY A 184 -17.40 7.93 18.31
C GLY A 184 -18.55 7.64 19.28
N ASN A 185 -18.29 6.90 20.32
CA ASN A 185 -19.37 6.58 21.30
C ASN A 185 -19.48 7.73 22.30
N LYS A 186 -18.76 8.77 22.06
CA LYS A 186 -18.80 9.95 22.98
C LYS A 186 -19.13 11.22 22.18
N PRO A 187 -20.40 11.43 21.91
CA PRO A 187 -20.86 12.62 21.13
C PRO A 187 -20.28 13.93 21.68
ZN ZN B . -9.87 -1.88 14.31
N MET A 1 -15.19 -5.79 23.52
CA MET A 1 -14.95 -4.61 22.64
C MET A 1 -15.34 -4.95 21.21
N GLU A 2 -14.93 -4.14 20.27
CA GLU A 2 -15.27 -4.41 18.84
C GLU A 2 -14.01 -4.83 18.08
N ARG A 3 -14.16 -5.63 17.07
CA ARG A 3 -12.98 -6.08 16.28
C ARG A 3 -13.21 -5.75 14.80
N CYS A 4 -12.18 -5.53 14.05
CA CYS A 4 -12.35 -5.21 12.61
C CYS A 4 -12.73 -6.48 11.85
N GLY A 5 -13.79 -6.43 11.10
CA GLY A 5 -14.22 -7.63 10.33
C GLY A 5 -13.21 -7.94 9.22
N TRP A 6 -12.37 -6.99 8.87
CA TRP A 6 -11.39 -7.26 7.78
C TRP A 6 -10.59 -8.52 8.11
N VAL A 7 -10.26 -8.72 9.35
CA VAL A 7 -9.45 -9.91 9.73
C VAL A 7 -10.19 -10.74 10.77
N SER A 8 -9.88 -12.01 10.87
CA SER A 8 -10.56 -12.87 11.87
C SER A 8 -9.62 -13.98 12.35
N GLN A 9 -9.11 -14.77 11.44
CA GLN A 9 -8.18 -15.88 11.84
C GLN A 9 -6.73 -15.46 11.56
N ASP A 10 -5.80 -15.96 12.34
CA ASP A 10 -4.37 -15.60 12.13
C ASP A 10 -4.04 -14.29 12.87
N PRO A 11 -3.64 -14.39 14.12
CA PRO A 11 -3.31 -13.20 14.96
C PRO A 11 -2.31 -12.25 14.30
N LEU A 12 -1.65 -12.69 13.25
CA LEU A 12 -0.66 -11.78 12.58
C LEU A 12 -1.41 -10.56 12.05
N TYR A 13 -2.62 -10.74 11.60
CA TYR A 13 -3.40 -9.59 11.09
C TYR A 13 -3.49 -8.49 12.15
N ILE A 14 -4.22 -8.76 13.20
CA ILE A 14 -4.41 -7.76 14.28
C ILE A 14 -3.06 -7.22 14.79
N ALA A 15 -2.08 -8.05 14.96
CA ALA A 15 -0.77 -7.53 15.45
C ALA A 15 -0.23 -6.49 14.46
N TYR A 16 -0.27 -6.80 13.19
CA TYR A 16 0.23 -5.84 12.17
C TYR A 16 -0.76 -4.69 11.96
N HIS A 17 -2.02 -5.02 11.84
CA HIS A 17 -3.05 -3.97 11.61
C HIS A 17 -3.23 -3.10 12.86
N ASP A 18 -2.81 -3.57 14.00
CA ASP A 18 -2.94 -2.74 15.24
C ASP A 18 -1.84 -1.67 15.27
N ASN A 19 -0.61 -2.07 15.07
CA ASN A 19 0.50 -1.08 15.11
C ASN A 19 0.54 -0.25 13.82
N GLU A 20 0.81 -0.88 12.71
CA GLU A 20 0.86 -0.12 11.43
C GLU A 20 -0.42 -0.35 10.64
N TRP A 21 -0.49 0.15 9.44
CA TRP A 21 -1.72 -0.02 8.61
C TRP A 21 -2.93 0.53 9.37
N GLY A 22 -3.57 1.53 8.82
CA GLY A 22 -4.74 2.15 9.50
C GLY A 22 -4.33 3.48 10.15
N VAL A 23 -3.05 3.76 10.17
CA VAL A 23 -2.59 5.03 10.78
C VAL A 23 -2.20 6.00 9.66
N PRO A 24 -2.34 7.29 9.89
CA PRO A 24 -2.00 8.32 8.87
C PRO A 24 -0.52 8.27 8.48
N GLU A 25 -0.24 8.13 7.20
CA GLU A 25 1.18 8.08 6.75
C GLU A 25 1.49 9.31 5.90
N THR A 26 2.58 9.97 6.16
CA THR A 26 2.94 11.18 5.37
C THR A 26 4.31 10.97 4.72
N ASP A 27 4.87 9.79 4.85
CA ASP A 27 6.20 9.54 4.25
C ASP A 27 6.03 9.13 2.78
N SER A 28 6.53 9.92 1.87
CA SER A 28 6.39 9.57 0.43
C SER A 28 7.08 8.24 0.16
N LYS A 29 8.19 7.99 0.80
CA LYS A 29 8.92 6.71 0.56
C LYS A 29 8.05 5.53 0.98
N LYS A 30 7.57 5.51 2.19
CA LYS A 30 6.72 4.37 2.64
C LYS A 30 5.38 4.39 1.90
N LEU A 31 4.83 5.54 1.67
CA LEU A 31 3.52 5.63 0.97
C LEU A 31 3.63 4.97 -0.41
N PHE A 32 4.69 5.26 -1.12
CA PHE A 32 4.88 4.65 -2.46
C PHE A 32 5.01 3.14 -2.33
N GLU A 33 5.75 2.67 -1.38
CA GLU A 33 5.92 1.21 -1.20
C GLU A 33 4.56 0.55 -0.94
N MET A 34 3.69 1.22 -0.24
CA MET A 34 2.35 0.64 0.04
C MET A 34 1.59 0.40 -1.27
N ILE A 35 1.63 1.35 -2.16
CA ILE A 35 0.89 1.16 -3.45
C ILE A 35 1.58 0.09 -4.30
N CYS A 36 2.87 0.17 -4.44
CA CYS A 36 3.58 -0.85 -5.27
C CYS A 36 3.51 -2.23 -4.61
N LEU A 37 3.82 -2.31 -3.35
CA LEU A 37 3.80 -3.62 -2.65
C LEU A 37 2.37 -4.17 -2.61
N GLU A 38 1.40 -3.34 -2.36
CA GLU A 38 -0.01 -3.82 -2.30
C GLU A 38 -0.43 -4.41 -3.65
N GLY A 39 0.03 -3.86 -4.73
CA GLY A 39 -0.36 -4.39 -6.06
C GLY A 39 -0.08 -5.89 -6.11
N GLN A 40 0.93 -6.34 -5.42
CA GLN A 40 1.27 -7.78 -5.41
C GLN A 40 0.10 -8.61 -4.89
N GLN A 41 -0.67 -8.09 -3.97
CA GLN A 41 -1.80 -8.87 -3.42
C GLN A 41 -2.71 -9.35 -4.55
N ALA A 42 -2.73 -8.64 -5.65
CA ALA A 42 -3.61 -9.07 -6.78
C ALA A 42 -3.54 -10.60 -6.93
N GLY A 43 -4.63 -11.27 -6.69
CA GLY A 43 -4.63 -12.76 -6.81
C GLY A 43 -4.37 -13.38 -5.44
N LEU A 44 -3.68 -12.67 -4.59
CA LEU A 44 -3.39 -13.20 -3.23
C LEU A 44 -3.94 -12.25 -2.16
N SER A 45 -4.09 -12.72 -0.96
CA SER A 45 -4.63 -11.84 0.12
C SER A 45 -3.49 -10.96 0.66
N TRP A 46 -3.83 -9.88 1.30
CA TRP A 46 -2.77 -8.97 1.84
C TRP A 46 -1.92 -9.72 2.87
N ILE A 47 -2.49 -10.61 3.63
CA ILE A 47 -1.70 -11.34 4.65
C ILE A 47 -0.37 -11.77 4.01
N THR A 48 -0.41 -12.24 2.81
CA THR A 48 0.84 -12.65 2.13
C THR A 48 1.70 -11.40 1.92
N VAL A 49 1.07 -10.30 1.63
CA VAL A 49 1.84 -9.04 1.39
C VAL A 49 2.50 -8.58 2.69
N LEU A 50 1.77 -8.50 3.77
CA LEU A 50 2.38 -8.05 5.06
C LEU A 50 3.61 -8.91 5.38
N LYS A 51 3.44 -10.21 5.44
CA LYS A 51 4.61 -11.09 5.73
C LYS A 51 5.67 -10.80 4.68
N LYS A 52 5.26 -10.70 3.45
CA LYS A 52 6.23 -10.39 2.37
C LYS A 52 6.82 -9.01 2.61
N ARG A 53 6.06 -8.10 3.17
CA ARG A 53 6.60 -6.74 3.39
C ARG A 53 7.97 -6.88 4.04
N GLU A 54 8.09 -7.79 4.98
CA GLU A 54 9.41 -7.98 5.62
C GLU A 54 10.38 -8.64 4.62
N ASN A 55 9.92 -9.64 3.90
CA ASN A 55 10.81 -10.31 2.91
C ASN A 55 11.17 -9.32 1.80
N TYR A 56 10.22 -8.53 1.37
CA TYR A 56 10.49 -7.54 0.29
C TYR A 56 11.62 -6.63 0.72
N ARG A 57 11.61 -6.19 1.95
CA ARG A 57 12.71 -5.31 2.44
C ARG A 57 14.05 -6.02 2.28
N ALA A 58 14.08 -7.30 2.50
CA ALA A 58 15.38 -8.03 2.39
C ALA A 58 15.90 -8.02 0.94
N CYS A 59 15.04 -8.08 -0.03
CA CYS A 59 15.52 -8.12 -1.44
C CYS A 59 15.60 -6.72 -2.08
N PHE A 60 14.63 -5.87 -1.87
CA PHE A 60 14.65 -4.53 -2.54
C PHE A 60 15.30 -3.46 -1.67
N HIS A 61 14.88 -3.31 -0.45
CA HIS A 61 15.47 -2.24 0.42
C HIS A 61 16.98 -2.40 0.48
N GLN A 62 17.47 -3.60 0.43
CA GLN A 62 18.95 -3.80 0.48
C GLN A 62 19.62 -2.95 -0.61
N PHE A 63 18.99 -2.83 -1.75
CA PHE A 63 19.60 -2.02 -2.84
C PHE A 63 18.99 -0.62 -2.82
N ASP A 64 18.17 -0.33 -1.86
CA ASP A 64 17.55 1.03 -1.79
C ASP A 64 16.73 1.27 -3.07
N PRO A 65 15.73 2.10 -2.99
CA PRO A 65 14.85 2.43 -4.15
C PRO A 65 15.58 3.14 -5.28
N VAL A 66 16.59 3.90 -4.98
CA VAL A 66 17.32 4.63 -6.06
C VAL A 66 17.95 3.64 -7.04
N LYS A 67 18.63 2.65 -6.54
CA LYS A 67 19.26 1.65 -7.45
C LYS A 67 18.17 0.88 -8.19
N VAL A 68 17.05 0.68 -7.56
CA VAL A 68 15.94 -0.07 -8.22
C VAL A 68 15.57 0.62 -9.53
N ALA A 69 15.47 1.91 -9.52
CA ALA A 69 15.13 2.64 -10.77
C ALA A 69 16.34 2.59 -11.70
N ALA A 70 17.53 2.51 -11.14
CA ALA A 70 18.75 2.46 -11.97
C ALA A 70 19.31 1.04 -12.00
N MET A 71 18.51 0.06 -11.67
CA MET A 71 19.01 -1.34 -11.68
C MET A 71 19.06 -1.84 -13.13
N GLN A 72 19.97 -2.73 -13.42
CA GLN A 72 20.08 -3.25 -14.82
C GLN A 72 19.37 -4.61 -14.92
N GLU A 73 19.02 -5.00 -16.11
CA GLU A 73 18.33 -6.31 -16.27
C GLU A 73 19.22 -7.42 -15.71
N GLU A 74 20.51 -7.28 -15.84
CA GLU A 74 21.42 -8.32 -15.30
C GLU A 74 21.22 -8.45 -13.80
N ASP A 75 21.00 -7.35 -13.13
CA ASP A 75 20.79 -7.39 -11.65
C ASP A 75 19.51 -8.18 -11.35
N VAL A 76 18.51 -8.03 -12.17
CA VAL A 76 17.23 -8.76 -11.94
C VAL A 76 17.50 -10.27 -12.01
N GLU A 77 18.31 -10.71 -12.94
CA GLU A 77 18.60 -12.16 -13.04
C GLU A 77 19.29 -12.66 -11.77
N ARG A 78 20.14 -11.85 -11.20
CA ARG A 78 20.84 -12.29 -9.96
C ARG A 78 19.82 -12.56 -8.86
N LEU A 79 18.84 -11.71 -8.73
CA LEU A 79 17.80 -11.91 -7.68
C LEU A 79 16.97 -13.15 -8.00
N VAL A 80 16.77 -13.43 -9.25
CA VAL A 80 15.96 -14.63 -9.61
C VAL A 80 16.53 -15.85 -8.89
N GLN A 81 17.83 -15.93 -8.78
CA GLN A 81 18.44 -17.11 -8.08
C GLN A 81 17.95 -17.11 -6.64
N ASP A 82 18.08 -16.01 -5.96
CA ASP A 82 17.58 -15.93 -4.56
C ASP A 82 16.23 -15.22 -4.58
N ALA A 83 15.17 -15.93 -4.29
CA ALA A 83 13.83 -15.30 -4.31
C ALA A 83 13.22 -15.32 -2.90
N GLY A 84 12.60 -16.40 -2.53
CA GLY A 84 11.98 -16.45 -1.17
C GLY A 84 10.88 -15.39 -1.12
N ILE A 85 10.57 -14.83 -2.26
CA ILE A 85 9.51 -13.78 -2.32
C ILE A 85 8.47 -14.17 -3.38
N ILE A 86 7.45 -13.36 -3.54
CA ILE A 86 6.37 -13.68 -4.53
C ILE A 86 6.98 -13.97 -5.91
N ARG A 87 6.19 -13.86 -6.95
CA ARG A 87 6.69 -14.13 -8.32
C ARG A 87 7.97 -13.34 -8.58
N HIS A 88 8.82 -13.85 -9.44
CA HIS A 88 10.11 -13.15 -9.72
C HIS A 88 10.21 -12.82 -11.21
N ARG A 89 11.28 -12.15 -11.59
CA ARG A 89 11.48 -11.79 -13.02
C ARG A 89 10.32 -10.90 -13.51
N GLY A 90 9.19 -11.46 -13.79
CA GLY A 90 8.06 -10.63 -14.28
C GLY A 90 7.66 -9.59 -13.23
N LYS A 91 7.47 -9.99 -12.00
CA LYS A 91 7.10 -9.00 -10.96
C LYS A 91 8.29 -8.10 -10.65
N ILE A 92 9.46 -8.67 -10.48
CA ILE A 92 10.65 -7.82 -10.17
C ILE A 92 10.79 -6.74 -11.26
N GLN A 93 10.62 -7.13 -12.49
CA GLN A 93 10.76 -6.13 -13.59
C GLN A 93 9.75 -5.00 -13.36
N ALA A 94 8.57 -5.31 -12.92
CA ALA A 94 7.55 -4.27 -12.67
C ALA A 94 8.04 -3.32 -11.58
N ILE A 95 8.71 -3.84 -10.58
CA ILE A 95 9.21 -2.95 -9.49
C ILE A 95 10.12 -1.89 -10.07
N ILE A 96 11.00 -2.27 -10.96
CA ILE A 96 11.92 -1.27 -11.58
C ILE A 96 11.11 -0.18 -12.28
N GLY A 97 10.07 -0.55 -12.97
CA GLY A 97 9.26 0.47 -13.69
C GLY A 97 8.64 1.47 -12.71
N ASN A 98 8.13 1.01 -11.59
CA ASN A 98 7.52 1.94 -10.61
C ASN A 98 8.56 2.96 -10.13
N ALA A 99 9.76 2.54 -9.88
CA ALA A 99 10.78 3.51 -9.40
C ALA A 99 11.09 4.54 -10.50
N ARG A 100 11.16 4.10 -11.72
CA ARG A 100 11.46 5.06 -12.83
C ARG A 100 10.33 6.08 -12.95
N ALA A 101 9.10 5.64 -12.86
CA ALA A 101 7.96 6.58 -12.98
C ALA A 101 7.89 7.45 -11.73
N TYR A 102 8.12 6.87 -10.58
CA TYR A 102 8.06 7.64 -9.32
C TYR A 102 9.13 8.75 -9.32
N LEU A 103 10.35 8.43 -9.68
CA LEU A 103 11.42 9.47 -9.68
C LEU A 103 11.12 10.55 -10.72
N GLN A 104 10.62 10.18 -11.87
CA GLN A 104 10.32 11.20 -12.90
C GLN A 104 9.34 12.23 -12.37
N MET A 105 8.34 11.81 -11.65
CA MET A 105 7.35 12.77 -11.10
C MET A 105 8.02 13.71 -10.10
N GLU A 106 8.92 13.19 -9.29
CA GLU A 106 9.61 14.05 -8.29
C GLU A 106 10.46 15.11 -8.99
N GLN A 107 11.04 14.78 -10.11
CA GLN A 107 11.89 15.77 -10.81
C GLN A 107 11.06 17.05 -11.04
N ASN A 108 9.76 16.92 -11.05
CA ASN A 108 8.91 18.11 -11.25
C ASN A 108 8.85 18.93 -9.96
N GLY A 109 9.37 18.41 -8.88
CA GLY A 109 9.34 19.17 -7.59
C GLY A 109 7.99 19.00 -6.92
N GLU A 110 7.23 18.00 -7.32
CA GLU A 110 5.90 17.78 -6.70
C GLU A 110 5.92 16.47 -5.90
N PRO A 111 5.94 16.53 -4.59
CA PRO A 111 5.96 15.31 -3.73
C PRO A 111 4.88 14.31 -4.14
N PHE A 112 5.24 13.06 -4.22
CA PHE A 112 4.25 12.02 -4.61
C PHE A 112 3.15 11.93 -3.55
N ALA A 113 3.53 11.94 -2.31
CA ALA A 113 2.52 11.85 -1.21
C ALA A 113 1.56 13.03 -1.26
N ASP A 114 2.06 14.22 -1.49
CA ASP A 114 1.15 15.40 -1.55
C ASP A 114 0.13 15.18 -2.68
N PHE A 115 0.55 14.58 -3.75
CA PHE A 115 -0.39 14.33 -4.87
C PHE A 115 -1.58 13.52 -4.37
N VAL A 116 -1.31 12.48 -3.62
CA VAL A 116 -2.42 11.64 -3.09
C VAL A 116 -3.29 12.49 -2.16
N TRP A 117 -2.69 13.25 -1.29
CA TRP A 117 -3.49 14.10 -0.37
C TRP A 117 -4.29 15.13 -1.17
N SER A 118 -3.74 15.61 -2.25
CA SER A 118 -4.46 16.62 -3.07
C SER A 118 -5.79 16.05 -3.56
N PHE A 119 -5.84 14.79 -3.89
CA PHE A 119 -7.11 14.19 -4.39
C PHE A 119 -8.18 14.25 -3.29
N VAL A 120 -7.80 14.22 -2.04
CA VAL A 120 -8.80 14.29 -0.94
C VAL A 120 -8.80 15.69 -0.33
N ASN A 121 -8.26 16.65 -1.04
CA ASN A 121 -8.22 18.03 -0.51
C ASN A 121 -7.42 18.07 0.79
N HIS A 122 -6.41 17.26 0.90
CA HIS A 122 -5.59 17.24 2.13
C HIS A 122 -6.50 17.23 3.36
N GLN A 123 -7.67 16.66 3.24
CA GLN A 123 -8.61 16.60 4.39
C GLN A 123 -8.84 15.14 4.80
N PRO A 124 -8.17 14.69 5.84
CA PRO A 124 -8.33 13.28 6.31
C PRO A 124 -9.79 12.90 6.53
N GLN A 125 -10.15 11.67 6.26
CA GLN A 125 -11.56 11.23 6.44
C GLN A 125 -11.63 10.13 7.51
N MET A 126 -12.77 9.97 8.13
CA MET A 126 -12.90 8.91 9.17
C MET A 126 -14.23 8.17 8.99
N THR A 127 -14.31 6.95 9.47
CA THR A 127 -15.59 6.19 9.32
C THR A 127 -16.12 5.85 10.71
N GLN A 128 -17.42 5.65 10.83
CA GLN A 128 -18.01 5.31 12.15
C GLN A 128 -19.22 4.40 11.95
N ALA A 129 -19.01 3.24 11.39
CA ALA A 129 -20.14 2.30 11.15
C ALA A 129 -20.07 1.15 12.16
N THR A 130 -20.17 -0.07 11.70
CA THR A 130 -20.10 -1.23 12.63
C THR A 130 -19.77 -2.50 11.85
N THR A 131 -20.23 -2.60 10.63
CA THR A 131 -19.94 -3.81 9.81
C THR A 131 -19.18 -3.40 8.55
N LEU A 132 -18.40 -4.28 8.01
CA LEU A 132 -17.62 -3.93 6.79
C LEU A 132 -18.58 -3.58 5.65
N SER A 133 -19.72 -4.20 5.61
CA SER A 133 -20.70 -3.90 4.53
C SER A 133 -21.06 -2.41 4.56
N GLU A 134 -21.16 -1.83 5.72
CA GLU A 134 -21.51 -0.39 5.80
C GLU A 134 -20.43 0.45 5.12
N ILE A 135 -19.19 0.00 5.18
CA ILE A 135 -18.09 0.77 4.55
C ILE A 135 -17.99 0.38 3.06
N PRO A 136 -18.23 1.31 2.16
CA PRO A 136 -18.15 1.01 0.70
C PRO A 136 -16.70 0.97 0.20
N THR A 137 -16.33 -0.09 -0.48
CA THR A 137 -14.94 -0.19 -0.99
C THR A 137 -14.81 0.67 -2.23
N SER A 138 -15.91 1.04 -2.84
CA SER A 138 -15.84 1.89 -4.06
C SER A 138 -16.07 3.35 -3.67
N THR A 139 -15.02 4.12 -3.62
CA THR A 139 -15.17 5.56 -3.25
C THR A 139 -14.72 6.42 -4.44
N PRO A 140 -15.28 7.59 -4.59
CA PRO A 140 -14.93 8.51 -5.71
C PRO A 140 -13.45 8.87 -5.72
N ALA A 141 -12.84 8.94 -4.57
CA ALA A 141 -11.39 9.28 -4.52
C ALA A 141 -10.57 8.09 -4.99
N SER A 142 -10.93 6.91 -4.56
CA SER A 142 -10.18 5.69 -4.98
C SER A 142 -10.26 5.55 -6.49
N ASP A 143 -11.43 5.67 -7.05
CA ASP A 143 -11.57 5.54 -8.52
C ASP A 143 -10.77 6.64 -9.22
N ALA A 144 -10.82 7.84 -8.71
CA ALA A 144 -10.06 8.95 -9.35
C ALA A 144 -8.56 8.72 -9.14
N LEU A 145 -8.18 8.28 -7.96
CA LEU A 145 -6.75 8.04 -7.68
C LEU A 145 -6.23 6.94 -8.61
N SER A 146 -6.98 5.90 -8.80
CA SER A 146 -6.51 4.81 -9.69
C SER A 146 -6.25 5.35 -11.09
N LYS A 147 -7.15 6.14 -11.60
CA LYS A 147 -6.95 6.71 -12.96
C LYS A 147 -5.69 7.57 -12.99
N ALA A 148 -5.38 8.24 -11.92
CA ALA A 148 -4.17 9.10 -11.90
C ALA A 148 -2.91 8.22 -11.98
N LEU A 149 -2.86 7.17 -11.23
CA LEU A 149 -1.67 6.27 -11.27
C LEU A 149 -1.54 5.66 -12.66
N LYS A 150 -2.65 5.36 -13.30
CA LYS A 150 -2.59 4.76 -14.66
C LYS A 150 -1.83 5.71 -15.60
N LYS A 151 -1.92 6.99 -15.40
CA LYS A 151 -1.19 7.92 -16.31
C LYS A 151 0.31 7.65 -16.21
N ARG A 152 0.81 7.39 -15.03
CA ARG A 152 2.26 7.10 -14.87
C ARG A 152 2.59 5.76 -15.53
N GLY A 153 1.62 4.93 -15.73
CA GLY A 153 1.87 3.61 -16.37
C GLY A 153 2.14 2.56 -15.28
N PHE A 154 1.50 2.70 -14.15
CA PHE A 154 1.72 1.72 -13.04
C PHE A 154 0.90 0.45 -13.30
N LYS A 155 1.48 -0.69 -13.02
CA LYS A 155 0.77 -1.98 -13.23
C LYS A 155 0.32 -2.54 -11.88
N PHE A 156 -0.55 -3.51 -11.87
CA PHE A 156 -1.02 -4.09 -10.57
C PHE A 156 -1.57 -2.97 -9.69
N VAL A 157 -2.44 -2.15 -10.24
CA VAL A 157 -3.04 -1.03 -9.46
C VAL A 157 -4.55 -1.16 -9.46
N GLY A 158 -5.07 -2.36 -9.61
CA GLY A 158 -6.54 -2.56 -9.63
C GLY A 158 -7.22 -1.62 -8.64
N THR A 159 -8.44 -1.25 -8.92
CA THR A 159 -9.15 -0.32 -8.00
C THR A 159 -9.18 -0.92 -6.60
N THR A 160 -9.14 -2.23 -6.51
CA THR A 160 -9.17 -2.88 -5.16
C THR A 160 -7.90 -2.50 -4.40
N ILE A 161 -6.78 -2.48 -5.08
CA ILE A 161 -5.51 -2.11 -4.41
C ILE A 161 -5.58 -0.66 -3.95
N CYS A 162 -6.23 0.18 -4.71
CA CYS A 162 -6.32 1.61 -4.30
C CYS A 162 -7.10 1.72 -2.99
N TYR A 163 -8.23 1.07 -2.89
CA TYR A 163 -9.02 1.15 -1.63
C TYR A 163 -8.21 0.54 -0.49
N SER A 164 -7.62 -0.60 -0.70
CA SER A 164 -6.81 -1.24 0.37
C SER A 164 -5.69 -0.29 0.77
N PHE A 165 -5.13 0.39 -0.17
CA PHE A 165 -4.04 1.35 0.13
C PHE A 165 -4.55 2.43 1.08
N MET A 166 -5.76 2.90 0.87
CA MET A 166 -6.32 3.94 1.77
C MET A 166 -6.45 3.36 3.19
N GLN A 167 -6.80 2.10 3.29
CA GLN A 167 -6.94 1.47 4.64
C GLN A 167 -5.61 1.58 5.38
N ALA A 168 -4.53 1.31 4.72
CA ALA A 168 -3.21 1.38 5.38
C ALA A 168 -2.71 2.83 5.44
N CYS A 169 -2.69 3.52 4.33
CA CYS A 169 -2.18 4.92 4.34
C CYS A 169 -2.85 5.71 5.47
N GLY A 170 -4.11 5.49 5.69
CA GLY A 170 -4.81 6.22 6.77
C GLY A 170 -5.57 7.43 6.21
N LEU A 171 -5.58 7.61 4.92
CA LEU A 171 -6.32 8.78 4.36
C LEU A 171 -7.74 8.72 4.89
N VAL A 172 -8.25 7.53 5.04
CA VAL A 172 -9.61 7.36 5.58
C VAL A 172 -9.53 6.35 6.72
N ASN A 173 -10.21 6.59 7.81
CA ASN A 173 -10.13 5.62 8.94
C ASN A 173 -11.07 4.45 8.67
N ASP A 174 -10.54 3.35 8.23
CA ASP A 174 -11.39 2.16 7.94
C ASP A 174 -10.93 0.99 8.83
N HIS A 175 -11.53 0.87 9.98
CA HIS A 175 -11.17 -0.24 10.90
C HIS A 175 -12.48 -0.73 11.54
N VAL A 176 -12.98 0.03 12.47
CA VAL A 176 -14.26 -0.31 13.15
C VAL A 176 -14.52 0.76 14.22
N VAL A 177 -15.61 0.70 14.92
CA VAL A 177 -15.89 1.76 15.93
C VAL A 177 -14.87 1.75 17.08
N GLY A 178 -14.56 0.60 17.64
CA GLY A 178 -13.60 0.58 18.78
C GLY A 178 -12.29 -0.12 18.36
N CYS A 179 -12.39 -1.18 17.62
CA CYS A 179 -11.17 -1.92 17.19
C CYS A 179 -10.21 -2.02 18.37
N CYS A 180 -10.71 -1.85 19.55
CA CYS A 180 -9.84 -1.93 20.76
C CYS A 180 -8.70 -0.90 20.65
N CYS A 181 -8.60 -0.22 19.54
CA CYS A 181 -7.52 0.79 19.36
C CYS A 181 -8.12 2.18 19.13
N TYR A 182 -9.01 2.29 18.18
CA TYR A 182 -9.63 3.62 17.89
C TYR A 182 -11.05 3.67 18.48
N PRO A 183 -11.29 4.50 19.47
CA PRO A 183 -12.65 4.60 20.09
C PRO A 183 -13.60 5.45 19.25
N GLY A 184 -13.38 6.74 19.23
CA GLY A 184 -14.26 7.63 18.41
C GLY A 184 -15.38 8.20 19.29
N ASN A 185 -15.42 7.85 20.55
CA ASN A 185 -16.50 8.39 21.43
C ASN A 185 -16.31 7.87 22.86
N LYS A 186 -15.09 7.59 23.24
CA LYS A 186 -14.84 7.09 24.62
C LYS A 186 -13.66 7.86 25.22
N PRO A 187 -13.89 9.05 25.71
CA PRO A 187 -12.85 9.90 26.33
C PRO A 187 -12.58 9.54 27.79
ZN ZN B . -8.80 -2.42 13.32
N MET A 1 -11.62 -5.23 25.31
CA MET A 1 -12.76 -4.76 24.48
C MET A 1 -12.84 -5.58 23.21
N GLU A 2 -13.31 -4.99 22.13
CA GLU A 2 -13.41 -5.74 20.86
C GLU A 2 -12.17 -5.45 20.00
N ARG A 3 -11.74 -6.41 19.23
CA ARG A 3 -10.55 -6.17 18.37
C ARG A 3 -11.00 -5.87 16.94
N CYS A 4 -10.17 -5.21 16.17
CA CYS A 4 -10.56 -4.88 14.78
C CYS A 4 -11.00 -6.16 14.05
N GLY A 5 -12.08 -6.09 13.33
CA GLY A 5 -12.59 -7.30 12.60
C GLY A 5 -11.52 -7.81 11.63
N TRP A 6 -10.76 -6.94 11.04
CA TRP A 6 -9.71 -7.41 10.07
C TRP A 6 -8.83 -8.45 10.75
N VAL A 7 -8.71 -8.38 12.04
CA VAL A 7 -7.87 -9.37 12.78
C VAL A 7 -8.28 -10.79 12.39
N SER A 8 -9.57 -11.04 12.32
CA SER A 8 -10.05 -12.40 11.95
C SER A 8 -9.17 -13.47 12.59
N GLN A 9 -8.13 -13.89 11.91
CA GLN A 9 -7.23 -14.94 12.46
C GLN A 9 -5.78 -14.60 12.12
N ASP A 10 -4.84 -15.30 12.71
CA ASP A 10 -3.39 -15.02 12.44
C ASP A 10 -2.92 -13.86 13.33
N PRO A 11 -2.42 -14.15 14.50
CA PRO A 11 -1.93 -13.11 15.46
C PRO A 11 -0.93 -12.15 14.81
N LEU A 12 -0.34 -12.54 13.71
CA LEU A 12 0.65 -11.65 13.05
C LEU A 12 -0.06 -10.37 12.60
N TYR A 13 -1.28 -10.48 12.15
CA TYR A 13 -2.02 -9.27 11.71
C TYR A 13 -2.14 -8.28 12.87
N ILE A 14 -2.47 -8.75 14.04
CA ILE A 14 -2.61 -7.83 15.20
C ILE A 14 -1.29 -7.12 15.47
N ALA A 15 -0.18 -7.80 15.30
CA ALA A 15 1.13 -7.13 15.53
C ALA A 15 1.25 -5.97 14.54
N TYR A 16 0.85 -6.20 13.32
CA TYR A 16 0.91 -5.13 12.28
C TYR A 16 -0.17 -4.09 12.57
N HIS A 17 -1.28 -4.53 13.10
CA HIS A 17 -2.41 -3.59 13.41
C HIS A 17 -1.90 -2.43 14.27
N ASP A 18 -1.09 -2.70 15.25
CA ASP A 18 -0.59 -1.60 16.13
C ASP A 18 0.80 -1.13 15.67
N ASN A 19 1.51 -1.94 14.94
CA ASN A 19 2.87 -1.51 14.49
C ASN A 19 2.80 -0.22 13.67
N GLU A 20 1.87 -0.15 12.75
CA GLU A 20 1.74 1.08 11.91
C GLU A 20 0.65 0.85 10.87
N TRP A 21 -0.56 0.66 11.31
CA TRP A 21 -1.68 0.40 10.35
C TRP A 21 -2.87 1.30 10.68
N GLY A 22 -3.29 2.10 9.75
CA GLY A 22 -4.44 3.01 9.99
C GLY A 22 -3.92 4.40 10.31
N VAL A 23 -2.68 4.51 10.73
CA VAL A 23 -2.10 5.83 11.05
C VAL A 23 -1.75 6.55 9.74
N PRO A 24 -1.98 7.83 9.64
CA PRO A 24 -1.69 8.60 8.40
C PRO A 24 -0.18 8.63 8.09
N GLU A 25 0.20 8.22 6.90
CA GLU A 25 1.64 8.24 6.54
C GLU A 25 1.90 9.39 5.57
N THR A 26 2.88 10.21 5.86
CA THR A 26 3.19 11.36 4.96
C THR A 26 4.55 11.13 4.31
N ASP A 27 5.17 10.02 4.57
CA ASP A 27 6.50 9.75 3.96
C ASP A 27 6.31 9.24 2.53
N SER A 28 6.88 9.92 1.57
CA SER A 28 6.72 9.46 0.17
C SER A 28 7.31 8.06 0.01
N LYS A 29 8.38 7.78 0.70
CA LYS A 29 9.00 6.42 0.60
C LYS A 29 7.98 5.36 1.04
N LYS A 30 7.31 5.58 2.13
CA LYS A 30 6.30 4.58 2.60
C LYS A 30 5.15 4.51 1.61
N LEU A 31 4.74 5.61 1.06
CA LEU A 31 3.61 5.60 0.08
C LEU A 31 4.02 4.83 -1.17
N PHE A 32 5.21 5.05 -1.64
CA PHE A 32 5.68 4.34 -2.87
C PHE A 32 5.73 2.83 -2.66
N GLU A 33 6.38 2.38 -1.61
CA GLU A 33 6.48 0.91 -1.37
C GLU A 33 5.10 0.32 -1.06
N MET A 34 4.26 1.06 -0.41
CA MET A 34 2.92 0.52 -0.05
C MET A 34 2.11 0.17 -1.32
N ILE A 35 1.98 1.08 -2.24
CA ILE A 35 1.21 0.79 -3.47
C ILE A 35 1.92 -0.26 -4.32
N CYS A 36 3.22 -0.27 -4.32
CA CYS A 36 3.96 -1.28 -5.16
C CYS A 36 3.71 -2.68 -4.60
N LEU A 37 3.87 -2.85 -3.33
CA LEU A 37 3.63 -4.20 -2.72
C LEU A 37 2.14 -4.54 -2.79
N GLU A 38 1.30 -3.55 -2.74
CA GLU A 38 -0.16 -3.80 -2.78
C GLU A 38 -0.52 -4.66 -4.00
N GLY A 39 0.12 -4.45 -5.10
CA GLY A 39 -0.19 -5.26 -6.31
C GLY A 39 0.10 -6.75 -6.05
N GLN A 40 1.07 -7.02 -5.23
CA GLN A 40 1.42 -8.45 -4.93
C GLN A 40 0.19 -9.19 -4.40
N GLN A 41 -0.68 -8.52 -3.70
CA GLN A 41 -1.88 -9.20 -3.14
C GLN A 41 -2.67 -9.88 -4.25
N ALA A 42 -2.62 -9.39 -5.46
CA ALA A 42 -3.40 -10.04 -6.55
C ALA A 42 -3.28 -11.55 -6.41
N GLY A 43 -4.35 -12.21 -6.02
CA GLY A 43 -4.31 -13.68 -5.87
C GLY A 43 -3.95 -14.04 -4.41
N LEU A 44 -3.32 -13.13 -3.70
CA LEU A 44 -2.94 -13.39 -2.29
C LEU A 44 -3.59 -12.35 -1.38
N SER A 45 -3.77 -12.70 -0.14
CA SER A 45 -4.41 -11.76 0.84
C SER A 45 -3.34 -10.88 1.49
N TRP A 46 -3.74 -9.81 2.12
CA TRP A 46 -2.77 -8.89 2.78
C TRP A 46 -1.96 -9.60 3.85
N ILE A 47 -2.57 -10.45 4.64
CA ILE A 47 -1.81 -11.14 5.73
C ILE A 47 -0.60 -11.89 5.14
N THR A 48 -0.76 -12.52 4.02
CA THR A 48 0.38 -13.25 3.42
C THR A 48 1.46 -12.25 3.00
N VAL A 49 1.06 -11.14 2.44
CA VAL A 49 2.02 -10.12 1.98
C VAL A 49 2.82 -9.54 3.16
N LEU A 50 2.22 -9.43 4.31
CA LEU A 50 2.99 -8.86 5.47
C LEU A 50 4.29 -9.66 5.65
N LYS A 51 4.21 -10.96 5.64
CA LYS A 51 5.45 -11.78 5.79
C LYS A 51 6.38 -11.46 4.62
N LYS A 52 5.84 -11.45 3.43
CA LYS A 52 6.68 -11.13 2.24
C LYS A 52 7.15 -9.68 2.33
N ARG A 53 6.38 -8.82 2.94
CA ARG A 53 6.78 -7.40 3.05
C ARG A 53 8.15 -7.30 3.71
N GLU A 54 8.39 -8.05 4.74
CA GLU A 54 9.72 -8.00 5.40
C GLU A 54 10.77 -8.57 4.44
N ASN A 55 10.46 -9.67 3.81
CA ASN A 55 11.44 -10.27 2.85
C ASN A 55 11.64 -9.31 1.67
N TYR A 56 10.59 -8.64 1.26
CA TYR A 56 10.71 -7.68 0.13
C TYR A 56 11.74 -6.60 0.46
N ARG A 57 11.71 -6.10 1.67
CA ARG A 57 12.69 -5.04 2.03
C ARG A 57 14.11 -5.60 1.91
N ALA A 58 14.31 -6.83 2.27
CA ALA A 58 15.68 -7.42 2.17
C ALA A 58 16.15 -7.42 0.72
N CYS A 59 15.25 -7.59 -0.21
CA CYS A 59 15.67 -7.63 -1.64
C CYS A 59 15.63 -6.23 -2.28
N PHE A 60 14.86 -5.32 -1.74
CA PHE A 60 14.79 -3.95 -2.36
C PHE A 60 15.25 -2.86 -1.39
N HIS A 61 14.80 -2.88 -0.17
CA HIS A 61 15.23 -1.81 0.78
C HIS A 61 16.75 -1.72 0.80
N GLN A 62 17.42 -2.84 0.74
CA GLN A 62 18.91 -2.82 0.75
C GLN A 62 19.42 -1.95 -0.40
N PHE A 63 18.72 -1.93 -1.51
CA PHE A 63 19.17 -1.11 -2.67
C PHE A 63 18.45 0.25 -2.66
N ASP A 64 17.64 0.51 -1.68
CA ASP A 64 16.93 1.82 -1.66
C ASP A 64 16.14 2.00 -2.97
N PRO A 65 15.22 2.91 -2.99
CA PRO A 65 14.37 3.18 -4.18
C PRO A 65 15.13 3.83 -5.35
N VAL A 66 16.14 4.60 -5.06
CA VAL A 66 16.90 5.26 -6.16
C VAL A 66 17.51 4.21 -7.09
N LYS A 67 18.16 3.22 -6.54
CA LYS A 67 18.79 2.18 -7.40
C LYS A 67 17.71 1.39 -8.14
N VAL A 68 16.57 1.21 -7.52
CA VAL A 68 15.48 0.43 -8.19
C VAL A 68 15.13 1.10 -9.52
N ALA A 69 15.04 2.39 -9.54
CA ALA A 69 14.73 3.10 -10.81
C ALA A 69 15.96 3.03 -11.70
N ALA A 70 17.11 2.91 -11.11
CA ALA A 70 18.37 2.85 -11.91
C ALA A 70 18.91 1.42 -11.95
N MET A 71 18.08 0.45 -11.66
CA MET A 71 18.56 -0.97 -11.70
C MET A 71 18.55 -1.46 -13.14
N GLN A 72 19.36 -2.44 -13.46
CA GLN A 72 19.41 -2.94 -14.86
C GLN A 72 18.70 -4.30 -14.94
N GLU A 73 18.32 -4.70 -16.12
CA GLU A 73 17.62 -6.00 -16.28
C GLU A 73 18.50 -7.12 -15.73
N GLU A 74 19.79 -6.97 -15.79
CA GLU A 74 20.69 -8.04 -15.25
C GLU A 74 20.36 -8.27 -13.79
N ASP A 75 20.08 -7.22 -13.06
CA ASP A 75 19.74 -7.38 -11.62
C ASP A 75 18.48 -8.25 -11.49
N VAL A 76 17.54 -8.05 -12.38
CA VAL A 76 16.29 -8.86 -12.32
C VAL A 76 16.63 -10.34 -12.43
N GLU A 77 17.53 -10.68 -13.32
CA GLU A 77 17.91 -12.11 -13.49
C GLU A 77 18.48 -12.64 -12.17
N ARG A 78 19.20 -11.82 -11.45
CA ARG A 78 19.78 -12.28 -10.17
C ARG A 78 18.66 -12.72 -9.22
N LEU A 79 17.61 -11.95 -9.15
CA LEU A 79 16.49 -12.32 -8.25
C LEU A 79 15.77 -13.56 -8.77
N VAL A 80 15.74 -13.73 -10.05
CA VAL A 80 15.06 -14.94 -10.59
C VAL A 80 15.64 -16.18 -9.90
N GLN A 81 16.92 -16.19 -9.65
CA GLN A 81 17.54 -17.36 -8.97
C GLN A 81 17.04 -17.42 -7.52
N ASP A 82 17.14 -16.33 -6.81
CA ASP A 82 16.67 -16.33 -5.39
C ASP A 82 15.26 -15.74 -5.35
N ALA A 83 14.29 -16.50 -4.91
CA ALA A 83 12.89 -15.97 -4.87
C ALA A 83 12.35 -16.02 -3.45
N GLY A 84 13.11 -15.55 -2.50
CA GLY A 84 12.61 -15.53 -1.10
C GLY A 84 11.21 -14.93 -1.11
N ILE A 85 10.90 -14.14 -2.10
CA ILE A 85 9.56 -13.52 -2.19
C ILE A 85 8.87 -14.00 -3.48
N ILE A 86 7.60 -13.74 -3.64
CA ILE A 86 6.91 -14.19 -4.88
C ILE A 86 7.53 -13.53 -6.09
N ARG A 87 8.25 -14.27 -6.86
CA ARG A 87 8.90 -13.71 -8.08
C ARG A 87 8.23 -14.26 -9.34
N HIS A 88 8.27 -13.51 -10.42
CA HIS A 88 7.67 -13.99 -11.69
C HIS A 88 8.41 -13.34 -12.86
N ARG A 89 9.65 -13.00 -12.66
CA ARG A 89 10.47 -12.36 -13.73
C ARG A 89 9.76 -11.11 -14.25
N GLY A 90 8.73 -11.29 -15.04
CA GLY A 90 8.00 -10.11 -15.59
C GLY A 90 7.46 -9.26 -14.44
N LYS A 91 6.96 -9.87 -13.40
CA LYS A 91 6.42 -9.08 -12.26
C LYS A 91 7.56 -8.24 -11.67
N ILE A 92 8.73 -8.81 -11.57
CA ILE A 92 9.87 -8.03 -11.02
C ILE A 92 10.09 -6.78 -11.87
N GLN A 93 10.03 -6.93 -13.17
CA GLN A 93 10.22 -5.75 -14.06
C GLN A 93 9.20 -4.68 -13.67
N ALA A 94 8.02 -5.08 -13.30
CA ALA A 94 6.97 -4.10 -12.91
C ALA A 94 7.49 -3.27 -11.73
N ILE A 95 8.16 -3.89 -10.80
CA ILE A 95 8.69 -3.12 -9.64
C ILE A 95 9.63 -2.03 -10.16
N ILE A 96 10.52 -2.39 -11.06
CA ILE A 96 11.46 -1.37 -11.61
C ILE A 96 10.67 -0.27 -12.31
N GLY A 97 9.64 -0.62 -13.04
CA GLY A 97 8.84 0.40 -13.75
C GLY A 97 8.21 1.38 -12.73
N ASN A 98 7.69 0.87 -11.65
CA ASN A 98 7.09 1.78 -10.63
C ASN A 98 8.15 2.74 -10.12
N ALA A 99 9.35 2.27 -9.93
CA ALA A 99 10.42 3.18 -9.44
C ALA A 99 10.78 4.16 -10.55
N ARG A 100 10.89 3.70 -11.76
CA ARG A 100 11.22 4.60 -12.89
C ARG A 100 10.15 5.68 -13.02
N ALA A 101 8.91 5.30 -12.93
CA ALA A 101 7.81 6.30 -13.04
C ALA A 101 7.83 7.18 -11.78
N TYR A 102 8.11 6.58 -10.65
CA TYR A 102 8.15 7.36 -9.38
C TYR A 102 9.26 8.41 -9.43
N LEU A 103 10.44 8.03 -9.85
CA LEU A 103 11.56 9.02 -9.92
C LEU A 103 11.24 10.08 -10.96
N GLN A 104 10.70 9.69 -12.09
CA GLN A 104 10.36 10.69 -13.13
C GLN A 104 9.34 11.68 -12.58
N MET A 105 8.39 11.22 -11.81
CA MET A 105 7.38 12.14 -11.24
C MET A 105 8.07 13.16 -10.35
N GLU A 106 9.06 12.73 -9.61
CA GLU A 106 9.78 13.69 -8.71
C GLU A 106 10.44 14.79 -9.55
N GLN A 107 10.83 14.48 -10.75
CA GLN A 107 11.47 15.52 -11.61
C GLN A 107 10.54 16.73 -11.67
N ASN A 108 9.26 16.51 -11.56
CA ASN A 108 8.30 17.65 -11.60
C ASN A 108 8.33 18.39 -10.26
N GLY A 109 8.92 17.81 -9.25
CA GLY A 109 8.99 18.48 -7.92
C GLY A 109 7.66 18.29 -7.18
N GLU A 110 6.88 17.33 -7.57
CA GLU A 110 5.57 17.09 -6.90
C GLU A 110 5.66 15.79 -6.08
N PRO A 111 5.73 15.88 -4.77
CA PRO A 111 5.82 14.66 -3.89
C PRO A 111 4.73 13.64 -4.22
N PHE A 112 5.09 12.39 -4.26
CA PHE A 112 4.09 11.34 -4.57
C PHE A 112 3.02 11.30 -3.47
N ALA A 113 3.45 11.33 -2.24
CA ALA A 113 2.46 11.29 -1.12
C ALA A 113 1.55 12.52 -1.18
N ASP A 114 2.10 13.66 -1.48
CA ASP A 114 1.24 14.88 -1.56
C ASP A 114 0.22 14.71 -2.70
N PHE A 115 0.62 14.04 -3.74
CA PHE A 115 -0.29 13.82 -4.90
C PHE A 115 -1.56 13.09 -4.45
N VAL A 116 -1.40 11.99 -3.76
CA VAL A 116 -2.60 11.24 -3.30
C VAL A 116 -3.36 12.06 -2.26
N TRP A 117 -2.66 12.75 -1.40
CA TRP A 117 -3.36 13.58 -0.38
C TRP A 117 -4.22 14.63 -1.08
N SER A 118 -3.73 15.18 -2.16
CA SER A 118 -4.52 16.21 -2.88
C SER A 118 -5.81 15.58 -3.44
N PHE A 119 -5.76 14.33 -3.83
CA PHE A 119 -6.98 13.68 -4.37
C PHE A 119 -8.08 13.67 -3.32
N VAL A 120 -7.72 13.59 -2.06
CA VAL A 120 -8.74 13.58 -1.00
C VAL A 120 -8.81 14.96 -0.33
N ASN A 121 -8.35 15.97 -1.03
CA ASN A 121 -8.39 17.36 -0.48
C ASN A 121 -7.63 17.40 0.85
N HIS A 122 -6.56 16.68 0.96
CA HIS A 122 -5.78 16.69 2.22
C HIS A 122 -6.74 16.54 3.41
N GLN A 123 -7.84 15.85 3.20
CA GLN A 123 -8.82 15.68 4.31
C GLN A 123 -9.00 14.17 4.58
N PRO A 124 -8.43 13.66 5.65
CA PRO A 124 -8.55 12.22 5.99
C PRO A 124 -10.02 11.83 6.23
N GLN A 125 -10.36 10.59 5.98
CA GLN A 125 -11.77 10.16 6.19
C GLN A 125 -11.85 9.27 7.44
N MET A 126 -12.94 9.33 8.14
CA MET A 126 -13.11 8.49 9.37
C MET A 126 -14.26 7.50 9.13
N THR A 127 -14.26 6.40 9.83
CA THR A 127 -15.35 5.41 9.63
C THR A 127 -16.37 5.47 10.77
N GLN A 128 -17.60 5.15 10.47
CA GLN A 128 -18.66 5.17 11.51
C GLN A 128 -19.62 4.01 11.21
N ALA A 129 -19.07 2.89 10.82
CA ALA A 129 -19.92 1.71 10.51
C ALA A 129 -19.80 0.69 11.63
N THR A 130 -20.67 -0.29 11.65
CA THR A 130 -20.61 -1.32 12.73
C THR A 130 -19.93 -2.59 12.19
N THR A 131 -20.04 -2.82 10.90
CA THR A 131 -19.42 -4.05 10.31
C THR A 131 -18.49 -3.63 9.18
N LEU A 132 -17.48 -4.41 8.93
CA LEU A 132 -16.52 -4.09 7.84
C LEU A 132 -17.28 -4.04 6.51
N SER A 133 -18.28 -4.85 6.36
CA SER A 133 -19.06 -4.86 5.08
C SER A 133 -19.73 -3.51 4.86
N GLU A 134 -20.12 -2.83 5.90
CA GLU A 134 -20.79 -1.51 5.72
C GLU A 134 -19.81 -0.53 5.07
N ILE A 135 -18.54 -0.66 5.33
CA ILE A 135 -17.54 0.26 4.74
C ILE A 135 -17.41 -0.04 3.24
N PRO A 136 -17.54 0.96 2.38
CA PRO A 136 -17.44 0.75 0.91
C PRO A 136 -16.00 0.47 0.48
N THR A 137 -15.82 -0.47 -0.42
CA THR A 137 -14.44 -0.80 -0.88
C THR A 137 -14.16 -0.03 -2.18
N SER A 138 -15.12 0.72 -2.64
CA SER A 138 -14.91 1.49 -3.90
C SER A 138 -15.35 2.94 -3.68
N THR A 139 -14.43 3.79 -3.32
CA THR A 139 -14.80 5.22 -3.10
C THR A 139 -14.47 6.02 -4.37
N PRO A 140 -15.18 7.09 -4.64
CA PRO A 140 -14.91 7.93 -5.84
C PRO A 140 -13.43 8.25 -6.01
N ALA A 141 -12.74 8.48 -4.92
CA ALA A 141 -11.29 8.81 -5.02
C ALA A 141 -10.52 7.58 -5.52
N SER A 142 -10.91 6.41 -5.10
CA SER A 142 -10.20 5.19 -5.55
C SER A 142 -10.38 5.01 -7.06
N ASP A 143 -11.55 5.27 -7.56
CA ASP A 143 -11.78 5.11 -9.02
C ASP A 143 -10.95 6.14 -9.78
N ALA A 144 -10.98 7.36 -9.37
CA ALA A 144 -10.19 8.42 -10.06
C ALA A 144 -8.70 8.21 -9.78
N LEU A 145 -8.38 7.84 -8.57
CA LEU A 145 -6.95 7.61 -8.22
C LEU A 145 -6.35 6.55 -9.13
N SER A 146 -7.01 5.44 -9.29
CA SER A 146 -6.46 4.37 -10.16
C SER A 146 -6.27 4.91 -11.59
N LYS A 147 -7.20 5.67 -12.06
CA LYS A 147 -7.07 6.22 -13.44
C LYS A 147 -5.83 7.10 -13.52
N ALA A 148 -5.56 7.86 -12.49
CA ALA A 148 -4.37 8.75 -12.51
C ALA A 148 -3.10 7.90 -12.50
N LEU A 149 -2.98 6.98 -11.58
CA LEU A 149 -1.76 6.12 -11.54
C LEU A 149 -1.69 5.33 -12.83
N LYS A 150 -2.82 4.96 -13.38
CA LYS A 150 -2.80 4.18 -14.65
C LYS A 150 -2.06 4.97 -15.73
N LYS A 151 -2.33 6.25 -15.82
CA LYS A 151 -1.64 7.08 -16.84
C LYS A 151 -0.14 7.10 -16.53
N ARG A 152 0.20 7.10 -15.27
CA ARG A 152 1.64 7.15 -14.88
C ARG A 152 2.35 5.88 -15.39
N GLY A 153 1.60 4.85 -15.68
CA GLY A 153 2.24 3.60 -16.19
C GLY A 153 2.36 2.55 -15.07
N PHE A 154 1.45 2.57 -14.12
CA PHE A 154 1.52 1.57 -13.02
C PHE A 154 0.64 0.37 -13.34
N LYS A 155 1.20 -0.82 -13.25
CA LYS A 155 0.40 -2.04 -13.56
C LYS A 155 -0.14 -2.62 -12.24
N PHE A 156 -1.22 -3.36 -12.32
CA PHE A 156 -1.81 -3.96 -11.08
C PHE A 156 -2.35 -2.84 -10.20
N VAL A 157 -2.93 -1.84 -10.82
CA VAL A 157 -3.49 -0.69 -10.05
C VAL A 157 -5.01 -0.78 -10.04
N GLY A 158 -5.56 -1.95 -10.19
CA GLY A 158 -7.05 -2.09 -10.20
C GLY A 158 -7.63 -1.21 -9.10
N THR A 159 -8.87 -0.83 -9.24
CA THR A 159 -9.51 0.04 -8.21
C THR A 159 -9.39 -0.64 -6.84
N THR A 160 -9.33 -1.95 -6.82
CA THR A 160 -9.23 -2.66 -5.51
C THR A 160 -7.85 -2.41 -4.89
N ILE A 161 -6.82 -2.37 -5.70
CA ILE A 161 -5.46 -2.12 -5.15
C ILE A 161 -5.40 -0.71 -4.56
N CYS A 162 -5.94 0.25 -5.24
CA CYS A 162 -5.92 1.64 -4.73
C CYS A 162 -6.65 1.71 -3.39
N TYR A 163 -7.79 1.09 -3.29
CA TYR A 163 -8.54 1.13 -2.00
C TYR A 163 -7.69 0.51 -0.88
N SER A 164 -7.04 -0.60 -1.16
CA SER A 164 -6.21 -1.24 -0.11
C SER A 164 -5.10 -0.28 0.34
N PHE A 165 -4.49 0.42 -0.59
CA PHE A 165 -3.42 1.37 -0.20
C PHE A 165 -3.99 2.43 0.74
N MET A 166 -5.18 2.90 0.46
CA MET A 166 -5.79 3.92 1.34
C MET A 166 -5.89 3.36 2.77
N GLN A 167 -6.20 2.10 2.88
CA GLN A 167 -6.31 1.47 4.22
C GLN A 167 -4.93 1.36 4.89
N ALA A 168 -3.96 0.87 4.17
CA ALA A 168 -2.60 0.70 4.76
C ALA A 168 -1.95 2.05 5.06
N CYS A 169 -2.01 2.97 4.13
CA CYS A 169 -1.37 4.30 4.36
C CYS A 169 -2.02 4.99 5.57
N GLY A 170 -3.30 4.81 5.76
CA GLY A 170 -3.97 5.45 6.93
C GLY A 170 -4.72 6.71 6.47
N LEU A 171 -4.78 6.96 5.19
CA LEU A 171 -5.52 8.16 4.71
C LEU A 171 -6.93 8.15 5.31
N VAL A 172 -7.49 6.99 5.48
CA VAL A 172 -8.85 6.88 6.07
C VAL A 172 -8.76 6.04 7.34
N ASN A 173 -9.61 6.27 8.30
CA ASN A 173 -9.54 5.47 9.56
C ASN A 173 -10.61 4.38 9.51
N ASP A 174 -10.20 3.17 9.21
CA ASP A 174 -11.16 2.04 9.16
C ASP A 174 -10.73 0.97 10.17
N HIS A 175 -11.23 1.06 11.37
CA HIS A 175 -10.86 0.04 12.41
C HIS A 175 -12.13 -0.66 12.90
N VAL A 176 -13.19 0.11 13.03
CA VAL A 176 -14.52 -0.42 13.50
C VAL A 176 -14.78 0.04 14.94
N VAL A 177 -16.01 0.34 15.26
CA VAL A 177 -16.34 0.80 16.63
C VAL A 177 -16.01 -0.30 17.65
N GLY A 178 -15.31 0.04 18.70
CA GLY A 178 -14.96 -0.98 19.73
C GLY A 178 -13.57 -1.55 19.47
N CYS A 179 -12.83 -0.99 18.56
CA CYS A 179 -11.47 -1.52 18.28
C CYS A 179 -10.54 -1.23 19.46
N CYS A 180 -10.46 -2.13 20.41
CA CYS A 180 -9.58 -1.91 21.58
C CYS A 180 -10.08 -0.71 22.39
N CYS A 181 -10.22 0.42 21.76
CA CYS A 181 -10.72 1.62 22.48
C CYS A 181 -10.92 2.76 21.47
N TYR A 182 -11.91 2.66 20.64
CA TYR A 182 -12.16 3.74 19.63
C TYR A 182 -13.57 4.31 19.83
N PRO A 183 -13.75 5.17 20.79
CA PRO A 183 -15.05 5.79 21.10
C PRO A 183 -15.34 7.00 20.20
N GLY A 184 -14.41 7.91 20.11
CA GLY A 184 -14.63 9.12 19.27
C GLY A 184 -15.23 10.23 20.12
N ASN A 185 -15.35 10.01 21.40
CA ASN A 185 -15.93 11.04 22.29
C ASN A 185 -17.32 11.41 21.79
N LYS A 186 -18.06 10.46 21.28
CA LYS A 186 -19.43 10.76 20.79
C LYS A 186 -20.33 9.54 21.01
N PRO A 187 -20.83 9.39 22.22
CA PRO A 187 -21.73 8.26 22.58
C PRO A 187 -23.18 8.52 22.16
ZN ZN B . -8.17 -1.26 15.05
N MET A 1 -10.52 -4.83 25.40
CA MET A 1 -9.93 -4.49 24.06
C MET A 1 -10.73 -5.19 22.96
N GLU A 2 -11.34 -4.43 22.09
CA GLU A 2 -12.15 -5.05 21.00
C GLU A 2 -11.37 -4.96 19.68
N ARG A 3 -11.66 -5.85 18.76
CA ARG A 3 -10.94 -5.83 17.45
C ARG A 3 -11.95 -5.62 16.32
N CYS A 4 -11.51 -5.10 15.21
CA CYS A 4 -12.46 -4.88 14.07
C CYS A 4 -12.62 -6.19 13.29
N GLY A 5 -13.68 -6.32 12.55
CA GLY A 5 -13.92 -7.57 11.76
C GLY A 5 -12.74 -7.84 10.82
N TRP A 6 -11.98 -6.84 10.49
CA TRP A 6 -10.83 -7.05 9.55
C TRP A 6 -9.96 -8.21 10.05
N VAL A 7 -9.79 -8.36 11.34
CA VAL A 7 -8.96 -9.47 11.86
C VAL A 7 -9.59 -10.81 11.48
N SER A 8 -8.78 -11.76 11.09
CA SER A 8 -9.33 -13.09 10.69
C SER A 8 -8.64 -14.20 11.51
N GLN A 9 -8.54 -14.03 12.79
CA GLN A 9 -7.88 -15.06 13.64
C GLN A 9 -6.45 -15.29 13.14
N ASP A 10 -5.73 -14.23 12.87
CA ASP A 10 -4.33 -14.36 12.39
C ASP A 10 -3.40 -13.57 13.32
N PRO A 11 -2.79 -14.22 14.28
CA PRO A 11 -1.87 -13.55 15.25
C PRO A 11 -0.86 -12.63 14.53
N LEU A 12 -0.35 -13.04 13.41
CA LEU A 12 0.62 -12.17 12.69
C LEU A 12 -0.12 -10.90 12.22
N TYR A 13 -1.31 -11.07 11.71
CA TYR A 13 -2.09 -9.88 11.24
C TYR A 13 -2.54 -9.06 12.47
N ILE A 14 -3.06 -9.71 13.47
CA ILE A 14 -3.51 -8.97 14.68
C ILE A 14 -2.32 -8.25 15.32
N ALA A 15 -1.17 -8.88 15.36
CA ALA A 15 0.01 -8.19 15.95
C ALA A 15 0.29 -6.94 15.13
N TYR A 16 0.21 -7.05 13.84
CA TYR A 16 0.45 -5.88 12.96
C TYR A 16 -0.66 -4.85 13.19
N HIS A 17 -1.86 -5.32 13.41
CA HIS A 17 -3.01 -4.40 13.64
C HIS A 17 -2.72 -3.48 14.83
N ASP A 18 -2.32 -4.05 15.94
CA ASP A 18 -2.03 -3.22 17.14
C ASP A 18 -0.78 -2.36 16.91
N ASN A 19 0.23 -2.90 16.29
CA ASN A 19 1.48 -2.11 16.06
C ASN A 19 1.15 -0.83 15.27
N GLU A 20 0.41 -0.93 14.21
CA GLU A 20 0.07 0.28 13.42
C GLU A 20 -1.20 0.01 12.60
N TRP A 21 -1.07 -0.10 11.31
CA TRP A 21 -2.26 -0.39 10.46
C TRP A 21 -3.34 0.67 10.71
N GLY A 22 -3.38 1.68 9.89
CA GLY A 22 -4.39 2.76 10.07
C GLY A 22 -3.72 4.00 10.65
N VAL A 23 -2.43 3.94 10.87
CA VAL A 23 -1.70 5.11 11.41
C VAL A 23 -1.38 6.07 10.26
N PRO A 24 -1.82 7.32 10.32
CA PRO A 24 -1.56 8.30 9.24
C PRO A 24 -0.09 8.33 8.80
N GLU A 25 0.14 8.21 7.51
CA GLU A 25 1.54 8.24 7.01
C GLU A 25 1.73 9.48 6.12
N THR A 26 2.79 10.22 6.33
CA THR A 26 3.03 11.44 5.51
C THR A 26 4.33 11.29 4.72
N ASP A 27 4.97 10.15 4.80
CA ASP A 27 6.25 9.96 4.05
C ASP A 27 5.94 9.53 2.61
N SER A 28 6.25 10.35 1.65
CA SER A 28 5.98 9.99 0.23
C SER A 28 6.69 8.69 -0.13
N LYS A 29 7.89 8.51 0.34
CA LYS A 29 8.63 7.27 0.02
C LYS A 29 7.85 6.07 0.56
N LYS A 30 7.31 6.19 1.75
CA LYS A 30 6.54 5.06 2.33
C LYS A 30 5.22 4.88 1.57
N LEU A 31 4.51 5.96 1.31
CA LEU A 31 3.22 5.82 0.57
C LEU A 31 3.45 5.17 -0.79
N PHE A 32 4.42 5.63 -1.52
CA PHE A 32 4.71 5.03 -2.85
C PHE A 32 5.13 3.58 -2.66
N GLU A 33 6.01 3.32 -1.73
CA GLU A 33 6.47 1.92 -1.49
C GLU A 33 5.30 1.07 -1.02
N MET A 34 4.39 1.65 -0.29
CA MET A 34 3.23 0.87 0.23
C MET A 34 2.42 0.28 -0.94
N ILE A 35 2.06 1.09 -1.90
CA ILE A 35 1.26 0.56 -3.05
C ILE A 35 2.10 -0.40 -3.89
N CYS A 36 3.39 -0.19 -3.97
CA CYS A 36 4.24 -1.10 -4.79
C CYS A 36 4.17 -2.51 -4.20
N LEU A 37 4.26 -2.63 -2.92
CA LEU A 37 4.22 -3.98 -2.28
C LEU A 37 2.83 -4.59 -2.48
N GLU A 38 1.80 -3.80 -2.44
CA GLU A 38 0.43 -4.35 -2.61
C GLU A 38 0.31 -5.04 -3.98
N GLY A 39 1.06 -4.60 -4.95
CA GLY A 39 0.97 -5.25 -6.30
C GLY A 39 1.04 -6.76 -6.13
N GLN A 40 1.90 -7.24 -5.28
CA GLN A 40 2.02 -8.72 -5.08
C GLN A 40 0.69 -9.26 -4.53
N GLN A 41 0.02 -8.51 -3.69
CA GLN A 41 -1.26 -8.99 -3.13
C GLN A 41 -2.20 -9.41 -4.27
N ALA A 42 -2.16 -8.71 -5.37
CA ALA A 42 -3.05 -9.07 -6.50
C ALA A 42 -3.08 -10.59 -6.67
N GLY A 43 -4.19 -11.20 -6.35
CA GLY A 43 -4.31 -12.68 -6.49
C GLY A 43 -4.02 -13.36 -5.15
N LEU A 44 -3.48 -12.63 -4.20
CA LEU A 44 -3.18 -13.24 -2.87
C LEU A 44 -4.01 -12.55 -1.79
N SER A 45 -3.48 -12.47 -0.60
CA SER A 45 -4.23 -11.82 0.51
C SER A 45 -3.28 -10.98 1.36
N TRP A 46 -3.80 -10.04 2.09
CA TRP A 46 -2.95 -9.14 2.93
C TRP A 46 -2.00 -9.97 3.82
N ILE A 47 -2.48 -11.02 4.42
CA ILE A 47 -1.58 -11.83 5.30
C ILE A 47 -0.41 -12.40 4.49
N THR A 48 -0.63 -12.78 3.27
CA THR A 48 0.48 -13.33 2.46
C THR A 48 1.53 -12.25 2.21
N VAL A 49 1.10 -11.04 1.98
CA VAL A 49 2.06 -9.93 1.71
C VAL A 49 2.91 -9.62 2.94
N LEU A 50 2.35 -9.65 4.12
CA LEU A 50 3.15 -9.33 5.34
C LEU A 50 4.41 -10.22 5.39
N LYS A 51 4.24 -11.51 5.34
CA LYS A 51 5.44 -12.40 5.39
C LYS A 51 6.38 -12.02 4.25
N LYS A 52 5.84 -11.84 3.07
CA LYS A 52 6.68 -11.46 1.91
C LYS A 52 7.24 -10.06 2.11
N ARG A 53 6.55 -9.23 2.84
CA ARG A 53 7.05 -7.85 3.07
C ARG A 53 8.46 -7.93 3.61
N GLU A 54 8.69 -8.80 4.56
CA GLU A 54 10.06 -8.94 5.11
C GLU A 54 10.97 -9.54 4.04
N ASN A 55 10.48 -10.49 3.30
CA ASN A 55 11.31 -11.11 2.24
C ASN A 55 11.61 -10.06 1.14
N TYR A 56 10.67 -9.19 0.87
CA TYR A 56 10.90 -8.17 -0.18
C TYR A 56 12.10 -7.29 0.18
N ARG A 57 12.16 -6.80 1.39
CA ARG A 57 13.34 -5.95 1.76
C ARG A 57 14.58 -6.83 1.85
N ALA A 58 14.42 -8.11 2.06
CA ALA A 58 15.62 -8.99 2.13
C ALA A 58 16.37 -8.90 0.79
N CYS A 59 15.65 -8.92 -0.29
CA CYS A 59 16.29 -8.81 -1.62
C CYS A 59 16.32 -7.35 -2.05
N PHE A 60 15.27 -6.63 -1.75
CA PHE A 60 15.20 -5.19 -2.13
C PHE A 60 15.55 -4.33 -0.92
N HIS A 61 16.35 -4.83 -0.01
CA HIS A 61 16.70 -4.03 1.19
C HIS A 61 17.15 -2.64 0.74
N GLN A 62 17.82 -2.58 -0.37
CA GLN A 62 18.30 -1.26 -0.89
C GLN A 62 17.17 -0.56 -1.63
N PHE A 63 16.54 -1.24 -2.55
CA PHE A 63 15.43 -0.63 -3.32
C PHE A 63 15.76 0.82 -3.67
N ASP A 64 16.99 1.10 -4.02
CA ASP A 64 17.34 2.50 -4.38
C ASP A 64 16.55 2.91 -5.63
N PRO A 65 16.05 4.13 -5.67
CA PRO A 65 15.24 4.61 -6.83
C PRO A 65 16.06 4.70 -8.12
N VAL A 66 17.18 5.36 -8.08
CA VAL A 66 18.01 5.47 -9.32
C VAL A 66 18.57 4.10 -9.71
N LYS A 67 19.10 3.37 -8.77
CA LYS A 67 19.67 2.03 -9.09
C LYS A 67 18.59 1.10 -9.62
N VAL A 68 17.44 1.10 -9.01
CA VAL A 68 16.35 0.20 -9.48
C VAL A 68 15.90 0.60 -10.89
N ALA A 69 15.83 1.88 -11.16
CA ALA A 69 15.42 2.33 -12.51
C ALA A 69 16.51 1.93 -13.51
N ALA A 70 17.73 1.92 -13.05
CA ALA A 70 18.85 1.54 -13.95
C ALA A 70 19.31 0.13 -13.61
N MET A 71 18.45 -0.68 -13.07
CA MET A 71 18.82 -2.08 -12.71
C MET A 71 19.18 -2.84 -13.99
N GLN A 72 19.92 -3.92 -13.87
CA GLN A 72 20.29 -4.69 -15.08
C GLN A 72 19.39 -5.94 -15.16
N GLU A 73 19.16 -6.43 -16.34
CA GLU A 73 18.29 -7.64 -16.48
C GLU A 73 18.91 -8.78 -15.68
N GLU A 74 20.21 -8.81 -15.55
CA GLU A 74 20.85 -9.90 -14.77
C GLU A 74 20.32 -9.87 -13.34
N ASP A 75 20.10 -8.71 -12.79
CA ASP A 75 19.58 -8.63 -11.40
C ASP A 75 18.22 -9.31 -11.33
N VAL A 76 17.40 -9.10 -12.33
CA VAL A 76 16.04 -9.73 -12.32
C VAL A 76 16.19 -11.25 -12.21
N GLU A 77 17.09 -11.81 -12.97
CA GLU A 77 17.28 -13.29 -12.93
C GLU A 77 17.77 -13.71 -11.53
N ARG A 78 18.64 -12.94 -10.94
CA ARG A 78 19.16 -13.28 -9.59
C ARG A 78 18.04 -13.24 -8.54
N LEU A 79 17.23 -12.21 -8.57
CA LEU A 79 16.15 -12.08 -7.55
C LEU A 79 15.15 -13.23 -7.67
N VAL A 80 14.86 -13.67 -8.86
CA VAL A 80 13.89 -14.79 -9.01
C VAL A 80 14.40 -16.00 -8.22
N GLN A 81 15.69 -16.21 -8.20
CA GLN A 81 16.25 -17.37 -7.46
C GLN A 81 16.43 -17.02 -5.98
N ASP A 82 16.50 -15.75 -5.66
CA ASP A 82 16.71 -15.36 -4.23
C ASP A 82 15.38 -15.29 -3.47
N ALA A 83 15.20 -16.15 -2.50
CA ALA A 83 13.94 -16.16 -1.69
C ALA A 83 12.75 -16.52 -2.58
N GLY A 84 12.86 -16.26 -3.85
CA GLY A 84 11.73 -16.58 -4.77
C GLY A 84 10.59 -15.59 -4.54
N ILE A 85 10.43 -15.13 -3.32
CA ILE A 85 9.34 -14.16 -3.00
C ILE A 85 8.13 -14.38 -3.92
N ILE A 86 7.56 -15.56 -3.90
CA ILE A 86 6.40 -15.85 -4.79
C ILE A 86 6.83 -15.58 -6.24
N ARG A 87 6.16 -16.12 -7.21
CA ARG A 87 6.59 -15.83 -8.60
C ARG A 87 6.68 -14.32 -8.73
N HIS A 88 7.75 -13.82 -9.25
CA HIS A 88 7.89 -12.35 -9.35
C HIS A 88 8.71 -11.99 -10.59
N ARG A 89 8.99 -12.95 -11.42
CA ARG A 89 9.77 -12.67 -12.65
C ARG A 89 9.06 -11.57 -13.43
N GLY A 90 7.77 -11.68 -13.59
CA GLY A 90 7.02 -10.63 -14.33
C GLY A 90 6.92 -9.40 -13.45
N LYS A 91 6.57 -9.57 -12.20
CA LYS A 91 6.45 -8.40 -11.28
C LYS A 91 7.82 -7.72 -11.14
N ILE A 92 8.88 -8.47 -11.05
CA ILE A 92 10.22 -7.82 -10.91
C ILE A 92 10.40 -6.85 -12.06
N GLN A 93 10.03 -7.23 -13.26
CA GLN A 93 10.16 -6.31 -14.41
C GLN A 93 9.36 -5.04 -14.11
N ALA A 94 8.25 -5.20 -13.46
CA ALA A 94 7.40 -4.02 -13.11
C ALA A 94 8.17 -3.13 -12.13
N ILE A 95 8.91 -3.72 -11.22
CA ILE A 95 9.68 -2.90 -10.24
C ILE A 95 10.62 -1.97 -10.99
N ILE A 96 11.38 -2.48 -11.93
CA ILE A 96 12.30 -1.62 -12.71
C ILE A 96 11.48 -0.51 -13.39
N GLY A 97 10.41 -0.87 -14.05
CA GLY A 97 9.58 0.15 -14.73
C GLY A 97 8.99 1.10 -13.69
N ASN A 98 8.55 0.58 -12.58
CA ASN A 98 7.97 1.45 -11.52
C ASN A 98 8.99 2.51 -11.10
N ALA A 99 10.24 2.14 -11.00
CA ALA A 99 11.28 3.13 -10.60
C ALA A 99 11.38 4.21 -11.68
N ARG A 100 11.39 3.82 -12.92
CA ARG A 100 11.50 4.83 -14.01
C ARG A 100 10.29 5.75 -13.94
N ALA A 101 9.11 5.22 -13.73
CA ALA A 101 7.92 6.08 -13.64
C ALA A 101 8.00 6.92 -12.36
N TYR A 102 8.47 6.34 -11.29
CA TYR A 102 8.60 7.08 -10.01
C TYR A 102 9.57 8.24 -10.19
N LEU A 103 10.69 8.00 -10.81
CA LEU A 103 11.68 9.08 -11.01
C LEU A 103 11.11 10.16 -11.94
N GLN A 104 10.40 9.76 -12.96
CA GLN A 104 9.82 10.75 -13.90
C GLN A 104 8.87 11.69 -13.15
N MET A 105 8.08 11.17 -12.25
CA MET A 105 7.15 12.05 -11.50
C MET A 105 7.93 13.01 -10.61
N GLU A 106 8.99 12.56 -10.00
CA GLU A 106 9.80 13.45 -9.13
C GLU A 106 10.44 14.56 -9.96
N GLN A 107 10.76 14.28 -11.19
CA GLN A 107 11.40 15.32 -12.04
C GLN A 107 10.53 16.57 -12.00
N ASN A 108 9.24 16.39 -11.96
CA ASN A 108 8.34 17.57 -11.91
C ASN A 108 8.28 18.09 -10.47
N GLY A 109 8.75 17.32 -9.52
CA GLY A 109 8.72 17.78 -8.10
C GLY A 109 7.30 17.67 -7.54
N GLU A 110 6.64 16.57 -7.79
CA GLU A 110 5.24 16.40 -7.27
C GLU A 110 5.14 15.09 -6.49
N PRO A 111 5.48 15.11 -5.22
CA PRO A 111 5.42 13.91 -4.33
C PRO A 111 4.02 13.28 -4.30
N PHE A 112 3.96 11.97 -4.24
CA PHE A 112 2.64 11.29 -4.20
C PHE A 112 1.89 11.73 -2.95
N ALA A 113 2.58 11.84 -1.85
CA ALA A 113 1.90 12.25 -0.60
C ALA A 113 1.27 13.63 -0.77
N ASP A 114 2.01 14.57 -1.30
CA ASP A 114 1.44 15.93 -1.51
C ASP A 114 0.31 15.86 -2.53
N PHE A 115 0.52 15.14 -3.60
CA PHE A 115 -0.55 15.02 -4.64
C PHE A 115 -1.73 14.24 -4.08
N VAL A 116 -1.46 13.16 -3.40
CA VAL A 116 -2.55 12.33 -2.82
C VAL A 116 -3.37 13.17 -1.84
N TRP A 117 -2.72 13.90 -0.98
CA TRP A 117 -3.46 14.74 0.00
C TRP A 117 -4.37 15.72 -0.76
N SER A 118 -3.91 16.21 -1.87
CA SER A 118 -4.74 17.17 -2.65
C SER A 118 -6.05 16.50 -3.10
N PHE A 119 -5.99 15.24 -3.47
CA PHE A 119 -7.22 14.54 -3.92
C PHE A 119 -8.21 14.40 -2.76
N VAL A 120 -7.72 14.26 -1.56
CA VAL A 120 -8.64 14.13 -0.41
C VAL A 120 -8.82 15.49 0.27
N ASN A 121 -8.59 16.54 -0.46
CA ASN A 121 -8.74 17.92 0.11
C ASN A 121 -7.79 18.12 1.29
N HIS A 122 -6.63 17.56 1.20
CA HIS A 122 -5.63 17.71 2.29
C HIS A 122 -6.32 17.64 3.65
N GLN A 123 -7.37 16.87 3.75
CA GLN A 123 -8.09 16.74 5.05
C GLN A 123 -8.26 15.26 5.39
N PRO A 124 -8.13 14.89 6.65
CA PRO A 124 -8.29 13.48 7.07
C PRO A 124 -9.74 13.00 6.97
N GLN A 125 -9.95 11.75 6.65
CA GLN A 125 -11.34 11.23 6.52
C GLN A 125 -11.66 10.32 7.71
N MET A 126 -12.87 10.36 8.17
CA MET A 126 -13.27 9.50 9.32
C MET A 126 -14.51 8.70 8.93
N THR A 127 -14.63 7.48 9.40
CA THR A 127 -15.81 6.66 9.05
C THR A 127 -16.49 6.13 10.31
N GLN A 128 -17.75 5.84 10.23
CA GLN A 128 -18.49 5.32 11.42
C GLN A 128 -19.28 4.07 11.01
N ALA A 129 -18.64 3.16 10.32
CA ALA A 129 -19.34 1.92 9.87
C ALA A 129 -19.39 0.91 11.01
N THR A 130 -20.39 0.08 11.03
CA THR A 130 -20.50 -0.93 12.12
C THR A 130 -20.06 -2.30 11.59
N THR A 131 -20.26 -2.54 10.32
CA THR A 131 -19.85 -3.84 9.74
C THR A 131 -18.97 -3.61 8.51
N LEU A 132 -18.15 -4.57 8.18
CA LEU A 132 -17.26 -4.41 7.00
C LEU A 132 -18.10 -4.20 5.75
N SER A 133 -19.25 -4.82 5.67
CA SER A 133 -20.12 -4.65 4.47
C SER A 133 -20.48 -3.18 4.28
N GLU A 134 -20.74 -2.47 5.34
CA GLU A 134 -21.12 -1.03 5.21
C GLU A 134 -19.93 -0.25 4.63
N ILE A 135 -18.73 -0.63 4.97
CA ILE A 135 -17.55 0.11 4.45
C ILE A 135 -17.36 -0.20 2.95
N PRO A 136 -17.48 0.79 2.09
CA PRO A 136 -17.30 0.58 0.62
C PRO A 136 -15.83 0.58 0.20
N THR A 137 -15.46 -0.29 -0.69
CA THR A 137 -14.05 -0.34 -1.15
C THR A 137 -13.89 0.59 -2.37
N SER A 138 -14.97 1.18 -2.81
CA SER A 138 -14.89 2.09 -3.98
C SER A 138 -15.27 3.50 -3.54
N THR A 139 -14.28 4.34 -3.32
CA THR A 139 -14.56 5.75 -2.91
C THR A 139 -14.06 6.70 -4.00
N PRO A 140 -14.67 7.85 -4.14
CA PRO A 140 -14.26 8.84 -5.17
C PRO A 140 -12.76 9.16 -5.09
N ALA A 141 -12.21 9.20 -3.92
CA ALA A 141 -10.76 9.50 -3.79
C ALA A 141 -9.96 8.29 -4.28
N SER A 142 -10.30 7.13 -3.83
CA SER A 142 -9.56 5.91 -4.27
C SER A 142 -9.71 5.75 -5.78
N ASP A 143 -10.90 5.87 -6.29
CA ASP A 143 -11.10 5.72 -7.76
C ASP A 143 -10.35 6.83 -8.50
N ALA A 144 -10.43 8.03 -8.01
CA ALA A 144 -9.72 9.15 -8.69
C ALA A 144 -8.22 8.98 -8.53
N LEU A 145 -7.79 8.54 -7.38
CA LEU A 145 -6.33 8.34 -7.15
C LEU A 145 -5.78 7.31 -8.13
N SER A 146 -6.52 6.25 -8.37
CA SER A 146 -6.02 5.22 -9.32
C SER A 146 -5.84 5.82 -10.71
N LYS A 147 -6.79 6.60 -11.14
CA LYS A 147 -6.68 7.23 -12.49
C LYS A 147 -5.45 8.14 -12.52
N ALA A 148 -5.19 8.82 -11.44
CA ALA A 148 -4.00 9.73 -11.41
C ALA A 148 -2.72 8.90 -11.55
N LEU A 149 -2.57 7.87 -10.76
CA LEU A 149 -1.35 7.04 -10.87
C LEU A 149 -1.33 6.37 -12.25
N LYS A 150 -2.48 6.05 -12.75
CA LYS A 150 -2.54 5.40 -14.10
C LYS A 150 -1.90 6.33 -15.13
N LYS A 151 -2.04 7.61 -14.98
CA LYS A 151 -1.43 8.55 -15.96
C LYS A 151 0.09 8.34 -15.99
N ARG A 152 0.68 8.14 -14.85
CA ARG A 152 2.15 7.91 -14.81
C ARG A 152 2.48 6.61 -15.53
N GLY A 153 1.51 5.74 -15.68
CA GLY A 153 1.76 4.45 -16.39
C GLY A 153 2.11 3.36 -15.39
N PHE A 154 1.57 3.41 -14.20
CA PHE A 154 1.88 2.34 -13.21
C PHE A 154 0.95 1.14 -13.42
N LYS A 155 1.46 -0.04 -13.24
CA LYS A 155 0.62 -1.26 -13.43
C LYS A 155 0.09 -1.75 -12.08
N PHE A 156 -0.69 -2.79 -12.07
CA PHE A 156 -1.25 -3.32 -10.80
C PHE A 156 -1.73 -2.16 -9.92
N VAL A 157 -2.43 -1.23 -10.51
CA VAL A 157 -2.95 -0.06 -9.73
C VAL A 157 -4.47 -0.12 -9.67
N GLY A 158 -5.05 -1.29 -9.79
CA GLY A 158 -6.53 -1.39 -9.74
C GLY A 158 -7.04 -0.54 -8.58
N THR A 159 -8.26 -0.08 -8.67
CA THR A 159 -8.83 0.76 -7.59
C THR A 159 -8.87 -0.04 -6.29
N THR A 160 -8.89 -1.35 -6.39
CA THR A 160 -8.93 -2.19 -5.16
C THR A 160 -7.63 -2.00 -4.37
N ILE A 161 -6.52 -2.04 -5.06
CA ILE A 161 -5.21 -1.86 -4.38
C ILE A 161 -5.11 -0.46 -3.81
N CYS A 162 -5.65 0.51 -4.49
CA CYS A 162 -5.59 1.91 -3.97
C CYS A 162 -6.30 1.96 -2.62
N TYR A 163 -7.43 1.35 -2.50
CA TYR A 163 -8.16 1.35 -1.21
C TYR A 163 -7.31 0.67 -0.14
N SER A 164 -6.64 -0.39 -0.49
CA SER A 164 -5.80 -1.12 0.50
C SER A 164 -4.70 -0.18 1.03
N PHE A 165 -4.14 0.65 0.19
CA PHE A 165 -3.07 1.56 0.66
C PHE A 165 -3.65 2.54 1.67
N MET A 166 -4.82 3.06 1.41
CA MET A 166 -5.43 4.02 2.36
C MET A 166 -5.67 3.33 3.70
N GLN A 167 -6.00 2.06 3.67
CA GLN A 167 -6.24 1.30 4.92
C GLN A 167 -4.99 1.29 5.80
N ALA A 168 -3.84 1.03 5.22
CA ALA A 168 -2.59 0.99 6.02
C ALA A 168 -2.06 2.40 6.26
N CYS A 169 -2.16 3.26 5.29
CA CYS A 169 -1.63 4.65 5.46
C CYS A 169 -2.36 5.36 6.60
N GLY A 170 -3.62 5.11 6.77
CA GLY A 170 -4.38 5.78 7.87
C GLY A 170 -5.08 7.02 7.31
N LEU A 171 -5.09 7.18 6.02
CA LEU A 171 -5.77 8.36 5.42
C LEU A 171 -7.19 8.43 5.94
N VAL A 172 -7.80 7.29 6.17
CA VAL A 172 -9.19 7.26 6.69
C VAL A 172 -9.20 6.51 8.02
N ASN A 173 -10.06 6.88 8.93
CA ASN A 173 -10.11 6.17 10.23
C ASN A 173 -11.09 5.00 10.12
N ASP A 174 -10.57 3.80 10.04
CA ASP A 174 -11.45 2.61 9.91
C ASP A 174 -11.24 1.68 11.08
N HIS A 175 -11.96 0.57 11.09
CA HIS A 175 -11.89 -0.47 12.18
C HIS A 175 -13.27 -0.55 12.83
N VAL A 176 -14.30 -0.20 12.12
CA VAL A 176 -15.68 -0.21 12.72
C VAL A 176 -15.67 0.51 14.06
N VAL A 177 -16.83 0.84 14.59
CA VAL A 177 -16.87 1.54 15.89
C VAL A 177 -16.56 0.55 17.03
N GLY A 178 -16.87 -0.70 16.84
CA GLY A 178 -16.62 -1.71 17.91
C GLY A 178 -15.12 -1.74 18.29
N CYS A 179 -14.25 -1.64 17.33
CA CYS A 179 -12.79 -1.67 17.65
C CYS A 179 -12.46 -0.54 18.62
N CYS A 180 -12.33 -0.85 19.87
CA CYS A 180 -12.02 0.20 20.88
C CYS A 180 -10.93 1.13 20.32
N CYS A 181 -10.07 0.61 19.48
CA CYS A 181 -8.99 1.45 18.91
C CYS A 181 -9.61 2.71 18.29
N TYR A 182 -10.81 2.60 17.79
CA TYR A 182 -11.47 3.79 17.17
C TYR A 182 -12.77 4.10 17.93
N PRO A 183 -12.66 4.75 19.05
CA PRO A 183 -13.84 5.10 19.90
C PRO A 183 -14.62 6.30 19.36
N GLY A 184 -13.95 7.42 19.19
CA GLY A 184 -14.66 8.63 18.68
C GLY A 184 -15.30 9.38 19.85
N ASN A 185 -14.76 9.22 21.02
CA ASN A 185 -15.34 9.92 22.21
C ASN A 185 -16.78 9.48 22.42
N LYS A 186 -17.04 8.19 22.36
CA LYS A 186 -18.43 7.70 22.56
C LYS A 186 -18.45 6.68 23.70
N PRO A 187 -18.47 7.15 24.93
CA PRO A 187 -18.49 6.28 26.13
C PRO A 187 -19.90 5.79 26.46
ZN ZN B . -9.06 -2.34 14.67
N MET A 1 -11.51 -3.30 24.86
CA MET A 1 -11.68 -4.70 25.30
C MET A 1 -12.18 -5.54 24.13
N GLU A 2 -12.15 -4.99 22.96
CA GLU A 2 -12.62 -5.74 21.76
C GLU A 2 -11.74 -5.39 20.57
N ARG A 3 -11.55 -6.32 19.67
CA ARG A 3 -10.70 -6.05 18.47
C ARG A 3 -11.55 -6.17 17.20
N CYS A 4 -11.12 -5.56 16.14
CA CYS A 4 -11.92 -5.64 14.86
C CYS A 4 -12.46 -7.06 14.70
N GLY A 5 -13.61 -7.19 14.08
CA GLY A 5 -14.21 -8.54 13.91
C GLY A 5 -13.79 -9.17 12.59
N TRP A 6 -13.42 -8.39 11.60
CA TRP A 6 -13.03 -9.01 10.30
C TRP A 6 -11.81 -9.90 10.50
N VAL A 7 -10.94 -9.55 11.42
CA VAL A 7 -9.75 -10.41 11.65
C VAL A 7 -10.19 -11.74 12.26
N SER A 8 -9.76 -12.83 11.70
CA SER A 8 -10.17 -14.16 12.26
C SER A 8 -9.40 -15.28 11.55
N GLN A 9 -8.10 -15.18 11.50
CA GLN A 9 -7.30 -16.24 10.83
C GLN A 9 -5.97 -16.42 11.57
N ASP A 10 -4.90 -15.93 11.01
CA ASP A 10 -3.58 -16.06 11.68
C ASP A 10 -3.34 -14.84 12.57
N PRO A 11 -2.61 -15.00 13.64
CA PRO A 11 -2.31 -13.87 14.57
C PRO A 11 -1.60 -12.71 13.87
N LEU A 12 -1.01 -12.96 12.73
CA LEU A 12 -0.32 -11.87 12.00
C LEU A 12 -1.34 -10.80 11.60
N TYR A 13 -2.54 -11.21 11.28
CA TYR A 13 -3.58 -10.21 10.91
C TYR A 13 -3.76 -9.21 12.05
N ILE A 14 -3.95 -9.68 13.25
CA ILE A 14 -4.13 -8.76 14.41
C ILE A 14 -2.83 -8.00 14.68
N ALA A 15 -1.71 -8.62 14.47
CA ALA A 15 -0.42 -7.91 14.72
C ALA A 15 -0.32 -6.70 13.79
N TYR A 16 -0.64 -6.89 12.53
CA TYR A 16 -0.60 -5.75 11.57
C TYR A 16 -1.69 -4.75 11.94
N HIS A 17 -2.81 -5.24 12.39
CA HIS A 17 -3.94 -4.34 12.78
C HIS A 17 -3.45 -3.35 13.85
N ASP A 18 -2.76 -3.83 14.84
CA ASP A 18 -2.28 -2.92 15.91
C ASP A 18 -0.91 -2.31 15.54
N ASN A 19 -0.01 -3.12 15.02
CA ASN A 19 1.33 -2.59 14.66
C ASN A 19 1.22 -1.45 13.64
N GLU A 20 0.52 -1.67 12.56
CA GLU A 20 0.37 -0.59 11.53
C GLU A 20 -0.87 -0.88 10.69
N TRP A 21 -1.91 -0.11 10.85
CA TRP A 21 -3.14 -0.36 10.04
C TRP A 21 -4.15 0.77 10.29
N GLY A 22 -4.18 1.74 9.43
CA GLY A 22 -5.15 2.87 9.61
C GLY A 22 -4.43 4.04 10.27
N VAL A 23 -3.17 3.88 10.58
CA VAL A 23 -2.41 5.00 11.23
C VAL A 23 -2.15 6.09 10.18
N PRO A 24 -2.31 7.35 10.53
CA PRO A 24 -2.08 8.46 9.56
C PRO A 24 -0.62 8.54 9.14
N GLU A 25 -0.35 8.48 7.85
CA GLU A 25 1.05 8.55 7.37
C GLU A 25 1.21 9.75 6.43
N THR A 26 2.27 10.51 6.61
CA THR A 26 2.49 11.70 5.74
C THR A 26 3.88 11.60 5.09
N ASP A 27 4.58 10.52 5.33
CA ASP A 27 5.94 10.38 4.74
C ASP A 27 5.82 9.98 3.27
N SER A 28 6.38 10.74 2.37
CA SER A 28 6.28 10.40 0.93
C SER A 28 6.93 9.03 0.66
N LYS A 29 8.04 8.75 1.29
CA LYS A 29 8.71 7.43 1.05
C LYS A 29 7.85 6.28 1.58
N LYS A 30 7.32 6.40 2.77
CA LYS A 30 6.49 5.29 3.33
C LYS A 30 5.26 5.07 2.45
N LEU A 31 4.58 6.13 2.09
CA LEU A 31 3.36 5.97 1.24
C LEU A 31 3.78 5.39 -0.12
N PHE A 32 4.90 5.80 -0.64
CA PHE A 32 5.35 5.26 -1.95
C PHE A 32 5.57 3.74 -1.84
N GLU A 33 6.27 3.32 -0.83
CA GLU A 33 6.51 1.86 -0.67
C GLU A 33 5.19 1.13 -0.41
N MET A 34 4.28 1.77 0.24
CA MET A 34 2.97 1.12 0.53
C MET A 34 2.30 0.71 -0.78
N ILE A 35 2.33 1.56 -1.77
CA ILE A 35 1.69 1.22 -3.07
C ILE A 35 2.43 0.06 -3.73
N CYS A 36 3.73 0.09 -3.74
CA CYS A 36 4.49 -1.02 -4.40
C CYS A 36 4.23 -2.36 -3.69
N LEU A 37 4.23 -2.37 -2.39
CA LEU A 37 3.99 -3.64 -1.65
C LEU A 37 2.55 -4.13 -1.86
N GLU A 38 1.60 -3.24 -1.82
CA GLU A 38 0.19 -3.69 -2.01
C GLU A 38 -0.01 -4.25 -3.42
N GLY A 39 0.66 -3.71 -4.39
CA GLY A 39 0.50 -4.23 -5.78
C GLY A 39 0.78 -5.74 -5.78
N GLN A 40 1.74 -6.17 -5.00
CA GLN A 40 2.07 -7.62 -4.95
C GLN A 40 0.86 -8.40 -4.42
N GLN A 41 0.11 -7.82 -3.52
CA GLN A 41 -1.06 -8.53 -2.94
C GLN A 41 -2.08 -8.83 -4.05
N ALA A 42 -2.02 -8.12 -5.14
CA ALA A 42 -3.00 -8.37 -6.24
C ALA A 42 -3.21 -9.86 -6.40
N GLY A 43 -4.37 -10.35 -6.03
CA GLY A 43 -4.65 -11.81 -6.15
C GLY A 43 -4.31 -12.50 -4.83
N LEU A 44 -3.34 -11.98 -4.11
CA LEU A 44 -2.95 -12.60 -2.81
C LEU A 44 -3.37 -11.68 -1.66
N SER A 45 -3.70 -12.24 -0.53
CA SER A 45 -4.12 -11.40 0.62
C SER A 45 -2.89 -10.67 1.18
N TRP A 46 -3.10 -9.53 1.78
CA TRP A 46 -1.95 -8.76 2.33
C TRP A 46 -1.18 -9.64 3.32
N ILE A 47 -1.85 -10.55 3.97
CA ILE A 47 -1.16 -11.43 4.95
C ILE A 47 0.09 -12.02 4.29
N THR A 48 -0.03 -12.50 3.09
CA THR A 48 1.15 -13.08 2.39
C THR A 48 2.15 -11.97 2.10
N VAL A 49 1.66 -10.81 1.71
CA VAL A 49 2.58 -9.68 1.38
C VAL A 49 3.34 -9.23 2.64
N LEU A 50 2.70 -9.11 3.76
CA LEU A 50 3.42 -8.67 4.97
C LEU A 50 4.60 -9.58 5.24
N LYS A 51 4.40 -10.88 5.19
CA LYS A 51 5.55 -11.80 5.42
C LYS A 51 6.59 -11.50 4.35
N LYS A 52 6.15 -11.35 3.13
CA LYS A 52 7.07 -11.05 2.01
C LYS A 52 7.75 -9.69 2.24
N ARG A 53 7.04 -8.75 2.79
CA ARG A 53 7.64 -7.40 3.01
C ARG A 53 8.96 -7.56 3.76
N GLU A 54 9.00 -8.39 4.76
CA GLU A 54 10.27 -8.57 5.52
C GLU A 54 11.29 -9.33 4.66
N ASN A 55 10.86 -10.37 3.99
CA ASN A 55 11.81 -11.13 3.14
C ASN A 55 12.26 -10.26 1.96
N TYR A 56 11.35 -9.49 1.43
CA TYR A 56 11.69 -8.61 0.28
C TYR A 56 12.85 -7.70 0.69
N ARG A 57 12.77 -7.06 1.82
CA ARG A 57 13.88 -6.18 2.23
C ARG A 57 15.15 -7.01 2.36
N ALA A 58 15.04 -8.26 2.75
CA ALA A 58 16.26 -9.08 2.86
C ALA A 58 17.06 -8.95 1.56
N CYS A 59 16.39 -9.12 0.45
CA CYS A 59 17.09 -8.99 -0.85
C CYS A 59 16.93 -7.58 -1.41
N PHE A 60 15.93 -6.86 -0.99
CA PHE A 60 15.70 -5.48 -1.53
C PHE A 60 15.93 -4.40 -0.45
N HIS A 61 16.57 -4.71 0.65
CA HIS A 61 16.79 -3.65 1.68
C HIS A 61 17.54 -2.46 1.06
N GLN A 62 18.49 -2.74 0.21
CA GLN A 62 19.28 -1.65 -0.42
C GLN A 62 18.61 -1.18 -1.70
N PHE A 63 17.44 -1.65 -1.98
CA PHE A 63 16.74 -1.23 -3.23
C PHE A 63 16.36 0.25 -3.16
N ASP A 64 17.24 1.08 -2.66
CA ASP A 64 16.91 2.53 -2.57
C ASP A 64 16.25 2.98 -3.89
N PRO A 65 15.35 3.94 -3.84
CA PRO A 65 14.65 4.43 -5.05
C PRO A 65 15.59 4.66 -6.24
N VAL A 66 16.63 5.43 -6.03
CA VAL A 66 17.58 5.68 -7.16
C VAL A 66 18.28 4.39 -7.56
N LYS A 67 18.73 3.63 -6.61
CA LYS A 67 19.43 2.35 -6.94
C LYS A 67 18.47 1.39 -7.66
N VAL A 68 17.25 1.31 -7.23
CA VAL A 68 16.29 0.37 -7.87
C VAL A 68 15.94 0.85 -9.28
N ALA A 69 15.75 2.14 -9.47
CA ALA A 69 15.43 2.63 -10.84
C ALA A 69 16.66 2.43 -11.71
N ALA A 70 17.81 2.57 -11.14
CA ALA A 70 19.06 2.37 -11.94
C ALA A 70 19.27 0.87 -12.13
N MET A 71 18.47 0.06 -11.49
CA MET A 71 18.60 -1.42 -11.62
C MET A 71 18.60 -1.81 -13.10
N GLN A 72 19.27 -2.88 -13.42
CA GLN A 72 19.31 -3.35 -14.83
C GLN A 72 18.64 -4.71 -14.92
N GLU A 73 18.30 -5.14 -16.10
CA GLU A 73 17.62 -6.46 -16.25
C GLU A 73 18.50 -7.58 -15.70
N GLU A 74 19.80 -7.46 -15.80
CA GLU A 74 20.68 -8.54 -15.27
C GLU A 74 20.34 -8.78 -13.79
N ASP A 75 20.06 -7.72 -13.07
CA ASP A 75 19.71 -7.87 -11.63
C ASP A 75 18.45 -8.73 -11.51
N VAL A 76 17.52 -8.54 -12.39
CA VAL A 76 16.25 -9.33 -12.34
C VAL A 76 16.57 -10.82 -12.53
N GLU A 77 17.48 -11.13 -13.41
CA GLU A 77 17.81 -12.57 -13.64
C GLU A 77 18.32 -13.19 -12.34
N ARG A 78 19.15 -12.50 -11.62
CA ARG A 78 19.67 -13.06 -10.33
C ARG A 78 18.54 -13.17 -9.32
N LEU A 79 17.70 -12.17 -9.23
CA LEU A 79 16.58 -12.21 -8.25
C LEU A 79 15.53 -13.23 -8.67
N VAL A 80 15.41 -13.53 -9.94
CA VAL A 80 14.38 -14.53 -10.34
C VAL A 80 14.56 -15.76 -9.45
N GLN A 81 15.78 -16.08 -9.10
CA GLN A 81 16.03 -17.23 -8.22
C GLN A 81 16.29 -16.69 -6.80
N ASP A 82 15.53 -15.70 -6.41
CA ASP A 82 15.71 -15.09 -5.06
C ASP A 82 15.69 -16.16 -3.98
N ALA A 83 16.00 -15.78 -2.77
CA ALA A 83 16.03 -16.75 -1.65
C ALA A 83 14.74 -17.57 -1.58
N GLY A 84 13.61 -17.00 -1.93
CA GLY A 84 12.35 -17.80 -1.88
C GLY A 84 11.11 -16.91 -1.94
N ILE A 85 11.25 -15.61 -1.93
CA ILE A 85 10.03 -14.75 -2.00
C ILE A 85 9.22 -15.16 -3.23
N ILE A 86 8.21 -14.41 -3.57
CA ILE A 86 7.40 -14.78 -4.77
C ILE A 86 8.29 -14.68 -6.01
N ARG A 87 8.21 -15.64 -6.90
CA ARG A 87 9.07 -15.59 -8.12
C ARG A 87 8.24 -15.18 -9.33
N HIS A 88 8.70 -14.22 -10.06
CA HIS A 88 7.97 -13.75 -11.27
C HIS A 88 8.72 -12.56 -11.86
N ARG A 89 9.49 -12.79 -12.90
CA ARG A 89 10.26 -11.67 -13.52
C ARG A 89 9.34 -10.46 -13.69
N GLY A 90 8.10 -10.69 -13.96
CA GLY A 90 7.15 -9.55 -14.14
C GLY A 90 7.06 -8.74 -12.84
N LYS A 91 6.94 -9.39 -11.72
CA LYS A 91 6.84 -8.66 -10.42
C LYS A 91 8.11 -7.85 -10.19
N ILE A 92 9.26 -8.43 -10.39
CA ILE A 92 10.52 -7.69 -10.17
C ILE A 92 10.54 -6.45 -11.07
N GLN A 93 10.13 -6.61 -12.31
CA GLN A 93 10.13 -5.45 -13.24
C GLN A 93 9.17 -4.38 -12.74
N ALA A 94 8.08 -4.78 -12.13
CA ALA A 94 7.11 -3.77 -11.63
C ALA A 94 7.80 -2.83 -10.65
N ILE A 95 8.56 -3.36 -9.74
CA ILE A 95 9.27 -2.48 -8.76
C ILE A 95 10.19 -1.53 -9.52
N ILE A 96 10.96 -2.04 -10.45
CA ILE A 96 11.88 -1.17 -11.23
C ILE A 96 11.07 -0.09 -11.96
N GLY A 97 9.94 -0.46 -12.50
CA GLY A 97 9.10 0.53 -13.24
C GLY A 97 8.55 1.60 -12.29
N ASN A 98 8.09 1.23 -11.13
CA ASN A 98 7.53 2.24 -10.19
C ASN A 98 8.58 3.31 -9.88
N ALA A 99 9.82 2.92 -9.72
CA ALA A 99 10.87 3.93 -9.42
C ALA A 99 11.09 4.82 -10.64
N ARG A 100 11.10 4.25 -11.81
CA ARG A 100 11.30 5.08 -13.03
C ARG A 100 10.16 6.09 -13.13
N ALA A 101 8.96 5.67 -12.83
CA ALA A 101 7.81 6.61 -12.89
C ALA A 101 7.88 7.57 -11.71
N TYR A 102 8.27 7.08 -10.57
CA TYR A 102 8.38 7.94 -9.36
C TYR A 102 9.39 9.06 -9.61
N LEU A 103 10.51 8.73 -10.20
CA LEU A 103 11.55 9.78 -10.46
C LEU A 103 11.04 10.80 -11.47
N GLN A 104 10.38 10.36 -12.51
CA GLN A 104 9.87 11.32 -13.54
C GLN A 104 8.89 12.28 -12.88
N MET A 105 8.06 11.80 -12.00
CA MET A 105 7.08 12.68 -11.31
C MET A 105 7.81 13.75 -10.51
N GLU A 106 8.89 13.38 -9.87
CA GLU A 106 9.65 14.38 -9.06
C GLU A 106 10.22 15.46 -9.96
N GLN A 107 10.52 15.13 -11.20
CA GLN A 107 11.09 16.15 -12.12
C GLN A 107 10.19 17.37 -12.14
N ASN A 108 8.91 17.18 -11.97
CA ASN A 108 7.99 18.34 -11.98
C ASN A 108 7.92 18.96 -10.58
N GLY A 109 8.62 18.38 -9.63
CA GLY A 109 8.60 18.95 -8.25
C GLY A 109 7.24 18.68 -7.60
N GLU A 110 6.63 17.57 -7.91
CA GLU A 110 5.31 17.25 -7.31
C GLU A 110 5.46 16.08 -6.33
N PRO A 111 5.49 16.35 -5.04
CA PRO A 111 5.64 15.26 -4.01
C PRO A 111 4.60 14.15 -4.20
N PHE A 112 5.04 12.93 -4.13
CA PHE A 112 4.11 11.78 -4.32
C PHE A 112 3.05 11.77 -3.22
N ALA A 113 3.45 12.02 -2.00
CA ALA A 113 2.47 12.01 -0.87
C ALA A 113 1.43 13.13 -1.06
N ASP A 114 1.87 14.32 -1.36
CA ASP A 114 0.89 15.43 -1.54
C ASP A 114 -0.06 15.08 -2.69
N PHE A 115 0.44 14.41 -3.69
CA PHE A 115 -0.42 14.05 -4.84
C PHE A 115 -1.62 13.23 -4.35
N VAL A 116 -1.38 12.25 -3.52
CA VAL A 116 -2.50 11.43 -3.01
C VAL A 116 -3.41 12.32 -2.14
N TRP A 117 -2.84 13.09 -1.26
CA TRP A 117 -3.66 13.98 -0.40
C TRP A 117 -4.42 14.99 -1.27
N SER A 118 -3.81 15.41 -2.35
CA SER A 118 -4.49 16.41 -3.22
C SER A 118 -5.82 15.82 -3.73
N PHE A 119 -5.86 14.56 -4.02
CA PHE A 119 -7.13 13.94 -4.50
C PHE A 119 -8.19 13.94 -3.40
N VAL A 120 -7.78 13.76 -2.17
CA VAL A 120 -8.79 13.74 -1.07
C VAL A 120 -8.92 15.14 -0.46
N ASN A 121 -8.45 16.14 -1.15
CA ASN A 121 -8.55 17.54 -0.61
C ASN A 121 -7.88 17.62 0.76
N HIS A 122 -6.78 16.94 0.92
CA HIS A 122 -6.08 16.98 2.24
C HIS A 122 -7.11 16.82 3.37
N GLN A 123 -8.16 16.09 3.12
CA GLN A 123 -9.20 15.89 4.16
C GLN A 123 -9.33 14.39 4.47
N PRO A 124 -8.70 13.92 5.52
CA PRO A 124 -8.77 12.48 5.91
C PRO A 124 -10.20 11.96 5.93
N GLN A 125 -10.42 10.73 5.53
CA GLN A 125 -11.79 10.18 5.51
C GLN A 125 -11.95 9.10 6.59
N MET A 126 -13.06 9.10 7.28
CA MET A 126 -13.27 8.08 8.34
C MET A 126 -14.67 7.50 8.18
N THR A 127 -14.90 6.30 8.66
CA THR A 127 -16.25 5.69 8.52
C THR A 127 -16.91 5.58 9.90
N GLN A 128 -18.21 5.65 9.95
CA GLN A 128 -18.93 5.55 11.25
C GLN A 128 -20.04 4.51 11.12
N ALA A 129 -19.70 3.33 10.67
CA ALA A 129 -20.73 2.26 10.50
C ALA A 129 -20.59 1.23 11.62
N THR A 130 -21.37 0.19 11.58
CA THR A 130 -21.27 -0.84 12.65
C THR A 130 -20.55 -2.09 12.11
N THR A 131 -20.58 -2.28 10.82
CA THR A 131 -19.90 -3.47 10.23
C THR A 131 -19.11 -3.06 8.99
N LEU A 132 -18.23 -3.90 8.55
CA LEU A 132 -17.42 -3.59 7.34
C LEU A 132 -18.32 -3.56 6.10
N SER A 133 -19.37 -4.34 6.09
CA SER A 133 -20.27 -4.36 4.91
C SER A 133 -20.73 -2.93 4.59
N GLU A 134 -21.03 -2.15 5.59
CA GLU A 134 -21.48 -0.75 5.33
C GLU A 134 -20.34 0.04 4.69
N ILE A 135 -19.11 -0.27 5.04
CA ILE A 135 -17.96 0.47 4.45
C ILE A 135 -17.85 0.12 2.96
N PRO A 136 -17.92 1.11 2.08
CA PRO A 136 -17.82 0.86 0.61
C PRO A 136 -16.37 0.61 0.17
N THR A 137 -16.16 -0.32 -0.71
CA THR A 137 -14.78 -0.60 -1.18
C THR A 137 -14.47 0.25 -2.41
N SER A 138 -15.41 1.07 -2.82
CA SER A 138 -15.19 1.93 -4.01
C SER A 138 -15.64 3.36 -3.70
N THR A 139 -14.82 4.12 -3.04
CA THR A 139 -15.22 5.53 -2.72
C THR A 139 -14.84 6.44 -3.88
N PRO A 140 -15.44 7.60 -3.98
CA PRO A 140 -15.14 8.56 -5.07
C PRO A 140 -13.64 8.80 -5.23
N ALA A 141 -12.93 8.86 -4.14
CA ALA A 141 -11.46 9.11 -4.21
C ALA A 141 -10.75 7.85 -4.73
N SER A 142 -11.16 6.70 -4.27
CA SER A 142 -10.50 5.44 -4.72
C SER A 142 -10.63 5.29 -6.24
N ASP A 143 -11.78 5.58 -6.78
CA ASP A 143 -11.95 5.45 -8.25
C ASP A 143 -11.00 6.40 -8.98
N ALA A 144 -10.92 7.62 -8.54
CA ALA A 144 -10.01 8.60 -9.20
C ALA A 144 -8.56 8.28 -8.85
N LEU A 145 -8.30 7.87 -7.64
CA LEU A 145 -6.89 7.57 -7.25
C LEU A 145 -6.29 6.52 -8.19
N SER A 146 -6.98 5.44 -8.42
CA SER A 146 -6.43 4.40 -9.31
C SER A 146 -6.30 4.96 -10.73
N LYS A 147 -7.23 5.77 -11.14
CA LYS A 147 -7.16 6.37 -12.51
C LYS A 147 -5.93 7.28 -12.60
N ALA A 148 -5.65 8.02 -11.57
CA ALA A 148 -4.47 8.93 -11.60
C ALA A 148 -3.18 8.11 -11.62
N LEU A 149 -3.05 7.17 -10.72
CA LEU A 149 -1.81 6.34 -10.70
C LEU A 149 -1.74 5.52 -11.98
N LYS A 150 -2.86 5.06 -12.46
CA LYS A 150 -2.85 4.26 -13.72
C LYS A 150 -2.24 5.09 -14.84
N LYS A 151 -2.52 6.37 -14.87
CA LYS A 151 -1.95 7.23 -15.94
C LYS A 151 -0.41 7.21 -15.86
N ARG A 152 0.12 7.21 -14.67
CA ARG A 152 1.61 7.20 -14.51
C ARG A 152 2.17 5.91 -15.10
N GLY A 153 1.35 4.89 -15.23
CA GLY A 153 1.85 3.60 -15.80
C GLY A 153 2.19 2.63 -14.67
N PHE A 154 1.45 2.68 -13.59
CA PHE A 154 1.74 1.73 -12.47
C PHE A 154 0.99 0.42 -12.69
N LYS A 155 1.66 -0.68 -12.49
CA LYS A 155 0.99 -2.00 -12.68
C LYS A 155 0.44 -2.49 -11.34
N PHE A 156 -0.49 -3.40 -11.37
CA PHE A 156 -1.07 -3.91 -10.10
C PHE A 156 -1.65 -2.74 -9.31
N VAL A 157 -2.35 -1.87 -9.98
CA VAL A 157 -2.95 -0.67 -9.30
C VAL A 157 -4.47 -0.75 -9.38
N GLY A 158 -5.01 -1.93 -9.54
CA GLY A 158 -6.49 -2.06 -9.62
C GLY A 158 -7.14 -1.23 -8.51
N THR A 159 -8.39 -0.92 -8.66
CA THR A 159 -9.07 -0.11 -7.60
C THR A 159 -8.91 -0.80 -6.25
N THR A 160 -8.86 -2.11 -6.24
CA THR A 160 -8.70 -2.84 -4.95
C THR A 160 -7.34 -2.50 -4.33
N ILE A 161 -6.32 -2.42 -5.14
CA ILE A 161 -4.96 -2.09 -4.59
C ILE A 161 -4.98 -0.66 -4.03
N CYS A 162 -5.66 0.23 -4.69
CA CYS A 162 -5.72 1.64 -4.20
C CYS A 162 -6.47 1.68 -2.88
N TYR A 163 -7.55 0.95 -2.78
CA TYR A 163 -8.32 0.95 -1.51
C TYR A 163 -7.44 0.44 -0.38
N SER A 164 -6.67 -0.59 -0.63
CA SER A 164 -5.78 -1.13 0.43
C SER A 164 -4.83 -0.03 0.89
N PHE A 165 -4.35 0.77 -0.03
CA PHE A 165 -3.43 1.87 0.33
C PHE A 165 -4.12 2.85 1.28
N MET A 166 -5.35 3.17 1.01
CA MET A 166 -6.09 4.11 1.90
C MET A 166 -6.20 3.52 3.30
N GLN A 167 -6.42 2.24 3.39
CA GLN A 167 -6.55 1.59 4.73
C GLN A 167 -5.24 1.70 5.51
N ALA A 168 -4.13 1.47 4.86
CA ALA A 168 -2.83 1.54 5.57
C ALA A 168 -2.37 2.99 5.73
N CYS A 169 -2.35 3.74 4.66
CA CYS A 169 -1.89 5.16 4.75
C CYS A 169 -2.67 5.90 5.83
N GLY A 170 -3.90 5.55 6.05
CA GLY A 170 -4.70 6.22 7.12
C GLY A 170 -5.70 7.21 6.51
N LEU A 171 -5.67 7.43 5.22
CA LEU A 171 -6.66 8.37 4.62
C LEU A 171 -8.05 7.84 4.91
N VAL A 172 -8.21 6.54 4.92
CA VAL A 172 -9.54 5.94 5.20
C VAL A 172 -9.46 5.10 6.48
N ASN A 173 -10.34 5.34 7.41
CA ASN A 173 -10.31 4.54 8.67
C ASN A 173 -11.47 3.54 8.64
N ASP A 174 -11.18 2.29 8.37
CA ASP A 174 -12.27 1.27 8.32
C ASP A 174 -12.02 0.18 9.35
N HIS A 175 -12.55 0.35 10.53
CA HIS A 175 -12.39 -0.69 11.59
C HIS A 175 -13.78 -1.11 12.04
N VAL A 176 -14.26 -0.51 13.09
CA VAL A 176 -15.63 -0.85 13.60
C VAL A 176 -15.83 -0.15 14.95
N VAL A 177 -17.03 0.31 15.22
CA VAL A 177 -17.28 1.00 16.51
C VAL A 177 -16.89 0.07 17.67
N GLY A 178 -17.21 -1.18 17.56
CA GLY A 178 -16.86 -2.14 18.64
C GLY A 178 -15.35 -2.39 18.68
N CYS A 179 -14.58 -1.62 17.94
CA CYS A 179 -13.10 -1.83 17.96
C CYS A 179 -12.47 -0.81 18.91
N CYS A 180 -12.10 -1.23 20.09
CA CYS A 180 -11.48 -0.27 21.05
C CYS A 180 -10.21 0.29 20.44
N CYS A 181 -10.29 1.46 19.90
CA CYS A 181 -9.11 2.12 19.27
C CYS A 181 -9.61 3.16 18.28
N TYR A 182 -10.84 3.06 17.87
CA TYR A 182 -11.42 4.04 16.90
C TYR A 182 -12.62 4.75 17.55
N PRO A 183 -12.36 5.76 18.33
CA PRO A 183 -13.43 6.54 19.02
C PRO A 183 -14.05 7.61 18.13
N GLY A 184 -14.11 7.37 16.84
CA GLY A 184 -14.70 8.38 15.93
C GLY A 184 -13.63 9.43 15.59
N ASN A 185 -12.39 9.05 15.65
CA ASN A 185 -11.30 10.02 15.34
C ASN A 185 -11.35 11.18 16.34
N LYS A 186 -11.55 10.89 17.59
CA LYS A 186 -11.61 11.97 18.61
C LYS A 186 -10.67 11.62 19.77
N PRO A 187 -9.39 11.88 19.59
CA PRO A 187 -8.36 11.59 20.62
C PRO A 187 -8.62 12.35 21.93
ZN ZN B . -9.81 -2.27 14.49
N MET A 1 -13.47 -3.26 25.34
CA MET A 1 -14.30 -2.86 24.17
C MET A 1 -14.23 -3.95 23.10
N GLU A 2 -14.14 -3.55 21.87
CA GLU A 2 -14.09 -4.54 20.75
C GLU A 2 -12.78 -4.37 19.97
N ARG A 3 -12.39 -5.38 19.23
CA ARG A 3 -11.13 -5.29 18.44
C ARG A 3 -11.47 -5.44 16.95
N CYS A 4 -10.72 -4.83 16.09
CA CYS A 4 -11.02 -4.95 14.63
C CYS A 4 -11.28 -6.43 14.31
N GLY A 5 -12.14 -6.70 13.37
CA GLY A 5 -12.46 -8.13 13.04
C GLY A 5 -11.65 -8.63 11.85
N TRP A 6 -10.97 -7.76 11.14
CA TRP A 6 -10.18 -8.23 9.97
C TRP A 6 -9.20 -9.32 10.42
N VAL A 7 -8.73 -9.22 11.64
CA VAL A 7 -7.76 -10.23 12.14
C VAL A 7 -8.43 -11.60 12.26
N SER A 8 -9.65 -11.64 12.71
CA SER A 8 -10.36 -12.95 12.85
C SER A 8 -9.40 -13.98 13.45
N GLN A 9 -8.67 -14.69 12.61
CA GLN A 9 -7.71 -15.71 13.12
C GLN A 9 -6.30 -15.38 12.62
N ASP A 10 -5.30 -15.94 13.24
CA ASP A 10 -3.89 -15.66 12.81
C ASP A 10 -3.44 -14.34 13.45
N PRO A 11 -2.91 -14.40 14.64
CA PRO A 11 -2.44 -13.19 15.38
C PRO A 11 -1.49 -12.30 14.55
N LEU A 12 -1.01 -12.79 13.44
CA LEU A 12 -0.09 -11.94 12.63
C LEU A 12 -0.84 -10.70 12.16
N TYR A 13 -2.10 -10.81 11.88
CA TYR A 13 -2.88 -9.61 11.43
C TYR A 13 -2.82 -8.53 12.52
N ILE A 14 -2.99 -8.93 13.76
CA ILE A 14 -2.96 -7.94 14.87
C ILE A 14 -1.60 -7.25 14.94
N ALA A 15 -0.53 -7.97 14.71
CA ALA A 15 0.81 -7.33 14.77
C ALA A 15 0.84 -6.18 13.76
N TYR A 16 0.32 -6.42 12.58
CA TYR A 16 0.30 -5.35 11.55
C TYR A 16 -0.73 -4.29 11.95
N HIS A 17 -1.79 -4.70 12.58
CA HIS A 17 -2.86 -3.73 13.00
C HIS A 17 -2.25 -2.64 13.89
N ASP A 18 -1.36 -3.00 14.78
CA ASP A 18 -0.75 -1.98 15.69
C ASP A 18 0.52 -1.38 15.06
N ASN A 19 1.09 -2.02 14.08
CA ASN A 19 2.34 -1.47 13.47
C ASN A 19 1.98 -0.38 12.47
N GLU A 20 1.50 -0.74 11.32
CA GLU A 20 1.12 0.27 10.30
C GLU A 20 -0.23 -0.13 9.68
N TRP A 21 -1.29 0.46 10.12
CA TRP A 21 -2.62 0.10 9.56
C TRP A 21 -3.69 1.06 10.11
N GLY A 22 -4.13 1.99 9.32
CA GLY A 22 -5.17 2.95 9.81
C GLY A 22 -4.50 4.23 10.29
N VAL A 23 -3.20 4.30 10.21
CA VAL A 23 -2.48 5.53 10.67
C VAL A 23 -2.08 6.36 9.44
N PRO A 24 -2.69 7.49 9.22
CA PRO A 24 -2.36 8.36 8.05
C PRO A 24 -0.86 8.58 7.88
N GLU A 25 -0.33 8.33 6.72
CA GLU A 25 1.13 8.53 6.49
C GLU A 25 1.34 9.60 5.43
N THR A 26 2.20 10.55 5.68
CA THR A 26 2.45 11.63 4.68
C THR A 26 3.83 11.45 4.07
N ASP A 27 4.54 10.43 4.48
CA ASP A 27 5.91 10.21 3.90
C ASP A 27 5.77 9.57 2.53
N SER A 28 6.32 10.18 1.51
CA SER A 28 6.21 9.59 0.15
C SER A 28 6.92 8.23 0.12
N LYS A 29 7.99 8.08 0.85
CA LYS A 29 8.70 6.78 0.86
C LYS A 29 7.79 5.69 1.43
N LYS A 30 7.12 5.98 2.51
CA LYS A 30 6.22 4.95 3.12
C LYS A 30 5.07 4.64 2.16
N LEU A 31 4.47 5.64 1.57
CA LEU A 31 3.35 5.38 0.63
C LEU A 31 3.85 4.66 -0.61
N PHE A 32 5.02 5.02 -1.08
CA PHE A 32 5.56 4.35 -2.29
C PHE A 32 5.75 2.86 -2.05
N GLU A 33 6.28 2.49 -0.92
CA GLU A 33 6.50 1.04 -0.64
C GLU A 33 5.16 0.33 -0.47
N MET A 34 4.18 1.02 0.05
CA MET A 34 2.85 0.37 0.26
C MET A 34 2.18 0.01 -1.07
N ILE A 35 2.10 0.93 -1.98
CA ILE A 35 1.44 0.63 -3.29
C ILE A 35 2.22 -0.43 -4.07
N CYS A 36 3.52 -0.43 -3.97
CA CYS A 36 4.31 -1.45 -4.72
C CYS A 36 4.13 -2.83 -4.10
N LEU A 37 4.30 -2.94 -2.82
CA LEU A 37 4.17 -4.27 -2.14
C LEU A 37 2.70 -4.73 -2.15
N GLU A 38 1.77 -3.82 -2.04
CA GLU A 38 0.34 -4.21 -2.03
C GLU A 38 0.00 -4.99 -3.31
N GLY A 39 0.61 -4.65 -4.41
CA GLY A 39 0.33 -5.36 -5.68
C GLY A 39 0.57 -6.86 -5.50
N GLN A 40 1.41 -7.23 -4.58
CA GLN A 40 1.71 -8.67 -4.36
C GLN A 40 0.42 -9.44 -4.04
N GLN A 41 -0.52 -8.80 -3.39
CA GLN A 41 -1.78 -9.52 -3.04
C GLN A 41 -2.42 -10.10 -4.29
N ALA A 42 -2.30 -9.44 -5.41
CA ALA A 42 -2.93 -9.97 -6.65
C ALA A 42 -2.68 -11.47 -6.74
N GLY A 43 -3.70 -12.26 -6.55
CA GLY A 43 -3.53 -13.74 -6.64
C GLY A 43 -3.05 -14.31 -5.30
N LEU A 44 -2.76 -13.47 -4.34
CA LEU A 44 -2.29 -13.99 -3.02
C LEU A 44 -3.22 -13.51 -1.91
N SER A 45 -2.83 -13.74 -0.68
CA SER A 45 -3.68 -13.32 0.48
C SER A 45 -2.94 -12.26 1.31
N TRP A 46 -3.67 -11.44 2.01
CA TRP A 46 -3.00 -10.38 2.83
C TRP A 46 -1.96 -10.99 3.76
N ILE A 47 -2.30 -12.05 4.44
CA ILE A 47 -1.31 -12.69 5.37
C ILE A 47 -0.09 -13.17 4.59
N THR A 48 -0.29 -13.79 3.47
CA THR A 48 0.87 -14.28 2.68
C THR A 48 1.73 -13.09 2.26
N VAL A 49 1.11 -12.01 1.87
CA VAL A 49 1.90 -10.81 1.45
C VAL A 49 2.65 -10.21 2.62
N LEU A 50 2.06 -10.10 3.77
CA LEU A 50 2.79 -9.51 4.93
C LEU A 50 4.04 -10.33 5.23
N LYS A 51 3.94 -11.64 5.16
CA LYS A 51 5.13 -12.48 5.42
C LYS A 51 6.19 -12.21 4.34
N LYS A 52 5.82 -12.37 3.10
CA LYS A 52 6.78 -12.11 2.00
C LYS A 52 7.17 -10.63 2.02
N ARG A 53 6.27 -9.78 2.39
CA ARG A 53 6.60 -8.33 2.44
C ARG A 53 7.88 -8.14 3.22
N GLU A 54 8.02 -8.81 4.32
CA GLU A 54 9.27 -8.67 5.11
C GLU A 54 10.43 -9.21 4.27
N ASN A 55 10.22 -10.31 3.60
CA ASN A 55 11.32 -10.87 2.75
C ASN A 55 11.60 -9.91 1.58
N TYR A 56 10.57 -9.36 0.99
CA TYR A 56 10.77 -8.42 -0.14
C TYR A 56 11.62 -7.25 0.34
N ARG A 57 11.35 -6.73 1.50
CA ARG A 57 12.17 -5.61 2.02
C ARG A 57 13.61 -6.06 2.14
N ALA A 58 13.83 -7.31 2.45
CA ALA A 58 15.24 -7.79 2.58
C ALA A 58 15.99 -7.55 1.27
N CYS A 59 15.35 -7.81 0.16
CA CYS A 59 16.04 -7.59 -1.14
C CYS A 59 15.77 -6.19 -1.68
N PHE A 60 14.55 -5.74 -1.60
CA PHE A 60 14.22 -4.37 -2.14
C PHE A 60 14.69 -3.26 -1.19
N HIS A 61 14.49 -3.39 0.09
CA HIS A 61 14.93 -2.31 1.01
C HIS A 61 16.40 -2.01 0.76
N GLN A 62 17.20 -3.03 0.60
CA GLN A 62 18.65 -2.82 0.34
C GLN A 62 18.79 -2.07 -0.99
N PHE A 63 17.93 -2.37 -1.92
CA PHE A 63 17.99 -1.69 -3.24
C PHE A 63 17.00 -0.51 -3.22
N ASP A 64 17.29 0.48 -2.42
CA ASP A 64 16.40 1.67 -2.32
C ASP A 64 15.79 2.00 -3.68
N PRO A 65 14.72 2.74 -3.69
CA PRO A 65 14.01 3.14 -4.95
C PRO A 65 14.92 3.80 -5.98
N VAL A 66 15.87 4.58 -5.55
CA VAL A 66 16.78 5.24 -6.53
C VAL A 66 17.50 4.15 -7.34
N LYS A 67 18.00 3.16 -6.67
CA LYS A 67 18.71 2.06 -7.37
C LYS A 67 17.70 1.28 -8.21
N VAL A 68 16.48 1.18 -7.75
CA VAL A 68 15.44 0.43 -8.52
C VAL A 68 15.26 1.07 -9.90
N ALA A 69 15.20 2.37 -9.97
CA ALA A 69 15.04 3.05 -11.28
C ALA A 69 16.31 2.82 -12.09
N ALA A 70 17.42 2.69 -11.43
CA ALA A 70 18.70 2.47 -12.14
C ALA A 70 19.05 0.97 -12.08
N MET A 71 18.07 0.14 -11.87
CA MET A 71 18.33 -1.32 -11.79
C MET A 71 18.76 -1.86 -13.16
N GLN A 72 19.58 -2.87 -13.16
CA GLN A 72 20.04 -3.47 -14.46
C GLN A 72 19.28 -4.77 -14.68
N GLU A 73 19.09 -5.17 -15.89
CA GLU A 73 18.36 -6.45 -16.15
C GLU A 73 19.07 -7.58 -15.40
N GLU A 74 20.36 -7.48 -15.26
CA GLU A 74 21.11 -8.55 -14.54
C GLU A 74 20.52 -8.72 -13.14
N ASP A 75 20.13 -7.64 -12.51
CA ASP A 75 19.54 -7.76 -11.15
C ASP A 75 18.27 -8.61 -11.20
N VAL A 76 17.50 -8.47 -12.25
CA VAL A 76 16.24 -9.26 -12.35
C VAL A 76 16.54 -10.75 -12.38
N GLU A 77 17.51 -11.18 -13.14
CA GLU A 77 17.82 -12.64 -13.19
C GLU A 77 18.35 -13.12 -11.83
N ARG A 78 19.13 -12.31 -11.16
CA ARG A 78 19.68 -12.76 -9.84
C ARG A 78 18.53 -12.91 -8.83
N LEU A 79 17.64 -11.96 -8.78
CA LEU A 79 16.51 -12.07 -7.81
C LEU A 79 15.56 -13.19 -8.25
N VAL A 80 15.42 -13.39 -9.53
CA VAL A 80 14.52 -14.48 -10.00
C VAL A 80 15.01 -15.80 -9.42
N GLN A 81 16.30 -15.98 -9.34
CA GLN A 81 16.85 -17.24 -8.76
C GLN A 81 16.99 -17.10 -7.25
N ASP A 82 17.67 -16.07 -6.81
CA ASP A 82 17.86 -15.86 -5.34
C ASP A 82 16.61 -15.23 -4.74
N ALA A 83 16.39 -15.42 -3.47
CA ALA A 83 15.19 -14.84 -2.81
C ALA A 83 14.00 -15.76 -3.01
N GLY A 84 13.87 -16.74 -2.16
CA GLY A 84 12.73 -17.70 -2.27
C GLY A 84 11.41 -16.96 -2.17
N ILE A 85 11.43 -15.66 -2.14
CA ILE A 85 10.16 -14.88 -2.04
C ILE A 85 9.21 -15.33 -3.16
N ILE A 86 8.15 -14.60 -3.38
CA ILE A 86 7.21 -14.99 -4.47
C ILE A 86 7.97 -15.06 -5.79
N ARG A 87 7.63 -15.97 -6.65
CA ARG A 87 8.35 -16.08 -7.95
C ARG A 87 7.51 -15.44 -9.05
N HIS A 88 8.06 -14.48 -9.75
CA HIS A 88 7.30 -13.82 -10.84
C HIS A 88 8.20 -12.75 -11.47
N ARG A 89 9.00 -13.13 -12.43
CA ARG A 89 9.90 -12.14 -13.07
C ARG A 89 9.09 -10.93 -13.53
N GLY A 90 7.87 -11.16 -13.95
CA GLY A 90 7.02 -10.04 -14.41
C GLY A 90 6.82 -9.03 -13.29
N LYS A 91 6.55 -9.48 -12.09
CA LYS A 91 6.34 -8.52 -10.96
C LYS A 91 7.61 -7.72 -10.71
N ILE A 92 8.75 -8.36 -10.71
CA ILE A 92 10.02 -7.60 -10.45
C ILE A 92 10.17 -6.52 -11.52
N GLN A 93 9.98 -6.86 -12.76
CA GLN A 93 10.11 -5.85 -13.85
C GLN A 93 9.12 -4.71 -13.62
N ALA A 94 7.96 -5.01 -13.11
CA ALA A 94 6.95 -3.94 -12.88
C ALA A 94 7.50 -2.91 -11.89
N ILE A 95 8.13 -3.35 -10.84
CA ILE A 95 8.69 -2.39 -9.84
C ILE A 95 9.71 -1.48 -10.55
N ILE A 96 10.51 -2.03 -11.41
CA ILE A 96 11.52 -1.19 -12.13
C ILE A 96 10.83 -0.06 -12.89
N GLY A 97 9.79 -0.37 -13.62
CA GLY A 97 9.08 0.68 -14.40
C GLY A 97 8.48 1.74 -13.46
N ASN A 98 7.86 1.32 -12.40
CA ASN A 98 7.25 2.31 -11.46
C ASN A 98 8.32 3.25 -10.91
N ALA A 99 9.50 2.74 -10.66
CA ALA A 99 10.58 3.62 -10.11
C ALA A 99 10.92 4.72 -11.13
N ARG A 100 11.02 4.37 -12.37
CA ARG A 100 11.35 5.41 -13.39
C ARG A 100 10.26 6.49 -13.40
N ALA A 101 9.02 6.07 -13.34
CA ALA A 101 7.91 7.08 -13.34
C ALA A 101 7.92 7.83 -12.01
N TYR A 102 8.10 7.12 -10.93
CA TYR A 102 8.12 7.77 -9.60
C TYR A 102 9.26 8.80 -9.53
N LEU A 103 10.42 8.44 -9.99
CA LEU A 103 11.56 9.38 -9.96
C LEU A 103 11.22 10.63 -10.78
N GLN A 104 10.54 10.45 -11.88
CA GLN A 104 10.17 11.62 -12.72
C GLN A 104 9.36 12.61 -11.89
N MET A 105 8.47 12.12 -11.07
CA MET A 105 7.65 13.04 -10.24
C MET A 105 8.55 13.84 -9.30
N GLU A 106 9.55 13.20 -8.75
CA GLU A 106 10.47 13.92 -7.82
C GLU A 106 11.27 14.99 -8.59
N GLN A 107 11.50 14.77 -9.85
CA GLN A 107 12.29 15.76 -10.64
C GLN A 107 11.67 17.14 -10.50
N ASN A 108 10.37 17.21 -10.37
CA ASN A 108 9.71 18.54 -10.23
C ASN A 108 9.72 18.97 -8.76
N GLY A 109 10.30 18.18 -7.88
CA GLY A 109 10.34 18.57 -6.45
C GLY A 109 8.94 18.46 -5.85
N GLU A 110 8.10 17.64 -6.43
CA GLU A 110 6.72 17.48 -5.90
C GLU A 110 6.58 16.09 -5.23
N PRO A 111 6.54 16.03 -3.92
CA PRO A 111 6.43 14.74 -3.20
C PRO A 111 5.26 13.88 -3.73
N PHE A 112 5.50 12.62 -3.94
CA PHE A 112 4.42 11.73 -4.46
C PHE A 112 3.25 11.74 -3.48
N ALA A 113 3.54 11.69 -2.21
CA ALA A 113 2.46 11.69 -1.19
C ALA A 113 1.62 12.97 -1.32
N ASP A 114 2.26 14.07 -1.63
CA ASP A 114 1.50 15.34 -1.76
C ASP A 114 0.39 15.17 -2.81
N PHE A 115 0.69 14.47 -3.88
CA PHE A 115 -0.33 14.26 -4.93
C PHE A 115 -1.50 13.43 -4.37
N VAL A 116 -1.21 12.42 -3.61
CA VAL A 116 -2.29 11.58 -3.03
C VAL A 116 -3.20 12.45 -2.16
N TRP A 117 -2.62 13.25 -1.30
CA TRP A 117 -3.46 14.12 -0.42
C TRP A 117 -4.21 15.15 -1.28
N SER A 118 -3.62 15.58 -2.35
CA SER A 118 -4.29 16.59 -3.22
C SER A 118 -5.63 16.08 -3.73
N PHE A 119 -5.72 14.82 -4.07
CA PHE A 119 -7.02 14.28 -4.60
C PHE A 119 -8.11 14.38 -3.52
N VAL A 120 -7.75 14.27 -2.28
CA VAL A 120 -8.77 14.35 -1.20
C VAL A 120 -8.72 15.75 -0.57
N ASN A 121 -8.11 16.68 -1.27
CA ASN A 121 -8.03 18.07 -0.73
C ASN A 121 -7.35 18.05 0.64
N HIS A 122 -6.32 17.29 0.78
CA HIS A 122 -5.61 17.22 2.09
C HIS A 122 -6.63 17.15 3.22
N GLN A 123 -7.77 16.59 2.95
CA GLN A 123 -8.83 16.49 4.00
C GLN A 123 -9.15 15.00 4.24
N PRO A 124 -8.52 14.38 5.22
CA PRO A 124 -8.75 12.95 5.52
C PRO A 124 -10.24 12.61 5.64
N GLN A 125 -10.61 11.42 5.25
CA GLN A 125 -12.04 11.03 5.32
C GLN A 125 -12.26 10.11 6.52
N MET A 126 -13.41 10.18 7.13
CA MET A 126 -13.69 9.32 8.32
C MET A 126 -14.96 8.50 8.06
N THR A 127 -15.07 7.34 8.66
CA THR A 127 -16.28 6.51 8.42
C THR A 127 -16.83 6.00 9.76
N GLN A 128 -18.09 5.70 9.81
CA GLN A 128 -18.71 5.18 11.06
C GLN A 128 -19.39 3.85 10.75
N ALA A 129 -18.66 2.96 10.13
CA ALA A 129 -19.24 1.63 9.77
C ALA A 129 -19.33 0.74 10.99
N THR A 130 -20.45 0.09 11.19
CA THR A 130 -20.60 -0.81 12.36
C THR A 130 -20.06 -2.20 11.99
N THR A 131 -20.18 -2.57 10.74
CA THR A 131 -19.69 -3.91 10.30
C THR A 131 -18.65 -3.73 9.19
N LEU A 132 -17.79 -4.69 8.99
CA LEU A 132 -16.75 -4.56 7.94
C LEU A 132 -17.42 -4.27 6.58
N SER A 133 -18.54 -4.89 6.31
CA SER A 133 -19.22 -4.65 5.00
C SER A 133 -19.66 -3.19 4.90
N GLU A 134 -20.00 -2.56 5.99
CA GLU A 134 -20.44 -1.15 5.96
C GLU A 134 -19.33 -0.25 5.41
N ILE A 135 -18.09 -0.62 5.58
CA ILE A 135 -16.99 0.22 5.06
C ILE A 135 -17.00 0.21 3.53
N PRO A 136 -17.23 1.34 2.88
CA PRO A 136 -17.24 1.42 1.38
C PRO A 136 -16.00 0.77 0.76
N THR A 137 -16.17 0.06 -0.32
CA THR A 137 -15.01 -0.57 -0.99
C THR A 137 -14.68 0.19 -2.26
N SER A 138 -15.38 1.26 -2.52
CA SER A 138 -15.10 2.05 -3.75
C SER A 138 -15.52 3.50 -3.55
N THR A 139 -14.69 4.28 -2.90
CA THR A 139 -15.03 5.72 -2.68
C THR A 139 -14.74 6.50 -3.96
N PRO A 140 -15.47 7.57 -4.22
CA PRO A 140 -15.24 8.39 -5.43
C PRO A 140 -13.77 8.75 -5.62
N ALA A 141 -13.05 8.93 -4.55
CA ALA A 141 -11.61 9.28 -4.67
C ALA A 141 -10.82 8.06 -5.14
N SER A 142 -11.18 6.90 -4.69
CA SER A 142 -10.44 5.68 -5.11
C SER A 142 -10.50 5.54 -6.63
N ASP A 143 -11.65 5.75 -7.21
CA ASP A 143 -11.77 5.64 -8.69
C ASP A 143 -10.91 6.72 -9.35
N ALA A 144 -10.93 7.91 -8.81
CA ALA A 144 -10.13 9.01 -9.41
C ALA A 144 -8.64 8.74 -9.19
N LEU A 145 -8.27 8.30 -8.03
CA LEU A 145 -6.83 8.02 -7.77
C LEU A 145 -6.33 6.93 -8.69
N SER A 146 -7.10 5.89 -8.88
CA SER A 146 -6.65 4.79 -9.77
C SER A 146 -6.40 5.34 -11.17
N LYS A 147 -7.27 6.19 -11.63
CA LYS A 147 -7.08 6.77 -13.00
C LYS A 147 -5.78 7.56 -13.05
N ALA A 148 -5.47 8.27 -12.00
CA ALA A 148 -4.21 9.07 -11.99
C ALA A 148 -2.99 8.14 -12.04
N LEU A 149 -2.98 7.10 -11.24
CA LEU A 149 -1.81 6.18 -11.26
C LEU A 149 -1.72 5.51 -12.63
N LYS A 150 -2.84 5.16 -13.22
CA LYS A 150 -2.78 4.50 -14.56
C LYS A 150 -2.08 5.43 -15.55
N LYS A 151 -2.35 6.71 -15.48
CA LYS A 151 -1.67 7.65 -16.40
C LYS A 151 -0.17 7.61 -16.14
N ARG A 152 0.21 7.47 -14.91
CA ARG A 152 1.66 7.41 -14.56
C ARG A 152 2.30 6.18 -15.19
N GLY A 153 1.51 5.21 -15.55
CA GLY A 153 2.07 3.97 -16.15
C GLY A 153 2.22 2.89 -15.08
N PHE A 154 1.55 3.06 -13.98
CA PHE A 154 1.64 2.04 -12.89
C PHE A 154 0.80 0.81 -13.24
N LYS A 155 1.30 -0.36 -12.92
CA LYS A 155 0.56 -1.61 -13.23
C LYS A 155 -0.02 -2.18 -11.93
N PHE A 156 -0.77 -3.25 -12.02
CA PHE A 156 -1.37 -3.85 -10.79
C PHE A 156 -1.93 -2.73 -9.91
N VAL A 157 -2.57 -1.78 -10.52
CA VAL A 157 -3.16 -0.65 -9.75
C VAL A 157 -4.68 -0.78 -9.71
N GLY A 158 -5.18 -1.97 -9.86
CA GLY A 158 -6.67 -2.17 -9.84
C GLY A 158 -7.28 -1.30 -8.75
N THR A 159 -8.53 -0.97 -8.88
CA THR A 159 -9.19 -0.12 -7.85
C THR A 159 -9.18 -0.85 -6.50
N THR A 160 -9.05 -2.14 -6.50
CA THR A 160 -9.03 -2.88 -5.21
C THR A 160 -7.75 -2.52 -4.45
N ILE A 161 -6.64 -2.52 -5.14
CA ILE A 161 -5.37 -2.17 -4.48
C ILE A 161 -5.37 -0.70 -4.06
N CYS A 162 -6.02 0.14 -4.81
CA CYS A 162 -6.07 1.57 -4.44
C CYS A 162 -6.77 1.70 -3.08
N TYR A 163 -7.83 0.97 -2.89
CA TYR A 163 -8.55 1.04 -1.59
C TYR A 163 -7.65 0.44 -0.50
N SER A 164 -7.02 -0.66 -0.78
CA SER A 164 -6.13 -1.30 0.23
C SER A 164 -5.05 -0.29 0.64
N PHE A 165 -4.59 0.48 -0.30
CA PHE A 165 -3.54 1.50 0.01
C PHE A 165 -4.07 2.47 1.06
N MET A 166 -5.30 2.92 0.92
CA MET A 166 -5.86 3.86 1.92
C MET A 166 -5.95 3.18 3.29
N GLN A 167 -6.31 1.93 3.33
CA GLN A 167 -6.43 1.23 4.65
C GLN A 167 -5.06 1.20 5.34
N ALA A 168 -4.04 0.83 4.63
CA ALA A 168 -2.68 0.77 5.23
C ALA A 168 -2.14 2.19 5.40
N CYS A 169 -2.30 3.00 4.40
CA CYS A 169 -1.78 4.40 4.47
C CYS A 169 -2.54 5.19 5.55
N GLY A 170 -3.82 4.96 5.67
CA GLY A 170 -4.62 5.69 6.70
C GLY A 170 -5.30 6.91 6.06
N LEU A 171 -5.42 6.95 4.77
CA LEU A 171 -6.10 8.12 4.12
C LEU A 171 -7.49 8.29 4.71
N VAL A 172 -8.13 7.20 5.03
CA VAL A 172 -9.50 7.26 5.62
C VAL A 172 -9.45 6.64 7.01
N ASN A 173 -10.34 7.02 7.89
CA ASN A 173 -10.32 6.42 9.24
C ASN A 173 -11.25 5.22 9.28
N ASP A 174 -10.70 4.04 9.20
CA ASP A 174 -11.53 2.80 9.22
C ASP A 174 -11.09 1.94 10.41
N HIS A 175 -11.80 0.85 10.63
CA HIS A 175 -11.49 -0.12 11.75
C HIS A 175 -12.80 -0.50 12.44
N VAL A 176 -13.91 -0.03 11.95
CA VAL A 176 -15.20 -0.35 12.62
C VAL A 176 -15.20 0.40 13.96
N VAL A 177 -16.24 1.13 14.25
CA VAL A 177 -16.28 1.90 15.52
C VAL A 177 -15.97 0.98 16.70
N GLY A 178 -16.36 -0.26 16.62
CA GLY A 178 -16.09 -1.21 17.75
C GLY A 178 -14.59 -1.16 18.11
N CYS A 179 -13.73 -0.97 17.13
CA CYS A 179 -12.27 -0.91 17.43
C CYS A 179 -12.03 0.25 18.39
N CYS A 180 -11.97 -0.04 19.67
CA CYS A 180 -11.76 1.04 20.68
C CYS A 180 -10.79 2.10 20.12
N CYS A 181 -9.83 1.70 19.35
CA CYS A 181 -8.88 2.68 18.77
C CYS A 181 -9.66 3.74 17.98
N TYR A 182 -10.73 3.33 17.33
CA TYR A 182 -11.54 4.30 16.55
C TYR A 182 -12.31 5.23 17.51
N PRO A 183 -12.13 6.53 17.41
CA PRO A 183 -12.84 7.51 18.30
C PRO A 183 -14.29 7.74 17.87
N GLY A 184 -14.94 8.69 18.50
CA GLY A 184 -16.36 8.98 18.16
C GLY A 184 -17.28 8.28 19.16
N ASN A 185 -16.72 7.52 20.06
CA ASN A 185 -17.54 6.80 21.07
C ASN A 185 -17.64 7.64 22.33
N LYS A 186 -17.24 8.88 22.25
CA LYS A 186 -17.30 9.77 23.44
C LYS A 186 -18.40 10.82 23.25
N PRO A 187 -18.99 11.30 24.31
CA PRO A 187 -20.07 12.32 24.24
C PRO A 187 -19.78 13.39 23.18
ZN ZN B . -8.63 -1.38 14.52
N MET A 1 -15.54 -6.98 24.80
CA MET A 1 -15.55 -5.63 24.16
C MET A 1 -15.70 -5.78 22.64
N GLU A 2 -15.74 -4.70 21.92
CA GLU A 2 -15.90 -4.79 20.45
C GLU A 2 -14.51 -4.83 19.78
N ARG A 3 -14.40 -5.52 18.68
CA ARG A 3 -13.08 -5.59 17.97
C ARG A 3 -13.32 -5.38 16.47
N CYS A 4 -12.34 -4.86 15.77
CA CYS A 4 -12.51 -4.62 14.31
C CYS A 4 -12.93 -5.93 13.62
N GLY A 5 -13.84 -5.86 12.70
CA GLY A 5 -14.30 -7.08 11.98
C GLY A 5 -13.18 -7.66 11.11
N TRP A 6 -12.32 -6.84 10.60
CA TRP A 6 -11.23 -7.36 9.72
C TRP A 6 -10.48 -8.49 10.43
N VAL A 7 -10.35 -8.42 11.72
CA VAL A 7 -9.64 -9.50 12.46
C VAL A 7 -10.34 -10.85 12.22
N SER A 8 -9.57 -11.86 11.94
CA SER A 8 -10.17 -13.21 11.68
C SER A 8 -9.11 -14.10 11.02
N GLN A 9 -7.95 -13.56 10.80
CA GLN A 9 -6.86 -14.34 10.16
C GLN A 9 -5.77 -14.65 11.19
N ASP A 10 -4.69 -15.25 10.76
CA ASP A 10 -3.60 -15.58 11.73
C ASP A 10 -3.38 -14.39 12.66
N PRO A 11 -2.87 -14.64 13.85
CA PRO A 11 -2.61 -13.58 14.86
C PRO A 11 -1.68 -12.48 14.33
N LEU A 12 -0.98 -12.75 13.27
CA LEU A 12 -0.04 -11.72 12.72
C LEU A 12 -0.85 -10.50 12.26
N TYR A 13 -2.02 -10.71 11.73
CA TYR A 13 -2.84 -9.55 11.27
C TYR A 13 -3.23 -8.64 12.45
N ILE A 14 -3.78 -9.21 13.50
CA ILE A 14 -4.19 -8.37 14.65
C ILE A 14 -2.97 -7.66 15.24
N ALA A 15 -1.85 -8.32 15.31
CA ALA A 15 -0.65 -7.65 15.86
C ALA A 15 -0.37 -6.44 14.97
N TYR A 16 -0.60 -6.58 13.69
CA TYR A 16 -0.39 -5.45 12.76
C TYR A 16 -1.48 -4.40 12.98
N HIS A 17 -2.68 -4.84 13.31
CA HIS A 17 -3.79 -3.87 13.53
C HIS A 17 -3.37 -2.83 14.58
N ASP A 18 -2.73 -3.25 15.64
CA ASP A 18 -2.31 -2.28 16.69
C ASP A 18 -0.92 -1.71 16.38
N ASN A 19 -0.10 -2.45 15.69
CA ASN A 19 1.28 -1.96 15.39
C ASN A 19 1.21 -0.61 14.66
N GLU A 20 0.38 -0.51 13.65
CA GLU A 20 0.27 0.76 12.88
C GLU A 20 -0.73 0.56 11.75
N TRP A 21 -1.98 0.41 12.07
CA TRP A 21 -3.02 0.18 11.03
C TRP A 21 -4.10 1.26 11.13
N GLY A 22 -4.33 1.98 10.08
CA GLY A 22 -5.38 3.04 10.13
C GLY A 22 -4.75 4.37 10.55
N VAL A 23 -3.45 4.41 10.68
CA VAL A 23 -2.77 5.67 11.08
C VAL A 23 -2.29 6.41 9.82
N PRO A 24 -2.76 7.60 9.56
CA PRO A 24 -2.33 8.38 8.35
C PRO A 24 -0.81 8.37 8.19
N GLU A 25 -0.33 8.09 7.01
CA GLU A 25 1.15 8.06 6.78
C GLU A 25 1.53 9.19 5.84
N THR A 26 2.60 9.88 6.14
CA THR A 26 3.06 10.99 5.26
C THR A 26 4.42 10.63 4.67
N ASP A 27 4.88 9.44 4.90
CA ASP A 27 6.21 9.04 4.35
C ASP A 27 6.04 8.50 2.93
N SER A 28 6.64 9.14 1.97
CA SER A 28 6.52 8.66 0.57
C SER A 28 7.24 7.32 0.42
N LYS A 29 8.27 7.10 1.19
CA LYS A 29 9.00 5.82 1.08
C LYS A 29 8.06 4.66 1.41
N LYS A 30 7.28 4.79 2.45
CA LYS A 30 6.34 3.69 2.80
C LYS A 30 5.26 3.56 1.72
N LEU A 31 4.73 4.67 1.27
CA LEU A 31 3.66 4.59 0.21
C LEU A 31 4.27 4.05 -1.08
N PHE A 32 5.46 4.46 -1.41
CA PHE A 32 6.11 3.97 -2.65
C PHE A 32 6.30 2.45 -2.56
N GLU A 33 6.90 1.98 -1.51
CA GLU A 33 7.11 0.52 -1.37
C GLU A 33 5.74 -0.16 -1.27
N MET A 34 4.81 0.51 -0.65
CA MET A 34 3.45 -0.08 -0.50
C MET A 34 2.82 -0.29 -1.87
N ILE A 35 2.95 0.67 -2.75
CA ILE A 35 2.35 0.51 -4.11
C ILE A 35 2.94 -0.72 -4.81
N CYS A 36 4.23 -0.85 -4.81
CA CYS A 36 4.86 -2.02 -5.49
C CYS A 36 4.66 -3.29 -4.67
N LEU A 37 4.80 -3.20 -3.37
CA LEU A 37 4.67 -4.41 -2.51
C LEU A 37 3.23 -4.95 -2.51
N GLU A 38 2.24 -4.12 -2.34
CA GLU A 38 0.84 -4.62 -2.31
C GLU A 38 0.42 -5.09 -3.70
N GLY A 39 1.06 -4.62 -4.75
CA GLY A 39 0.65 -5.06 -6.12
C GLY A 39 0.44 -6.58 -6.12
N GLN A 40 1.28 -7.30 -5.43
CA GLN A 40 1.12 -8.78 -5.37
C GLN A 40 -0.18 -9.15 -4.63
N GLN A 41 -0.58 -8.35 -3.69
CA GLN A 41 -1.82 -8.68 -2.91
C GLN A 41 -2.94 -9.08 -3.88
N ALA A 42 -2.93 -8.54 -5.07
CA ALA A 42 -4.01 -8.89 -6.04
C ALA A 42 -4.28 -10.40 -5.98
N GLY A 43 -5.42 -10.78 -5.46
CA GLY A 43 -5.75 -12.23 -5.37
C GLY A 43 -5.34 -12.74 -3.98
N LEU A 44 -4.25 -12.25 -3.46
CA LEU A 44 -3.78 -12.68 -2.13
C LEU A 44 -4.30 -11.71 -1.06
N SER A 45 -4.19 -12.07 0.19
CA SER A 45 -4.70 -11.18 1.27
C SER A 45 -3.54 -10.38 1.88
N TRP A 46 -3.87 -9.30 2.56
CA TRP A 46 -2.81 -8.46 3.18
C TRP A 46 -1.90 -9.30 4.08
N ILE A 47 -2.44 -10.28 4.76
CA ILE A 47 -1.58 -11.12 5.65
C ILE A 47 -0.43 -11.73 4.85
N THR A 48 -0.69 -12.16 3.66
CA THR A 48 0.39 -12.75 2.84
C THR A 48 1.42 -11.68 2.50
N VAL A 49 0.96 -10.48 2.25
CA VAL A 49 1.89 -9.37 1.89
C VAL A 49 2.82 -9.04 3.07
N LEU A 50 2.32 -8.98 4.27
CA LEU A 50 3.20 -8.64 5.43
C LEU A 50 4.38 -9.61 5.52
N LYS A 51 4.12 -10.89 5.50
CA LYS A 51 5.27 -11.84 5.58
C LYS A 51 6.20 -11.51 4.41
N LYS A 52 5.63 -11.29 3.27
CA LYS A 52 6.41 -10.92 2.06
C LYS A 52 7.10 -9.58 2.30
N ARG A 53 6.48 -8.71 3.06
CA ARG A 53 7.10 -7.38 3.33
C ARG A 53 8.52 -7.58 3.82
N GLU A 54 8.73 -8.51 4.70
CA GLU A 54 10.11 -8.75 5.19
C GLU A 54 10.96 -9.34 4.06
N ASN A 55 10.42 -10.29 3.33
CA ASN A 55 11.20 -10.89 2.22
C ASN A 55 11.46 -9.84 1.13
N TYR A 56 10.50 -8.98 0.90
CA TYR A 56 10.67 -7.92 -0.14
C TYR A 56 11.90 -7.08 0.18
N ARG A 57 12.06 -6.69 1.41
CA ARG A 57 13.25 -5.87 1.76
C ARG A 57 14.51 -6.70 1.55
N ALA A 58 14.42 -7.99 1.67
CA ALA A 58 15.64 -8.83 1.48
C ALA A 58 16.18 -8.67 0.06
N CYS A 59 15.34 -8.67 -0.94
CA CYS A 59 15.86 -8.54 -2.34
C CYS A 59 15.89 -7.08 -2.82
N PHE A 60 14.91 -6.28 -2.48
CA PHE A 60 14.89 -4.88 -3.00
C PHE A 60 15.59 -3.87 -2.06
N HIS A 61 15.23 -3.83 -0.81
CA HIS A 61 15.86 -2.84 0.10
C HIS A 61 17.39 -2.94 0.06
N GLN A 62 17.90 -4.13 -0.11
CA GLN A 62 19.39 -4.29 -0.16
C GLN A 62 19.99 -3.39 -1.24
N PHE A 63 19.31 -3.24 -2.35
CA PHE A 63 19.88 -2.38 -3.45
C PHE A 63 19.23 -0.99 -3.43
N ASP A 64 18.37 -0.71 -2.50
CA ASP A 64 17.73 0.63 -2.47
C ASP A 64 17.01 0.87 -3.80
N PRO A 65 16.12 1.82 -3.82
CA PRO A 65 15.32 2.15 -5.05
C PRO A 65 16.13 2.83 -6.16
N VAL A 66 17.08 3.66 -5.82
CA VAL A 66 17.88 4.36 -6.89
C VAL A 66 18.56 3.32 -7.78
N LYS A 67 19.21 2.35 -7.20
CA LYS A 67 19.89 1.31 -8.01
C LYS A 67 18.87 0.52 -8.82
N VAL A 68 17.69 0.34 -8.27
CA VAL A 68 16.65 -0.44 -9.00
C VAL A 68 16.40 0.21 -10.36
N ALA A 69 16.33 1.51 -10.42
CA ALA A 69 16.11 2.18 -11.73
C ALA A 69 17.36 2.01 -12.58
N ALA A 70 18.50 1.88 -11.94
CA ALA A 70 19.77 1.72 -12.69
C ALA A 70 19.98 0.25 -13.08
N MET A 71 19.08 -0.63 -12.72
CA MET A 71 19.26 -2.07 -13.08
C MET A 71 18.77 -2.33 -14.50
N GLN A 72 19.12 -3.47 -15.03
CA GLN A 72 18.70 -3.82 -16.42
C GLN A 72 17.94 -5.15 -16.43
N GLU A 73 17.41 -5.52 -17.57
CA GLU A 73 16.64 -6.80 -17.66
C GLU A 73 17.51 -7.98 -17.23
N GLU A 74 18.80 -7.89 -17.38
CA GLU A 74 19.64 -9.05 -16.95
C GLU A 74 19.65 -9.12 -15.42
N ASP A 75 19.51 -8.00 -14.78
CA ASP A 75 19.52 -7.98 -13.29
C ASP A 75 18.29 -8.71 -12.73
N VAL A 76 17.12 -8.44 -13.25
CA VAL A 76 15.91 -9.12 -12.72
C VAL A 76 16.00 -10.61 -13.00
N GLU A 77 16.38 -10.97 -14.18
CA GLU A 77 16.50 -12.42 -14.52
C GLU A 77 17.59 -13.05 -13.63
N ARG A 78 18.62 -12.30 -13.34
CA ARG A 78 19.71 -12.86 -12.49
C ARG A 78 19.23 -13.10 -11.05
N LEU A 79 18.52 -12.16 -10.49
CA LEU A 79 18.04 -12.32 -9.09
C LEU A 79 16.79 -13.21 -9.06
N VAL A 80 16.10 -13.33 -10.16
CA VAL A 80 14.87 -14.17 -10.16
C VAL A 80 15.20 -15.56 -9.57
N GLN A 81 16.34 -16.09 -9.90
CA GLN A 81 16.71 -17.43 -9.35
C GLN A 81 16.75 -17.35 -7.83
N ASP A 82 17.35 -16.31 -7.30
CA ASP A 82 17.42 -16.16 -5.82
C ASP A 82 16.35 -15.16 -5.38
N ALA A 83 15.40 -15.57 -4.59
CA ALA A 83 14.35 -14.62 -4.14
C ALA A 83 13.40 -15.31 -3.15
N GLY A 84 12.63 -16.25 -3.63
CA GLY A 84 11.67 -16.96 -2.73
C GLY A 84 10.48 -16.05 -2.45
N ILE A 85 10.16 -15.19 -3.38
CA ILE A 85 9.00 -14.26 -3.19
C ILE A 85 7.97 -14.48 -4.30
N ILE A 86 6.77 -14.00 -4.08
CA ILE A 86 5.67 -14.20 -5.09
C ILE A 86 6.00 -13.49 -6.40
N ARG A 87 6.96 -12.64 -6.39
CA ARG A 87 7.30 -11.90 -7.65
C ARG A 87 7.72 -12.86 -8.75
N HIS A 88 7.37 -12.56 -9.97
CA HIS A 88 7.75 -13.42 -11.12
C HIS A 88 8.68 -12.61 -12.03
N ARG A 89 9.33 -13.26 -12.97
CA ARG A 89 10.25 -12.49 -13.87
C ARG A 89 9.52 -11.29 -14.47
N GLY A 90 8.27 -11.46 -14.82
CA GLY A 90 7.52 -10.33 -15.42
C GLY A 90 7.23 -9.26 -14.36
N LYS A 91 6.76 -9.66 -13.21
CA LYS A 91 6.43 -8.65 -12.15
C LYS A 91 7.69 -7.89 -11.74
N ILE A 92 8.80 -8.57 -11.58
CA ILE A 92 10.05 -7.85 -11.17
C ILE A 92 10.33 -6.73 -12.18
N GLN A 93 10.14 -7.00 -13.44
CA GLN A 93 10.37 -5.94 -14.46
C GLN A 93 9.46 -4.76 -14.14
N ALA A 94 8.28 -5.01 -13.66
CA ALA A 94 7.35 -3.91 -13.31
C ALA A 94 7.98 -3.02 -12.24
N ILE A 95 8.66 -3.60 -11.30
CA ILE A 95 9.31 -2.79 -10.23
C ILE A 95 10.35 -1.85 -10.86
N ILE A 96 11.10 -2.33 -11.81
CA ILE A 96 12.12 -1.46 -12.46
C ILE A 96 11.44 -0.22 -13.02
N GLY A 97 10.36 -0.38 -13.72
CA GLY A 97 9.65 0.81 -14.28
C GLY A 97 9.18 1.70 -13.14
N ASN A 98 8.73 1.10 -12.06
CA ASN A 98 8.26 1.91 -10.91
C ASN A 98 9.40 2.79 -10.40
N ALA A 99 10.60 2.29 -10.40
CA ALA A 99 11.75 3.11 -9.91
C ALA A 99 11.98 4.27 -10.87
N ARG A 100 11.93 4.02 -12.15
CA ARG A 100 12.14 5.13 -13.13
C ARG A 100 11.04 6.18 -12.95
N ALA A 101 9.83 5.76 -12.77
CA ALA A 101 8.72 6.74 -12.58
C ALA A 101 8.90 7.44 -11.23
N TYR A 102 9.32 6.72 -10.23
CA TYR A 102 9.52 7.33 -8.89
C TYR A 102 10.56 8.44 -8.99
N LEU A 103 11.64 8.17 -9.65
CA LEU A 103 12.71 9.20 -9.79
C LEU A 103 12.14 10.41 -10.53
N GLN A 104 11.30 10.18 -11.50
CA GLN A 104 10.70 11.31 -12.27
C GLN A 104 9.87 12.19 -11.33
N MET A 105 9.15 11.59 -10.42
CA MET A 105 8.31 12.40 -9.48
C MET A 105 9.23 13.33 -8.67
N GLU A 106 10.38 12.86 -8.29
CA GLU A 106 11.29 13.72 -7.51
C GLU A 106 11.73 14.93 -8.37
N GLN A 107 11.85 14.74 -9.65
CA GLN A 107 12.28 15.88 -10.51
C GLN A 107 11.34 17.05 -10.26
N ASN A 108 10.08 16.77 -10.04
CA ASN A 108 9.12 17.88 -9.78
C ASN A 108 8.99 18.08 -8.26
N GLY A 109 9.70 17.30 -7.47
CA GLY A 109 9.60 17.47 -5.99
C GLY A 109 8.15 17.22 -5.56
N GLU A 110 7.46 16.31 -6.21
CA GLU A 110 6.06 16.03 -5.84
C GLU A 110 5.90 14.54 -5.49
N PRO A 111 6.18 14.19 -4.25
CA PRO A 111 6.07 12.78 -3.77
C PRO A 111 4.66 12.22 -3.93
N PHE A 112 4.53 10.94 -4.14
CA PHE A 112 3.17 10.32 -4.29
C PHE A 112 2.33 10.67 -3.08
N ALA A 113 2.93 10.64 -1.93
CA ALA A 113 2.18 10.95 -0.68
C ALA A 113 1.56 12.34 -0.77
N ASP A 114 2.28 13.29 -1.29
CA ASP A 114 1.71 14.67 -1.40
C ASP A 114 0.59 14.67 -2.46
N PHE A 115 0.78 13.91 -3.52
CA PHE A 115 -0.24 13.88 -4.61
C PHE A 115 -1.54 13.20 -4.13
N VAL A 116 -1.44 12.05 -3.53
CA VAL A 116 -2.68 11.35 -3.06
C VAL A 116 -3.44 12.24 -2.08
N TRP A 117 -2.76 12.90 -1.18
CA TRP A 117 -3.49 13.77 -0.21
C TRP A 117 -4.29 14.83 -0.98
N SER A 118 -3.72 15.35 -2.03
CA SER A 118 -4.45 16.40 -2.83
C SER A 118 -5.76 15.83 -3.37
N PHE A 119 -5.77 14.60 -3.78
CA PHE A 119 -7.02 14.01 -4.34
C PHE A 119 -8.12 14.02 -3.28
N VAL A 120 -7.76 13.90 -2.03
CA VAL A 120 -8.80 13.92 -0.96
C VAL A 120 -8.84 15.30 -0.31
N ASN A 121 -8.32 16.29 -0.99
CA ASN A 121 -8.32 17.67 -0.43
C ASN A 121 -7.49 17.72 0.85
N HIS A 122 -6.46 16.95 0.92
CA HIS A 122 -5.60 16.96 2.14
C HIS A 122 -6.49 16.99 3.39
N GLN A 123 -7.56 16.24 3.37
CA GLN A 123 -8.48 16.24 4.54
C GLN A 123 -8.80 14.79 4.93
N PRO A 124 -8.15 14.25 5.94
CA PRO A 124 -8.39 12.86 6.40
C PRO A 124 -9.88 12.59 6.60
N GLN A 125 -10.31 11.38 6.34
CA GLN A 125 -11.76 11.05 6.49
C GLN A 125 -11.96 10.04 7.62
N MET A 126 -13.09 10.09 8.28
CA MET A 126 -13.38 9.14 9.38
C MET A 126 -14.73 8.45 9.09
N THR A 127 -14.96 7.30 9.63
CA THR A 127 -16.26 6.60 9.36
C THR A 127 -16.94 6.22 10.68
N GLN A 128 -18.25 6.11 10.64
CA GLN A 128 -19.02 5.71 11.84
C GLN A 128 -19.90 4.53 11.46
N ALA A 129 -19.39 3.66 10.63
CA ALA A 129 -20.17 2.48 10.19
C ALA A 129 -20.24 1.44 11.31
N THR A 130 -21.37 0.84 11.52
CA THR A 130 -21.47 -0.18 12.60
C THR A 130 -20.79 -1.47 12.12
N THR A 131 -20.90 -1.75 10.84
CA THR A 131 -20.27 -2.97 10.29
C THR A 131 -19.51 -2.63 9.00
N LEU A 132 -18.77 -3.57 8.51
CA LEU A 132 -17.97 -3.33 7.26
C LEU A 132 -18.91 -3.09 6.06
N SER A 133 -20.08 -3.69 6.07
CA SER A 133 -20.99 -3.52 4.90
C SER A 133 -21.33 -2.03 4.70
N GLU A 134 -21.50 -1.28 5.77
CA GLU A 134 -21.81 0.16 5.60
C GLU A 134 -20.62 0.90 4.99
N ILE A 135 -19.43 0.43 5.23
CA ILE A 135 -18.23 1.12 4.67
C ILE A 135 -18.20 0.96 3.14
N PRO A 136 -17.99 2.03 2.41
CA PRO A 136 -17.94 1.97 0.92
C PRO A 136 -16.66 1.29 0.42
N THR A 137 -16.77 0.45 -0.58
CA THR A 137 -15.56 -0.24 -1.10
C THR A 137 -15.11 0.46 -2.38
N SER A 138 -15.78 1.52 -2.76
CA SER A 138 -15.39 2.24 -4.01
C SER A 138 -15.77 3.71 -3.90
N THR A 139 -15.00 4.49 -3.20
CA THR A 139 -15.33 5.94 -3.07
C THR A 139 -14.88 6.65 -4.35
N PRO A 140 -15.51 7.75 -4.69
CA PRO A 140 -15.17 8.52 -5.91
C PRO A 140 -13.68 8.89 -5.96
N ALA A 141 -13.08 9.08 -4.82
CA ALA A 141 -11.64 9.44 -4.81
C ALA A 141 -10.80 8.20 -5.15
N SER A 142 -11.19 7.06 -4.64
CA SER A 142 -10.42 5.81 -4.93
C SER A 142 -10.42 5.53 -6.43
N ASP A 143 -11.53 5.71 -7.09
CA ASP A 143 -11.58 5.45 -8.55
C ASP A 143 -10.59 6.37 -9.26
N ALA A 144 -10.57 7.63 -8.89
CA ALA A 144 -9.62 8.58 -9.53
C ALA A 144 -8.19 8.21 -9.13
N LEU A 145 -8.02 7.70 -7.94
CA LEU A 145 -6.66 7.33 -7.48
C LEU A 145 -6.07 6.29 -8.43
N SER A 146 -6.83 5.27 -8.75
CA SER A 146 -6.30 4.24 -9.68
C SER A 146 -5.98 4.87 -11.03
N LYS A 147 -6.79 5.80 -11.46
CA LYS A 147 -6.52 6.46 -12.77
C LYS A 147 -5.22 7.25 -12.69
N ALA A 148 -4.99 7.93 -11.60
CA ALA A 148 -3.74 8.74 -11.46
C ALA A 148 -2.52 7.83 -11.45
N LEU A 149 -2.59 6.73 -10.73
CA LEU A 149 -1.42 5.81 -10.68
C LEU A 149 -1.15 5.28 -12.09
N LYS A 150 -2.17 5.01 -12.85
CA LYS A 150 -1.97 4.50 -14.23
C LYS A 150 -1.21 5.54 -15.07
N LYS A 151 -1.47 6.79 -14.84
CA LYS A 151 -0.77 7.85 -15.63
C LYS A 151 0.74 7.74 -15.43
N ARG A 152 1.18 7.50 -14.22
CA ARG A 152 2.63 7.38 -13.96
C ARG A 152 3.19 6.13 -14.65
N GLY A 153 2.34 5.19 -14.96
CA GLY A 153 2.82 3.95 -15.63
C GLY A 153 2.96 2.83 -14.60
N PHE A 154 2.22 2.90 -13.53
CA PHE A 154 2.31 1.84 -12.49
C PHE A 154 1.27 0.75 -12.77
N LYS A 155 1.68 -0.48 -12.75
CA LYS A 155 0.72 -1.59 -13.00
C LYS A 155 0.22 -2.14 -11.67
N PHE A 156 -0.79 -2.98 -11.71
CA PHE A 156 -1.35 -3.54 -10.45
C PHE A 156 -1.89 -2.42 -9.58
N VAL A 157 -2.63 -1.51 -10.17
CA VAL A 157 -3.19 -0.37 -9.39
C VAL A 157 -4.72 -0.40 -9.46
N GLY A 158 -5.29 -1.55 -9.68
CA GLY A 158 -6.78 -1.62 -9.77
C GLY A 158 -7.41 -0.82 -8.63
N THR A 159 -8.64 -0.44 -8.76
CA THR A 159 -9.30 0.35 -7.69
C THR A 159 -9.18 -0.40 -6.37
N THR A 160 -9.20 -1.71 -6.42
CA THR A 160 -9.08 -2.49 -5.15
C THR A 160 -7.74 -2.20 -4.51
N ILE A 161 -6.71 -2.13 -5.30
CA ILE A 161 -5.36 -1.84 -4.75
C ILE A 161 -5.34 -0.47 -4.08
N CYS A 162 -5.88 0.52 -4.74
CA CYS A 162 -5.89 1.89 -4.16
C CYS A 162 -6.62 1.87 -2.81
N TYR A 163 -7.70 1.15 -2.73
CA TYR A 163 -8.45 1.11 -1.45
C TYR A 163 -7.55 0.52 -0.36
N SER A 164 -6.70 -0.41 -0.71
CA SER A 164 -5.80 -1.02 0.31
C SER A 164 -4.91 0.05 0.92
N PHE A 165 -4.37 0.93 0.12
CA PHE A 165 -3.49 2.00 0.70
C PHE A 165 -4.31 2.85 1.68
N MET A 166 -5.49 3.24 1.31
CA MET A 166 -6.31 4.07 2.24
C MET A 166 -6.51 3.32 3.56
N GLN A 167 -6.76 2.05 3.48
CA GLN A 167 -6.97 1.26 4.73
C GLN A 167 -5.65 1.17 5.50
N ALA A 168 -4.57 0.88 4.80
CA ALA A 168 -3.25 0.77 5.48
C ALA A 168 -2.64 2.16 5.68
N CYS A 169 -2.48 2.92 4.64
CA CYS A 169 -1.89 4.28 4.77
C CYS A 169 -2.57 5.03 5.91
N GLY A 170 -3.86 4.90 6.03
CA GLY A 170 -4.57 5.61 7.14
C GLY A 170 -5.17 6.93 6.63
N LEU A 171 -5.19 7.16 5.36
CA LEU A 171 -5.78 8.43 4.86
C LEU A 171 -7.18 8.55 5.45
N VAL A 172 -7.87 7.46 5.56
CA VAL A 172 -9.24 7.48 6.14
C VAL A 172 -9.27 6.54 7.35
N ASN A 173 -10.08 6.83 8.33
CA ASN A 173 -10.13 5.93 9.52
C ASN A 173 -11.27 4.93 9.34
N ASP A 174 -10.95 3.71 8.98
CA ASP A 174 -12.00 2.68 8.77
C ASP A 174 -11.79 1.51 9.73
N HIS A 175 -12.39 1.55 10.89
CA HIS A 175 -12.25 0.44 11.86
C HIS A 175 -13.66 -0.05 12.22
N VAL A 176 -14.21 0.48 13.27
CA VAL A 176 -15.58 0.09 13.70
C VAL A 176 -15.87 0.76 15.05
N VAL A 177 -17.00 1.38 15.19
CA VAL A 177 -17.33 2.07 16.46
C VAL A 177 -17.11 1.11 17.63
N GLY A 178 -16.29 1.49 18.59
CA GLY A 178 -16.04 0.62 19.76
C GLY A 178 -14.76 -0.21 19.56
N CYS A 179 -14.00 0.06 18.54
CA CYS A 179 -12.75 -0.71 18.33
C CYS A 179 -11.76 -0.40 19.47
N CYS A 180 -12.19 -0.59 20.70
CA CYS A 180 -11.29 -0.31 21.85
C CYS A 180 -10.50 1.00 21.63
N CYS A 181 -9.38 0.91 20.96
CA CYS A 181 -8.56 2.13 20.72
C CYS A 181 -9.41 3.25 20.12
N TYR A 182 -10.38 2.91 19.31
CA TYR A 182 -11.23 3.98 18.68
C TYR A 182 -12.70 3.78 19.10
N PRO A 183 -13.12 4.40 20.18
CA PRO A 183 -14.52 4.29 20.66
C PRO A 183 -15.46 5.20 19.87
N GLY A 184 -15.27 6.48 19.97
CA GLY A 184 -16.12 7.43 19.22
C GLY A 184 -17.47 7.60 19.92
N ASN A 185 -17.78 6.73 20.86
CA ASN A 185 -19.07 6.84 21.58
C ASN A 185 -18.82 7.07 23.07
N LYS A 186 -17.60 7.34 23.42
CA LYS A 186 -17.28 7.59 24.85
C LYS A 186 -16.14 8.61 24.94
N PRO A 187 -16.03 9.30 26.04
CA PRO A 187 -14.96 10.32 26.26
C PRO A 187 -13.58 9.68 26.47
ZN ZN B . -9.65 -1.29 14.74
N MET A 1 -10.86 -4.70 26.08
CA MET A 1 -11.46 -3.79 25.05
C MET A 1 -11.83 -4.60 23.80
N GLU A 2 -12.84 -4.18 23.10
CA GLU A 2 -13.24 -4.92 21.86
C GLU A 2 -12.42 -4.43 20.68
N ARG A 3 -12.23 -5.27 19.68
CA ARG A 3 -11.43 -4.87 18.50
C ARG A 3 -12.31 -4.89 17.25
N CYS A 4 -11.86 -4.29 16.18
CA CYS A 4 -12.69 -4.28 14.93
C CYS A 4 -12.89 -5.70 14.43
N GLY A 5 -13.99 -5.95 13.80
CA GLY A 5 -14.25 -7.32 13.27
C GLY A 5 -13.18 -7.71 12.25
N TRP A 6 -12.49 -6.74 11.70
CA TRP A 6 -11.43 -7.06 10.69
C TRP A 6 -10.46 -8.10 11.25
N VAL A 7 -10.09 -7.97 12.50
CA VAL A 7 -9.14 -8.95 13.09
C VAL A 7 -9.83 -10.29 13.29
N SER A 8 -9.15 -11.37 12.98
CA SER A 8 -9.77 -12.72 13.16
C SER A 8 -8.94 -13.75 12.41
N GLN A 9 -7.75 -13.39 12.00
CA GLN A 9 -6.88 -14.37 11.26
C GLN A 9 -5.58 -14.60 12.03
N ASP A 10 -4.47 -14.57 11.36
CA ASP A 10 -3.17 -14.79 12.04
C ASP A 10 -2.89 -13.63 13.00
N PRO A 11 -2.07 -13.86 13.99
CA PRO A 11 -1.71 -12.82 15.00
C PRO A 11 -1.01 -11.62 14.38
N LEU A 12 -0.48 -11.76 13.20
CA LEU A 12 0.22 -10.62 12.55
C LEU A 12 -0.79 -9.49 12.32
N TYR A 13 -2.01 -9.83 11.97
CA TYR A 13 -3.04 -8.78 11.75
C TYR A 13 -3.14 -7.92 13.00
N ILE A 14 -3.36 -8.52 14.14
CA ILE A 14 -3.46 -7.72 15.40
C ILE A 14 -2.11 -7.10 15.75
N ALA A 15 -1.04 -7.84 15.63
CA ALA A 15 0.29 -7.25 15.95
C ALA A 15 0.53 -6.06 15.01
N TYR A 16 0.25 -6.26 13.75
CA TYR A 16 0.41 -5.17 12.76
C TYR A 16 -0.62 -4.07 13.06
N HIS A 17 -1.77 -4.46 13.55
CA HIS A 17 -2.83 -3.47 13.85
C HIS A 17 -2.30 -2.41 14.81
N ASP A 18 -1.77 -2.82 15.93
CA ASP A 18 -1.25 -1.83 16.91
C ASP A 18 -0.02 -1.14 16.34
N ASN A 19 0.83 -1.86 15.66
CA ASN A 19 2.05 -1.23 15.08
C ASN A 19 1.64 -0.13 14.11
N GLU A 20 0.69 -0.42 13.24
CA GLU A 20 0.23 0.60 12.26
C GLU A 20 -0.79 -0.03 11.31
N TRP A 21 -1.98 0.51 11.23
CA TRP A 21 -3.00 -0.07 10.31
C TRP A 21 -4.21 0.87 10.24
N GLY A 22 -4.23 1.77 9.30
CA GLY A 22 -5.39 2.71 9.18
C GLY A 22 -4.97 4.10 9.70
N VAL A 23 -3.81 4.20 10.29
CA VAL A 23 -3.36 5.53 10.79
C VAL A 23 -2.84 6.35 9.61
N PRO A 24 -2.96 7.66 9.68
CA PRO A 24 -2.50 8.57 8.59
C PRO A 24 -0.98 8.49 8.40
N GLU A 25 -0.53 8.18 7.21
CA GLU A 25 0.93 8.11 6.96
C GLU A 25 1.31 9.05 5.82
N THR A 26 2.39 9.76 5.96
CA THR A 26 2.83 10.70 4.90
C THR A 26 4.24 10.31 4.44
N ASP A 27 4.73 9.19 4.88
CA ASP A 27 6.10 8.77 4.48
C ASP A 27 6.09 8.35 3.01
N SER A 28 6.81 9.08 2.19
CA SER A 28 6.85 8.74 0.74
C SER A 28 7.32 7.29 0.53
N LYS A 29 8.29 6.85 1.28
CA LYS A 29 8.80 5.46 1.09
C LYS A 29 7.72 4.42 1.41
N LYS A 30 7.03 4.56 2.51
CA LYS A 30 5.99 3.55 2.89
C LYS A 30 4.81 3.56 1.90
N LEU A 31 4.37 4.71 1.49
CA LEU A 31 3.19 4.78 0.58
C LEU A 31 3.42 4.07 -0.76
N PHE A 32 4.52 4.34 -1.40
CA PHE A 32 4.75 3.72 -2.73
C PHE A 32 5.21 2.27 -2.58
N GLU A 33 6.03 1.99 -1.61
CA GLU A 33 6.48 0.59 -1.43
C GLU A 33 5.28 -0.29 -1.11
N MET A 34 4.30 0.25 -0.45
CA MET A 34 3.10 -0.56 -0.08
C MET A 34 2.21 -0.83 -1.30
N ILE A 35 1.81 0.19 -2.01
CA ILE A 35 0.91 -0.07 -3.19
C ILE A 35 1.61 -0.96 -4.21
N CYS A 36 2.91 -0.84 -4.35
CA CYS A 36 3.61 -1.71 -5.33
C CYS A 36 3.52 -3.16 -4.87
N LEU A 37 3.74 -3.39 -3.60
CA LEU A 37 3.66 -4.78 -3.06
C LEU A 37 2.21 -5.24 -3.01
N GLU A 38 1.29 -4.35 -2.79
CA GLU A 38 -0.15 -4.76 -2.72
C GLU A 38 -0.52 -5.52 -3.99
N GLY A 39 0.11 -5.21 -5.09
CA GLY A 39 -0.23 -5.93 -6.36
C GLY A 39 -0.25 -7.43 -6.07
N GLN A 40 0.71 -7.92 -5.32
CA GLN A 40 0.74 -9.36 -4.99
C GLN A 40 -0.49 -9.72 -4.14
N GLN A 41 -0.94 -8.80 -3.33
CA GLN A 41 -2.12 -9.10 -2.47
C GLN A 41 -3.31 -9.51 -3.33
N ALA A 42 -3.36 -9.09 -4.57
CA ALA A 42 -4.51 -9.48 -5.43
C ALA A 42 -4.84 -10.96 -5.19
N GLY A 43 -5.94 -11.23 -4.55
CA GLY A 43 -6.31 -12.64 -4.27
C GLY A 43 -5.82 -13.01 -2.87
N LEU A 44 -4.70 -12.46 -2.47
CA LEU A 44 -4.16 -12.77 -1.11
C LEU A 44 -4.41 -11.57 -0.18
N SER A 45 -4.57 -11.82 1.09
CA SER A 45 -4.82 -10.71 2.06
C SER A 45 -3.50 -10.00 2.38
N TRP A 46 -3.55 -8.83 2.97
CA TRP A 46 -2.29 -8.12 3.30
C TRP A 46 -1.46 -8.97 4.27
N ILE A 47 -2.08 -9.86 5.00
CA ILE A 47 -1.29 -10.69 5.95
C ILE A 47 -0.11 -11.28 5.18
N THR A 48 -0.34 -11.65 3.96
CA THR A 48 0.75 -12.23 3.14
C THR A 48 1.71 -11.12 2.68
N VAL A 49 1.19 -9.97 2.33
CA VAL A 49 2.06 -8.86 1.85
C VAL A 49 2.91 -8.26 2.98
N LEU A 50 2.34 -8.04 4.13
CA LEU A 50 3.13 -7.40 5.24
C LEU A 50 4.38 -8.23 5.55
N LYS A 51 4.24 -9.51 5.81
CA LYS A 51 5.45 -10.32 6.10
C LYS A 51 6.38 -10.30 4.88
N LYS A 52 5.82 -10.45 3.71
CA LYS A 52 6.66 -10.40 2.49
C LYS A 52 7.27 -9.02 2.37
N ARG A 53 6.61 -8.01 2.89
CA ARG A 53 7.16 -6.64 2.80
C ARG A 53 8.56 -6.63 3.37
N GLU A 54 8.75 -7.29 4.49
CA GLU A 54 10.12 -7.32 5.09
C GLU A 54 11.05 -8.11 4.16
N ASN A 55 10.59 -9.23 3.66
CA ASN A 55 11.45 -10.04 2.75
C ASN A 55 11.70 -9.26 1.46
N TYR A 56 10.69 -8.61 0.94
CA TYR A 56 10.85 -7.82 -0.30
C TYR A 56 11.87 -6.71 -0.09
N ARG A 57 11.85 -6.08 1.04
CA ARG A 57 12.83 -5.00 1.28
C ARG A 57 14.25 -5.56 1.16
N ALA A 58 14.46 -6.76 1.61
CA ALA A 58 15.83 -7.35 1.51
C ALA A 58 16.25 -7.52 0.05
N CYS A 59 15.36 -7.94 -0.80
CA CYS A 59 15.72 -8.15 -2.23
C CYS A 59 15.91 -6.81 -2.97
N PHE A 60 15.25 -5.76 -2.54
CA PHE A 60 15.39 -4.45 -3.27
C PHE A 60 15.88 -3.33 -2.35
N HIS A 61 15.39 -3.24 -1.15
CA HIS A 61 15.84 -2.13 -0.25
C HIS A 61 17.37 -2.14 -0.13
N GLN A 62 17.96 -3.30 -0.06
CA GLN A 62 19.45 -3.37 0.05
C GLN A 62 20.09 -2.65 -1.14
N PHE A 63 19.46 -2.69 -2.28
CA PHE A 63 20.04 -2.02 -3.48
C PHE A 63 19.48 -0.60 -3.60
N ASP A 64 18.58 -0.22 -2.74
CA ASP A 64 18.00 1.15 -2.83
C ASP A 64 17.33 1.32 -4.20
N PRO A 65 16.31 2.13 -4.28
CA PRO A 65 15.56 2.37 -5.55
C PRO A 65 16.45 2.96 -6.66
N VAL A 66 17.49 3.66 -6.31
CA VAL A 66 18.36 4.26 -7.36
C VAL A 66 19.01 3.15 -8.21
N LYS A 67 19.56 2.17 -7.57
CA LYS A 67 20.19 1.06 -8.34
C LYS A 67 19.11 0.30 -9.10
N VAL A 68 17.94 0.20 -8.54
CA VAL A 68 16.83 -0.53 -9.23
C VAL A 68 16.54 0.16 -10.56
N ALA A 69 16.56 1.47 -10.59
CA ALA A 69 16.30 2.19 -11.86
C ALA A 69 17.47 1.92 -12.80
N ALA A 70 18.63 1.69 -12.25
CA ALA A 70 19.82 1.41 -13.09
C ALA A 70 20.05 -0.10 -13.19
N MET A 71 19.08 -0.90 -12.82
CA MET A 71 19.26 -2.37 -12.89
C MET A 71 18.91 -2.85 -14.31
N GLN A 72 19.63 -3.82 -14.79
CA GLN A 72 19.36 -4.33 -16.17
C GLN A 72 18.58 -5.64 -16.09
N GLU A 73 18.05 -6.08 -17.18
CA GLU A 73 17.25 -7.35 -17.18
C GLU A 73 18.13 -8.50 -16.67
N GLU A 74 19.41 -8.46 -16.92
CA GLU A 74 20.28 -9.57 -16.44
C GLU A 74 20.28 -9.62 -14.92
N ASP A 75 20.28 -8.48 -14.27
CA ASP A 75 20.27 -8.47 -12.78
C ASP A 75 18.99 -9.15 -12.30
N VAL A 76 17.90 -8.91 -12.98
CA VAL A 76 16.62 -9.55 -12.58
C VAL A 76 16.77 -11.06 -12.64
N GLU A 77 17.42 -11.56 -13.66
CA GLU A 77 17.60 -13.04 -13.80
C GLU A 77 18.43 -13.57 -12.62
N ARG A 78 19.35 -12.80 -12.12
CA ARG A 78 20.19 -13.30 -10.99
C ARG A 78 19.35 -13.50 -9.74
N LEU A 79 18.56 -12.54 -9.36
CA LEU A 79 17.74 -12.69 -8.13
C LEU A 79 16.47 -13.51 -8.41
N VAL A 80 16.07 -13.62 -9.65
CA VAL A 80 14.85 -14.41 -9.97
C VAL A 80 14.96 -15.77 -9.31
N GLN A 81 16.14 -16.32 -9.23
CA GLN A 81 16.31 -17.65 -8.60
C GLN A 81 15.77 -17.61 -7.17
N ASP A 82 15.93 -16.50 -6.49
CA ASP A 82 15.41 -16.39 -5.10
C ASP A 82 13.98 -15.86 -5.15
N ALA A 83 13.02 -16.66 -4.74
CA ALA A 83 11.60 -16.20 -4.76
C ALA A 83 11.11 -15.97 -3.33
N GLY A 84 11.95 -15.50 -2.47
CA GLY A 84 11.53 -15.26 -1.06
C GLY A 84 10.17 -14.55 -1.05
N ILE A 85 9.89 -13.78 -2.07
CA ILE A 85 8.59 -13.06 -2.13
C ILE A 85 7.86 -13.51 -3.39
N ILE A 86 6.57 -13.28 -3.46
CA ILE A 86 5.81 -13.70 -4.67
C ILE A 86 6.32 -12.88 -5.87
N ARG A 87 7.55 -13.09 -6.25
CA ARG A 87 8.11 -12.34 -7.40
C ARG A 87 8.16 -13.24 -8.64
N HIS A 88 7.89 -12.69 -9.78
CA HIS A 88 7.93 -13.49 -11.04
C HIS A 88 8.82 -12.77 -12.05
N ARG A 89 9.36 -13.48 -12.99
CA ARG A 89 10.24 -12.81 -14.00
C ARG A 89 9.52 -11.58 -14.54
N GLY A 90 8.25 -11.69 -14.80
CA GLY A 90 7.51 -10.50 -15.34
C GLY A 90 7.27 -9.46 -14.23
N LYS A 91 6.81 -9.89 -13.08
CA LYS A 91 6.55 -8.92 -11.98
C LYS A 91 7.83 -8.18 -11.60
N ILE A 92 8.93 -8.88 -11.51
CA ILE A 92 10.20 -8.19 -11.13
C ILE A 92 10.48 -7.05 -12.10
N GLN A 93 10.22 -7.25 -13.38
CA GLN A 93 10.46 -6.16 -14.36
C GLN A 93 9.59 -4.97 -13.98
N ALA A 94 8.40 -5.23 -13.50
CA ALA A 94 7.50 -4.12 -13.11
C ALA A 94 8.19 -3.31 -12.01
N ILE A 95 8.90 -3.96 -11.14
CA ILE A 95 9.61 -3.23 -10.05
C ILE A 95 10.59 -2.24 -10.70
N ILE A 96 11.25 -2.65 -11.73
CA ILE A 96 12.21 -1.74 -12.42
C ILE A 96 11.47 -0.45 -12.82
N GLY A 97 10.28 -0.58 -13.33
CA GLY A 97 9.52 0.63 -13.74
C GLY A 97 9.28 1.54 -12.53
N ASN A 98 8.96 0.97 -11.40
CA ASN A 98 8.72 1.80 -10.19
C ASN A 98 9.94 2.67 -9.88
N ALA A 99 11.10 2.11 -9.95
CA ALA A 99 12.32 2.91 -9.65
C ALA A 99 12.49 4.00 -10.71
N ARG A 100 12.33 3.67 -11.95
CA ARG A 100 12.48 4.69 -13.02
C ARG A 100 11.39 5.76 -12.85
N ALA A 101 10.18 5.36 -12.55
CA ALA A 101 9.10 6.36 -12.37
C ALA A 101 9.37 7.19 -11.11
N TYR A 102 9.98 6.59 -10.13
CA TYR A 102 10.27 7.33 -8.86
C TYR A 102 11.17 8.54 -9.17
N LEU A 103 12.27 8.32 -9.82
CA LEU A 103 13.20 9.45 -10.12
C LEU A 103 12.52 10.47 -11.05
N GLN A 104 11.78 10.02 -12.03
CA GLN A 104 11.13 10.98 -12.95
C GLN A 104 10.20 11.92 -12.18
N MET A 105 9.44 11.41 -11.24
CA MET A 105 8.54 12.31 -10.47
C MET A 105 9.38 13.24 -9.60
N GLU A 106 10.46 12.75 -9.06
CA GLU A 106 11.32 13.61 -8.19
C GLU A 106 11.88 14.77 -9.02
N GLN A 107 12.09 14.58 -10.28
CA GLN A 107 12.63 15.69 -11.11
C GLN A 107 11.74 16.92 -10.90
N ASN A 108 10.47 16.71 -10.74
CA ASN A 108 9.55 17.85 -10.52
C ASN A 108 9.51 18.17 -9.01
N GLY A 109 10.07 17.31 -8.20
CA GLY A 109 10.07 17.56 -6.73
C GLY A 109 8.64 17.41 -6.18
N GLU A 110 7.88 16.49 -6.71
CA GLU A 110 6.48 16.31 -6.22
C GLU A 110 6.23 14.82 -5.87
N PRO A 111 6.54 14.42 -4.67
CA PRO A 111 6.33 13.01 -4.22
C PRO A 111 4.87 12.58 -4.39
N PHE A 112 4.63 11.33 -4.68
CA PHE A 112 3.21 10.89 -4.84
C PHE A 112 2.48 11.09 -3.53
N ALA A 113 3.17 10.98 -2.42
CA ALA A 113 2.50 11.16 -1.10
C ALA A 113 1.81 12.52 -1.08
N ASP A 114 2.48 13.54 -1.53
CA ASP A 114 1.86 14.89 -1.55
C ASP A 114 0.73 14.89 -2.59
N PHE A 115 0.91 14.18 -3.67
CA PHE A 115 -0.13 14.13 -4.74
C PHE A 115 -1.38 13.38 -4.28
N VAL A 116 -1.22 12.20 -3.74
CA VAL A 116 -2.42 11.42 -3.30
C VAL A 116 -3.18 12.18 -2.22
N TRP A 117 -2.51 12.74 -1.24
CA TRP A 117 -3.22 13.50 -0.19
C TRP A 117 -4.02 14.63 -0.84
N SER A 118 -3.46 15.22 -1.86
CA SER A 118 -4.17 16.34 -2.56
C SER A 118 -5.50 15.86 -3.13
N PHE A 119 -5.56 14.64 -3.60
CA PHE A 119 -6.85 14.13 -4.17
C PHE A 119 -7.94 14.17 -3.11
N VAL A 120 -7.58 14.00 -1.87
CA VAL A 120 -8.62 14.04 -0.80
C VAL A 120 -8.57 15.39 -0.11
N ASN A 121 -8.03 16.38 -0.76
CA ASN A 121 -7.95 17.74 -0.16
C ASN A 121 -7.12 17.69 1.13
N HIS A 122 -6.09 16.91 1.14
CA HIS A 122 -5.22 16.81 2.34
C HIS A 122 -6.09 16.73 3.60
N GLN A 123 -7.34 16.41 3.46
CA GLN A 123 -8.24 16.33 4.64
C GLN A 123 -8.69 14.86 4.83
N PRO A 124 -8.14 14.16 5.80
CA PRO A 124 -8.51 12.74 6.06
C PRO A 124 -10.03 12.54 6.12
N GLN A 125 -10.50 11.40 5.71
CA GLN A 125 -11.97 11.14 5.73
C GLN A 125 -12.29 10.12 6.81
N MET A 126 -13.52 10.11 7.27
CA MET A 126 -13.92 9.13 8.33
C MET A 126 -15.15 8.37 7.84
N THR A 127 -15.33 7.14 8.28
CA THR A 127 -16.53 6.37 7.83
C THR A 127 -17.38 6.00 9.05
N GLN A 128 -18.67 5.94 8.86
CA GLN A 128 -19.58 5.58 9.98
C GLN A 128 -20.21 4.22 9.71
N ALA A 129 -19.43 3.28 9.27
CA ALA A 129 -19.98 1.93 8.98
C ALA A 129 -20.12 1.14 10.28
N THR A 130 -21.33 0.77 10.62
CA THR A 130 -21.55 0.00 11.88
C THR A 130 -21.03 -1.43 11.68
N THR A 131 -21.17 -1.96 10.50
CA THR A 131 -20.69 -3.33 10.21
C THR A 131 -19.65 -3.29 9.11
N LEU A 132 -18.81 -4.29 9.02
CA LEU A 132 -17.77 -4.30 7.97
C LEU A 132 -18.43 -4.13 6.60
N SER A 133 -19.56 -4.73 6.40
CA SER A 133 -20.26 -4.62 5.09
C SER A 133 -20.64 -3.16 4.82
N GLU A 134 -20.94 -2.40 5.86
CA GLU A 134 -21.33 -0.98 5.66
C GLU A 134 -20.19 -0.19 5.02
N ILE A 135 -18.96 -0.64 5.18
CA ILE A 135 -17.82 0.10 4.57
C ILE A 135 -17.91 0.01 3.04
N PRO A 136 -17.87 1.12 2.33
CA PRO A 136 -17.93 1.13 0.84
C PRO A 136 -16.62 0.70 0.20
N THR A 137 -16.69 -0.06 -0.85
CA THR A 137 -15.44 -0.51 -1.53
C THR A 137 -15.30 0.25 -2.85
N SER A 138 -16.16 1.20 -3.09
CA SER A 138 -16.07 1.99 -4.36
C SER A 138 -16.21 3.48 -4.06
N THR A 139 -15.12 4.17 -3.91
CA THR A 139 -15.17 5.63 -3.63
C THR A 139 -14.63 6.39 -4.84
N PRO A 140 -15.08 7.60 -5.06
CA PRO A 140 -14.62 8.43 -6.20
C PRO A 140 -13.12 8.74 -6.14
N ALA A 141 -12.58 8.83 -4.96
CA ALA A 141 -11.12 9.13 -4.84
C ALA A 141 -10.31 7.90 -5.26
N SER A 142 -10.72 6.74 -4.84
CA SER A 142 -9.97 5.51 -5.22
C SER A 142 -9.96 5.34 -6.74
N ASP A 143 -11.09 5.54 -7.37
CA ASP A 143 -11.16 5.38 -8.85
C ASP A 143 -10.27 6.44 -9.52
N ALA A 144 -10.33 7.66 -9.06
CA ALA A 144 -9.49 8.72 -9.67
C ALA A 144 -8.02 8.48 -9.34
N LEU A 145 -7.73 8.08 -8.14
CA LEU A 145 -6.32 7.83 -7.75
C LEU A 145 -5.73 6.74 -8.64
N SER A 146 -6.48 5.69 -8.90
CA SER A 146 -5.93 4.59 -9.75
C SER A 146 -5.58 5.13 -11.13
N LYS A 147 -6.46 5.85 -11.75
CA LYS A 147 -6.15 6.40 -13.10
C LYS A 147 -4.96 7.34 -13.01
N ALA A 148 -4.83 8.07 -11.93
CA ALA A 148 -3.69 9.00 -11.80
C ALA A 148 -2.37 8.22 -11.73
N LEU A 149 -2.34 7.17 -10.94
CA LEU A 149 -1.08 6.37 -10.84
C LEU A 149 -0.75 5.76 -12.19
N LYS A 150 -1.74 5.32 -12.91
CA LYS A 150 -1.47 4.70 -14.25
C LYS A 150 -0.74 5.69 -15.14
N LYS A 151 -1.04 6.96 -15.02
CA LYS A 151 -0.34 7.96 -15.88
C LYS A 151 1.16 7.93 -15.59
N ARG A 152 1.54 7.77 -14.35
CA ARG A 152 3.00 7.73 -14.02
C ARG A 152 3.62 6.46 -14.60
N GLY A 153 2.82 5.46 -14.88
CA GLY A 153 3.36 4.20 -15.46
C GLY A 153 3.40 3.10 -14.40
N PHE A 154 2.52 3.15 -13.43
CA PHE A 154 2.52 2.09 -12.38
C PHE A 154 1.47 1.02 -12.71
N LYS A 155 1.87 -0.22 -12.67
CA LYS A 155 0.92 -1.33 -12.98
C LYS A 155 0.37 -1.92 -11.68
N PHE A 156 -0.54 -2.84 -11.78
CA PHE A 156 -1.12 -3.47 -10.55
C PHE A 156 -1.77 -2.40 -9.68
N VAL A 157 -2.63 -1.59 -10.26
CA VAL A 157 -3.30 -0.51 -9.48
C VAL A 157 -4.81 -0.74 -9.49
N GLY A 158 -5.24 -1.96 -9.68
CA GLY A 158 -6.70 -2.25 -9.70
C GLY A 158 -7.38 -1.53 -8.54
N THR A 159 -8.66 -1.34 -8.61
CA THR A 159 -9.38 -0.65 -7.51
C THR A 159 -9.09 -1.36 -6.19
N THR A 160 -8.91 -2.66 -6.22
CA THR A 160 -8.63 -3.39 -4.95
C THR A 160 -7.30 -2.92 -4.37
N ILE A 161 -6.26 -2.85 -5.16
CA ILE A 161 -4.95 -2.39 -4.65
C ILE A 161 -5.05 -0.92 -4.26
N CYS A 162 -5.77 -0.15 -5.02
CA CYS A 162 -5.91 1.30 -4.68
C CYS A 162 -6.66 1.41 -3.35
N TYR A 163 -7.69 0.63 -3.16
CA TYR A 163 -8.45 0.71 -1.90
C TYR A 163 -7.57 0.22 -0.75
N SER A 164 -6.84 -0.86 -0.96
CA SER A 164 -5.95 -1.37 0.12
C SER A 164 -4.95 -0.27 0.50
N PHE A 165 -4.49 0.45 -0.49
CA PHE A 165 -3.52 1.55 -0.22
C PHE A 165 -4.15 2.58 0.71
N MET A 166 -5.37 2.98 0.45
CA MET A 166 -6.03 3.98 1.34
C MET A 166 -6.19 3.38 2.73
N GLN A 167 -6.45 2.10 2.81
CA GLN A 167 -6.61 1.44 4.13
C GLN A 167 -5.33 1.56 4.94
N ALA A 168 -4.21 1.30 4.33
CA ALA A 168 -2.92 1.39 5.07
C ALA A 168 -2.51 2.86 5.24
N CYS A 169 -2.67 3.65 4.22
CA CYS A 169 -2.27 5.08 4.32
C CYS A 169 -3.04 5.77 5.46
N GLY A 170 -4.29 5.42 5.62
CA GLY A 170 -5.08 6.05 6.71
C GLY A 170 -5.87 7.23 6.14
N LEU A 171 -5.89 7.39 4.84
CA LEU A 171 -6.67 8.52 4.25
C LEU A 171 -8.10 8.45 4.76
N VAL A 172 -8.60 7.25 4.95
CA VAL A 172 -9.98 7.08 5.46
C VAL A 172 -9.93 6.24 6.73
N ASN A 173 -10.83 6.47 7.65
CA ASN A 173 -10.82 5.66 8.90
C ASN A 173 -11.86 4.54 8.80
N ASP A 174 -11.41 3.34 8.54
CA ASP A 174 -12.35 2.20 8.40
C ASP A 174 -12.00 1.12 9.44
N HIS A 175 -12.59 1.19 10.60
CA HIS A 175 -12.29 0.16 11.63
C HIS A 175 -13.55 -0.12 12.46
N VAL A 176 -14.70 0.14 11.89
CA VAL A 176 -15.98 -0.10 12.62
C VAL A 176 -15.98 0.65 13.95
N VAL A 177 -17.13 0.76 14.55
CA VAL A 177 -17.22 1.47 15.86
C VAL A 177 -16.81 0.48 16.96
N GLY A 178 -15.98 0.90 17.86
CA GLY A 178 -15.55 -0.02 18.96
C GLY A 178 -14.06 -0.37 18.79
N CYS A 179 -13.46 -0.02 17.69
CA CYS A 179 -12.01 -0.32 17.51
C CYS A 179 -11.21 0.58 18.44
N CYS A 180 -11.83 1.02 19.49
CA CYS A 180 -11.13 1.93 20.45
C CYS A 180 -10.97 3.32 19.82
N CYS A 181 -10.21 3.40 18.77
CA CYS A 181 -10.02 4.71 18.10
C CYS A 181 -11.37 5.28 17.66
N TYR A 182 -12.35 4.43 17.49
CA TYR A 182 -13.70 4.92 17.06
C TYR A 182 -14.75 4.50 18.08
N PRO A 183 -14.91 5.28 19.13
CA PRO A 183 -15.90 4.99 20.21
C PRO A 183 -17.34 5.25 19.73
N GLY A 184 -17.72 6.49 19.61
CA GLY A 184 -19.09 6.83 19.13
C GLY A 184 -20.05 6.93 20.33
N ASN A 185 -19.65 6.44 21.47
CA ASN A 185 -20.55 6.51 22.66
C ASN A 185 -19.72 6.64 23.93
N LYS A 186 -18.57 7.26 23.85
CA LYS A 186 -17.71 7.43 25.06
C LYS A 186 -17.41 8.91 25.27
N PRO A 187 -18.34 9.62 25.86
CA PRO A 187 -18.19 11.08 26.13
C PRO A 187 -17.38 11.35 27.41
ZN ZN B . -9.05 -1.66 14.17
N MET A 1 -15.55 -5.64 25.14
CA MET A 1 -14.65 -4.96 24.17
C MET A 1 -14.73 -5.69 22.82
N GLU A 2 -14.87 -4.95 21.75
CA GLU A 2 -14.96 -5.59 20.41
C GLU A 2 -13.68 -5.29 19.63
N ARG A 3 -13.39 -6.04 18.60
CA ARG A 3 -12.15 -5.80 17.81
C ARG A 3 -12.52 -5.54 16.35
N CYS A 4 -11.69 -4.82 15.64
CA CYS A 4 -11.98 -4.54 14.20
C CYS A 4 -12.53 -5.79 13.53
N GLY A 5 -13.59 -5.64 12.77
CA GLY A 5 -14.20 -6.82 12.09
C GLY A 5 -13.18 -7.48 11.17
N TRP A 6 -12.36 -6.71 10.50
CA TRP A 6 -11.35 -7.31 9.58
C TRP A 6 -10.47 -8.28 10.38
N VAL A 7 -10.26 -8.00 11.62
CA VAL A 7 -9.41 -8.90 12.47
C VAL A 7 -10.02 -10.29 12.54
N SER A 8 -9.22 -11.30 12.36
CA SER A 8 -9.73 -12.70 12.42
C SER A 8 -8.55 -13.66 12.38
N GLN A 9 -8.34 -14.41 13.43
CA GLN A 9 -7.20 -15.36 13.44
C GLN A 9 -5.95 -14.66 12.90
N ASP A 10 -4.89 -15.38 12.67
CA ASP A 10 -3.67 -14.73 12.14
C ASP A 10 -3.26 -13.57 13.05
N PRO A 11 -2.74 -13.88 14.21
CA PRO A 11 -2.30 -12.86 15.21
C PRO A 11 -1.34 -11.84 14.60
N LEU A 12 -0.67 -12.20 13.54
CA LEU A 12 0.28 -11.24 12.90
C LEU A 12 -0.50 -10.03 12.38
N TYR A 13 -1.68 -10.24 11.88
CA TYR A 13 -2.48 -9.10 11.36
C TYR A 13 -2.77 -8.11 12.49
N ILE A 14 -3.13 -8.59 13.65
CA ILE A 14 -3.43 -7.68 14.78
C ILE A 14 -2.20 -6.83 15.13
N ALA A 15 -1.03 -7.40 15.10
CA ALA A 15 0.18 -6.60 15.42
C ALA A 15 0.26 -5.43 14.42
N TYR A 16 0.05 -5.72 13.17
CA TYR A 16 0.08 -4.66 12.13
C TYR A 16 -1.09 -3.69 12.36
N HIS A 17 -2.22 -4.20 12.78
CA HIS A 17 -3.41 -3.34 13.02
C HIS A 17 -3.08 -2.23 14.03
N ASP A 18 -2.58 -2.60 15.19
CA ASP A 18 -2.27 -1.57 16.23
C ASP A 18 -1.02 -0.77 15.86
N ASN A 19 0.03 -1.42 15.44
CA ASN A 19 1.29 -0.68 15.11
C ASN A 19 1.03 0.37 14.02
N GLU A 20 0.25 0.02 13.02
CA GLU A 20 -0.03 0.98 11.93
C GLU A 20 -1.45 0.74 11.42
N TRP A 21 -1.63 0.75 10.12
CA TRP A 21 -2.99 0.48 9.56
C TRP A 21 -4.03 1.46 10.12
N GLY A 22 -4.42 2.44 9.35
CA GLY A 22 -5.44 3.41 9.84
C GLY A 22 -4.75 4.69 10.31
N VAL A 23 -3.46 4.75 10.21
CA VAL A 23 -2.73 5.97 10.66
C VAL A 23 -2.26 6.76 9.41
N PRO A 24 -2.70 7.99 9.22
CA PRO A 24 -2.30 8.80 8.05
C PRO A 24 -0.79 8.76 7.80
N GLU A 25 -0.38 8.55 6.57
CA GLU A 25 1.07 8.51 6.26
C GLU A 25 1.44 9.70 5.38
N THR A 26 2.57 10.31 5.64
CA THR A 26 3.00 11.48 4.83
C THR A 26 4.39 11.19 4.25
N ASP A 27 4.93 10.04 4.52
CA ASP A 27 6.28 9.72 3.98
C ASP A 27 6.13 9.23 2.54
N SER A 28 6.61 10.00 1.60
CA SER A 28 6.49 9.60 0.17
C SER A 28 7.20 8.26 -0.04
N LYS A 29 8.33 8.08 0.58
CA LYS A 29 9.08 6.80 0.40
C LYS A 29 8.22 5.62 0.86
N LYS A 30 7.65 5.70 2.03
CA LYS A 30 6.82 4.57 2.53
C LYS A 30 5.49 4.51 1.76
N LEU A 31 4.90 5.65 1.52
CA LEU A 31 3.60 5.67 0.79
C LEU A 31 3.75 5.07 -0.61
N PHE A 32 4.76 5.48 -1.32
CA PHE A 32 4.99 4.93 -2.69
C PHE A 32 5.30 3.44 -2.60
N GLU A 33 6.12 3.05 -1.68
CA GLU A 33 6.47 1.61 -1.56
C GLU A 33 5.20 0.81 -1.25
N MET A 34 4.29 1.38 -0.52
CA MET A 34 3.04 0.65 -0.18
C MET A 34 2.28 0.29 -1.46
N ILE A 35 2.16 1.19 -2.38
CA ILE A 35 1.40 0.87 -3.63
C ILE A 35 2.17 -0.17 -4.46
N CYS A 36 3.48 -0.11 -4.46
CA CYS A 36 4.26 -1.08 -5.28
C CYS A 36 4.17 -2.49 -4.67
N LEU A 37 4.40 -2.62 -3.39
CA LEU A 37 4.34 -3.97 -2.76
C LEU A 37 2.91 -4.50 -2.72
N GLU A 38 1.95 -3.64 -2.48
CA GLU A 38 0.54 -4.12 -2.41
C GLU A 38 0.14 -4.73 -3.76
N GLY A 39 0.72 -4.28 -4.83
CA GLY A 39 0.37 -4.85 -6.16
C GLY A 39 0.53 -6.37 -6.13
N GLN A 40 1.53 -6.85 -5.44
CA GLN A 40 1.73 -8.32 -5.37
C GLN A 40 0.52 -8.97 -4.70
N GLN A 41 -0.10 -8.29 -3.76
CA GLN A 41 -1.28 -8.89 -3.07
C GLN A 41 -2.31 -9.28 -4.13
N ALA A 42 -2.22 -8.71 -5.30
CA ALA A 42 -3.21 -9.05 -6.36
C ALA A 42 -3.47 -10.56 -6.35
N GLY A 43 -4.63 -10.96 -5.93
CA GLY A 43 -4.95 -12.42 -5.87
C GLY A 43 -4.66 -12.93 -4.46
N LEU A 44 -3.66 -12.39 -3.83
CA LEU A 44 -3.30 -12.84 -2.45
C LEU A 44 -3.81 -11.83 -1.42
N SER A 45 -4.20 -12.30 -0.26
CA SER A 45 -4.71 -11.36 0.79
C SER A 45 -3.57 -10.49 1.31
N TRP A 46 -3.90 -9.39 1.93
CA TRP A 46 -2.84 -8.48 2.47
C TRP A 46 -2.00 -9.21 3.52
N ILE A 47 -2.57 -10.14 4.23
CA ILE A 47 -1.78 -10.86 5.28
C ILE A 47 -0.57 -11.55 4.63
N THR A 48 -0.71 -12.06 3.45
CA THR A 48 0.42 -12.72 2.78
C THR A 48 1.51 -11.69 2.47
N VAL A 49 1.10 -10.51 2.09
CA VAL A 49 2.09 -9.44 1.75
C VAL A 49 2.90 -9.05 2.99
N LEU A 50 2.28 -8.95 4.13
CA LEU A 50 3.04 -8.54 5.35
C LEU A 50 4.25 -9.45 5.58
N LYS A 51 4.07 -10.74 5.55
CA LYS A 51 5.23 -11.65 5.78
C LYS A 51 6.25 -11.50 4.64
N LYS A 52 5.82 -11.56 3.42
CA LYS A 52 6.76 -11.42 2.29
C LYS A 52 7.31 -9.99 2.27
N ARG A 53 6.56 -9.04 2.77
CA ARG A 53 7.05 -7.64 2.79
C ARG A 53 8.37 -7.58 3.56
N GLU A 54 8.43 -8.24 4.69
CA GLU A 54 9.70 -8.22 5.46
C GLU A 54 10.80 -8.91 4.66
N ASN A 55 10.49 -10.04 4.07
CA ASN A 55 11.51 -10.75 3.25
C ASN A 55 11.87 -9.89 2.04
N TYR A 56 10.89 -9.27 1.45
CA TYR A 56 11.14 -8.41 0.26
C TYR A 56 12.11 -7.30 0.64
N ARG A 57 11.93 -6.70 1.78
CA ARG A 57 12.84 -5.61 2.19
C ARG A 57 14.27 -6.15 2.24
N ALA A 58 14.44 -7.38 2.63
CA ALA A 58 15.81 -7.94 2.69
C ALA A 58 16.42 -8.01 1.28
N CYS A 59 15.60 -8.28 0.30
CA CYS A 59 16.13 -8.38 -1.10
C CYS A 59 16.03 -7.04 -1.84
N PHE A 60 15.29 -6.09 -1.31
CA PHE A 60 15.15 -4.79 -2.03
C PHE A 60 15.53 -3.60 -1.13
N HIS A 61 15.05 -3.56 0.08
CA HIS A 61 15.38 -2.40 0.97
C HIS A 61 16.90 -2.25 1.09
N GLN A 62 17.62 -3.33 1.22
CA GLN A 62 19.09 -3.24 1.34
C GLN A 62 19.67 -2.51 0.13
N PHE A 63 19.11 -2.74 -1.04
CA PHE A 63 19.63 -2.06 -2.25
C PHE A 63 19.02 -0.67 -2.38
N ASP A 64 18.13 -0.31 -1.48
CA ASP A 64 17.51 1.04 -1.57
C ASP A 64 16.80 1.19 -2.92
N PRO A 65 15.75 1.97 -2.97
CA PRO A 65 14.96 2.17 -4.22
C PRO A 65 15.79 2.83 -5.34
N VAL A 66 16.80 3.58 -5.00
CA VAL A 66 17.61 4.24 -6.06
C VAL A 66 18.30 3.19 -6.93
N LYS A 67 18.91 2.21 -6.34
CA LYS A 67 19.58 1.15 -7.14
C LYS A 67 18.52 0.38 -7.93
N VAL A 68 17.36 0.19 -7.35
CA VAL A 68 16.29 -0.56 -8.04
C VAL A 68 16.02 0.09 -9.40
N ALA A 69 15.96 1.39 -9.44
CA ALA A 69 15.73 2.08 -10.73
C ALA A 69 17.02 2.04 -11.53
N ALA A 70 18.12 1.77 -10.88
CA ALA A 70 19.43 1.74 -11.59
C ALA A 70 20.00 0.31 -11.63
N MET A 71 19.19 -0.69 -11.39
CA MET A 71 19.74 -2.08 -11.44
C MET A 71 19.79 -2.55 -12.89
N GLN A 72 20.58 -3.55 -13.15
CA GLN A 72 20.70 -4.06 -14.55
C GLN A 72 19.87 -5.34 -14.70
N GLU A 73 19.58 -5.72 -15.91
CA GLU A 73 18.76 -6.96 -16.12
C GLU A 73 19.43 -8.14 -15.41
N GLU A 74 20.73 -8.16 -15.36
CA GLU A 74 21.44 -9.28 -14.69
C GLU A 74 21.06 -9.30 -13.20
N ASP A 75 20.92 -8.15 -12.61
CA ASP A 75 20.55 -8.11 -11.16
C ASP A 75 19.19 -8.78 -10.96
N VAL A 76 18.28 -8.55 -11.86
CA VAL A 76 16.93 -9.17 -11.72
C VAL A 76 17.06 -10.69 -11.76
N GLU A 77 17.89 -11.20 -12.63
CA GLU A 77 18.07 -12.68 -12.71
C GLU A 77 18.63 -13.19 -11.39
N ARG A 78 19.50 -12.43 -10.77
CA ARG A 78 20.09 -12.87 -9.48
C ARG A 78 18.98 -13.11 -8.46
N LEU A 79 18.03 -12.21 -8.39
CA LEU A 79 16.91 -12.38 -7.42
C LEU A 79 16.04 -13.56 -7.85
N VAL A 80 15.90 -13.77 -9.12
CA VAL A 80 15.06 -14.91 -9.60
C VAL A 80 15.60 -16.20 -8.98
N GLN A 81 16.89 -16.31 -8.85
CA GLN A 81 17.47 -17.54 -8.24
C GLN A 81 17.19 -17.50 -6.74
N ASP A 82 17.72 -16.52 -6.06
CA ASP A 82 17.48 -16.41 -4.60
C ASP A 82 16.37 -15.38 -4.38
N ALA A 83 15.27 -15.77 -3.81
CA ALA A 83 14.17 -14.79 -3.59
C ALA A 83 13.58 -14.96 -2.19
N GLY A 84 12.93 -16.05 -1.93
CA GLY A 84 12.33 -16.25 -0.59
C GLY A 84 11.00 -15.50 -0.55
N ILE A 85 10.64 -14.92 -1.66
CA ILE A 85 9.36 -14.16 -1.76
C ILE A 85 8.56 -14.71 -2.93
N ILE A 86 7.35 -14.26 -3.13
CA ILE A 86 6.55 -14.77 -4.28
C ILE A 86 7.44 -14.85 -5.51
N ARG A 87 7.32 -15.89 -6.29
CA ARG A 87 8.18 -16.03 -7.50
C ARG A 87 7.46 -15.46 -8.72
N HIS A 88 8.17 -14.72 -9.54
CA HIS A 88 7.55 -14.14 -10.76
C HIS A 88 8.54 -13.16 -11.39
N ARG A 89 9.47 -13.66 -12.17
CA ARG A 89 10.47 -12.76 -12.80
C ARG A 89 9.74 -11.62 -13.51
N GLY A 90 8.61 -11.91 -14.09
CA GLY A 90 7.85 -10.84 -14.79
C GLY A 90 7.47 -9.76 -13.79
N LYS A 91 7.03 -10.13 -12.61
CA LYS A 91 6.66 -9.11 -11.60
C LYS A 91 7.91 -8.33 -11.21
N ILE A 92 9.01 -9.00 -11.05
CA ILE A 92 10.26 -8.29 -10.67
C ILE A 92 10.55 -7.21 -11.71
N GLN A 93 10.35 -7.52 -12.96
CA GLN A 93 10.60 -6.52 -14.02
C GLN A 93 9.74 -5.28 -13.75
N ALA A 94 8.54 -5.48 -13.29
CA ALA A 94 7.65 -4.33 -12.99
C ALA A 94 8.27 -3.51 -11.85
N ILE A 95 8.86 -4.16 -10.89
CA ILE A 95 9.48 -3.41 -9.76
C ILE A 95 10.51 -2.43 -10.29
N ILE A 96 11.36 -2.87 -11.18
CA ILE A 96 12.39 -1.96 -11.74
C ILE A 96 11.70 -0.78 -12.44
N GLY A 97 10.72 -1.07 -13.26
CA GLY A 97 10.00 0.02 -13.98
C GLY A 97 9.29 0.93 -12.98
N ASN A 98 8.70 0.37 -11.97
CA ASN A 98 7.97 1.20 -10.97
C ASN A 98 8.95 2.16 -10.29
N ALA A 99 10.15 1.72 -10.03
CA ALA A 99 11.13 2.63 -9.36
C ALA A 99 11.47 3.80 -10.28
N ARG A 100 11.69 3.52 -11.54
CA ARG A 100 12.03 4.62 -12.48
C ARG A 100 10.86 5.60 -12.60
N ALA A 101 9.66 5.08 -12.64
CA ALA A 101 8.47 5.97 -12.75
C ALA A 101 8.41 6.89 -11.52
N TYR A 102 8.71 6.37 -10.37
CA TYR A 102 8.67 7.20 -9.13
C TYR A 102 9.69 8.32 -9.26
N LEU A 103 10.90 8.02 -9.66
CA LEU A 103 11.92 9.08 -9.81
C LEU A 103 11.51 10.04 -10.93
N GLN A 104 10.93 9.51 -11.98
CA GLN A 104 10.50 10.39 -13.11
C GLN A 104 9.58 11.50 -12.58
N MET A 105 8.67 11.15 -11.72
CA MET A 105 7.74 12.18 -11.17
C MET A 105 8.53 13.20 -10.36
N GLU A 106 9.50 12.76 -9.62
CA GLU A 106 10.30 13.73 -8.80
C GLU A 106 11.02 14.72 -9.72
N GLN A 107 11.43 14.28 -10.88
CA GLN A 107 12.14 15.22 -11.79
C GLN A 107 11.27 16.45 -11.99
N ASN A 108 9.98 16.29 -11.92
CA ASN A 108 9.06 17.45 -12.09
C ASN A 108 9.04 18.28 -10.80
N GLY A 109 9.60 17.77 -9.73
CA GLY A 109 9.60 18.54 -8.46
C GLY A 109 8.23 18.42 -7.78
N GLU A 110 7.52 17.37 -8.07
CA GLU A 110 6.17 17.18 -7.45
C GLU A 110 6.21 15.96 -6.52
N PRO A 111 6.28 16.16 -5.23
CA PRO A 111 6.32 15.04 -4.25
C PRO A 111 5.21 14.02 -4.50
N PHE A 112 5.54 12.77 -4.47
CA PHE A 112 4.51 11.71 -4.71
C PHE A 112 3.43 11.78 -3.63
N ALA A 113 3.83 11.94 -2.39
CA ALA A 113 2.83 12.00 -1.28
C ALA A 113 1.91 13.21 -1.44
N ASP A 114 2.45 14.35 -1.75
CA ASP A 114 1.59 15.56 -1.90
C ASP A 114 0.56 15.30 -3.00
N PHE A 115 0.95 14.64 -4.06
CA PHE A 115 -0.01 14.36 -5.16
C PHE A 115 -1.21 13.58 -4.62
N VAL A 116 -0.96 12.58 -3.82
CA VAL A 116 -2.07 11.77 -3.26
C VAL A 116 -2.96 12.65 -2.38
N TRP A 117 -2.37 13.47 -1.55
CA TRP A 117 -3.18 14.35 -0.67
C TRP A 117 -4.00 15.32 -1.53
N SER A 118 -3.45 15.76 -2.64
CA SER A 118 -4.19 16.71 -3.51
C SER A 118 -5.50 16.08 -4.01
N PHE A 119 -5.49 14.81 -4.31
CA PHE A 119 -6.74 14.16 -4.80
C PHE A 119 -7.84 14.23 -3.73
N VAL A 120 -7.46 14.22 -2.48
CA VAL A 120 -8.49 14.30 -1.41
C VAL A 120 -8.51 15.72 -0.85
N ASN A 121 -7.93 16.65 -1.56
CA ASN A 121 -7.92 18.06 -1.08
C ASN A 121 -7.18 18.15 0.26
N HIS A 122 -6.14 17.39 0.40
CA HIS A 122 -5.38 17.43 1.68
C HIS A 122 -6.35 17.41 2.86
N GLN A 123 -7.50 16.83 2.68
CA GLN A 123 -8.51 16.77 3.77
C GLN A 123 -8.77 15.31 4.15
N PRO A 124 -8.15 14.82 5.20
CA PRO A 124 -8.35 13.41 5.65
C PRO A 124 -9.82 13.03 5.73
N GLN A 125 -10.15 11.80 5.41
CA GLN A 125 -11.58 11.38 5.45
C GLN A 125 -11.79 10.33 6.54
N MET A 126 -12.98 10.25 7.06
CA MET A 126 -13.29 9.24 8.12
C MET A 126 -14.61 8.55 7.77
N THR A 127 -14.84 7.37 8.25
CA THR A 127 -16.11 6.66 7.91
C THR A 127 -16.83 6.25 9.21
N GLN A 128 -18.12 6.07 9.13
CA GLN A 128 -18.90 5.66 10.33
C GLN A 128 -19.74 4.43 9.95
N ALA A 129 -19.13 3.45 9.36
CA ALA A 129 -19.88 2.23 8.97
C ALA A 129 -20.03 1.30 10.17
N THR A 130 -21.22 0.88 10.48
CA THR A 130 -21.41 -0.02 11.65
C THR A 130 -20.84 -1.40 11.31
N THR A 131 -21.04 -1.84 10.10
CA THR A 131 -20.52 -3.17 9.68
C THR A 131 -19.69 -3.01 8.40
N LEU A 132 -18.82 -3.94 8.13
CA LEU A 132 -17.99 -3.84 6.91
C LEU A 132 -18.90 -3.71 5.67
N SER A 133 -20.05 -4.32 5.71
CA SER A 133 -20.98 -4.24 4.55
C SER A 133 -21.33 -2.78 4.23
N GLU A 134 -21.46 -1.96 5.24
CA GLU A 134 -21.82 -0.54 4.98
C GLU A 134 -20.71 0.14 4.17
N ILE A 135 -19.49 -0.27 4.36
CA ILE A 135 -18.36 0.36 3.59
C ILE A 135 -18.48 -0.02 2.11
N PRO A 136 -18.60 0.94 1.22
CA PRO A 136 -18.70 0.66 -0.24
C PRO A 136 -17.36 0.29 -0.84
N THR A 137 -16.33 0.43 -0.08
CA THR A 137 -14.96 0.11 -0.57
C THR A 137 -14.70 0.79 -1.91
N SER A 138 -15.67 1.52 -2.42
CA SER A 138 -15.47 2.19 -3.72
C SER A 138 -15.82 3.68 -3.59
N THR A 139 -14.84 4.52 -3.38
CA THR A 139 -15.11 5.97 -3.25
C THR A 139 -14.61 6.68 -4.51
N PRO A 140 -15.14 7.86 -4.81
CA PRO A 140 -14.71 8.62 -6.02
C PRO A 140 -13.19 8.82 -6.06
N ALA A 141 -12.58 9.05 -4.94
CA ALA A 141 -11.11 9.27 -4.93
C ALA A 141 -10.38 7.95 -5.21
N SER A 142 -10.87 6.86 -4.70
CA SER A 142 -10.19 5.56 -4.94
C SER A 142 -10.20 5.21 -6.43
N ASP A 143 -11.29 5.47 -7.09
CA ASP A 143 -11.37 5.17 -8.54
C ASP A 143 -10.39 6.05 -9.31
N ALA A 144 -10.36 7.32 -9.00
CA ALA A 144 -9.44 8.24 -9.71
C ALA A 144 -8.00 8.04 -9.24
N LEU A 145 -7.81 7.75 -7.97
CA LEU A 145 -6.44 7.55 -7.47
C LEU A 145 -5.75 6.45 -8.26
N SER A 146 -6.41 5.34 -8.46
CA SER A 146 -5.77 4.24 -9.23
C SER A 146 -5.60 4.66 -10.69
N LYS A 147 -6.54 5.41 -11.20
CA LYS A 147 -6.44 5.87 -12.61
C LYS A 147 -5.24 6.79 -12.77
N ALA A 148 -4.98 7.63 -11.80
CA ALA A 148 -3.83 8.57 -11.91
C ALA A 148 -2.52 7.78 -11.95
N LEU A 149 -2.38 6.80 -11.11
CA LEU A 149 -1.12 5.99 -11.09
C LEU A 149 -0.95 5.31 -12.44
N LYS A 150 -2.03 4.88 -13.04
CA LYS A 150 -1.94 4.19 -14.35
C LYS A 150 -1.32 5.13 -15.40
N LYS A 151 -1.75 6.36 -15.42
CA LYS A 151 -1.18 7.31 -16.42
C LYS A 151 0.33 7.47 -16.18
N ARG A 152 0.75 7.49 -14.95
CA ARG A 152 2.20 7.64 -14.66
C ARG A 152 2.96 6.43 -15.21
N GLY A 153 2.28 5.34 -15.43
CA GLY A 153 2.96 4.13 -15.97
C GLY A 153 2.97 3.01 -14.92
N PHE A 154 2.19 3.12 -13.88
CA PHE A 154 2.18 2.04 -12.86
C PHE A 154 1.19 0.95 -13.26
N LYS A 155 1.59 -0.28 -13.15
CA LYS A 155 0.69 -1.41 -13.50
C LYS A 155 0.15 -2.04 -12.20
N PHE A 156 -0.56 -3.13 -12.29
CA PHE A 156 -1.12 -3.76 -11.07
C PHE A 156 -1.71 -2.67 -10.18
N VAL A 157 -2.61 -1.89 -10.72
CA VAL A 157 -3.23 -0.80 -9.92
C VAL A 157 -4.74 -1.02 -9.82
N GLY A 158 -5.18 -2.25 -9.93
CA GLY A 158 -6.65 -2.55 -9.85
C GLY A 158 -7.28 -1.65 -8.79
N THR A 159 -8.52 -1.30 -8.98
CA THR A 159 -9.20 -0.42 -7.98
C THR A 159 -9.17 -1.09 -6.61
N THR A 160 -9.06 -2.39 -6.56
CA THR A 160 -9.02 -3.08 -5.25
C THR A 160 -7.69 -2.81 -4.57
N ILE A 161 -6.62 -2.83 -5.30
CA ILE A 161 -5.29 -2.57 -4.70
C ILE A 161 -5.24 -1.13 -4.17
N CYS A 162 -5.85 -0.22 -4.87
CA CYS A 162 -5.84 1.19 -4.42
C CYS A 162 -6.55 1.29 -3.07
N TYR A 163 -7.70 0.70 -2.93
CA TYR A 163 -8.43 0.77 -1.64
C TYR A 163 -7.57 0.17 -0.53
N SER A 164 -6.97 -0.97 -0.78
CA SER A 164 -6.11 -1.58 0.27
C SER A 164 -4.97 -0.61 0.59
N PHE A 165 -4.44 0.02 -0.42
CA PHE A 165 -3.33 1.00 -0.21
C PHE A 165 -3.82 2.13 0.68
N MET A 166 -5.02 2.62 0.45
CA MET A 166 -5.56 3.71 1.29
C MET A 166 -5.68 3.26 2.74
N GLN A 167 -6.06 2.04 2.96
CA GLN A 167 -6.20 1.55 4.36
C GLN A 167 -4.86 1.65 5.08
N ALA A 168 -3.80 1.30 4.42
CA ALA A 168 -2.46 1.40 5.07
C ALA A 168 -2.06 2.87 5.18
N CYS A 169 -2.35 3.64 4.17
CA CYS A 169 -1.98 5.09 4.21
C CYS A 169 -2.73 5.79 5.34
N GLY A 170 -3.98 5.48 5.52
CA GLY A 170 -4.76 6.12 6.62
C GLY A 170 -5.59 7.28 6.06
N LEU A 171 -5.64 7.43 4.76
CA LEU A 171 -6.45 8.54 4.18
C LEU A 171 -7.89 8.41 4.68
N VAL A 172 -8.38 7.20 4.78
CA VAL A 172 -9.76 6.98 5.27
C VAL A 172 -9.70 6.15 6.54
N ASN A 173 -10.48 6.49 7.53
CA ASN A 173 -10.44 5.70 8.79
C ASN A 173 -11.55 4.64 8.77
N ASP A 174 -11.20 3.41 8.49
CA ASP A 174 -12.22 2.32 8.47
C ASP A 174 -11.84 1.23 9.48
N HIS A 175 -12.34 1.33 10.69
CA HIS A 175 -12.02 0.30 11.72
C HIS A 175 -13.33 -0.25 12.29
N VAL A 176 -14.44 0.17 11.76
CA VAL A 176 -15.75 -0.32 12.27
C VAL A 176 -15.97 0.19 13.69
N VAL A 177 -17.17 0.12 14.17
CA VAL A 177 -17.45 0.58 15.56
C VAL A 177 -17.20 -0.56 16.54
N GLY A 178 -16.59 -0.27 17.65
CA GLY A 178 -16.32 -1.34 18.64
C GLY A 178 -14.83 -1.74 18.59
N CYS A 179 -14.12 -1.26 17.60
CA CYS A 179 -12.67 -1.59 17.50
C CYS A 179 -11.96 -1.02 18.72
N CYS A 180 -12.71 -0.46 19.61
CA CYS A 180 -12.10 0.13 20.84
C CYS A 180 -11.35 1.40 20.46
N CYS A 181 -10.48 1.31 19.50
CA CYS A 181 -9.70 2.49 19.07
C CYS A 181 -10.65 3.58 18.54
N TYR A 182 -11.72 3.18 17.89
CA TYR A 182 -12.68 4.18 17.35
C TYR A 182 -14.08 3.91 17.93
N PRO A 183 -14.34 4.39 19.11
CA PRO A 183 -15.65 4.19 19.79
C PRO A 183 -16.71 5.17 19.29
N GLY A 184 -16.59 6.42 19.63
CA GLY A 184 -17.59 7.42 19.18
C GLY A 184 -18.90 7.18 19.94
N ASN A 185 -19.02 6.05 20.58
CA ASN A 185 -20.27 5.76 21.34
C ASN A 185 -20.09 6.26 22.76
N LYS A 186 -18.96 6.84 23.04
CA LYS A 186 -18.69 7.37 24.39
C LYS A 186 -18.72 8.90 24.35
N PRO A 187 -18.96 9.52 25.48
CA PRO A 187 -19.02 11.01 25.59
C PRO A 187 -17.94 11.69 24.74
ZN ZN B . -9.30 -1.22 14.30
N MET A 1 -10.75 -7.28 24.72
CA MET A 1 -11.33 -6.10 23.99
C MET A 1 -11.99 -6.59 22.70
N GLU A 2 -12.37 -5.67 21.84
CA GLU A 2 -13.03 -6.07 20.57
C GLU A 2 -12.16 -5.64 19.38
N ARG A 3 -12.21 -6.38 18.31
CA ARG A 3 -11.39 -6.02 17.11
C ARG A 3 -12.30 -5.94 15.88
N CYS A 4 -11.86 -5.27 14.86
CA CYS A 4 -12.72 -5.14 13.63
C CYS A 4 -12.73 -6.48 12.89
N GLY A 5 -13.80 -6.75 12.17
CA GLY A 5 -13.89 -8.03 11.43
C GLY A 5 -12.71 -8.18 10.46
N TRP A 6 -12.08 -7.09 10.12
CA TRP A 6 -10.92 -7.16 9.17
C TRP A 6 -9.96 -8.27 9.59
N VAL A 7 -9.85 -8.52 10.87
CA VAL A 7 -8.91 -9.58 11.35
C VAL A 7 -9.67 -10.87 11.64
N SER A 8 -9.13 -11.98 11.21
CA SER A 8 -9.81 -13.29 11.49
C SER A 8 -8.78 -14.42 11.43
N GLN A 9 -8.49 -15.03 12.55
CA GLN A 9 -7.50 -16.14 12.57
C GLN A 9 -6.17 -15.68 11.97
N ASP A 10 -5.74 -14.48 12.30
CA ASP A 10 -4.45 -13.98 11.74
C ASP A 10 -3.70 -13.21 12.83
N PRO A 11 -3.05 -13.90 13.73
CA PRO A 11 -2.28 -13.27 14.83
C PRO A 11 -1.21 -12.30 14.32
N LEU A 12 -0.54 -12.64 13.25
CA LEU A 12 0.50 -11.72 12.71
C LEU A 12 -0.16 -10.42 12.27
N TYR A 13 -1.31 -10.52 11.68
CA TYR A 13 -2.02 -9.29 11.21
C TYR A 13 -2.33 -8.41 12.42
N ILE A 14 -2.79 -9.00 13.49
CA ILE A 14 -3.12 -8.20 14.71
C ILE A 14 -1.92 -7.39 15.15
N ALA A 15 -0.74 -7.95 15.10
CA ALA A 15 0.45 -7.18 15.52
C ALA A 15 0.56 -5.93 14.64
N TYR A 16 0.39 -6.09 13.36
CA TYR A 16 0.44 -4.92 12.44
C TYR A 16 -0.74 -3.99 12.75
N HIS A 17 -1.87 -4.56 13.09
CA HIS A 17 -3.07 -3.73 13.40
C HIS A 17 -2.77 -2.79 14.57
N ASP A 18 -2.22 -3.31 15.63
CA ASP A 18 -1.92 -2.47 16.82
C ASP A 18 -0.72 -1.55 16.57
N ASN A 19 0.25 -2.00 15.81
CA ASN A 19 1.43 -1.14 15.56
C ASN A 19 1.03 0.07 14.72
N GLU A 20 0.74 -0.14 13.47
CA GLU A 20 0.34 0.99 12.59
C GLU A 20 -0.68 0.49 11.58
N TRP A 21 -1.89 0.97 11.64
CA TRP A 21 -2.93 0.50 10.68
C TRP A 21 -4.19 1.35 10.85
N GLY A 22 -4.43 2.24 9.94
CA GLY A 22 -5.64 3.10 10.04
C GLY A 22 -5.21 4.49 10.49
N VAL A 23 -4.02 4.61 11.03
CA VAL A 23 -3.53 5.95 11.47
C VAL A 23 -2.99 6.70 10.25
N PRO A 24 -3.23 7.98 10.14
CA PRO A 24 -2.75 8.78 8.98
C PRO A 24 -1.22 8.80 8.86
N GLU A 25 -0.72 8.57 7.67
CA GLU A 25 0.76 8.58 7.46
C GLU A 25 1.11 9.72 6.49
N THR A 26 2.03 10.56 6.87
CA THR A 26 2.43 11.69 5.97
C THR A 26 3.86 11.46 5.49
N ASP A 27 4.41 10.31 5.73
CA ASP A 27 5.81 10.04 5.27
C ASP A 27 5.78 9.70 3.79
N SER A 28 6.43 10.50 3.00
CA SER A 28 6.45 10.25 1.53
C SER A 28 7.15 8.92 1.22
N LYS A 29 8.14 8.55 1.99
CA LYS A 29 8.85 7.28 1.72
C LYS A 29 7.88 6.10 1.89
N LYS A 30 7.10 6.11 2.93
CA LYS A 30 6.14 4.98 3.15
C LYS A 30 5.17 4.87 1.97
N LEU A 31 4.73 5.97 1.44
CA LEU A 31 3.77 5.91 0.29
C LEU A 31 4.40 5.14 -0.88
N PHE A 32 5.67 5.36 -1.14
CA PHE A 32 6.32 4.66 -2.28
C PHE A 32 6.38 3.15 -2.07
N GLU A 33 6.98 2.71 -0.98
CA GLU A 33 7.09 1.23 -0.75
C GLU A 33 5.74 0.62 -0.37
N MET A 34 4.91 1.35 0.30
CA MET A 34 3.59 0.76 0.70
C MET A 34 2.78 0.35 -0.53
N ILE A 35 2.59 1.24 -1.46
CA ILE A 35 1.80 0.88 -2.68
C ILE A 35 2.55 -0.16 -3.53
N CYS A 36 3.85 -0.11 -3.56
CA CYS A 36 4.60 -1.09 -4.39
C CYS A 36 4.29 -2.52 -3.96
N LEU A 37 4.34 -2.79 -2.68
CA LEU A 37 4.06 -4.17 -2.20
C LEU A 37 2.59 -4.53 -2.43
N GLU A 38 1.70 -3.59 -2.30
CA GLU A 38 0.26 -3.91 -2.50
C GLU A 38 0.04 -4.46 -3.92
N GLY A 39 0.79 -3.98 -4.87
CA GLY A 39 0.62 -4.48 -6.27
C GLY A 39 0.83 -5.99 -6.30
N GLN A 40 1.82 -6.48 -5.62
CA GLN A 40 2.08 -7.94 -5.62
C GLN A 40 0.89 -8.69 -4.99
N GLN A 41 0.23 -8.10 -4.04
CA GLN A 41 -0.92 -8.80 -3.39
C GLN A 41 -1.78 -9.50 -4.45
N ALA A 42 -1.94 -8.89 -5.59
CA ALA A 42 -2.78 -9.53 -6.64
C ALA A 42 -2.36 -11.00 -6.80
N GLY A 43 -3.25 -11.91 -6.52
CA GLY A 43 -2.90 -13.35 -6.67
C GLY A 43 -2.43 -13.90 -5.31
N LEU A 44 -2.25 -13.05 -4.35
CA LEU A 44 -1.79 -13.51 -3.00
C LEU A 44 -2.81 -13.11 -1.94
N SER A 45 -2.43 -13.18 -0.69
CA SER A 45 -3.36 -12.81 0.42
C SER A 45 -2.84 -11.59 1.15
N TRP A 46 -3.72 -10.79 1.71
CA TRP A 46 -3.27 -9.57 2.43
C TRP A 46 -2.20 -9.93 3.46
N ILE A 47 -2.39 -11.00 4.19
CA ILE A 47 -1.39 -11.39 5.21
C ILE A 47 -0.06 -11.77 4.55
N THR A 48 -0.11 -12.31 3.36
CA THR A 48 1.15 -12.70 2.67
C THR A 48 2.01 -11.47 2.42
N VAL A 49 1.41 -10.36 2.10
CA VAL A 49 2.21 -9.13 1.81
C VAL A 49 3.05 -8.73 3.03
N LEU A 50 2.51 -8.84 4.21
CA LEU A 50 3.30 -8.45 5.42
C LEU A 50 4.56 -9.32 5.53
N LYS A 51 4.42 -10.61 5.40
CA LYS A 51 5.62 -11.48 5.50
C LYS A 51 6.62 -11.07 4.42
N LYS A 52 6.15 -10.93 3.20
CA LYS A 52 7.06 -10.53 2.10
C LYS A 52 7.49 -9.07 2.30
N ARG A 53 6.68 -8.28 2.93
CA ARG A 53 7.08 -6.85 3.14
C ARG A 53 8.47 -6.82 3.74
N GLU A 54 8.73 -7.64 4.72
CA GLU A 54 10.08 -7.66 5.33
C GLU A 54 11.09 -8.30 4.37
N ASN A 55 10.72 -9.40 3.75
CA ASN A 55 11.66 -10.07 2.81
C ASN A 55 11.96 -9.15 1.63
N TYR A 56 10.96 -8.48 1.12
CA TYR A 56 11.18 -7.55 -0.03
C TYR A 56 12.22 -6.52 0.36
N ARG A 57 12.14 -6.00 1.54
CA ARG A 57 13.13 -4.97 1.97
C ARG A 57 14.54 -5.55 1.90
N ALA A 58 14.70 -6.80 2.22
CA ALA A 58 16.06 -7.41 2.22
C ALA A 58 16.63 -7.49 0.80
N CYS A 59 15.82 -7.70 -0.20
CA CYS A 59 16.37 -7.83 -1.58
C CYS A 59 16.41 -6.49 -2.32
N PHE A 60 15.36 -5.73 -2.27
CA PHE A 60 15.33 -4.44 -3.03
C PHE A 60 15.96 -3.29 -2.23
N HIS A 61 15.60 -3.14 -0.99
CA HIS A 61 16.14 -2.01 -0.17
C HIS A 61 17.67 -1.97 -0.26
N GLN A 62 18.31 -3.10 -0.24
CA GLN A 62 19.80 -3.10 -0.31
C GLN A 62 20.26 -2.40 -1.59
N PHE A 63 19.51 -2.50 -2.65
CA PHE A 63 19.92 -1.84 -3.92
C PHE A 63 19.22 -0.48 -4.05
N ASP A 64 18.46 -0.09 -3.07
CA ASP A 64 17.76 1.23 -3.16
C ASP A 64 16.92 1.28 -4.44
N PRO A 65 15.98 2.17 -4.50
CA PRO A 65 15.07 2.32 -5.68
C PRO A 65 15.79 2.86 -6.91
N VAL A 66 16.86 3.61 -6.74
CA VAL A 66 17.58 4.16 -7.92
C VAL A 66 18.13 3.03 -8.79
N LYS A 67 18.80 2.08 -8.19
CA LYS A 67 19.35 0.95 -8.98
C LYS A 67 18.20 0.13 -9.57
N VAL A 68 17.11 0.03 -8.85
CA VAL A 68 15.94 -0.74 -9.36
C VAL A 68 15.50 -0.16 -10.71
N ALA A 69 15.46 1.12 -10.82
CA ALA A 69 15.05 1.74 -12.12
C ALA A 69 16.15 1.48 -13.15
N ALA A 70 17.37 1.34 -12.69
CA ALA A 70 18.48 1.07 -13.63
C ALA A 70 18.89 -0.39 -13.56
N MET A 71 18.02 -1.24 -13.08
CA MET A 71 18.35 -2.68 -12.99
C MET A 71 18.07 -3.34 -14.34
N GLN A 72 18.77 -4.39 -14.66
CA GLN A 72 18.57 -5.07 -15.97
C GLN A 72 17.65 -6.28 -15.77
N GLU A 73 17.03 -6.74 -16.82
CA GLU A 73 16.13 -7.93 -16.68
C GLU A 73 16.93 -9.09 -16.11
N GLU A 74 18.19 -9.18 -16.43
CA GLU A 74 19.01 -10.30 -15.88
C GLU A 74 19.02 -10.20 -14.36
N ASP A 75 19.05 -9.00 -13.84
CA ASP A 75 19.04 -8.83 -12.37
C ASP A 75 17.76 -9.45 -11.80
N VAL A 76 16.67 -9.29 -12.49
CA VAL A 76 15.38 -9.87 -12.01
C VAL A 76 15.53 -11.38 -11.87
N GLU A 77 16.21 -12.01 -12.80
CA GLU A 77 16.37 -13.48 -12.72
C GLU A 77 17.12 -13.84 -11.43
N ARG A 78 18.11 -13.07 -11.08
CA ARG A 78 18.88 -13.35 -9.83
C ARG A 78 17.99 -13.11 -8.61
N LEU A 79 17.21 -12.07 -8.64
CA LEU A 79 16.32 -11.76 -7.48
C LEU A 79 15.28 -12.86 -7.30
N VAL A 80 14.84 -13.47 -8.36
CA VAL A 80 13.82 -14.55 -8.22
C VAL A 80 14.37 -15.62 -7.27
N GLN A 81 15.64 -15.87 -7.29
CA GLN A 81 16.22 -16.91 -6.40
C GLN A 81 16.87 -16.24 -5.17
N ASP A 82 16.78 -14.95 -5.06
CA ASP A 82 17.41 -14.26 -3.89
C ASP A 82 16.48 -14.33 -2.67
N ALA A 83 16.94 -14.93 -1.61
CA ALA A 83 16.11 -15.03 -0.38
C ALA A 83 14.88 -15.91 -0.64
N GLY A 84 14.56 -16.17 -1.88
CA GLY A 84 13.39 -17.02 -2.19
C GLY A 84 12.09 -16.24 -1.97
N ILE A 85 12.11 -14.95 -2.20
CA ILE A 85 10.87 -14.15 -2.01
C ILE A 85 9.77 -14.69 -2.93
N ILE A 86 8.92 -13.83 -3.41
CA ILE A 86 7.84 -14.30 -4.33
C ILE A 86 8.44 -14.57 -5.70
N ARG A 87 8.08 -15.65 -6.33
CA ARG A 87 8.65 -15.95 -7.66
C ARG A 87 7.68 -15.50 -8.75
N HIS A 88 8.14 -14.70 -9.67
CA HIS A 88 7.26 -14.21 -10.75
C HIS A 88 7.97 -13.04 -11.46
N ARG A 89 8.83 -13.35 -12.39
CA ARG A 89 9.55 -12.27 -13.11
C ARG A 89 8.54 -11.24 -13.59
N GLY A 90 7.37 -11.67 -13.95
CA GLY A 90 6.33 -10.71 -14.43
C GLY A 90 6.02 -9.69 -13.33
N LYS A 91 5.78 -10.14 -12.12
CA LYS A 91 5.46 -9.17 -11.04
C LYS A 91 6.72 -8.38 -10.67
N ILE A 92 7.85 -9.04 -10.62
CA ILE A 92 9.10 -8.31 -10.28
C ILE A 92 9.37 -7.22 -11.31
N GLN A 93 9.13 -7.52 -12.57
CA GLN A 93 9.36 -6.51 -13.64
C GLN A 93 8.47 -5.29 -13.37
N ALA A 94 7.28 -5.52 -12.89
CA ALA A 94 6.36 -4.38 -12.61
C ALA A 94 6.98 -3.47 -11.54
N ILE A 95 7.62 -4.05 -10.56
CA ILE A 95 8.25 -3.23 -9.49
C ILE A 95 9.31 -2.31 -10.12
N ILE A 96 10.08 -2.83 -11.04
CA ILE A 96 11.13 -1.99 -11.68
C ILE A 96 10.48 -0.76 -12.31
N GLY A 97 9.37 -0.94 -12.97
CA GLY A 97 8.69 0.22 -13.61
C GLY A 97 8.30 1.25 -12.55
N ASN A 98 7.86 0.79 -11.40
CA ASN A 98 7.46 1.74 -10.32
C ASN A 98 8.65 2.63 -9.97
N ALA A 99 9.85 2.09 -9.95
CA ALA A 99 11.03 2.92 -9.63
C ALA A 99 11.27 3.94 -10.74
N ARG A 100 11.20 3.52 -11.96
CA ARG A 100 11.41 4.47 -13.09
C ARG A 100 10.35 5.58 -13.03
N ALA A 101 9.12 5.21 -12.78
CA ALA A 101 8.06 6.24 -12.70
C ALA A 101 8.28 7.09 -11.45
N TYR A 102 8.77 6.48 -10.40
CA TYR A 102 9.02 7.23 -9.15
C TYR A 102 10.08 8.31 -9.37
N LEU A 103 11.14 7.98 -10.06
CA LEU A 103 12.20 9.01 -10.30
C LEU A 103 11.63 10.14 -11.15
N GLN A 104 10.84 9.83 -12.13
CA GLN A 104 10.25 10.90 -12.98
C GLN A 104 9.43 11.85 -12.11
N MET A 105 8.72 11.31 -11.16
CA MET A 105 7.90 12.18 -10.26
C MET A 105 8.82 13.11 -9.47
N GLU A 106 9.93 12.63 -9.01
CA GLU A 106 10.85 13.49 -8.24
C GLU A 106 11.39 14.61 -9.12
N GLN A 107 11.62 14.33 -10.37
CA GLN A 107 12.16 15.39 -11.27
C GLN A 107 11.25 16.62 -11.17
N ASN A 108 9.98 16.42 -10.98
CA ASN A 108 9.06 17.57 -10.86
C ASN A 108 8.94 17.99 -9.38
N GLY A 109 9.63 17.31 -8.51
CA GLY A 109 9.54 17.68 -7.06
C GLY A 109 8.08 17.59 -6.60
N GLU A 110 7.39 16.55 -6.99
CA GLU A 110 5.96 16.40 -6.58
C GLU A 110 5.76 15.06 -5.87
N PRO A 111 6.00 15.02 -4.59
CA PRO A 111 5.84 13.79 -3.77
C PRO A 111 4.44 13.19 -3.89
N PHE A 112 4.33 11.89 -3.99
CA PHE A 112 3.00 11.25 -4.10
C PHE A 112 2.22 11.53 -2.82
N ALA A 113 2.88 11.46 -1.70
CA ALA A 113 2.19 11.72 -0.40
C ALA A 113 1.56 13.11 -0.42
N ASP A 114 2.28 14.09 -0.83
CA ASP A 114 1.71 15.47 -0.87
C ASP A 114 0.60 15.52 -1.93
N PHE A 115 0.80 14.84 -3.02
CA PHE A 115 -0.23 14.85 -4.12
C PHE A 115 -1.49 14.10 -3.69
N VAL A 116 -1.36 12.89 -3.20
CA VAL A 116 -2.57 12.14 -2.80
C VAL A 116 -3.27 12.84 -1.63
N TRP A 117 -2.54 13.35 -0.69
CA TRP A 117 -3.19 14.05 0.45
C TRP A 117 -4.04 15.21 -0.08
N SER A 118 -3.55 15.90 -1.08
CA SER A 118 -4.33 17.04 -1.65
C SER A 118 -5.62 16.53 -2.29
N PHE A 119 -5.61 15.32 -2.81
CA PHE A 119 -6.84 14.78 -3.46
C PHE A 119 -7.97 14.65 -2.43
N VAL A 120 -7.67 14.27 -1.22
CA VAL A 120 -8.74 14.13 -0.20
C VAL A 120 -8.86 15.42 0.60
N ASN A 121 -8.44 16.52 0.04
CA ASN A 121 -8.52 17.83 0.75
C ASN A 121 -7.44 17.92 1.82
N HIS A 122 -6.41 17.15 1.70
CA HIS A 122 -5.31 17.20 2.70
C HIS A 122 -5.87 16.88 4.10
N GLN A 123 -6.92 16.12 4.19
CA GLN A 123 -7.47 15.78 5.53
C GLN A 123 -7.85 14.28 5.58
N PRO A 124 -7.81 13.69 6.75
CA PRO A 124 -8.14 12.24 6.94
C PRO A 124 -9.64 11.95 6.84
N GLN A 125 -10.01 10.80 6.37
CA GLN A 125 -11.45 10.46 6.27
C GLN A 125 -11.82 9.47 7.38
N MET A 126 -13.05 9.50 7.83
CA MET A 126 -13.48 8.57 8.91
C MET A 126 -14.71 7.81 8.45
N THR A 127 -14.85 6.55 8.81
CA THR A 127 -16.05 5.77 8.37
C THR A 127 -16.94 5.46 9.57
N GLN A 128 -18.18 5.13 9.33
CA GLN A 128 -19.12 4.80 10.43
C GLN A 128 -19.97 3.60 10.00
N ALA A 129 -19.33 2.51 9.66
CA ALA A 129 -20.09 1.31 9.21
C ALA A 129 -19.94 0.20 10.24
N THR A 130 -20.87 -0.72 10.26
CA THR A 130 -20.80 -1.83 11.26
C THR A 130 -20.20 -3.07 10.60
N THR A 131 -20.58 -3.34 9.37
CA THR A 131 -20.04 -4.53 8.67
C THR A 131 -19.11 -4.08 7.54
N LEU A 132 -18.16 -4.90 7.19
CA LEU A 132 -17.22 -4.52 6.10
C LEU A 132 -18.01 -4.28 4.82
N SER A 133 -19.08 -4.99 4.62
CA SER A 133 -19.89 -4.81 3.39
C SER A 133 -20.33 -3.35 3.27
N GLU A 134 -20.69 -2.74 4.37
CA GLU A 134 -21.13 -1.32 4.31
C GLU A 134 -19.95 -0.43 3.91
N ILE A 135 -18.75 -0.82 4.25
CA ILE A 135 -17.57 0.00 3.89
C ILE A 135 -17.33 -0.08 2.37
N PRO A 136 -17.28 1.05 1.68
CA PRO A 136 -17.04 1.05 0.20
C PRO A 136 -15.58 0.76 -0.14
N THR A 137 -15.35 -0.09 -1.10
CA THR A 137 -13.95 -0.41 -1.48
C THR A 137 -13.48 0.58 -2.55
N SER A 138 -14.37 1.41 -3.02
CA SER A 138 -13.98 2.40 -4.06
C SER A 138 -14.62 3.75 -3.74
N THR A 139 -13.97 4.56 -2.94
CA THR A 139 -14.56 5.89 -2.60
C THR A 139 -14.18 6.88 -3.70
N PRO A 140 -14.82 8.02 -3.74
CA PRO A 140 -14.52 9.07 -4.77
C PRO A 140 -13.03 9.39 -4.86
N ALA A 141 -12.36 9.45 -3.74
CA ALA A 141 -10.90 9.76 -3.76
C ALA A 141 -10.14 8.62 -4.42
N SER A 142 -10.46 7.40 -4.09
CA SER A 142 -9.75 6.25 -4.70
C SER A 142 -9.95 6.24 -6.21
N ASP A 143 -11.14 6.52 -6.66
CA ASP A 143 -11.40 6.54 -8.12
C ASP A 143 -10.56 7.63 -8.79
N ALA A 144 -10.54 8.81 -8.25
CA ALA A 144 -9.75 9.91 -8.84
C ALA A 144 -8.26 9.67 -8.57
N LEU A 145 -7.94 9.22 -7.39
CA LEU A 145 -6.52 8.97 -7.05
C LEU A 145 -5.95 7.85 -7.92
N SER A 146 -6.68 6.80 -8.11
CA SER A 146 -6.17 5.68 -8.94
C SER A 146 -5.92 6.18 -10.36
N LYS A 147 -6.79 7.02 -10.86
CA LYS A 147 -6.60 7.54 -12.24
C LYS A 147 -5.31 8.35 -12.32
N ALA A 148 -5.00 9.10 -11.29
CA ALA A 148 -3.77 9.93 -11.31
C ALA A 148 -2.53 9.02 -11.36
N LEU A 149 -2.48 8.01 -10.54
CA LEU A 149 -1.31 7.10 -10.56
C LEU A 149 -1.26 6.37 -11.90
N LYS A 150 -2.39 5.97 -12.41
CA LYS A 150 -2.41 5.26 -13.71
C LYS A 150 -1.80 6.16 -14.79
N LYS A 151 -2.06 7.44 -14.71
CA LYS A 151 -1.51 8.37 -15.73
C LYS A 151 0.02 8.30 -15.70
N ARG A 152 0.59 8.16 -14.54
CA ARG A 152 2.07 8.08 -14.45
C ARG A 152 2.56 6.83 -15.16
N GLY A 153 1.68 5.87 -15.34
CA GLY A 153 2.09 4.61 -16.04
C GLY A 153 2.30 3.48 -15.03
N PHE A 154 1.75 3.61 -13.84
CA PHE A 154 1.93 2.54 -12.83
C PHE A 154 1.05 1.34 -13.21
N LYS A 155 1.59 0.15 -13.09
CA LYS A 155 0.79 -1.07 -13.42
C LYS A 155 0.19 -1.64 -12.14
N PHE A 156 -0.87 -2.39 -12.25
CA PHE A 156 -1.50 -2.98 -11.04
C PHE A 156 -1.88 -1.86 -10.07
N VAL A 157 -2.53 -0.84 -10.56
CA VAL A 157 -2.92 0.29 -9.67
C VAL A 157 -4.45 0.40 -9.64
N GLY A 158 -5.14 -0.68 -9.90
CA GLY A 158 -6.62 -0.63 -9.89
C GLY A 158 -7.11 -0.03 -8.58
N THR A 159 -8.37 0.30 -8.50
CA THR A 159 -8.90 0.91 -7.25
C THR A 159 -8.60 -0.02 -6.07
N THR A 160 -8.64 -1.31 -6.28
CA THR A 160 -8.36 -2.25 -5.17
C THR A 160 -6.94 -2.02 -4.63
N ILE A 161 -5.99 -1.88 -5.50
CA ILE A 161 -4.59 -1.65 -5.03
C ILE A 161 -4.51 -0.27 -4.38
N CYS A 162 -5.12 0.71 -4.97
CA CYS A 162 -5.08 2.08 -4.37
C CYS A 162 -5.80 2.06 -3.02
N TYR A 163 -6.92 1.40 -2.95
CA TYR A 163 -7.66 1.34 -1.66
C TYR A 163 -6.77 0.67 -0.61
N SER A 164 -6.02 -0.33 -1.01
CA SER A 164 -5.13 -1.02 -0.04
C SER A 164 -4.14 -0.03 0.57
N PHE A 165 -3.50 0.78 -0.23
CA PHE A 165 -2.53 1.76 0.32
C PHE A 165 -3.27 2.72 1.26
N MET A 166 -4.47 3.11 0.90
CA MET A 166 -5.24 4.03 1.77
C MET A 166 -5.44 3.37 3.13
N GLN A 167 -5.67 2.09 3.15
CA GLN A 167 -5.88 1.36 4.43
C GLN A 167 -4.60 1.39 5.27
N ALA A 168 -3.48 1.15 4.65
CA ALA A 168 -2.20 1.15 5.40
C ALA A 168 -1.83 2.58 5.82
N CYS A 169 -1.92 3.51 4.91
CA CYS A 169 -1.56 4.91 5.25
C CYS A 169 -2.53 5.44 6.32
N GLY A 170 -3.75 4.99 6.29
CA GLY A 170 -4.73 5.45 7.32
C GLY A 170 -5.47 6.69 6.83
N LEU A 171 -5.36 7.03 5.57
CA LEU A 171 -6.09 8.22 5.08
C LEU A 171 -7.56 8.08 5.48
N VAL A 172 -8.02 6.86 5.57
CA VAL A 172 -9.43 6.62 5.96
C VAL A 172 -9.45 5.71 7.19
N ASN A 173 -10.45 5.85 8.03
CA ASN A 173 -10.51 4.99 9.23
C ASN A 173 -11.50 3.85 8.96
N ASP A 174 -10.98 2.66 8.71
CA ASP A 174 -11.88 1.51 8.41
C ASP A 174 -11.72 0.39 9.44
N HIS A 175 -12.52 0.41 10.47
CA HIS A 175 -12.47 -0.65 11.51
C HIS A 175 -13.91 -1.09 11.80
N VAL A 176 -14.70 -0.17 12.29
CA VAL A 176 -16.14 -0.47 12.60
C VAL A 176 -16.76 0.76 13.28
N VAL A 177 -16.84 0.75 14.58
CA VAL A 177 -17.43 1.90 15.31
C VAL A 177 -16.83 1.95 16.71
N GLY A 178 -16.18 0.88 17.12
CA GLY A 178 -15.56 0.85 18.47
C GLY A 178 -14.43 -0.18 18.50
N CYS A 179 -13.44 -0.01 17.65
CA CYS A 179 -12.31 -0.99 17.66
C CYS A 179 -11.15 -0.42 18.47
N CYS A 180 -10.67 -1.17 19.43
CA CYS A 180 -9.54 -0.67 20.26
C CYS A 180 -9.97 0.57 21.03
N CYS A 181 -10.26 1.63 20.34
CA CYS A 181 -10.69 2.88 21.03
C CYS A 181 -11.14 3.90 19.99
N TYR A 182 -12.07 3.53 19.14
CA TYR A 182 -12.55 4.48 18.10
C TYR A 182 -14.08 4.64 18.23
N PRO A 183 -14.52 5.55 19.06
CA PRO A 183 -15.98 5.79 19.26
C PRO A 183 -16.57 6.65 18.15
N GLY A 184 -16.43 7.94 18.26
CA GLY A 184 -16.98 8.84 17.19
C GLY A 184 -18.46 9.11 17.48
N ASN A 185 -18.98 8.61 18.55
CA ASN A 185 -20.42 8.84 18.87
C ASN A 185 -20.73 8.34 20.28
N LYS A 186 -19.75 8.26 21.12
CA LYS A 186 -19.98 7.77 22.50
C LYS A 186 -19.28 8.70 23.50
N PRO A 187 -19.90 9.81 23.80
CA PRO A 187 -19.34 10.81 24.74
C PRO A 187 -19.62 10.45 26.20
ZN ZN B . -9.43 -2.49 14.18
N MET A 1 -13.93 -6.17 24.49
CA MET A 1 -14.36 -5.02 23.64
C MET A 1 -14.44 -5.47 22.18
N GLU A 2 -15.26 -4.82 21.40
CA GLU A 2 -15.39 -5.20 19.97
C GLU A 2 -14.18 -4.70 19.19
N ARG A 3 -13.82 -5.38 18.13
CA ARG A 3 -12.64 -4.95 17.33
C ARG A 3 -12.85 -5.31 15.86
N CYS A 4 -11.98 -4.88 15.01
CA CYS A 4 -12.12 -5.21 13.56
C CYS A 4 -12.42 -6.69 13.40
N GLY A 5 -13.13 -7.07 12.37
CA GLY A 5 -13.49 -8.51 12.18
C GLY A 5 -12.66 -9.14 11.05
N TRP A 6 -12.14 -8.36 10.14
CA TRP A 6 -11.36 -9.00 9.03
C TRP A 6 -9.98 -9.42 9.52
N VAL A 7 -9.65 -9.12 10.75
CA VAL A 7 -8.32 -9.53 11.28
C VAL A 7 -8.17 -11.04 11.15
N SER A 8 -7.08 -11.49 10.60
CA SER A 8 -6.87 -12.96 10.44
C SER A 8 -6.42 -13.58 11.76
N GLN A 9 -6.63 -14.87 11.92
CA GLN A 9 -6.21 -15.53 13.19
C GLN A 9 -4.69 -15.40 13.36
N ASP A 10 -3.96 -15.42 12.27
CA ASP A 10 -2.48 -15.30 12.37
C ASP A 10 -2.12 -14.06 13.20
N PRO A 11 -1.53 -14.23 14.36
CA PRO A 11 -1.16 -13.07 15.23
C PRO A 11 -0.37 -12.00 14.47
N LEU A 12 0.29 -12.37 13.41
CA LEU A 12 1.08 -11.37 12.64
C LEU A 12 0.13 -10.30 12.07
N TYR A 13 -1.02 -10.71 11.59
CA TYR A 13 -1.97 -9.69 11.04
C TYR A 13 -2.47 -8.81 12.18
N ILE A 14 -2.91 -9.40 13.26
CA ILE A 14 -3.41 -8.59 14.40
C ILE A 14 -2.28 -7.72 14.93
N ALA A 15 -1.07 -8.23 14.95
CA ALA A 15 0.06 -7.41 15.44
C ALA A 15 0.18 -6.19 14.52
N TYR A 16 0.06 -6.40 13.23
CA TYR A 16 0.14 -5.27 12.27
C TYR A 16 -1.07 -4.37 12.48
N HIS A 17 -2.21 -4.95 12.76
CA HIS A 17 -3.44 -4.13 12.99
C HIS A 17 -3.18 -3.11 14.11
N ASP A 18 -2.62 -3.55 15.21
CA ASP A 18 -2.35 -2.61 16.34
C ASP A 18 -1.07 -1.80 16.08
N ASN A 19 -0.01 -2.45 15.66
CA ASN A 19 1.26 -1.71 15.42
C ASN A 19 1.06 -0.60 14.39
N GLU A 20 0.30 -0.86 13.36
CA GLU A 20 0.08 0.19 12.32
C GLU A 20 -1.30 -0.01 11.70
N TRP A 21 -1.38 0.01 10.39
CA TRP A 21 -2.70 -0.21 9.74
C TRP A 21 -3.72 0.79 10.30
N GLY A 22 -4.05 1.79 9.53
CA GLY A 22 -5.03 2.80 10.01
C GLY A 22 -4.29 4.05 10.47
N VAL A 23 -3.04 3.92 10.82
CA VAL A 23 -2.26 5.10 11.28
C VAL A 23 -1.91 5.94 10.03
N PRO A 24 -2.03 7.24 10.11
CA PRO A 24 -1.73 8.13 8.94
C PRO A 24 -0.24 8.12 8.57
N GLU A 25 0.04 7.85 7.32
CA GLU A 25 1.46 7.84 6.87
C GLU A 25 1.67 8.97 5.86
N THR A 26 2.60 9.85 6.12
CA THR A 26 2.84 10.99 5.17
C THR A 26 4.17 10.79 4.45
N ASP A 27 4.86 9.71 4.73
CA ASP A 27 6.16 9.47 4.04
C ASP A 27 5.89 8.95 2.63
N SER A 28 6.33 9.66 1.62
CA SER A 28 6.09 9.20 0.23
C SER A 28 6.80 7.87 -0.01
N LYS A 29 7.94 7.66 0.60
CA LYS A 29 8.66 6.39 0.40
C LYS A 29 7.81 5.23 0.93
N LYS A 30 7.34 5.34 2.14
CA LYS A 30 6.49 4.26 2.70
C LYS A 30 5.17 4.20 1.93
N LEU A 31 4.62 5.33 1.61
CA LEU A 31 3.33 5.37 0.86
C LEU A 31 3.52 4.71 -0.50
N PHE A 32 4.57 5.06 -1.19
CA PHE A 32 4.84 4.47 -2.53
C PHE A 32 5.04 2.96 -2.38
N GLU A 33 5.76 2.55 -1.37
CA GLU A 33 6.00 1.09 -1.17
C GLU A 33 4.69 0.42 -0.71
N MET A 34 3.87 1.13 0.00
CA MET A 34 2.60 0.51 0.47
C MET A 34 1.80 -0.02 -0.71
N ILE A 35 1.58 0.79 -1.72
CA ILE A 35 0.79 0.31 -2.89
C ILE A 35 1.62 -0.70 -3.70
N CYS A 36 2.91 -0.54 -3.75
CA CYS A 36 3.74 -1.49 -4.53
C CYS A 36 3.70 -2.88 -3.89
N LEU A 37 3.92 -2.96 -2.61
CA LEU A 37 3.88 -4.28 -1.93
C LEU A 37 2.43 -4.80 -1.94
N GLU A 38 1.49 -3.92 -1.80
CA GLU A 38 0.06 -4.35 -1.80
C GLU A 38 -0.27 -5.07 -3.11
N GLY A 39 0.34 -4.65 -4.19
CA GLY A 39 0.07 -5.31 -5.50
C GLY A 39 0.32 -6.81 -5.39
N GLN A 40 1.28 -7.21 -4.61
CA GLN A 40 1.59 -8.66 -4.47
C GLN A 40 0.33 -9.40 -3.97
N GLN A 41 -0.45 -8.78 -3.13
CA GLN A 41 -1.66 -9.47 -2.62
C GLN A 41 -2.53 -9.94 -3.79
N ALA A 42 -2.61 -9.16 -4.83
CA ALA A 42 -3.44 -9.56 -6.00
C ALA A 42 -3.18 -11.02 -6.35
N GLY A 43 -4.13 -11.88 -6.12
CA GLY A 43 -3.95 -13.32 -6.44
C GLY A 43 -3.54 -14.08 -5.18
N LEU A 44 -3.11 -13.40 -4.16
CA LEU A 44 -2.70 -14.09 -2.91
C LEU A 44 -3.54 -13.59 -1.73
N SER A 45 -2.95 -13.47 -0.57
CA SER A 45 -3.70 -13.00 0.62
C SER A 45 -2.98 -11.83 1.28
N TRP A 46 -3.69 -10.99 1.97
CA TRP A 46 -3.07 -9.82 2.63
C TRP A 46 -1.91 -10.28 3.53
N ILE A 47 -2.10 -11.37 4.24
CA ILE A 47 -1.03 -11.87 5.14
C ILE A 47 0.22 -12.25 4.33
N THR A 48 0.06 -12.76 3.14
CA THR A 48 1.24 -13.15 2.33
C THR A 48 2.11 -11.93 2.04
N VAL A 49 1.51 -10.81 1.75
CA VAL A 49 2.29 -9.59 1.43
C VAL A 49 3.06 -9.09 2.65
N LEU A 50 2.48 -9.14 3.82
CA LEU A 50 3.19 -8.64 5.03
C LEU A 50 4.55 -9.35 5.15
N LYS A 51 4.56 -10.65 5.10
CA LYS A 51 5.86 -11.37 5.21
C LYS A 51 6.77 -10.90 4.08
N LYS A 52 6.21 -10.70 2.91
CA LYS A 52 7.01 -10.21 1.78
C LYS A 52 7.46 -8.78 2.03
N ARG A 53 6.67 -8.01 2.74
CA ARG A 53 7.06 -6.59 3.00
C ARG A 53 8.46 -6.55 3.61
N GLU A 54 8.71 -7.34 4.62
CA GLU A 54 10.07 -7.31 5.24
C GLU A 54 11.09 -7.97 4.31
N ASN A 55 10.75 -9.09 3.72
CA ASN A 55 11.71 -9.76 2.79
C ASN A 55 11.98 -8.83 1.60
N TYR A 56 10.97 -8.13 1.15
CA TYR A 56 11.15 -7.20 0.00
C TYR A 56 12.23 -6.18 0.33
N ARG A 57 12.21 -5.63 1.51
CA ARG A 57 13.26 -4.63 1.87
C ARG A 57 14.63 -5.30 1.76
N ALA A 58 14.75 -6.53 2.14
CA ALA A 58 16.07 -7.19 2.06
C ALA A 58 16.60 -7.17 0.62
N CYS A 59 15.75 -7.43 -0.34
CA CYS A 59 16.20 -7.44 -1.76
C CYS A 59 15.99 -6.08 -2.45
N PHE A 60 15.19 -5.20 -1.90
CA PHE A 60 14.93 -3.90 -2.59
C PHE A 60 15.48 -2.69 -1.83
N HIS A 61 15.23 -2.58 -0.55
CA HIS A 61 15.75 -1.38 0.19
C HIS A 61 17.23 -1.19 -0.11
N GLN A 62 17.98 -2.26 -0.20
CA GLN A 62 19.43 -2.12 -0.51
C GLN A 62 19.56 -1.43 -1.86
N PHE A 63 18.68 -1.73 -2.77
CA PHE A 63 18.74 -1.10 -4.11
C PHE A 63 17.68 0.01 -4.17
N ASP A 64 17.88 1.05 -3.41
CA ASP A 64 16.89 2.18 -3.38
C ASP A 64 16.29 2.41 -4.77
N PRO A 65 15.16 3.06 -4.84
CA PRO A 65 14.45 3.35 -6.11
C PRO A 65 15.38 3.82 -7.23
N VAL A 66 16.30 4.68 -6.94
CA VAL A 66 17.22 5.17 -8.01
C VAL A 66 17.97 3.98 -8.62
N LYS A 67 18.51 3.13 -7.79
CA LYS A 67 19.24 1.95 -8.31
C LYS A 67 18.25 1.00 -9.00
N VAL A 68 17.04 0.91 -8.51
CA VAL A 68 16.05 0.00 -9.14
C VAL A 68 15.81 0.45 -10.59
N ALA A 69 15.71 1.73 -10.83
CA ALA A 69 15.49 2.21 -12.22
C ALA A 69 16.72 1.86 -13.04
N ALA A 70 17.86 1.86 -12.42
CA ALA A 70 19.11 1.51 -13.15
C ALA A 70 19.29 -0.01 -13.11
N MET A 71 18.27 -0.72 -12.70
CA MET A 71 18.37 -2.21 -12.63
C MET A 71 18.45 -2.78 -14.04
N GLN A 72 19.29 -3.75 -14.25
CA GLN A 72 19.42 -4.38 -15.58
C GLN A 72 18.77 -5.76 -15.54
N GLU A 73 18.55 -6.36 -16.67
CA GLU A 73 17.92 -7.71 -16.68
C GLU A 73 18.79 -8.72 -15.93
N GLU A 74 20.08 -8.55 -15.99
CA GLU A 74 20.98 -9.49 -15.26
C GLU A 74 20.65 -9.45 -13.77
N ASP A 75 20.32 -8.29 -13.28
CA ASP A 75 19.97 -8.16 -11.83
C ASP A 75 18.76 -9.04 -11.52
N VAL A 76 17.81 -9.09 -12.43
CA VAL A 76 16.60 -9.93 -12.19
C VAL A 76 17.02 -11.38 -12.00
N GLU A 77 17.91 -11.87 -12.82
CA GLU A 77 18.34 -13.28 -12.67
C GLU A 77 19.03 -13.47 -11.32
N ARG A 78 19.78 -12.50 -10.90
CA ARG A 78 20.48 -12.61 -9.58
C ARG A 78 19.45 -12.65 -8.45
N LEU A 79 18.49 -11.79 -8.49
CA LEU A 79 17.45 -11.78 -7.41
C LEU A 79 16.57 -13.02 -7.51
N VAL A 80 16.21 -13.40 -8.70
CA VAL A 80 15.35 -14.61 -8.86
C VAL A 80 16.09 -15.80 -8.24
N GLN A 81 17.38 -15.84 -8.39
CA GLN A 81 18.16 -16.97 -7.83
C GLN A 81 18.53 -16.65 -6.38
N ASP A 82 19.19 -15.54 -6.16
CA ASP A 82 19.57 -15.17 -4.76
C ASP A 82 18.57 -14.15 -4.22
N ALA A 83 17.72 -14.56 -3.32
CA ALA A 83 16.71 -13.61 -2.75
C ALA A 83 15.87 -14.31 -1.69
N GLY A 84 15.21 -15.38 -2.07
CA GLY A 84 14.37 -16.12 -1.09
C GLY A 84 13.07 -15.32 -0.85
N ILE A 85 12.48 -14.80 -1.90
CA ILE A 85 11.23 -14.01 -1.74
C ILE A 85 10.10 -14.63 -2.57
N ILE A 86 8.88 -14.23 -2.30
CA ILE A 86 7.72 -14.77 -3.06
C ILE A 86 8.06 -14.79 -4.56
N ARG A 87 7.21 -15.35 -5.38
CA ARG A 87 7.52 -15.36 -6.84
C ARG A 87 7.87 -13.93 -7.25
N HIS A 88 8.75 -13.74 -8.18
CA HIS A 88 9.11 -12.36 -8.56
C HIS A 88 9.78 -12.32 -9.93
N ARG A 89 9.71 -13.38 -10.68
CA ARG A 89 10.35 -13.36 -12.02
C ARG A 89 9.72 -12.26 -12.86
N GLY A 90 8.45 -12.39 -13.15
CA GLY A 90 7.76 -11.34 -13.96
C GLY A 90 7.51 -10.11 -13.11
N LYS A 91 7.22 -10.28 -11.84
CA LYS A 91 6.94 -9.11 -10.97
C LYS A 91 8.18 -8.21 -10.92
N ILE A 92 9.36 -8.77 -10.76
CA ILE A 92 10.56 -7.89 -10.72
C ILE A 92 10.59 -7.01 -11.98
N GLN A 93 10.21 -7.55 -13.10
CA GLN A 93 10.19 -6.71 -14.33
C GLN A 93 9.25 -5.54 -14.11
N ALA A 94 8.18 -5.75 -13.40
CA ALA A 94 7.20 -4.64 -13.15
C ALA A 94 7.86 -3.57 -12.27
N ILE A 95 8.53 -3.97 -11.22
CA ILE A 95 9.18 -2.96 -10.34
C ILE A 95 10.16 -2.12 -11.16
N ILE A 96 10.93 -2.73 -12.02
CA ILE A 96 11.89 -1.94 -12.84
C ILE A 96 11.14 -0.84 -13.58
N GLY A 97 10.00 -1.16 -14.16
CA GLY A 97 9.22 -0.12 -14.88
C GLY A 97 8.74 0.94 -13.90
N ASN A 98 8.26 0.52 -12.75
CA ASN A 98 7.76 1.50 -11.75
C ASN A 98 8.91 2.43 -11.32
N ALA A 99 10.10 1.91 -11.23
CA ALA A 99 11.25 2.76 -10.81
C ALA A 99 11.48 3.86 -11.84
N ARG A 100 11.40 3.53 -13.11
CA ARG A 100 11.61 4.57 -14.15
C ARG A 100 10.57 5.67 -13.99
N ALA A 101 9.33 5.29 -13.78
CA ALA A 101 8.26 6.30 -13.61
C ALA A 101 8.43 6.99 -12.26
N TYR A 102 8.80 6.24 -11.26
CA TYR A 102 8.99 6.82 -9.90
C TYR A 102 10.06 7.91 -9.94
N LEU A 103 11.17 7.65 -10.58
CA LEU A 103 12.24 8.67 -10.63
C LEU A 103 11.78 9.87 -11.46
N GLN A 104 11.14 9.64 -12.57
CA GLN A 104 10.67 10.78 -13.41
C GLN A 104 9.61 11.58 -12.64
N MET A 105 8.75 10.90 -11.92
CA MET A 105 7.71 11.63 -11.16
C MET A 105 8.37 12.56 -10.13
N GLU A 106 9.44 12.11 -9.52
CA GLU A 106 10.13 12.97 -8.53
C GLU A 106 10.72 14.20 -9.20
N GLN A 107 11.11 14.07 -10.44
CA GLN A 107 11.71 15.24 -11.14
C GLN A 107 10.74 16.42 -11.03
N ASN A 108 9.47 16.16 -11.01
CA ASN A 108 8.48 17.27 -10.89
C ASN A 108 8.45 17.77 -9.44
N GLY A 109 8.95 17.00 -8.52
CA GLY A 109 8.93 17.45 -7.10
C GLY A 109 7.52 17.33 -6.54
N GLU A 110 6.78 16.34 -6.98
CA GLU A 110 5.39 16.17 -6.48
C GLU A 110 5.25 14.78 -5.83
N PRO A 111 5.60 14.68 -4.57
CA PRO A 111 5.52 13.39 -3.83
C PRO A 111 4.15 12.72 -3.96
N PHE A 112 4.12 11.42 -4.03
CA PHE A 112 2.83 10.69 -4.16
C PHE A 112 1.94 11.05 -2.98
N ALA A 113 2.50 11.11 -1.81
CA ALA A 113 1.68 11.45 -0.62
C ALA A 113 1.09 12.85 -0.78
N ASP A 114 1.89 13.81 -1.15
CA ASP A 114 1.37 15.19 -1.33
C ASP A 114 0.31 15.19 -2.45
N PHE A 115 0.57 14.48 -3.51
CA PHE A 115 -0.40 14.40 -4.63
C PHE A 115 -1.69 13.74 -4.15
N VAL A 116 -1.57 12.65 -3.46
CA VAL A 116 -2.77 11.95 -2.94
C VAL A 116 -3.54 12.87 -2.01
N TRP A 117 -2.85 13.56 -1.13
CA TRP A 117 -3.55 14.49 -0.20
C TRP A 117 -4.35 15.51 -1.02
N SER A 118 -3.85 15.90 -2.14
CA SER A 118 -4.58 16.88 -2.99
C SER A 118 -5.94 16.30 -3.42
N PHE A 119 -5.99 15.04 -3.74
CA PHE A 119 -7.29 14.43 -4.18
C PHE A 119 -8.33 14.51 -3.06
N VAL A 120 -7.90 14.47 -1.83
CA VAL A 120 -8.88 14.54 -0.70
C VAL A 120 -8.79 15.93 -0.07
N ASN A 121 -8.29 16.87 -0.80
CA ASN A 121 -8.16 18.27 -0.28
C ASN A 121 -6.91 18.35 0.58
N HIS A 122 -6.78 17.46 1.53
CA HIS A 122 -5.60 17.43 2.44
C HIS A 122 -6.03 16.87 3.80
N GLN A 123 -7.31 16.88 4.07
CA GLN A 123 -7.78 16.36 5.38
C GLN A 123 -8.05 14.85 5.32
N PRO A 124 -7.84 14.14 6.41
CA PRO A 124 -8.08 12.68 6.48
C PRO A 124 -9.57 12.34 6.59
N GLN A 125 -9.97 11.17 6.17
CA GLN A 125 -11.40 10.79 6.26
C GLN A 125 -11.60 9.84 7.45
N MET A 126 -12.72 9.94 8.11
CA MET A 126 -12.98 9.05 9.29
C MET A 126 -14.17 8.13 8.97
N THR A 127 -14.20 6.95 9.53
CA THR A 127 -15.32 6.02 9.25
C THR A 127 -16.41 6.17 10.32
N GLN A 128 -17.60 5.75 9.99
CA GLN A 128 -18.71 5.82 10.97
C GLN A 128 -19.65 4.64 10.72
N ALA A 129 -19.16 3.44 10.88
CA ALA A 129 -20.02 2.24 10.63
C ALA A 129 -19.78 1.21 11.74
N THR A 130 -20.64 0.23 11.84
CA THR A 130 -20.46 -0.80 12.89
C THR A 130 -20.03 -2.13 12.26
N THR A 131 -20.34 -2.34 11.01
CA THR A 131 -19.97 -3.61 10.33
C THR A 131 -19.15 -3.31 9.09
N LEU A 132 -18.30 -4.23 8.69
CA LEU A 132 -17.47 -4.01 7.48
C LEU A 132 -18.38 -3.82 6.26
N SER A 133 -19.51 -4.47 6.24
CA SER A 133 -20.42 -4.33 5.08
C SER A 133 -20.85 -2.87 4.92
N GLU A 134 -21.06 -2.17 6.00
CA GLU A 134 -21.48 -0.74 5.90
C GLU A 134 -20.36 0.10 5.26
N ILE A 135 -19.14 -0.33 5.39
CA ILE A 135 -18.01 0.46 4.81
C ILE A 135 -18.10 0.42 3.26
N PRO A 136 -18.04 1.57 2.61
CA PRO A 136 -18.11 1.62 1.12
C PRO A 136 -16.79 1.17 0.47
N THR A 137 -16.88 0.36 -0.55
CA THR A 137 -15.65 -0.11 -1.23
C THR A 137 -15.47 0.65 -2.54
N SER A 138 -16.38 1.53 -2.85
CA SER A 138 -16.28 2.32 -4.10
C SER A 138 -16.36 3.81 -3.79
N THR A 139 -15.25 4.46 -3.66
CA THR A 139 -15.27 5.93 -3.36
C THR A 139 -14.71 6.69 -4.55
N PRO A 140 -15.14 7.91 -4.74
CA PRO A 140 -14.67 8.75 -5.89
C PRO A 140 -13.16 8.97 -5.87
N ALA A 141 -12.56 9.02 -4.70
CA ALA A 141 -11.09 9.24 -4.62
C ALA A 141 -10.35 8.00 -5.13
N SER A 142 -10.78 6.83 -4.74
CA SER A 142 -10.09 5.60 -5.19
C SER A 142 -10.24 5.46 -6.70
N ASP A 143 -11.40 5.75 -7.23
CA ASP A 143 -11.59 5.64 -8.70
C ASP A 143 -10.74 6.68 -9.41
N ALA A 144 -10.76 7.90 -8.95
CA ALA A 144 -9.95 8.97 -9.60
C ALA A 144 -8.46 8.73 -9.33
N LEU A 145 -8.13 8.28 -8.15
CA LEU A 145 -6.70 8.04 -7.83
C LEU A 145 -6.15 6.94 -8.73
N SER A 146 -6.85 5.86 -8.87
CA SER A 146 -6.34 4.76 -9.74
C SER A 146 -6.08 5.28 -11.15
N LYS A 147 -6.94 6.12 -11.64
CA LYS A 147 -6.74 6.68 -13.00
C LYS A 147 -5.44 7.49 -13.03
N ALA A 148 -5.13 8.18 -11.97
CA ALA A 148 -3.88 9.00 -11.94
C ALA A 148 -2.65 8.09 -11.98
N LEU A 149 -2.57 7.13 -11.11
CA LEU A 149 -1.39 6.23 -11.12
C LEU A 149 -1.34 5.47 -12.45
N LYS A 150 -2.47 5.13 -13.00
CA LYS A 150 -2.47 4.39 -14.29
C LYS A 150 -1.74 5.21 -15.34
N LYS A 151 -1.99 6.50 -15.41
CA LYS A 151 -1.29 7.34 -16.41
C LYS A 151 0.21 7.32 -16.14
N ARG A 152 0.59 7.27 -14.89
CA ARG A 152 2.04 7.25 -14.54
C ARG A 152 2.68 5.97 -15.08
N GLY A 153 1.90 4.97 -15.37
CA GLY A 153 2.48 3.71 -15.91
C GLY A 153 2.57 2.66 -14.80
N PHE A 154 1.83 2.83 -13.74
CA PHE A 154 1.88 1.83 -12.63
C PHE A 154 0.87 0.72 -12.90
N LYS A 155 1.28 -0.51 -12.75
CA LYS A 155 0.37 -1.66 -13.02
C LYS A 155 -0.17 -2.20 -11.69
N PHE A 156 -0.87 -3.31 -11.74
CA PHE A 156 -1.44 -3.90 -10.48
C PHE A 156 -2.03 -2.79 -9.63
N VAL A 157 -2.75 -1.88 -10.23
CA VAL A 157 -3.37 -0.77 -9.47
C VAL A 157 -4.89 -0.93 -9.47
N GLY A 158 -5.37 -2.13 -9.63
CA GLY A 158 -6.84 -2.36 -9.65
C GLY A 158 -7.49 -1.52 -8.56
N THR A 159 -8.77 -1.27 -8.67
CA THR A 159 -9.47 -0.47 -7.65
C THR A 159 -9.25 -1.09 -6.27
N THR A 160 -9.09 -2.38 -6.20
CA THR A 160 -8.87 -3.04 -4.89
C THR A 160 -7.49 -2.68 -4.34
N ILE A 161 -6.50 -2.65 -5.20
CA ILE A 161 -5.14 -2.29 -4.72
C ILE A 161 -5.12 -0.85 -4.22
N CYS A 162 -5.76 0.04 -4.93
CA CYS A 162 -5.78 1.47 -4.48
C CYS A 162 -6.57 1.58 -3.18
N TYR A 163 -7.74 1.00 -3.12
CA TYR A 163 -8.54 1.09 -1.88
C TYR A 163 -7.78 0.42 -0.74
N SER A 164 -7.17 -0.71 -0.99
CA SER A 164 -6.41 -1.40 0.08
C SER A 164 -5.28 -0.49 0.60
N PHE A 165 -4.62 0.19 -0.30
CA PHE A 165 -3.51 1.09 0.12
C PHE A 165 -4.05 2.19 1.05
N MET A 166 -5.20 2.73 0.74
CA MET A 166 -5.77 3.80 1.61
C MET A 166 -5.95 3.28 3.03
N GLN A 167 -6.36 2.05 3.16
CA GLN A 167 -6.57 1.47 4.51
C GLN A 167 -5.22 1.28 5.21
N ALA A 168 -4.23 0.82 4.49
CA ALA A 168 -2.90 0.58 5.10
C ALA A 168 -2.20 1.91 5.39
N CYS A 169 -2.24 2.83 4.46
CA CYS A 169 -1.55 4.14 4.69
C CYS A 169 -2.22 4.89 5.83
N GLY A 170 -3.48 4.66 6.05
CA GLY A 170 -4.20 5.36 7.15
C GLY A 170 -4.87 6.61 6.58
N LEU A 171 -4.87 6.75 5.28
CA LEU A 171 -5.53 7.93 4.67
C LEU A 171 -6.93 8.05 5.27
N VAL A 172 -7.55 6.94 5.51
CA VAL A 172 -8.91 6.95 6.11
C VAL A 172 -8.93 5.97 7.29
N ASN A 173 -9.55 6.33 8.38
CA ASN A 173 -9.58 5.40 9.53
C ASN A 173 -10.76 4.45 9.36
N ASP A 174 -10.50 3.24 8.93
CA ASP A 174 -11.61 2.26 8.73
C ASP A 174 -11.38 1.02 9.61
N HIS A 175 -11.92 1.02 10.79
CA HIS A 175 -11.78 -0.17 11.69
C HIS A 175 -13.18 -0.61 12.12
N VAL A 176 -13.61 -0.12 13.24
CA VAL A 176 -14.96 -0.47 13.76
C VAL A 176 -15.22 0.34 15.02
N VAL A 177 -16.42 0.83 15.21
CA VAL A 177 -16.70 1.64 16.42
C VAL A 177 -16.29 0.85 17.65
N GLY A 178 -15.52 1.44 18.52
CA GLY A 178 -15.07 0.72 19.74
C GLY A 178 -13.92 -0.23 19.43
N CYS A 179 -13.06 0.11 18.49
CA CYS A 179 -11.93 -0.79 18.16
C CYS A 179 -10.69 -0.33 18.93
N CYS A 180 -10.11 -1.21 19.70
CA CYS A 180 -8.89 -0.83 20.48
C CYS A 180 -9.18 0.39 21.35
N CYS A 181 -9.21 1.56 20.76
CA CYS A 181 -9.49 2.78 21.55
C CYS A 181 -10.03 3.87 20.63
N TYR A 182 -11.03 3.55 19.84
CA TYR A 182 -11.62 4.56 18.92
C TYR A 182 -13.12 4.69 19.19
N PRO A 183 -13.49 5.41 20.22
CA PRO A 183 -14.91 5.61 20.60
C PRO A 183 -15.56 6.72 19.79
N GLY A 184 -14.80 7.44 19.01
CA GLY A 184 -15.38 8.54 18.20
C GLY A 184 -15.53 9.79 19.09
N ASN A 185 -14.73 9.88 20.12
CA ASN A 185 -14.81 11.06 21.03
C ASN A 185 -16.27 11.37 21.33
N LYS A 186 -17.07 10.35 21.54
CA LYS A 186 -18.51 10.58 21.85
C LYS A 186 -18.87 9.86 23.14
N PRO A 187 -18.56 10.45 24.26
CA PRO A 187 -18.86 9.88 25.59
C PRO A 187 -20.29 10.14 26.05
ZN ZN B . -9.37 -2.15 14.28
N MET A 1 -12.92 -8.05 24.56
CA MET A 1 -14.08 -7.27 24.04
C MET A 1 -14.15 -7.43 22.51
N GLU A 2 -14.96 -6.64 21.87
CA GLU A 2 -15.07 -6.73 20.38
C GLU A 2 -13.85 -6.08 19.74
N ARG A 3 -13.37 -6.62 18.66
CA ARG A 3 -12.18 -6.03 17.99
C ARG A 3 -12.42 -5.90 16.48
N CYS A 4 -11.72 -5.01 15.84
CA CYS A 4 -11.89 -4.81 14.37
C CYS A 4 -12.18 -6.14 13.68
N GLY A 5 -13.25 -6.19 12.92
CA GLY A 5 -13.62 -7.44 12.21
C GLY A 5 -12.55 -7.83 11.19
N TRP A 6 -11.86 -6.87 10.63
CA TRP A 6 -10.80 -7.20 9.63
C TRP A 6 -9.92 -8.32 10.19
N VAL A 7 -9.77 -8.36 11.48
CA VAL A 7 -8.90 -9.40 12.09
C VAL A 7 -9.37 -10.80 11.67
N SER A 8 -8.44 -11.66 11.36
CA SER A 8 -8.80 -13.05 10.95
C SER A 8 -7.89 -14.03 11.68
N GLN A 9 -7.95 -15.30 11.33
CA GLN A 9 -7.09 -16.30 12.02
C GLN A 9 -5.63 -15.98 11.74
N ASP A 10 -5.16 -14.86 12.23
CA ASP A 10 -3.72 -14.49 12.00
C ASP A 10 -3.29 -13.45 13.06
N PRO A 11 -2.81 -13.90 14.19
CA PRO A 11 -2.36 -12.99 15.28
C PRO A 11 -1.37 -11.94 14.78
N LEU A 12 -0.63 -12.25 13.74
CA LEU A 12 0.36 -11.28 13.20
C LEU A 12 -0.40 -10.04 12.71
N TYR A 13 -1.55 -10.22 12.14
CA TYR A 13 -2.34 -9.06 11.63
C TYR A 13 -2.70 -8.12 12.79
N ILE A 14 -3.16 -8.67 13.88
CA ILE A 14 -3.53 -7.80 15.04
C ILE A 14 -2.33 -6.95 15.46
N ALA A 15 -1.16 -7.51 15.46
CA ALA A 15 0.03 -6.71 15.86
C ALA A 15 0.16 -5.54 14.88
N TYR A 16 -0.03 -5.79 13.61
CA TYR A 16 0.05 -4.70 12.61
C TYR A 16 -1.11 -3.72 12.82
N HIS A 17 -2.27 -4.24 13.15
CA HIS A 17 -3.44 -3.35 13.38
C HIS A 17 -3.12 -2.33 14.48
N ASP A 18 -2.62 -2.79 15.60
CA ASP A 18 -2.30 -1.85 16.71
C ASP A 18 -1.04 -1.04 16.39
N ASN A 19 -0.04 -1.65 15.82
CA ASN A 19 1.22 -0.92 15.51
C ASN A 19 0.94 0.28 14.59
N GLU A 20 0.15 0.08 13.57
CA GLU A 20 -0.17 1.20 12.64
C GLU A 20 -1.53 0.94 11.98
N TRP A 21 -1.56 0.85 10.68
CA TRP A 21 -2.84 0.57 9.99
C TRP A 21 -3.90 1.59 10.41
N GLY A 22 -4.18 2.55 9.58
CA GLY A 22 -5.20 3.58 9.93
C GLY A 22 -4.49 4.86 10.39
N VAL A 23 -3.20 4.81 10.54
CA VAL A 23 -2.46 6.03 10.98
C VAL A 23 -1.97 6.79 9.72
N PRO A 24 -2.20 8.08 9.62
CA PRO A 24 -1.76 8.85 8.42
C PRO A 24 -0.24 8.81 8.23
N GLU A 25 0.21 8.45 7.05
CA GLU A 25 1.67 8.39 6.80
C GLU A 25 2.04 9.43 5.73
N THR A 26 3.07 10.19 5.98
CA THR A 26 3.49 11.22 4.99
C THR A 26 4.79 10.78 4.32
N ASP A 27 5.27 9.61 4.65
CA ASP A 27 6.53 9.12 4.03
C ASP A 27 6.23 8.56 2.64
N SER A 28 6.77 9.17 1.61
CA SER A 28 6.50 8.69 0.23
C SER A 28 7.01 7.26 0.07
N LYS A 29 8.07 6.92 0.74
CA LYS A 29 8.61 5.53 0.61
C LYS A 29 7.56 4.52 1.07
N LYS A 30 6.86 4.82 2.14
CA LYS A 30 5.83 3.87 2.63
C LYS A 30 4.67 3.77 1.63
N LEU A 31 4.11 4.88 1.23
CA LEU A 31 2.97 4.83 0.25
C LEU A 31 3.47 4.25 -1.07
N PHE A 32 4.66 4.60 -1.47
CA PHE A 32 5.21 4.07 -2.76
C PHE A 32 5.38 2.56 -2.67
N GLU A 33 6.07 2.09 -1.67
CA GLU A 33 6.29 0.62 -1.53
C GLU A 33 4.96 -0.09 -1.25
N MET A 34 4.08 0.55 -0.55
CA MET A 34 2.77 -0.10 -0.23
C MET A 34 2.00 -0.42 -1.52
N ILE A 35 1.97 0.50 -2.45
CA ILE A 35 1.23 0.25 -3.71
C ILE A 35 1.89 -0.86 -4.53
N CYS A 36 3.19 -0.80 -4.68
CA CYS A 36 3.89 -1.85 -5.47
C CYS A 36 3.71 -3.23 -4.83
N LEU A 37 3.91 -3.32 -3.55
CA LEU A 37 3.78 -4.64 -2.86
C LEU A 37 2.32 -5.09 -2.84
N GLU A 38 1.41 -4.20 -2.57
CA GLU A 38 -0.03 -4.58 -2.52
C GLU A 38 -0.54 -5.02 -3.90
N GLY A 39 0.00 -4.50 -4.96
CA GLY A 39 -0.48 -4.88 -6.31
C GLY A 39 -0.56 -6.41 -6.41
N GLN A 40 0.42 -7.10 -5.88
CA GLN A 40 0.40 -8.58 -5.95
C GLN A 40 -0.76 -9.13 -5.10
N GLN A 41 -1.12 -8.45 -4.06
CA GLN A 41 -2.23 -8.94 -3.18
C GLN A 41 -3.41 -9.37 -4.05
N ALA A 42 -3.54 -8.83 -5.23
CA ALA A 42 -4.69 -9.22 -6.10
C ALA A 42 -4.87 -10.74 -6.03
N GLY A 43 -6.05 -11.19 -5.70
CA GLY A 43 -6.29 -12.65 -5.59
C GLY A 43 -5.86 -13.12 -4.20
N LEU A 44 -4.86 -12.48 -3.66
CA LEU A 44 -4.37 -12.85 -2.31
C LEU A 44 -4.83 -11.82 -1.28
N SER A 45 -4.91 -12.20 -0.04
CA SER A 45 -5.33 -11.23 1.01
C SER A 45 -4.13 -10.42 1.46
N TRP A 46 -4.34 -9.19 1.85
CA TRP A 46 -3.19 -8.35 2.29
C TRP A 46 -2.49 -9.01 3.47
N ILE A 47 -3.19 -9.84 4.21
CA ILE A 47 -2.56 -10.50 5.38
C ILE A 47 -1.32 -11.28 4.93
N THR A 48 -1.40 -11.95 3.82
CA THR A 48 -0.23 -12.72 3.32
C THR A 48 0.89 -11.75 2.92
N VAL A 49 0.52 -10.62 2.39
CA VAL A 49 1.54 -9.62 1.95
C VAL A 49 2.41 -9.16 3.13
N LEU A 50 1.86 -9.04 4.30
CA LEU A 50 2.67 -8.58 5.46
C LEU A 50 3.91 -9.47 5.61
N LYS A 51 3.73 -10.76 5.62
CA LYS A 51 4.92 -11.66 5.75
C LYS A 51 5.85 -11.43 4.56
N LYS A 52 5.31 -11.36 3.38
CA LYS A 52 6.15 -11.13 2.18
C LYS A 52 6.80 -9.76 2.28
N ARG A 53 6.13 -8.81 2.90
CA ARG A 53 6.72 -7.45 3.03
C ARG A 53 8.09 -7.58 3.67
N GLU A 54 8.22 -8.39 4.69
CA GLU A 54 9.54 -8.56 5.33
C GLU A 54 10.50 -9.16 4.31
N ASN A 55 10.05 -10.15 3.58
CA ASN A 55 10.93 -10.78 2.55
C ASN A 55 11.24 -9.74 1.47
N TYR A 56 10.27 -8.92 1.14
CA TYR A 56 10.49 -7.89 0.09
C TYR A 56 11.64 -6.97 0.51
N ARG A 57 11.66 -6.55 1.74
CA ARG A 57 12.76 -5.65 2.19
C ARG A 57 14.11 -6.35 2.00
N ALA A 58 14.17 -7.62 2.24
CA ALA A 58 15.46 -8.34 2.08
C ALA A 58 15.96 -8.24 0.63
N CYS A 59 15.08 -8.31 -0.33
CA CYS A 59 15.52 -8.24 -1.75
C CYS A 59 15.48 -6.79 -2.29
N PHE A 60 14.66 -5.94 -1.74
CA PHE A 60 14.58 -4.54 -2.27
C PHE A 60 15.21 -3.52 -1.32
N HIS A 61 15.21 -3.76 -0.04
CA HIS A 61 15.81 -2.77 0.90
C HIS A 61 17.27 -2.52 0.51
N GLN A 62 17.99 -3.56 0.19
CA GLN A 62 19.41 -3.40 -0.20
C GLN A 62 19.49 -2.58 -1.48
N PHE A 63 18.56 -2.76 -2.37
CA PHE A 63 18.57 -1.99 -3.64
C PHE A 63 17.60 -0.82 -3.53
N ASP A 64 17.88 0.11 -2.65
CA ASP A 64 16.98 1.30 -2.48
C ASP A 64 16.45 1.76 -3.84
N PRO A 65 15.41 2.56 -3.84
CA PRO A 65 14.77 3.09 -5.07
C PRO A 65 15.78 3.55 -6.14
N VAL A 66 16.84 4.17 -5.74
CA VAL A 66 17.84 4.63 -6.75
C VAL A 66 18.45 3.41 -7.44
N LYS A 67 18.70 2.37 -6.71
CA LYS A 67 19.31 1.14 -7.30
C LYS A 67 18.30 0.37 -8.16
N VAL A 68 17.05 0.28 -7.75
CA VAL A 68 16.08 -0.50 -8.57
C VAL A 68 15.84 0.18 -9.93
N ALA A 69 15.66 1.46 -9.92
CA ALA A 69 15.44 2.19 -11.20
C ALA A 69 16.70 2.07 -12.05
N ALA A 70 17.84 2.02 -11.41
CA ALA A 70 19.11 1.89 -12.15
C ALA A 70 19.48 0.42 -12.22
N MET A 71 18.52 -0.44 -12.09
CA MET A 71 18.79 -1.91 -12.12
C MET A 71 19.05 -2.37 -13.55
N GLN A 72 19.85 -3.39 -13.71
CA GLN A 72 20.14 -3.93 -15.06
C GLN A 72 19.42 -5.26 -15.21
N GLU A 73 19.13 -5.68 -16.41
CA GLU A 73 18.42 -6.97 -16.59
C GLU A 73 19.23 -8.10 -15.94
N GLU A 74 20.53 -7.99 -15.95
CA GLU A 74 21.37 -9.05 -15.32
C GLU A 74 21.01 -9.17 -13.83
N ASP A 75 20.78 -8.06 -13.20
CA ASP A 75 20.41 -8.09 -11.75
C ASP A 75 19.14 -8.91 -11.55
N VAL A 76 18.20 -8.77 -12.44
CA VAL A 76 16.94 -9.55 -12.31
C VAL A 76 17.26 -11.04 -12.41
N GLU A 77 18.19 -11.40 -13.24
CA GLU A 77 18.54 -12.84 -13.40
C GLU A 77 19.00 -13.43 -12.06
N ARG A 78 19.80 -12.71 -11.32
CA ARG A 78 20.27 -13.26 -10.01
C ARG A 78 19.09 -13.40 -9.05
N LEU A 79 18.22 -12.44 -9.00
CA LEU A 79 17.06 -12.55 -8.06
C LEU A 79 16.12 -13.66 -8.52
N VAL A 80 15.99 -13.86 -9.80
CA VAL A 80 15.08 -14.93 -10.29
C VAL A 80 15.53 -16.26 -9.68
N GLN A 81 16.82 -16.47 -9.54
CA GLN A 81 17.28 -17.76 -8.94
C GLN A 81 16.89 -17.78 -7.47
N ASP A 82 17.22 -16.75 -6.74
CA ASP A 82 16.85 -16.69 -5.30
C ASP A 82 15.62 -15.81 -5.15
N ALA A 83 14.52 -16.38 -4.72
CA ALA A 83 13.28 -15.57 -4.58
C ALA A 83 12.86 -15.50 -3.11
N GLY A 84 12.15 -16.49 -2.64
CA GLY A 84 11.70 -16.45 -1.22
C GLY A 84 10.64 -15.35 -1.10
N ILE A 85 10.21 -14.83 -2.21
CA ILE A 85 9.19 -13.74 -2.21
C ILE A 85 8.04 -14.14 -3.13
N ILE A 86 6.99 -13.35 -3.17
CA ILE A 86 5.84 -13.68 -4.05
C ILE A 86 6.32 -13.79 -5.50
N ARG A 87 5.49 -13.40 -6.43
CA ARG A 87 5.88 -13.49 -7.87
C ARG A 87 7.24 -12.81 -8.08
N HIS A 88 7.97 -13.28 -9.06
CA HIS A 88 9.31 -12.69 -9.35
C HIS A 88 9.41 -12.44 -10.85
N ARG A 89 10.57 -12.09 -11.33
CA ARG A 89 10.73 -11.83 -12.79
C ARG A 89 9.71 -10.80 -13.24
N GLY A 90 8.50 -11.20 -13.48
CA GLY A 90 7.46 -10.22 -13.92
C GLY A 90 7.31 -9.13 -12.85
N LYS A 91 7.19 -9.53 -11.61
CA LYS A 91 7.04 -8.52 -10.52
C LYS A 91 8.31 -7.67 -10.45
N ILE A 92 9.45 -8.29 -10.45
CA ILE A 92 10.72 -7.52 -10.36
C ILE A 92 10.82 -6.49 -11.48
N GLN A 93 10.52 -6.88 -12.69
CA GLN A 93 10.60 -5.92 -13.82
C GLN A 93 9.65 -4.74 -13.56
N ALA A 94 8.53 -5.00 -12.94
CA ALA A 94 7.56 -3.90 -12.65
C ALA A 94 8.19 -2.91 -11.67
N ILE A 95 8.94 -3.40 -10.72
CA ILE A 95 9.59 -2.48 -9.73
C ILE A 95 10.55 -1.55 -10.46
N ILE A 96 11.34 -2.07 -11.35
CA ILE A 96 12.31 -1.21 -12.09
C ILE A 96 11.57 -0.09 -12.82
N GLY A 97 10.50 -0.43 -13.48
CA GLY A 97 9.73 0.61 -14.23
C GLY A 97 9.05 1.59 -13.27
N ASN A 98 8.51 1.10 -12.19
CA ASN A 98 7.81 2.01 -11.23
C ASN A 98 8.79 3.05 -10.70
N ALA A 99 9.99 2.66 -10.39
CA ALA A 99 10.98 3.63 -9.87
C ALA A 99 11.31 4.65 -10.95
N ARG A 100 11.41 4.21 -12.17
CA ARG A 100 11.74 5.15 -13.27
C ARG A 100 10.69 6.27 -13.32
N ALA A 101 9.44 5.92 -13.18
CA ALA A 101 8.38 6.97 -13.22
C ALA A 101 8.38 7.73 -11.89
N TYR A 102 8.49 7.03 -10.79
CA TYR A 102 8.49 7.69 -9.46
C TYR A 102 9.67 8.66 -9.37
N LEU A 103 10.84 8.23 -9.75
CA LEU A 103 12.02 9.12 -9.66
C LEU A 103 11.80 10.34 -10.56
N GLN A 104 11.26 10.12 -11.73
CA GLN A 104 11.01 11.26 -12.65
C GLN A 104 10.05 12.25 -11.99
N MET A 105 9.04 11.74 -11.31
CA MET A 105 8.07 12.63 -10.63
C MET A 105 8.80 13.45 -9.56
N GLU A 106 9.65 12.83 -8.81
CA GLU A 106 10.40 13.58 -7.75
C GLU A 106 11.37 14.55 -8.42
N GLN A 107 11.86 14.22 -9.58
CA GLN A 107 12.81 15.13 -10.28
C GLN A 107 12.18 16.51 -10.37
N ASN A 108 10.88 16.57 -10.40
CA ASN A 108 10.19 17.90 -10.48
C ASN A 108 10.25 18.59 -9.11
N GLY A 109 10.55 17.85 -8.07
CA GLY A 109 10.61 18.47 -6.71
C GLY A 109 9.25 18.38 -6.04
N GLU A 110 8.34 17.63 -6.60
CA GLU A 110 6.99 17.50 -5.99
C GLU A 110 6.88 16.13 -5.29
N PRO A 111 6.89 16.10 -3.98
CA PRO A 111 6.80 14.82 -3.23
C PRO A 111 5.66 13.93 -3.72
N PHE A 112 5.94 12.67 -3.92
CA PHE A 112 4.90 11.73 -4.41
C PHE A 112 3.76 11.65 -3.39
N ALA A 113 4.08 11.57 -2.13
CA ALA A 113 3.03 11.49 -1.08
C ALA A 113 2.16 12.74 -1.08
N ASP A 114 2.75 13.90 -1.19
CA ASP A 114 1.93 15.15 -1.20
C ASP A 114 0.92 15.06 -2.33
N PHE A 115 1.31 14.50 -3.45
CA PHE A 115 0.37 14.37 -4.59
C PHE A 115 -0.86 13.58 -4.15
N VAL A 116 -0.64 12.50 -3.46
CA VAL A 116 -1.78 11.67 -2.98
C VAL A 116 -2.67 12.54 -2.07
N TRP A 117 -2.08 13.28 -1.18
CA TRP A 117 -2.88 14.15 -0.28
C TRP A 117 -3.62 15.21 -1.11
N SER A 118 -3.05 15.63 -2.20
CA SER A 118 -3.72 16.66 -3.03
C SER A 118 -5.08 16.13 -3.51
N PHE A 119 -5.17 14.86 -3.79
CA PHE A 119 -6.48 14.31 -4.27
C PHE A 119 -7.52 14.37 -3.14
N VAL A 120 -7.12 14.20 -1.92
CA VAL A 120 -8.11 14.26 -0.80
C VAL A 120 -8.08 15.66 -0.19
N ASN A 121 -7.49 16.60 -0.87
CA ASN A 121 -7.43 17.99 -0.34
C ASN A 121 -6.79 18.00 1.04
N HIS A 122 -5.81 17.18 1.25
CA HIS A 122 -5.14 17.14 2.58
C HIS A 122 -6.20 17.05 3.69
N GLN A 123 -7.25 16.32 3.44
CA GLN A 123 -8.33 16.19 4.46
C GLN A 123 -8.60 14.71 4.75
N PRO A 124 -7.93 14.14 5.72
CA PRO A 124 -8.11 12.71 6.08
C PRO A 124 -9.59 12.37 6.29
N GLN A 125 -9.99 11.15 5.99
CA GLN A 125 -11.42 10.77 6.15
C GLN A 125 -11.60 9.84 7.36
N MET A 126 -12.72 9.94 8.01
CA MET A 126 -12.99 9.06 9.19
C MET A 126 -14.35 8.38 8.99
N THR A 127 -14.50 7.16 9.43
CA THR A 127 -15.81 6.46 9.25
C THR A 127 -16.19 5.71 10.52
N GLN A 128 -17.45 5.41 10.67
CA GLN A 128 -17.92 4.67 11.87
C GLN A 128 -18.93 3.60 11.44
N ALA A 129 -18.63 2.89 10.40
CA ALA A 129 -19.56 1.83 9.92
C ALA A 129 -19.72 0.74 10.97
N THR A 130 -20.89 0.16 11.07
CA THR A 130 -21.09 -0.91 12.08
C THR A 130 -20.29 -2.14 11.68
N THR A 131 -20.26 -2.47 10.42
CA THR A 131 -19.50 -3.65 9.96
C THR A 131 -18.77 -3.33 8.65
N LEU A 132 -17.94 -4.24 8.21
CA LEU A 132 -17.17 -4.00 6.96
C LEU A 132 -18.14 -3.84 5.78
N SER A 133 -19.25 -4.54 5.82
CA SER A 133 -20.22 -4.44 4.69
C SER A 133 -20.67 -2.99 4.49
N GLU A 134 -20.91 -2.27 5.55
CA GLU A 134 -21.35 -0.85 5.40
C GLU A 134 -20.24 -0.03 4.76
N ILE A 135 -19.01 -0.40 4.98
CA ILE A 135 -17.87 0.35 4.41
C ILE A 135 -17.75 0.08 2.90
N PRO A 136 -17.79 1.10 2.07
CA PRO A 136 -17.65 0.94 0.60
C PRO A 136 -16.19 0.72 0.20
N THR A 137 -15.94 -0.17 -0.73
CA THR A 137 -14.54 -0.41 -1.15
C THR A 137 -14.23 0.46 -2.38
N SER A 138 -15.19 1.21 -2.83
CA SER A 138 -14.95 2.09 -4.02
C SER A 138 -15.32 3.53 -3.67
N THR A 139 -14.35 4.32 -3.28
CA THR A 139 -14.64 5.73 -2.93
C THR A 139 -14.22 6.64 -4.10
N PRO A 140 -14.84 7.77 -4.26
CA PRO A 140 -14.49 8.72 -5.37
C PRO A 140 -12.98 9.01 -5.43
N ALA A 141 -12.34 9.11 -4.30
CA ALA A 141 -10.88 9.41 -4.31
C ALA A 141 -10.10 8.18 -4.80
N SER A 142 -10.47 7.02 -4.37
CA SER A 142 -9.72 5.79 -4.79
C SER A 142 -9.82 5.63 -6.31
N ASP A 143 -10.97 5.87 -6.88
CA ASP A 143 -11.11 5.72 -8.35
C ASP A 143 -10.25 6.77 -9.06
N ALA A 144 -10.27 7.99 -8.59
CA ALA A 144 -9.46 9.05 -9.24
C ALA A 144 -7.96 8.77 -9.05
N LEU A 145 -7.58 8.31 -7.90
CA LEU A 145 -6.14 8.03 -7.66
C LEU A 145 -5.63 6.97 -8.64
N SER A 146 -6.37 5.91 -8.80
CA SER A 146 -5.91 4.84 -9.74
C SER A 146 -5.73 5.44 -11.13
N LYS A 147 -6.62 6.28 -11.55
CA LYS A 147 -6.49 6.90 -12.89
C LYS A 147 -5.23 7.76 -12.93
N ALA A 148 -4.90 8.41 -11.85
CA ALA A 148 -3.68 9.26 -11.84
C ALA A 148 -2.43 8.38 -11.92
N LEU A 149 -2.32 7.40 -11.06
CA LEU A 149 -1.13 6.52 -11.10
C LEU A 149 -1.12 5.77 -12.44
N LYS A 150 -2.27 5.43 -12.95
CA LYS A 150 -2.30 4.70 -14.26
C LYS A 150 -1.60 5.55 -15.33
N LYS A 151 -1.86 6.83 -15.34
CA LYS A 151 -1.20 7.70 -16.35
C LYS A 151 0.32 7.68 -16.14
N ARG A 152 0.74 7.57 -14.91
CA ARG A 152 2.20 7.54 -14.62
C ARG A 152 2.81 6.28 -15.26
N GLY A 153 2.00 5.30 -15.55
CA GLY A 153 2.53 4.05 -16.16
C GLY A 153 2.64 2.96 -15.10
N PHE A 154 1.87 3.05 -14.05
CA PHE A 154 1.96 2.01 -12.99
C PHE A 154 0.98 0.88 -13.28
N LYS A 155 1.43 -0.34 -13.10
CA LYS A 155 0.54 -1.50 -13.36
C LYS A 155 0.06 -2.09 -12.03
N PHE A 156 -0.97 -2.88 -12.05
CA PHE A 156 -1.49 -3.48 -10.79
C PHE A 156 -2.05 -2.36 -9.89
N VAL A 157 -2.88 -1.52 -10.44
CA VAL A 157 -3.47 -0.40 -9.64
C VAL A 157 -5.00 -0.54 -9.62
N GLY A 158 -5.51 -1.72 -9.80
CA GLY A 158 -6.99 -1.90 -9.79
C GLY A 158 -7.60 -1.09 -8.65
N THR A 159 -8.81 -0.66 -8.80
CA THR A 159 -9.47 0.14 -7.73
C THR A 159 -9.38 -0.63 -6.42
N THR A 160 -9.41 -1.94 -6.48
CA THR A 160 -9.33 -2.74 -5.23
C THR A 160 -7.95 -2.54 -4.57
N ILE A 161 -6.91 -2.63 -5.35
CA ILE A 161 -5.54 -2.43 -4.78
C ILE A 161 -5.40 -1.01 -4.24
N CYS A 162 -5.95 -0.05 -4.94
CA CYS A 162 -5.84 1.35 -4.47
C CYS A 162 -6.56 1.49 -3.13
N TYR A 163 -7.74 0.94 -3.02
CA TYR A 163 -8.48 1.04 -1.73
C TYR A 163 -7.68 0.38 -0.61
N SER A 164 -7.15 -0.79 -0.85
CA SER A 164 -6.35 -1.46 0.21
C SER A 164 -5.14 -0.59 0.54
N PHE A 165 -4.53 -0.02 -0.47
CA PHE A 165 -3.34 0.85 -0.23
C PHE A 165 -3.74 2.04 0.63
N MET A 166 -4.88 2.64 0.38
CA MET A 166 -5.31 3.81 1.18
C MET A 166 -5.48 3.39 2.65
N GLN A 167 -5.98 2.20 2.88
CA GLN A 167 -6.15 1.74 4.29
C GLN A 167 -4.81 1.71 5.00
N ALA A 168 -3.79 1.24 4.34
CA ALA A 168 -2.45 1.18 4.97
C ALA A 168 -1.85 2.58 5.07
N CYS A 169 -2.04 3.40 4.06
CA CYS A 169 -1.48 4.78 4.09
C CYS A 169 -2.07 5.55 5.28
N GLY A 170 -3.31 5.32 5.60
CA GLY A 170 -3.93 6.03 6.75
C GLY A 170 -4.74 7.23 6.26
N LEU A 171 -4.85 7.41 4.98
CA LEU A 171 -5.63 8.55 4.46
C LEU A 171 -7.05 8.49 5.05
N VAL A 172 -7.57 7.31 5.21
CA VAL A 172 -8.92 7.14 5.76
C VAL A 172 -8.87 6.20 6.96
N ASN A 173 -9.72 6.39 7.93
CA ASN A 173 -9.73 5.50 9.12
C ASN A 173 -10.93 4.56 9.02
N ASP A 174 -10.69 3.33 8.65
CA ASP A 174 -11.82 2.36 8.52
C ASP A 174 -11.60 1.19 9.48
N HIS A 175 -12.12 1.28 10.66
CA HIS A 175 -11.97 0.18 11.65
C HIS A 175 -13.36 -0.34 11.99
N VAL A 176 -13.95 0.18 13.04
CA VAL A 176 -15.32 -0.25 13.41
C VAL A 176 -15.81 0.60 14.59
N VAL A 177 -17.02 1.07 14.53
CA VAL A 177 -17.56 1.93 15.62
C VAL A 177 -17.28 1.28 16.98
N GLY A 178 -16.87 0.05 16.98
CA GLY A 178 -16.58 -0.65 18.27
C GLY A 178 -15.09 -1.02 18.38
N CYS A 179 -14.23 -0.25 17.79
CA CYS A 179 -12.78 -0.57 17.89
C CYS A 179 -12.13 0.31 18.97
N CYS A 180 -11.35 -0.26 19.83
CA CYS A 180 -10.70 0.55 20.90
C CYS A 180 -9.93 1.71 20.26
N CYS A 181 -9.30 1.46 19.15
CA CYS A 181 -8.53 2.54 18.47
C CYS A 181 -9.50 3.64 18.04
N TYR A 182 -10.64 3.26 17.53
CA TYR A 182 -11.64 4.28 17.09
C TYR A 182 -12.97 4.03 17.81
N PRO A 183 -13.08 4.49 19.03
CA PRO A 183 -14.33 4.31 19.84
C PRO A 183 -15.57 4.81 19.11
N GLY A 184 -15.46 5.92 18.43
CA GLY A 184 -16.63 6.46 17.67
C GLY A 184 -17.68 7.02 18.63
N ASN A 185 -17.57 6.73 19.90
CA ASN A 185 -18.57 7.26 20.87
C ASN A 185 -17.99 7.22 22.28
N LYS A 186 -16.70 7.18 22.40
CA LYS A 186 -16.08 7.14 23.75
C LYS A 186 -14.77 7.94 23.74
N PRO A 187 -14.86 9.23 23.90
CA PRO A 187 -13.67 10.13 23.90
C PRO A 187 -12.58 9.65 24.86
ZN ZN B . -9.38 -1.25 14.67
#